data_2VTB
#
_entry.id   2VTB
#
_cell.length_a   120.734
_cell.length_b   136.082
_cell.length_c   211.484
_cell.angle_alpha   90.00
_cell.angle_beta   90.00
_cell.angle_gamma   90.00
#
_symmetry.space_group_name_H-M   'P 21 21 21'
#
loop_
_entity.id
_entity.type
_entity.pdbx_description
1 polymer 'CRYPTOCHROME DASH'
2 polymer 'CRYPTOCHROME DASH'
3 polymer "5'-D(*DT*DT*DT*DT*DTP)-3'"
4 non-polymer 'FLAVIN-ADENINE DINUCLEOTIDE'
5 non-polymer '5,10-METHENYL-6,7,8-TRIHYDROFOLIC ACID'
6 non-polymer 'CHLORIDE ION'
7 non-polymer 'ACETATE ION'
8 water water
#
loop_
_entity_poly.entity_id
_entity_poly.type
_entity_poly.pdbx_seq_one_letter_code
_entity_poly.pdbx_strand_id
1 'polypeptide(L)'
;MNDHIHRVPALTEEEIDSVAIKTFERYALPSSSSVKRKGKGVTILWFRNDLRVLDNDALYKAWSSSDTILPVYCLDPRLF
HTTHFFNFPKTGALRGGFLMECLVDLRKNLMKRGLNLLIRSGKPEEILPSLAKDFGARTVFAHKETCSEEVDVERLVNQG
LKRVGNSTKLELIWGSTMYHKDDLPFDVFDLPDVYTQFRKSVEAKCSIRSSTRIPLSLGPTPSVDDWGDVPTLEKLGVEP
QEVTRGMRFVGGESAGVGRVFEYFWKKDLLKVYKETRNGMLGPDYSTKFSPWLAFGCISPRFIYEEVQRYEKERVANNST
YWVLFELIWRDYFRFLSIKCGNSLFHLGGPRNVQGKWSQDQKLFESWRDAKTGYPLIDANMKELSTTGFMSNRGRQIVCS
FLVRDMGLDWRMGAEWFETCLLDYDPCSNYGNWTYGAGVGNDPREDRYFSIPKQAQNYDPEGEYVAFWLQQLRRLPKEKR
HWPGRLMYMDTVVPLKHGNGPMAGGSKSGGGFRGSHSGRRSRHNGP
;
A,C,D,E,F
2 'polypeptide(L)'
;MNDHIHRVPALTEEEIDSVAIKTFERYALPSSSSVKRKGKGVTILWFRNDLRVLDNDALYKAWSSSDTILPVYCLDPRLF
HTTHFFNFPKTGALRGGFLMECLVDLRKNLMKRGLNLLIRSGKPEEILPSLAKDFGARTVFAHKETCSEEVDVERLVNQG
LKRVGNSTKLELIWGSTMYHKDDLPFDVFDLPDVYTQFRKSVEAKCSIRSSTRIPLSLGPTPSVDDWGDVPTLEKLGVEP
QEVTRGMRFVGGESAGVGRVFEYFWKKDLLKVYKETRNGMLGPDYSTKFSPWLAFGCISPRFIYEEVQRYEKERVANNST
YWVLFELIWRDYFRFLSIKCGNSLFHLGGPRNVNGKWSQDQKLFESWRDAKTGYPLIDANMKELSTTGFMSNRGRQIVCS
FLVRDMGLDWRMGAEWFETCLLDYDPCSNYGNWTYGAGVNDPREDRYFSIPKQAQNYDPEGEYVAFWLQQLRRLPKEKRH
WPGRLMYMDTVVPLKHGNGPMAGGSKSGGGFRGSHSGRRSRHNGP
;
B
3 'polydeoxyribonucleotide' (DT)(DT)(TCP)(DT)(DT) G,H,I,J,K,L
#
loop_
_chem_comp.id
_chem_comp.type
_chem_comp.name
_chem_comp.formula
ACT non-polymer 'ACETATE ION' 'C2 H3 O2 -1'
CL non-polymer 'CHLORIDE ION' 'Cl -1'
DT DNA linking THYMIDINE-5'-MONOPHOSPHATE 'C10 H15 N2 O8 P'
FAD non-polymer 'FLAVIN-ADENINE DINUCLEOTIDE' 'C27 H33 N9 O15 P2'
MHF non-polymer '5,10-METHENYL-6,7,8-TRIHYDROFOLIC ACID' 'C20 H23 N7 O6'
TCP DNA linking 5'-METHYLTHYMIDINE 'C11 H16 N2 O5'
#
# COMPACT_ATOMS: atom_id res chain seq x y z
N MET A 1 25.64 -21.76 0.51
CA MET A 1 25.57 -20.28 0.31
C MET A 1 24.78 -19.62 1.44
N ASN A 2 23.53 -20.06 1.62
CA ASN A 2 22.52 -19.48 2.54
C ASN A 2 21.27 -19.12 1.73
N ASP A 3 20.12 -19.68 2.12
CA ASP A 3 18.86 -19.47 1.38
C ASP A 3 17.94 -18.40 1.97
N HIS A 4 18.45 -17.59 2.91
CA HIS A 4 17.66 -16.49 3.46
C HIS A 4 17.66 -15.31 2.50
N ILE A 5 16.70 -14.41 2.69
CA ILE A 5 16.73 -13.10 2.04
C ILE A 5 17.94 -12.34 2.60
N HIS A 6 18.73 -11.73 1.71
CA HIS A 6 20.01 -11.14 2.11
C HIS A 6 19.91 -9.62 2.23
N ARG A 7 19.89 -9.14 3.48
CA ARG A 7 19.89 -7.71 3.74
CA ARG A 7 19.89 -7.71 3.74
C ARG A 7 21.26 -7.13 3.36
N VAL A 8 21.24 -5.99 2.68
CA VAL A 8 22.48 -5.31 2.27
C VAL A 8 22.46 -3.87 2.81
N PRO A 9 23.31 -3.56 3.79
CA PRO A 9 24.30 -4.45 4.40
C PRO A 9 23.58 -5.43 5.34
N ALA A 10 24.27 -6.52 5.72
CA ALA A 10 23.72 -7.52 6.63
C ALA A 10 23.88 -7.15 8.11
N LEU A 11 24.48 -5.99 8.39
CA LEU A 11 24.73 -5.54 9.75
C LEU A 11 23.43 -5.35 10.55
N THR A 12 23.47 -5.61 11.85
CA THR A 12 22.33 -5.28 12.72
C THR A 12 22.15 -3.77 12.76
N GLU A 13 20.95 -3.32 13.11
CA GLU A 13 20.65 -1.89 13.17
C GLU A 13 21.58 -1.18 14.17
N GLU A 14 21.97 -1.89 15.22
CA GLU A 14 22.91 -1.35 16.20
C GLU A 14 24.36 -1.33 15.69
N GLU A 15 24.75 -2.31 14.87
CA GLU A 15 26.05 -2.26 14.21
C GLU A 15 26.13 -1.06 13.27
N ILE A 16 25.06 -0.84 12.52
CA ILE A 16 24.97 0.27 11.56
C ILE A 16 25.13 1.62 12.24
N ASP A 17 24.43 1.82 13.36
CA ASP A 17 24.51 3.09 14.08
C ASP A 17 25.89 3.33 14.68
N SER A 18 26.54 2.27 15.15
CA SER A 18 27.89 2.35 15.71
C SER A 18 28.96 2.68 14.67
N VAL A 19 28.91 1.99 13.53
CA VAL A 19 29.78 2.30 12.40
C VAL A 19 29.54 3.72 11.91
N ALA A 20 28.27 4.13 11.81
CA ALA A 20 27.93 5.48 11.33
C ALA A 20 28.55 6.55 12.24
N ILE A 21 28.40 6.39 13.55
CA ILE A 21 28.99 7.33 14.51
C ILE A 21 30.52 7.40 14.38
N LYS A 22 31.17 6.24 14.29
CA LYS A 22 32.63 6.20 14.13
C LYS A 22 33.08 6.82 12.80
N THR A 23 32.35 6.55 11.73
CA THR A 23 32.68 7.12 10.42
C THR A 23 32.53 8.64 10.45
N PHE A 24 31.38 9.10 10.94
CA PHE A 24 31.14 10.55 11.05
C PHE A 24 32.22 11.24 11.89
N GLU A 25 32.62 10.58 12.98
CA GLU A 25 33.68 11.11 13.86
C GLU A 25 35.04 11.12 13.14
N ARG A 26 35.35 10.05 12.41
CA ARG A 26 36.61 9.98 11.65
C ARG A 26 36.76 11.13 10.63
N TYR A 27 35.66 11.49 9.95
CA TYR A 27 35.71 12.53 8.92
C TYR A 27 35.23 13.92 9.37
N ALA A 28 34.95 14.10 10.66
CA ALA A 28 34.39 15.38 11.16
C ALA A 28 35.40 16.54 11.06
N LEU A 29 34.87 17.72 10.74
CA LEU A 29 35.66 18.95 10.72
C LEU A 29 35.96 19.26 12.18
N PRO A 30 37.24 19.24 12.60
CA PRO A 30 37.56 19.47 13.99
C PRO A 30 37.35 20.93 14.36
N SER A 31 36.11 21.27 14.74
CA SER A 31 35.67 22.65 14.96
C SER A 31 36.14 23.66 13.91
N SER A 32 35.52 24.84 13.91
CA SER A 32 35.79 25.84 12.87
C SER A 32 35.33 27.24 13.27
N SER A 33 36.07 27.85 14.20
CA SER A 33 35.88 29.25 14.56
C SER A 33 36.37 30.18 13.44
N SER A 34 37.27 29.67 12.61
CA SER A 34 37.79 30.43 11.46
C SER A 34 36.68 30.80 10.46
N VAL A 35 35.71 29.91 10.27
CA VAL A 35 34.59 30.19 9.37
C VAL A 35 33.67 31.21 10.03
N LYS A 36 33.38 32.28 9.29
CA LYS A 36 32.58 33.38 9.82
C LYS A 36 31.14 33.19 9.37
N ARG A 37 30.21 33.17 10.33
CA ARG A 37 28.79 32.99 10.02
C ARG A 37 27.93 34.21 10.33
N LYS A 38 28.33 34.98 11.35
CA LYS A 38 27.47 36.05 11.89
C LYS A 38 27.01 37.05 10.81
N GLY A 39 25.71 37.31 10.79
CA GLY A 39 25.12 38.27 9.88
C GLY A 39 24.96 37.82 8.43
N LYS A 40 25.24 36.54 8.15
CA LYS A 40 25.17 36.05 6.76
C LYS A 40 23.76 35.63 6.32
N GLY A 41 22.79 35.63 7.23
CA GLY A 41 21.38 35.42 6.89
C GLY A 41 20.95 33.98 6.65
N VAL A 42 19.73 33.81 6.18
CA VAL A 42 19.15 32.49 5.94
C VAL A 42 19.52 31.97 4.54
N THR A 43 19.78 30.66 4.47
CA THR A 43 19.96 29.98 3.19
C THR A 43 19.06 28.74 3.13
N ILE A 44 18.68 28.35 1.92
CA ILE A 44 17.97 27.10 1.72
C ILE A 44 18.92 26.12 1.05
N LEU A 45 18.98 24.90 1.59
CA LEU A 45 19.75 23.81 1.00
C LEU A 45 18.77 22.81 0.35
N TRP A 46 18.79 22.77 -0.98
CA TRP A 46 17.86 21.94 -1.75
C TRP A 46 18.50 20.59 -2.11
N PHE A 47 18.04 19.53 -1.43
CA PHE A 47 18.54 18.18 -1.68
C PHE A 47 17.87 17.59 -2.92
N ARG A 48 18.66 16.83 -3.69
CA ARG A 48 18.14 16.09 -4.83
C ARG A 48 18.66 14.66 -4.75
N ASN A 49 19.78 14.34 -5.42
CA ASN A 49 20.38 13.01 -5.33
C ASN A 49 21.74 13.08 -4.63
N ASP A 50 21.72 13.75 -3.48
CA ASP A 50 22.88 13.97 -2.64
C ASP A 50 22.46 13.81 -1.16
N LEU A 51 21.78 12.71 -0.88
CA LEU A 51 21.10 12.50 0.40
C LEU A 51 22.07 12.00 1.49
N ARG A 52 22.99 12.88 1.87
CA ARG A 52 24.02 12.57 2.86
C ARG A 52 24.49 13.86 3.52
N VAL A 53 25.09 13.71 4.71
CA VAL A 53 25.78 14.80 5.38
C VAL A 53 27.30 14.76 5.08
N LEU A 54 27.90 13.56 5.04
CA LEU A 54 29.35 13.43 4.80
C LEU A 54 29.75 13.92 3.40
N ASP A 55 30.89 14.58 3.33
CA ASP A 55 31.51 14.96 2.06
C ASP A 55 30.53 15.63 1.10
N ASN A 56 29.77 16.60 1.61
CA ASN A 56 28.73 17.29 0.86
C ASN A 56 29.08 18.76 0.72
N ASP A 57 29.61 19.14 -0.44
CA ASP A 57 30.04 20.51 -0.69
C ASP A 57 28.92 21.53 -0.72
N ALA A 58 27.73 21.12 -1.17
CA ALA A 58 26.56 22.00 -1.17
C ALA A 58 26.19 22.37 0.28
N LEU A 59 26.21 21.38 1.16
CA LEU A 59 25.97 21.60 2.58
C LEU A 59 27.07 22.48 3.19
N TYR A 60 28.33 22.17 2.89
CA TYR A 60 29.43 22.98 3.44
C TYR A 60 29.29 24.44 3.03
N LYS A 61 29.07 24.66 1.74
CA LYS A 61 28.95 26.02 1.21
C LYS A 61 27.73 26.75 1.78
N ALA A 62 26.60 26.05 1.92
CA ALA A 62 25.42 26.63 2.56
C ALA A 62 25.75 27.09 3.97
N TRP A 63 26.34 26.19 4.75
CA TRP A 63 26.74 26.45 6.13
C TRP A 63 27.72 27.63 6.24
N SER A 64 28.76 27.63 5.42
CA SER A 64 29.79 28.66 5.49
C SER A 64 29.37 30.04 5.01
N SER A 65 28.23 30.13 4.31
CA SER A 65 27.78 31.41 3.75
C SER A 65 26.45 31.86 4.35
N SER A 66 26.11 31.32 5.54
CA SER A 66 24.85 31.67 6.22
C SER A 66 25.04 31.69 7.74
N ASP A 67 24.04 32.18 8.45
CA ASP A 67 23.94 31.96 9.91
C ASP A 67 22.82 30.98 10.26
N THR A 68 22.01 30.61 9.26
CA THR A 68 20.82 29.78 9.46
C THR A 68 20.47 29.01 8.18
N ILE A 69 20.26 27.70 8.31
CA ILE A 69 20.02 26.83 7.16
C ILE A 69 18.65 26.19 7.22
N LEU A 70 17.92 26.22 6.11
CA LEU A 70 16.69 25.45 5.95
C LEU A 70 16.89 24.32 4.92
N PRO A 71 17.18 23.09 5.40
CA PRO A 71 17.29 21.97 4.45
C PRO A 71 15.92 21.54 3.95
N VAL A 72 15.80 21.35 2.64
CA VAL A 72 14.53 21.01 2.03
C VAL A 72 14.68 19.87 1.02
N TYR A 73 13.74 18.92 1.05
CA TYR A 73 13.56 17.96 -0.04
C TYR A 73 12.15 18.07 -0.62
N CYS A 74 12.06 18.21 -1.94
CA CYS A 74 10.79 18.25 -2.67
C CYS A 74 10.51 16.93 -3.37
N LEU A 75 9.43 16.25 -2.98
CA LEU A 75 8.96 15.08 -3.72
C LEU A 75 8.24 15.56 -4.98
N ASP A 76 8.98 15.54 -6.09
CA ASP A 76 8.53 16.07 -7.38
C ASP A 76 7.52 15.10 -8.00
N PRO A 77 6.28 15.56 -8.28
CA PRO A 77 5.28 14.64 -8.81
C PRO A 77 5.70 13.97 -10.14
N ARG A 78 6.55 14.65 -10.91
CA ARG A 78 7.02 14.12 -12.19
C ARG A 78 7.87 12.86 -12.01
N LEU A 79 8.41 12.66 -10.82
CA LEU A 79 9.21 11.48 -10.52
C LEU A 79 8.34 10.22 -10.52
N PHE A 80 7.02 10.38 -10.39
CA PHE A 80 6.10 9.26 -10.34
C PHE A 80 5.02 9.32 -11.44
N HIS A 81 5.38 9.90 -12.58
CA HIS A 81 4.58 9.79 -13.79
C HIS A 81 5.10 8.59 -14.59
N THR A 82 5.43 8.78 -15.87
CA THR A 82 5.83 7.67 -16.74
C THR A 82 7.09 7.96 -17.52
N THR A 83 7.72 6.92 -18.04
CA THR A 83 8.94 7.05 -18.86
C THR A 83 8.63 7.67 -20.23
N HIS A 84 9.68 8.17 -20.88
CA HIS A 84 9.56 9.10 -22.02
C HIS A 84 8.88 8.52 -23.27
N PHE A 85 9.43 7.43 -23.80
CA PHE A 85 8.96 6.88 -25.08
C PHE A 85 7.88 5.80 -24.93
N PHE A 86 7.96 4.98 -23.88
CA PHE A 86 7.10 3.79 -23.75
C PHE A 86 6.20 3.79 -22.52
N ASN A 87 6.26 4.85 -21.73
CA ASN A 87 5.31 5.09 -20.66
C ASN A 87 5.20 3.99 -19.58
N PHE A 88 6.35 3.46 -19.16
CA PHE A 88 6.41 2.59 -17.98
C PHE A 88 6.38 3.51 -16.75
N PRO A 89 6.22 2.95 -15.53
CA PRO A 89 6.29 3.84 -14.37
C PRO A 89 7.66 4.53 -14.29
N LYS A 90 7.64 5.85 -14.08
CA LYS A 90 8.88 6.62 -14.00
C LYS A 90 9.77 6.10 -12.86
N THR A 91 9.16 5.85 -11.71
CA THR A 91 9.83 5.22 -10.57
C THR A 91 9.04 4.01 -10.08
N GLY A 92 9.64 2.82 -10.18
CA GLY A 92 9.03 1.60 -9.66
C GLY A 92 8.95 1.58 -8.15
N ALA A 93 8.15 0.66 -7.62
CA ALA A 93 7.89 0.58 -6.18
C ALA A 93 9.13 0.34 -5.31
N LEU A 94 10.05 -0.51 -5.78
CA LEU A 94 11.25 -0.82 -4.98
C LEU A 94 12.17 0.39 -4.80
N ARG A 95 12.43 1.13 -5.88
CA ARG A 95 13.26 2.35 -5.75
C ARG A 95 12.53 3.42 -4.97
N GLY A 96 11.22 3.53 -5.20
CA GLY A 96 10.36 4.43 -4.43
C GLY A 96 10.56 4.22 -2.94
N GLY A 97 10.54 2.96 -2.52
CA GLY A 97 10.74 2.58 -1.12
C GLY A 97 12.14 2.89 -0.62
N PHE A 98 13.14 2.61 -1.46
CA PHE A 98 14.53 2.93 -1.14
C PHE A 98 14.70 4.44 -0.91
N LEU A 99 14.11 5.26 -1.79
CA LEU A 99 14.11 6.72 -1.64
C LEU A 99 13.57 7.15 -0.28
N MET A 100 12.42 6.59 0.11
CA MET A 100 11.79 6.95 1.39
C MET A 100 12.72 6.63 2.56
N GLU A 101 13.37 5.47 2.52
CA GLU A 101 14.35 5.10 3.54
C GLU A 101 15.53 6.07 3.58
N CYS A 102 15.98 6.50 2.41
CA CYS A 102 17.04 7.53 2.32
C CYS A 102 16.62 8.81 3.03
N LEU A 103 15.37 9.23 2.82
CA LEU A 103 14.86 10.47 3.43
C LEU A 103 14.73 10.36 4.94
N VAL A 104 14.23 9.23 5.41
CA VAL A 104 14.10 8.96 6.86
C VAL A 104 15.47 9.06 7.54
N ASP A 105 16.47 8.43 6.95
CA ASP A 105 17.85 8.47 7.47
C ASP A 105 18.48 9.86 7.40
N LEU A 106 18.25 10.59 6.32
CA LEU A 106 18.77 11.95 6.20
C LEU A 106 18.20 12.87 7.29
N ARG A 107 16.90 12.81 7.52
CA ARG A 107 16.28 13.57 8.60
C ARG A 107 16.91 13.23 9.95
N LYS A 108 17.09 11.95 10.21
CA LYS A 108 17.70 11.48 11.45
C LYS A 108 19.12 12.03 11.58
N ASN A 109 19.92 11.93 10.52
CA ASN A 109 21.32 12.37 10.58
C ASN A 109 21.49 13.88 10.67
N LEU A 110 20.58 14.61 10.03
CA LEU A 110 20.56 16.08 10.15
C LEU A 110 20.23 16.52 11.59
N MET A 111 19.29 15.81 12.23
CA MET A 111 18.92 16.08 13.62
C MET A 111 20.10 15.93 14.59
N LYS A 112 20.98 14.96 14.32
CA LYS A 112 22.20 14.77 15.12
C LYS A 112 23.13 15.99 15.09
N ARG A 113 23.01 16.81 14.04
CA ARG A 113 23.90 17.96 13.84
C ARG A 113 23.21 19.30 14.13
N GLY A 114 22.03 19.24 14.76
CA GLY A 114 21.27 20.45 15.09
C GLY A 114 20.41 21.00 13.96
N LEU A 115 20.15 20.18 12.94
CA LEU A 115 19.26 20.57 11.82
C LEU A 115 18.03 19.67 11.76
N ASN A 116 17.21 19.87 10.74
CA ASN A 116 16.13 18.95 10.38
C ASN A 116 15.98 19.04 8.85
N LEU A 117 15.15 18.17 8.27
CA LEU A 117 14.86 18.19 6.83
C LEU A 117 13.40 18.54 6.62
N LEU A 118 13.13 19.65 5.94
CA LEU A 118 11.78 20.01 5.54
C LEU A 118 11.38 19.21 4.30
N ILE A 119 10.30 18.45 4.39
CA ILE A 119 9.82 17.64 3.28
C ILE A 119 8.48 18.20 2.77
N ARG A 120 8.39 18.42 1.46
CA ARG A 120 7.16 18.87 0.81
C ARG A 120 6.93 18.08 -0.48
N SER A 121 5.67 17.79 -0.80
CA SER A 121 5.32 17.22 -2.10
C SER A 121 4.95 18.36 -3.05
N GLY A 122 5.58 18.39 -4.22
CA GLY A 122 5.31 19.43 -5.22
C GLY A 122 6.50 19.66 -6.12
N LYS A 123 6.35 20.58 -7.06
CA LYS A 123 7.44 20.96 -7.97
C LYS A 123 8.40 21.93 -7.30
N PRO A 124 9.72 21.65 -7.33
CA PRO A 124 10.71 22.55 -6.72
C PRO A 124 10.57 24.03 -7.13
N GLU A 125 10.21 24.27 -8.39
CA GLU A 125 10.10 25.64 -8.91
C GLU A 125 8.86 26.38 -8.38
N GLU A 126 7.94 25.64 -7.76
CA GLU A 126 6.82 26.24 -7.05
C GLU A 126 7.12 26.34 -5.54
N ILE A 127 7.67 25.27 -4.96
CA ILE A 127 7.97 25.24 -3.52
C ILE A 127 9.11 26.17 -3.09
N LEU A 128 10.22 26.12 -3.82
CA LEU A 128 11.43 26.80 -3.38
C LEU A 128 11.29 28.33 -3.36
N PRO A 129 10.75 28.93 -4.43
CA PRO A 129 10.55 30.39 -4.39
C PRO A 129 9.63 30.83 -3.25
N SER A 130 8.60 30.05 -2.95
CA SER A 130 7.68 30.35 -1.85
C SER A 130 8.40 30.30 -0.51
N LEU A 131 9.23 29.29 -0.30
CA LEU A 131 10.04 29.19 0.91
C LEU A 131 11.07 30.32 1.02
N ALA A 132 11.73 30.65 -0.10
CA ALA A 132 12.74 31.71 -0.11
C ALA A 132 12.13 33.04 0.31
N LYS A 133 10.91 33.30 -0.17
CA LYS A 133 10.17 34.51 0.19
C LYS A 133 9.76 34.50 1.66
N ASP A 134 9.15 33.40 2.10
CA ASP A 134 8.64 33.30 3.47
C ASP A 134 9.75 33.47 4.52
N PHE A 135 10.90 32.85 4.28
CA PHE A 135 12.00 32.85 5.26
C PHE A 135 13.10 33.88 4.94
N GLY A 136 12.92 34.66 3.88
CA GLY A 136 13.91 35.66 3.48
C GLY A 136 15.28 35.09 3.14
N ALA A 137 15.31 33.99 2.41
CA ALA A 137 16.58 33.35 2.02
C ALA A 137 17.35 34.15 0.96
N ARG A 138 18.64 34.33 1.19
CA ARG A 138 19.51 35.00 0.23
C ARG A 138 19.89 34.09 -0.93
N THR A 139 19.91 32.78 -0.66
CA THR A 139 20.41 31.81 -1.62
C THR A 139 19.75 30.45 -1.46
N VAL A 140 19.67 29.73 -2.58
CA VAL A 140 19.34 28.31 -2.59
C VAL A 140 20.56 27.57 -3.13
N PHE A 141 21.12 26.68 -2.32
CA PHE A 141 22.25 25.86 -2.74
C PHE A 141 21.75 24.48 -3.13
N ALA A 142 22.37 23.91 -4.16
CA ALA A 142 22.04 22.55 -4.60
C ALA A 142 23.19 22.01 -5.44
N HIS A 143 23.24 20.69 -5.65
CA HIS A 143 24.24 20.12 -6.55
C HIS A 143 23.77 20.27 -7.99
N LYS A 144 24.73 20.50 -8.88
CA LYS A 144 24.48 20.61 -10.32
C LYS A 144 24.22 19.24 -10.90
N GLU A 145 23.18 19.12 -11.73
CA GLU A 145 22.92 17.90 -12.49
C GLU A 145 23.28 18.11 -13.96
N THR A 146 23.19 17.06 -14.76
CA THR A 146 23.70 17.08 -16.13
C THR A 146 22.67 16.84 -17.26
N CYS A 147 21.63 16.04 -16.99
CA CYS A 147 20.67 15.67 -18.04
C CYS A 147 19.48 16.62 -18.18
N SER A 148 18.88 16.57 -19.37
CA SER A 148 17.78 17.44 -19.81
C SER A 148 16.72 17.75 -18.75
N GLU A 149 16.12 16.70 -18.19
CA GLU A 149 15.01 16.90 -17.25
C GLU A 149 15.46 17.67 -16.01
N GLU A 150 16.64 17.33 -15.50
CA GLU A 150 17.14 17.90 -14.26
C GLU A 150 17.58 19.34 -14.47
N VAL A 151 18.21 19.61 -15.60
CA VAL A 151 18.64 20.96 -15.93
C VAL A 151 17.45 21.86 -16.25
N ASP A 152 16.37 21.29 -16.79
CA ASP A 152 15.14 22.06 -17.00
C ASP A 152 14.54 22.51 -15.67
N VAL A 153 14.58 21.62 -14.66
CA VAL A 153 14.09 21.99 -13.33
C VAL A 153 14.97 23.11 -12.72
N GLU A 154 16.29 23.03 -12.91
CA GLU A 154 17.20 24.09 -12.46
C GLU A 154 16.81 25.45 -13.07
N ARG A 155 16.53 25.45 -14.37
CA ARG A 155 16.07 26.66 -15.07
C ARG A 155 14.77 27.21 -14.45
N LEU A 156 13.80 26.33 -14.24
CA LEU A 156 12.50 26.74 -13.73
C LEU A 156 12.61 27.29 -12.31
N VAL A 157 13.45 26.67 -11.48
CA VAL A 157 13.70 27.19 -10.13
C VAL A 157 14.38 28.55 -10.16
N ASN A 158 15.42 28.68 -10.99
CA ASN A 158 16.14 29.96 -11.15
C ASN A 158 15.22 31.07 -11.64
N GLN A 159 14.37 30.76 -12.62
CA GLN A 159 13.42 31.74 -13.13
C GLN A 159 12.35 32.05 -12.07
N GLY A 160 11.96 31.04 -11.30
CA GLY A 160 11.02 31.20 -10.20
C GLY A 160 11.51 32.15 -9.12
N LEU A 161 12.77 32.01 -8.73
CA LEU A 161 13.36 32.89 -7.70
C LEU A 161 13.44 34.32 -8.22
N LYS A 162 13.80 34.45 -9.49
CA LYS A 162 13.87 35.75 -10.16
C LYS A 162 12.52 36.46 -10.12
N ARG A 163 11.45 35.69 -10.36
CA ARG A 163 10.11 36.24 -10.46
C ARG A 163 9.58 36.80 -9.13
N VAL A 164 10.14 36.34 -8.01
CA VAL A 164 9.81 36.93 -6.70
C VAL A 164 10.76 38.09 -6.31
N GLY A 165 11.71 38.40 -7.18
CA GLY A 165 12.62 39.54 -6.98
C GLY A 165 14.05 39.20 -7.33
N ASN A 166 14.92 40.21 -7.31
CA ASN A 166 16.36 39.97 -7.31
C ASN A 166 16.73 39.42 -5.93
N SER A 167 18.02 39.44 -5.60
CA SER A 167 18.51 38.98 -4.30
C SER A 167 18.63 37.47 -4.24
N THR A 168 17.52 36.73 -4.15
CA THR A 168 17.61 35.25 -3.98
C THR A 168 18.21 34.59 -5.22
N LYS A 169 19.41 34.02 -5.04
CA LYS A 169 20.19 33.44 -6.12
C LYS A 169 20.28 31.91 -5.98
N LEU A 170 20.04 31.20 -7.08
CA LEU A 170 20.31 29.76 -7.13
C LEU A 170 21.81 29.53 -7.37
N GLU A 171 22.44 28.78 -6.48
CA GLU A 171 23.86 28.48 -6.57
C GLU A 171 24.03 26.97 -6.75
N LEU A 172 24.54 26.56 -7.90
CA LEU A 172 24.71 25.14 -8.22
C LEU A 172 26.17 24.70 -8.12
N ILE A 173 26.41 23.63 -7.36
CA ILE A 173 27.76 23.16 -7.05
C ILE A 173 28.01 21.82 -7.71
N TRP A 174 29.16 21.69 -8.36
CA TRP A 174 29.51 20.42 -8.97
C TRP A 174 29.74 19.37 -7.89
N GLY A 175 29.19 18.18 -8.12
CA GLY A 175 29.44 17.05 -7.22
C GLY A 175 29.31 15.75 -7.97
N SER A 176 29.18 14.66 -7.24
CA SER A 176 28.88 13.35 -7.80
C SER A 176 30.13 12.58 -8.22
N THR A 177 31.12 13.23 -8.81
CA THR A 177 32.24 12.50 -9.42
C THR A 177 33.49 12.34 -8.54
N MET A 178 34.28 11.32 -8.84
CA MET A 178 35.51 11.08 -8.12
C MET A 178 36.58 12.10 -8.55
N TYR A 179 36.72 12.30 -9.86
CA TYR A 179 37.53 13.39 -10.41
C TYR A 179 36.65 14.61 -10.66
N HIS A 180 37.03 15.75 -10.12
CA HIS A 180 36.21 16.96 -10.22
C HIS A 180 36.28 17.53 -11.63
N LYS A 181 35.12 17.94 -12.16
CA LYS A 181 35.02 18.53 -13.49
C LYS A 181 36.04 19.64 -13.73
N ASP A 182 36.19 20.54 -12.76
CA ASP A 182 37.11 21.68 -12.86
C ASP A 182 38.59 21.27 -12.90
N ASP A 183 38.90 20.04 -12.47
CA ASP A 183 40.27 19.53 -12.40
C ASP A 183 40.70 18.76 -13.65
N LEU A 184 39.77 18.50 -14.57
CA LEU A 184 40.08 17.65 -15.73
C LEU A 184 41.10 18.31 -16.65
N PRO A 185 41.83 17.49 -17.43
CA PRO A 185 42.79 18.02 -18.40
C PRO A 185 42.18 18.43 -19.75
N PHE A 186 40.85 18.54 -19.79
CA PHE A 186 40.12 19.00 -20.98
C PHE A 186 38.74 19.51 -20.53
N ASP A 187 38.12 20.40 -21.30
CA ASP A 187 36.70 20.71 -21.10
C ASP A 187 35.90 19.50 -21.56
N VAL A 188 34.73 19.30 -20.96
CA VAL A 188 33.91 18.12 -21.26
C VAL A 188 33.44 18.07 -22.73
N PHE A 189 33.38 19.21 -23.41
CA PHE A 189 33.09 19.22 -24.85
C PHE A 189 34.18 18.48 -25.64
N ASP A 190 35.39 18.42 -25.10
CA ASP A 190 36.49 17.68 -25.72
C ASP A 190 36.82 16.38 -24.97
N LEU A 191 35.83 15.84 -24.25
CA LEU A 191 35.99 14.55 -23.59
C LEU A 191 36.36 13.51 -24.64
N PRO A 192 37.40 12.70 -24.38
CA PRO A 192 37.69 11.63 -25.33
C PRO A 192 36.49 10.69 -25.56
N ASP A 193 36.27 10.31 -26.82
CA ASP A 193 35.23 9.35 -27.16
C ASP A 193 35.62 7.90 -26.83
N VAL A 194 36.87 7.67 -26.42
CA VAL A 194 37.31 6.35 -25.94
C VAL A 194 37.65 6.45 -24.44
N TYR A 195 37.03 5.58 -23.64
CA TYR A 195 37.24 5.56 -22.18
C TYR A 195 38.69 5.45 -21.79
N THR A 196 39.41 4.52 -22.43
CA THR A 196 40.80 4.28 -22.07
C THR A 196 41.62 5.57 -22.17
N GLN A 197 41.34 6.39 -23.19
CA GLN A 197 42.02 7.67 -23.36
C GLN A 197 41.67 8.64 -22.22
N PHE A 198 40.39 8.65 -21.82
CA PHE A 198 39.95 9.43 -20.64
C PHE A 198 40.64 8.97 -19.36
N ARG A 199 40.61 7.67 -19.10
CA ARG A 199 41.22 7.12 -17.89
C ARG A 199 42.73 7.42 -17.80
N LYS A 200 43.46 7.13 -18.87
CA LYS A 200 44.92 7.38 -18.89
C LYS A 200 45.22 8.86 -18.59
N SER A 201 44.47 9.77 -19.23
CA SER A 201 44.64 11.21 -19.01
C SER A 201 44.43 11.64 -17.56
N VAL A 202 43.30 11.25 -16.96
CA VAL A 202 43.03 11.66 -15.57
C VAL A 202 44.01 11.02 -14.59
N GLU A 203 44.38 9.75 -14.83
CA GLU A 203 45.36 9.07 -13.98
C GLU A 203 46.75 9.69 -14.06
N ALA A 204 47.13 10.18 -15.25
CA ALA A 204 48.43 10.83 -15.44
C ALA A 204 48.44 12.30 -15.00
N LYS A 205 47.33 13.02 -15.20
CA LYS A 205 47.34 14.49 -15.04
C LYS A 205 46.49 15.06 -13.88
N CYS A 206 45.63 14.26 -13.27
CA CYS A 206 44.76 14.76 -12.18
C CYS A 206 45.00 14.08 -10.85
N SER A 207 44.56 14.76 -9.80
CA SER A 207 44.47 14.18 -8.46
C SER A 207 43.01 14.09 -8.04
N ILE A 208 42.74 13.21 -7.07
CA ILE A 208 41.42 13.10 -6.48
C ILE A 208 41.46 13.97 -5.22
N ARG A 209 40.46 14.83 -5.05
CA ARG A 209 40.41 15.71 -3.88
C ARG A 209 40.10 14.91 -2.61
N SER A 210 40.57 15.42 -1.47
CA SER A 210 40.17 14.88 -0.17
C SER A 210 38.68 15.12 0.05
N SER A 211 38.05 14.27 0.87
CA SER A 211 36.66 14.51 1.25
C SER A 211 36.54 15.82 2.00
N THR A 212 35.46 16.54 1.75
CA THR A 212 35.15 17.75 2.51
C THR A 212 34.69 17.37 3.93
N ARG A 213 35.30 17.99 4.94
CA ARG A 213 34.95 17.69 6.33
C ARG A 213 33.83 18.61 6.78
N ILE A 214 32.87 18.03 7.49
CA ILE A 214 31.65 18.73 7.90
C ILE A 214 31.65 18.84 9.43
N PRO A 215 31.32 20.02 9.96
CA PRO A 215 31.29 20.13 11.42
C PRO A 215 30.16 19.33 12.09
N LEU A 216 30.36 18.98 13.36
CA LEU A 216 29.35 18.24 14.11
C LEU A 216 28.15 19.12 14.51
N SER A 217 28.33 20.44 14.44
CA SER A 217 27.26 21.40 14.74
C SER A 217 26.92 22.25 13.51
N LEU A 218 25.73 22.04 12.94
CA LEU A 218 25.30 22.72 11.71
C LEU A 218 24.12 23.67 11.89
N GLY A 219 23.51 23.68 13.08
CA GLY A 219 22.33 24.51 13.32
C GLY A 219 22.67 25.99 13.48
N PRO A 220 21.65 26.83 13.72
CA PRO A 220 20.25 26.48 13.86
C PRO A 220 19.48 26.54 12.54
N THR A 221 18.23 26.08 12.57
CA THR A 221 17.30 26.23 11.46
C THR A 221 16.39 27.42 11.77
N PRO A 222 15.62 27.90 10.78
CA PRO A 222 14.57 28.84 11.15
C PRO A 222 13.49 28.17 12.00
N SER A 223 12.58 28.96 12.56
CA SER A 223 11.44 28.41 13.27
C SER A 223 10.45 27.90 12.22
N VAL A 224 10.17 26.59 12.25
CA VAL A 224 9.30 25.95 11.27
C VAL A 224 8.13 25.26 11.96
N ASP A 225 6.91 25.60 11.52
CA ASP A 225 5.69 25.10 12.15
C ASP A 225 5.40 23.63 11.80
N ASP A 226 5.71 23.24 10.57
CA ASP A 226 5.48 21.87 10.09
C ASP A 226 6.66 21.41 9.23
N TRP A 227 7.43 20.46 9.74
CA TRP A 227 8.58 19.92 8.99
C TRP A 227 8.15 18.93 7.91
N GLY A 228 6.92 18.44 7.99
CA GLY A 228 6.32 17.61 6.95
C GLY A 228 6.55 16.15 7.20
N ASP A 229 5.60 15.31 6.76
CA ASP A 229 5.75 13.86 6.89
C ASP A 229 6.58 13.31 5.74
N VAL A 230 7.18 12.15 5.96
CA VAL A 230 7.76 11.38 4.88
C VAL A 230 6.58 10.87 4.05
N PRO A 231 6.58 11.13 2.74
CA PRO A 231 5.46 10.67 1.91
C PRO A 231 5.34 9.14 1.86
N THR A 232 4.15 8.65 1.52
CA THR A 232 3.91 7.22 1.33
C THR A 232 3.65 6.92 -0.14
N LEU A 233 4.00 5.71 -0.56
CA LEU A 233 3.88 5.32 -1.97
C LEU A 233 2.42 5.31 -2.47
N GLU A 234 1.50 4.87 -1.62
CA GLU A 234 0.06 4.84 -2.00
C GLU A 234 -0.47 6.22 -2.35
N LYS A 235 -0.15 7.22 -1.54
CA LYS A 235 -0.48 8.62 -1.87
C LYS A 235 0.02 9.00 -3.27
N LEU A 236 1.16 8.45 -3.67
CA LEU A 236 1.77 8.72 -4.98
C LEU A 236 1.24 7.80 -6.09
N GLY A 237 0.23 6.99 -5.78
CA GLY A 237 -0.34 6.06 -6.77
C GLY A 237 0.53 4.84 -7.03
N VAL A 238 1.39 4.49 -6.09
CA VAL A 238 2.29 3.34 -6.24
C VAL A 238 2.01 2.31 -5.17
N GLU A 239 1.82 1.06 -5.59
CA GLU A 239 1.59 -0.05 -4.66
C GLU A 239 2.92 -0.47 -4.01
N PRO A 240 3.01 -0.37 -2.68
CA PRO A 240 4.24 -0.82 -2.00
C PRO A 240 4.62 -2.28 -2.28
N GLN A 241 5.91 -2.56 -2.28
CA GLN A 241 6.45 -3.87 -2.64
C GLN A 241 7.56 -4.22 -1.65
N GLU A 242 7.59 -5.46 -1.19
CA GLU A 242 8.66 -5.91 -0.29
C GLU A 242 9.40 -7.06 -0.97
N VAL A 243 10.72 -7.09 -0.82
CA VAL A 243 11.54 -8.13 -1.44
C VAL A 243 11.25 -9.51 -0.83
N THR A 244 10.94 -10.47 -1.70
CA THR A 244 10.54 -11.82 -1.28
C THR A 244 11.64 -12.85 -1.47
N ARG A 245 12.71 -12.46 -2.18
CA ARG A 245 13.85 -13.34 -2.41
C ARG A 245 15.03 -12.51 -2.87
N GLY A 246 16.24 -12.97 -2.54
CA GLY A 246 17.47 -12.29 -2.95
C GLY A 246 17.89 -11.16 -2.04
N MET A 247 18.53 -10.15 -2.61
CA MET A 247 19.07 -9.03 -1.86
C MET A 247 18.03 -7.95 -1.56
N ARG A 248 18.02 -7.52 -0.31
CA ARG A 248 17.12 -6.50 0.20
C ARG A 248 17.99 -5.32 0.65
N PHE A 249 18.17 -4.37 -0.26
CA PHE A 249 18.97 -3.18 0.03
C PHE A 249 18.24 -2.27 1.02
N VAL A 250 19.00 -1.61 1.89
CA VAL A 250 18.46 -0.72 2.93
C VAL A 250 18.86 0.74 2.64
N GLY A 251 17.88 1.61 2.47
CA GLY A 251 18.17 3.00 2.09
C GLY A 251 18.90 3.80 3.15
N GLY A 252 19.64 4.82 2.73
CA GLY A 252 20.20 5.82 3.63
C GLY A 252 21.71 5.79 3.76
N GLU A 253 22.26 6.96 4.07
CA GLU A 253 23.70 7.15 4.35
C GLU A 253 24.24 6.20 5.44
N SER A 254 23.51 6.01 6.54
CA SER A 254 23.98 5.12 7.62
C SER A 254 24.24 3.71 7.11
N ALA A 255 23.28 3.17 6.38
CA ALA A 255 23.38 1.83 5.80
C ALA A 255 24.48 1.77 4.72
N GLY A 256 24.57 2.83 3.92
CA GLY A 256 25.59 2.96 2.87
C GLY A 256 27.03 2.97 3.37
N VAL A 257 27.33 3.78 4.40
CA VAL A 257 28.66 3.74 5.00
C VAL A 257 28.86 2.39 5.74
N GLY A 258 27.75 1.84 6.24
CA GLY A 258 27.74 0.48 6.80
C GLY A 258 28.17 -0.58 5.81
N ARG A 259 27.73 -0.45 4.55
CA ARG A 259 28.12 -1.42 3.53
C ARG A 259 29.60 -1.27 3.11
N VAL A 260 30.09 -0.04 3.04
CA VAL A 260 31.51 0.18 2.79
C VAL A 260 32.32 -0.53 3.87
N PHE A 261 31.96 -0.30 5.13
CA PHE A 261 32.59 -0.99 6.25
C PHE A 261 32.51 -2.51 6.11
N GLU A 262 31.32 -3.01 5.81
CA GLU A 262 31.09 -4.45 5.72
C GLU A 262 31.97 -5.10 4.66
N TYR A 263 31.95 -4.54 3.45
CA TYR A 263 32.63 -5.13 2.29
C TYR A 263 34.16 -5.00 2.38
N PHE A 264 34.64 -3.80 2.72
CA PHE A 264 36.08 -3.56 2.86
C PHE A 264 36.65 -4.19 4.13
N TRP A 265 36.09 -3.85 5.28
CA TRP A 265 36.76 -4.11 6.56
C TRP A 265 36.30 -5.38 7.27
N LYS A 266 35.01 -5.50 7.55
CA LYS A 266 34.52 -6.66 8.31
C LYS A 266 34.76 -7.96 7.56
N LYS A 267 34.40 -8.00 6.28
CA LYS A 267 34.52 -9.21 5.47
C LYS A 267 35.84 -9.30 4.70
N ASP A 268 36.59 -8.21 4.63
CA ASP A 268 37.92 -8.19 4.00
C ASP A 268 37.88 -8.68 2.55
N LEU A 269 36.86 -8.26 1.80
CA LEU A 269 36.64 -8.76 0.44
C LEU A 269 37.23 -7.88 -0.66
N LEU A 270 37.61 -6.64 -0.35
CA LEU A 270 38.13 -5.74 -1.36
C LEU A 270 39.36 -6.33 -2.07
N LYS A 271 40.19 -7.06 -1.32
CA LYS A 271 41.41 -7.66 -1.87
C LYS A 271 41.20 -8.71 -2.98
N VAL A 272 39.96 -9.18 -3.17
CA VAL A 272 39.64 -10.13 -4.27
C VAL A 272 38.56 -9.62 -5.23
N TYR A 273 38.20 -8.34 -5.13
CA TYR A 273 37.11 -7.76 -5.92
C TYR A 273 37.22 -8.01 -7.44
N LYS A 274 38.39 -7.79 -8.02
CA LYS A 274 38.56 -7.98 -9.46
C LYS A 274 38.33 -9.45 -9.87
N GLU A 275 38.65 -10.37 -8.97
CA GLU A 275 38.47 -11.79 -9.20
C GLU A 275 36.99 -12.22 -9.20
N THR A 276 36.17 -11.57 -8.37
CA THR A 276 34.78 -11.99 -8.14
C THR A 276 33.71 -11.13 -8.84
N ARG A 277 34.11 -9.99 -9.40
CA ARG A 277 33.15 -8.97 -9.86
C ARG A 277 32.24 -9.35 -11.03
N ASN A 278 32.56 -10.44 -11.73
CA ASN A 278 31.70 -10.94 -12.81
C ASN A 278 30.70 -12.01 -12.35
N GLY A 279 30.59 -12.19 -11.03
CA GLY A 279 29.61 -13.10 -10.45
C GLY A 279 28.20 -12.57 -10.56
N MET A 280 27.22 -13.43 -10.28
CA MET A 280 25.81 -13.03 -10.36
C MET A 280 24.98 -13.34 -9.11
N LEU A 281 25.48 -14.22 -8.24
CA LEU A 281 24.70 -14.70 -7.10
C LEU A 281 25.26 -14.18 -5.77
N GLY A 282 24.41 -13.51 -4.99
CA GLY A 282 24.75 -13.14 -3.61
C GLY A 282 25.42 -11.78 -3.44
N PRO A 283 25.49 -11.28 -2.19
CA PRO A 283 26.11 -9.99 -1.92
C PRO A 283 27.64 -9.92 -1.99
N ASP A 284 28.34 -11.03 -1.75
CA ASP A 284 29.81 -11.01 -1.63
C ASP A 284 30.61 -10.69 -2.89
N TYR A 285 30.08 -10.97 -4.08
CA TYR A 285 30.90 -10.92 -5.32
C TYR A 285 31.32 -9.50 -5.76
N SER A 286 30.69 -8.47 -5.21
CA SER A 286 31.01 -7.07 -5.58
C SER A 286 30.60 -6.10 -4.48
N THR A 287 30.95 -4.82 -4.64
CA THR A 287 30.75 -3.84 -3.57
C THR A 287 29.27 -3.64 -3.23
N LYS A 288 28.41 -3.74 -4.24
CA LYS A 288 27.00 -3.38 -4.12
C LYS A 288 26.81 -1.93 -3.61
N PHE A 289 27.76 -1.04 -3.94
CA PHE A 289 27.65 0.37 -3.55
C PHE A 289 26.66 1.19 -4.41
N SER A 290 26.28 0.68 -5.58
CA SER A 290 25.58 1.49 -6.58
C SER A 290 24.28 2.19 -6.15
N PRO A 291 23.38 1.50 -5.40
CA PRO A 291 22.17 2.23 -5.01
C PRO A 291 22.46 3.45 -4.14
N TRP A 292 23.44 3.34 -3.24
CA TRP A 292 23.82 4.46 -2.38
C TRP A 292 24.55 5.56 -3.15
N LEU A 293 25.31 5.19 -4.18
CA LEU A 293 25.95 6.19 -5.03
C LEU A 293 24.93 6.94 -5.88
N ALA A 294 23.90 6.22 -6.38
CA ALA A 294 22.90 6.86 -7.24
C ALA A 294 22.10 7.94 -6.50
N PHE A 295 21.75 7.66 -5.25
CA PHE A 295 21.01 8.63 -4.42
C PHE A 295 21.91 9.60 -3.68
N GLY A 296 23.23 9.43 -3.84
CA GLY A 296 24.20 10.30 -3.18
C GLY A 296 24.28 10.09 -1.67
N CYS A 297 23.90 8.90 -1.20
CA CYS A 297 24.03 8.55 0.21
C CYS A 297 25.50 8.38 0.63
N ILE A 298 26.32 8.01 -0.34
CA ILE A 298 27.77 7.97 -0.17
C ILE A 298 28.42 8.61 -1.40
N SER A 299 29.69 8.97 -1.27
CA SER A 299 30.40 9.68 -2.34
C SER A 299 31.69 8.98 -2.72
N PRO A 300 32.09 9.08 -4.01
CA PRO A 300 33.33 8.45 -4.46
C PRO A 300 34.61 8.94 -3.77
N ARG A 301 34.68 10.21 -3.36
CA ARG A 301 35.85 10.71 -2.64
C ARG A 301 36.00 10.03 -1.27
N PHE A 302 34.88 9.78 -0.62
CA PHE A 302 34.87 9.02 0.63
C PHE A 302 35.34 7.58 0.40
N ILE A 303 34.83 6.96 -0.67
CA ILE A 303 35.23 5.58 -0.99
C ILE A 303 36.72 5.51 -1.28
N TYR A 304 37.24 6.47 -2.04
CA TYR A 304 38.67 6.51 -2.37
C TYR A 304 39.56 6.61 -1.11
N GLU A 305 39.15 7.43 -0.13
CA GLU A 305 39.91 7.51 1.13
C GLU A 305 39.88 6.21 1.94
N GLU A 306 38.76 5.51 1.91
CA GLU A 306 38.65 4.19 2.53
C GLU A 306 39.53 3.17 1.81
N VAL A 307 39.58 3.23 0.48
CA VAL A 307 40.49 2.39 -0.29
C VAL A 307 41.96 2.67 0.09
N GLN A 308 42.32 3.95 0.17
CA GLN A 308 43.66 4.36 0.58
C GLN A 308 44.04 3.76 1.95
N ARG A 309 43.14 3.85 2.92
CA ARG A 309 43.40 3.30 4.26
C ARG A 309 43.54 1.78 4.22
N TYR A 310 42.66 1.13 3.45
CA TYR A 310 42.75 -0.32 3.26
C TYR A 310 44.11 -0.72 2.70
N GLU A 311 44.59 0.02 1.70
CA GLU A 311 45.87 -0.27 1.06
C GLU A 311 47.05 -0.10 2.02
N LYS A 312 46.98 0.89 2.91
CA LYS A 312 47.99 1.08 3.94
C LYS A 312 47.97 -0.05 4.98
N GLU A 313 46.78 -0.34 5.52
CA GLU A 313 46.65 -1.24 6.67
C GLU A 313 46.64 -2.72 6.31
N ARG A 314 46.16 -3.05 5.12
CA ARG A 314 45.99 -4.44 4.75
C ARG A 314 46.80 -4.83 3.50
N VAL A 315 46.30 -4.53 2.31
CA VAL A 315 47.04 -4.82 1.09
C VAL A 315 46.63 -3.91 -0.08
N ALA A 316 47.59 -3.67 -0.97
CA ALA A 316 47.36 -2.97 -2.22
C ALA A 316 47.64 -3.97 -3.35
N ASN A 317 46.66 -4.17 -4.24
CA ASN A 317 46.81 -5.11 -5.35
C ASN A 317 45.95 -4.68 -6.54
N ASN A 318 45.77 -5.55 -7.53
CA ASN A 318 44.97 -5.20 -8.71
C ASN A 318 43.48 -5.08 -8.39
N SER A 319 43.00 -5.78 -7.36
CA SER A 319 41.62 -5.67 -6.92
C SER A 319 41.33 -4.32 -6.22
N THR A 320 42.24 -3.87 -5.36
CA THR A 320 42.04 -2.59 -4.68
C THR A 320 42.06 -1.44 -5.70
N TYR A 321 42.83 -1.59 -6.78
CA TYR A 321 42.80 -0.64 -7.89
C TYR A 321 41.51 -0.72 -8.71
N TRP A 322 41.03 -1.93 -8.97
CA TRP A 322 39.94 -2.10 -9.93
C TRP A 322 38.65 -1.44 -9.49
N VAL A 323 38.42 -1.37 -8.18
CA VAL A 323 37.27 -0.62 -7.69
C VAL A 323 37.30 0.85 -8.14
N LEU A 324 38.51 1.42 -8.22
CA LEU A 324 38.68 2.79 -8.69
C LEU A 324 38.50 2.86 -10.20
N PHE A 325 39.01 1.85 -10.92
CA PHE A 325 38.81 1.73 -12.37
C PHE A 325 37.31 1.80 -12.70
N GLU A 326 36.51 1.10 -11.91
CA GLU A 326 35.06 1.08 -12.11
C GLU A 326 34.38 2.41 -11.73
N LEU A 327 34.83 3.04 -10.65
CA LEU A 327 34.34 4.38 -10.31
C LEU A 327 34.72 5.43 -11.37
N ILE A 328 35.81 5.20 -12.08
CA ILE A 328 36.18 6.06 -13.20
C ILE A 328 35.24 5.88 -14.41
N TRP A 329 34.71 4.67 -14.59
CA TRP A 329 33.66 4.45 -15.59
C TRP A 329 32.40 5.25 -15.24
N ARG A 330 32.09 5.35 -13.96
CA ARG A 330 30.95 6.15 -13.51
C ARG A 330 31.17 7.63 -13.82
N ASP A 331 32.37 8.12 -13.52
CA ASP A 331 32.77 9.50 -13.89
C ASP A 331 32.63 9.73 -15.40
N TYR A 332 33.16 8.80 -16.19
CA TYR A 332 33.16 8.93 -17.65
C TYR A 332 31.76 9.11 -18.23
N PHE A 333 30.83 8.25 -17.84
CA PHE A 333 29.45 8.38 -18.34
C PHE A 333 28.77 9.65 -17.86
N ARG A 334 29.08 10.09 -16.65
CA ARG A 334 28.59 11.38 -16.14
C ARG A 334 29.04 12.54 -17.05
N PHE A 335 30.35 12.61 -17.34
CA PHE A 335 30.89 13.65 -18.22
C PHE A 335 30.40 13.50 -19.66
N LEU A 336 30.25 12.26 -20.11
CA LEU A 336 29.78 11.98 -21.46
C LEU A 336 28.33 12.47 -21.67
N SER A 337 27.52 12.43 -20.60
CA SER A 337 26.14 12.95 -20.67
C SER A 337 26.11 14.43 -21.01
N ILE A 338 27.13 15.17 -20.58
CA ILE A 338 27.24 16.60 -20.91
C ILE A 338 27.63 16.75 -22.38
N LYS A 339 28.63 15.99 -22.82
CA LYS A 339 29.10 16.07 -24.19
C LYS A 339 28.00 15.69 -25.19
N CYS A 340 27.27 14.63 -24.88
CA CYS A 340 26.27 14.08 -25.80
C CYS A 340 24.89 14.77 -25.75
N GLY A 341 24.55 15.31 -24.60
CA GLY A 341 23.22 15.84 -24.39
C GLY A 341 22.16 14.80 -24.69
N ASN A 342 21.11 15.21 -25.41
CA ASN A 342 19.95 14.35 -25.64
C ASN A 342 20.16 13.22 -26.62
N SER A 343 21.25 13.26 -27.39
CA SER A 343 21.59 12.14 -28.28
C SER A 343 21.82 10.84 -27.47
N LEU A 344 22.11 10.99 -26.18
CA LEU A 344 22.18 9.86 -25.25
C LEU A 344 20.87 9.04 -25.19
N PHE A 345 19.73 9.69 -25.48
CA PHE A 345 18.41 9.08 -25.37
C PHE A 345 17.78 8.75 -26.72
N HIS A 346 18.40 9.18 -27.82
CA HIS A 346 17.82 8.99 -29.15
C HIS A 346 18.17 7.61 -29.69
N LEU A 347 17.31 7.10 -30.58
CA LEU A 347 17.46 5.74 -31.13
C LEU A 347 18.83 5.52 -31.76
N GLY A 348 19.28 6.49 -32.56
CA GLY A 348 20.57 6.42 -33.21
C GLY A 348 21.77 6.65 -32.30
N GLY A 349 21.52 7.08 -31.06
CA GLY A 349 22.60 7.35 -30.11
C GLY A 349 23.45 8.54 -30.52
N PRO A 350 24.54 8.79 -29.76
CA PRO A 350 25.53 9.83 -30.02
C PRO A 350 26.02 9.99 -31.47
N ARG A 351 26.20 8.91 -32.22
CA ARG A 351 26.62 9.03 -33.63
C ARG A 351 25.47 8.87 -34.63
N ASN A 352 24.23 8.91 -34.14
CA ASN A 352 23.04 8.94 -35.01
C ASN A 352 23.04 7.81 -36.06
N VAL A 353 23.16 6.58 -35.59
CA VAL A 353 23.15 5.41 -36.46
C VAL A 353 21.75 5.19 -37.03
N GLN A 354 21.69 4.79 -38.29
CA GLN A 354 20.42 4.65 -39.01
C GLN A 354 19.87 3.23 -38.96
N GLY A 355 18.58 3.11 -39.24
CA GLY A 355 17.95 1.84 -39.64
C GLY A 355 17.33 0.95 -38.58
N LYS A 356 16.08 0.55 -38.83
CA LYS A 356 15.45 -0.69 -38.29
C LYS A 356 14.82 -0.57 -36.89
N TRP A 357 14.62 -1.74 -36.26
CA TRP A 357 14.32 -1.91 -34.82
C TRP A 357 12.83 -2.10 -34.55
N SER A 358 12.50 -3.27 -34.01
CA SER A 358 11.14 -3.64 -33.66
C SER A 358 10.73 -3.06 -32.31
N GLN A 359 9.45 -2.76 -32.17
CA GLN A 359 8.86 -2.42 -30.87
C GLN A 359 7.75 -3.39 -30.54
N ASP A 360 7.92 -4.65 -30.95
CA ASP A 360 6.90 -5.69 -30.77
C ASP A 360 6.59 -5.90 -29.29
N GLN A 361 5.35 -5.63 -28.90
CA GLN A 361 4.96 -5.64 -27.49
C GLN A 361 5.07 -7.04 -26.89
N LYS A 362 4.67 -8.04 -27.65
CA LYS A 362 4.68 -9.43 -27.18
C LYS A 362 6.10 -9.90 -26.88
N LEU A 363 7.02 -9.65 -27.81
CA LEU A 363 8.44 -9.98 -27.58
C LEU A 363 8.98 -9.27 -26.34
N PHE A 364 8.75 -7.97 -26.25
CA PHE A 364 9.24 -7.19 -25.12
C PHE A 364 8.73 -7.74 -23.79
N GLU A 365 7.43 -8.01 -23.73
CA GLU A 365 6.80 -8.54 -22.52
C GLU A 365 7.41 -9.87 -22.05
N SER A 366 7.81 -10.73 -22.99
CA SER A 366 8.49 -11.98 -22.63
C SER A 366 9.86 -11.75 -21.93
N TRP A 367 10.56 -10.70 -22.34
CA TRP A 367 11.83 -10.28 -21.73
C TRP A 367 11.55 -9.70 -20.33
N ARG A 368 10.67 -8.70 -20.30
CA ARG A 368 10.25 -8.06 -19.05
C ARG A 368 9.76 -9.07 -18.01
N ASP A 369 8.92 -10.02 -18.42
CA ASP A 369 8.30 -10.97 -17.50
C ASP A 369 9.09 -12.25 -17.27
N ALA A 370 10.35 -12.29 -17.72
CA ALA A 370 11.20 -13.46 -17.51
C ALA A 370 10.61 -14.75 -18.10
N LYS A 371 10.08 -14.64 -19.32
CA LYS A 371 9.48 -15.80 -20.02
C LYS A 371 10.07 -15.97 -21.43
N THR A 372 11.39 -15.80 -21.56
CA THR A 372 12.07 -15.97 -22.85
C THR A 372 12.39 -17.43 -23.18
N GLY A 373 12.48 -18.28 -22.15
CA GLY A 373 12.85 -19.69 -22.31
C GLY A 373 14.34 -19.97 -22.10
N TYR A 374 15.11 -18.92 -21.85
CA TYR A 374 16.52 -19.05 -21.55
C TYR A 374 16.73 -18.73 -20.07
N PRO A 375 17.01 -19.76 -19.26
CA PRO A 375 17.18 -19.58 -17.81
C PRO A 375 18.10 -18.41 -17.42
N LEU A 376 19.23 -18.26 -18.11
CA LEU A 376 20.20 -17.19 -17.80
C LEU A 376 19.55 -15.82 -17.92
N ILE A 377 18.78 -15.62 -18.99
CA ILE A 377 18.09 -14.38 -19.23
C ILE A 377 16.98 -14.19 -18.20
N ASP A 378 16.12 -15.20 -18.08
CA ASP A 378 14.94 -15.12 -17.22
C ASP A 378 15.30 -14.91 -15.74
N ALA A 379 16.34 -15.57 -15.27
CA ALA A 379 16.79 -15.41 -13.87
C ALA A 379 17.18 -13.97 -13.58
N ASN A 380 17.94 -13.38 -14.50
CA ASN A 380 18.36 -11.99 -14.39
C ASN A 380 17.19 -11.03 -14.37
N MET A 381 16.24 -11.23 -15.28
CA MET A 381 15.08 -10.37 -15.38
C MET A 381 14.17 -10.52 -14.16
N LYS A 382 14.10 -11.74 -13.61
CA LYS A 382 13.35 -11.99 -12.37
C LYS A 382 14.03 -11.33 -11.17
N GLU A 383 15.36 -11.42 -11.09
CA GLU A 383 16.13 -10.75 -10.04
C GLU A 383 15.84 -9.24 -10.05
N LEU A 384 15.83 -8.66 -11.25
CA LEU A 384 15.56 -7.23 -11.42
C LEU A 384 14.18 -6.81 -10.89
N SER A 385 13.13 -7.49 -11.32
CA SER A 385 11.77 -7.12 -10.92
C SER A 385 11.50 -7.45 -9.45
N THR A 386 12.21 -8.44 -8.91
CA THR A 386 12.04 -8.86 -7.50
C THR A 386 12.80 -7.98 -6.49
N THR A 387 14.02 -7.55 -6.86
CA THR A 387 14.95 -6.88 -5.93
C THR A 387 15.36 -5.45 -6.33
N GLY A 388 15.16 -5.09 -7.60
CA GLY A 388 15.62 -3.79 -8.10
C GLY A 388 17.11 -3.72 -8.37
N PHE A 389 17.75 -4.88 -8.44
CA PHE A 389 19.19 -4.97 -8.71
C PHE A 389 19.46 -6.11 -9.68
N MET A 390 20.52 -5.96 -10.47
CA MET A 390 21.01 -7.00 -11.37
C MET A 390 22.54 -6.89 -11.42
N SER A 391 23.22 -8.03 -11.49
CA SER A 391 24.68 -8.04 -11.61
C SER A 391 25.13 -7.33 -12.90
N ASN A 392 26.31 -6.72 -12.86
CA ASN A 392 26.90 -6.09 -14.04
C ASN A 392 27.00 -7.06 -15.21
N ARG A 393 27.44 -8.28 -14.93
CA ARG A 393 27.51 -9.33 -15.94
C ARG A 393 26.13 -9.58 -16.55
N GLY A 394 25.11 -9.74 -15.70
CA GLY A 394 23.73 -9.90 -16.14
C GLY A 394 23.22 -8.76 -17.00
N ARG A 395 23.47 -7.52 -16.58
CA ARG A 395 23.01 -6.35 -17.34
C ARG A 395 23.57 -6.35 -18.76
N GLN A 396 24.85 -6.67 -18.90
CA GLN A 396 25.46 -6.74 -20.23
C GLN A 396 24.79 -7.82 -21.08
N ILE A 397 24.54 -8.97 -20.47
CA ILE A 397 23.95 -10.12 -21.17
C ILE A 397 22.51 -9.86 -21.65
N VAL A 398 21.65 -9.36 -20.75
CA VAL A 398 20.26 -9.12 -21.13
C VAL A 398 20.10 -7.97 -22.13
N CYS A 399 21.03 -7.01 -22.11
CA CYS A 399 21.09 -5.96 -23.12
C CYS A 399 21.38 -6.53 -24.51
N SER A 400 22.48 -7.30 -24.63
CA SER A 400 22.81 -7.99 -25.88
C SER A 400 21.65 -8.85 -26.40
N PHE A 401 21.02 -9.60 -25.49
CA PHE A 401 19.92 -10.46 -25.87
C PHE A 401 18.73 -9.68 -26.47
N LEU A 402 18.33 -8.60 -25.81
CA LEU A 402 17.19 -7.81 -26.27
C LEU A 402 17.48 -7.10 -27.60
N VAL A 403 18.69 -6.54 -27.73
CA VAL A 403 19.06 -5.81 -28.94
C VAL A 403 19.32 -6.76 -30.11
N ARG A 404 20.12 -7.79 -29.88
CA ARG A 404 20.67 -8.59 -30.98
C ARG A 404 19.87 -9.85 -31.26
N ASP A 405 19.50 -10.60 -30.22
CA ASP A 405 18.72 -11.83 -30.41
C ASP A 405 17.24 -11.54 -30.68
N MET A 406 16.66 -10.60 -29.94
CA MET A 406 15.24 -10.27 -30.13
C MET A 406 15.04 -9.17 -31.19
N GLY A 407 16.05 -8.34 -31.41
CA GLY A 407 15.98 -7.28 -32.40
C GLY A 407 15.11 -6.08 -31.97
N LEU A 408 14.98 -5.89 -30.67
CA LEU A 408 14.10 -4.84 -30.15
C LEU A 408 14.80 -3.49 -30.05
N ASP A 409 14.01 -2.44 -30.21
CA ASP A 409 14.41 -1.07 -29.90
C ASP A 409 15.02 -1.01 -28.49
N TRP A 410 16.31 -0.67 -28.42
CA TRP A 410 17.06 -0.74 -27.16
C TRP A 410 16.48 0.14 -26.05
N ARG A 411 15.74 1.18 -26.45
CA ARG A 411 15.17 2.12 -25.50
C ARG A 411 14.05 1.48 -24.66
N MET A 412 13.45 0.40 -25.17
CA MET A 412 12.47 -0.35 -24.39
C MET A 412 13.15 -1.01 -23.19
N GLY A 413 14.33 -1.58 -23.42
CA GLY A 413 15.13 -2.17 -22.34
C GLY A 413 15.66 -1.11 -21.38
N ALA A 414 16.17 -0.01 -21.92
CA ALA A 414 16.69 1.08 -21.08
C ALA A 414 15.62 1.68 -20.16
N GLU A 415 14.42 1.88 -20.70
CA GLU A 415 13.31 2.47 -19.92
C GLU A 415 12.76 1.52 -18.87
N TRP A 416 12.79 0.22 -19.14
CA TRP A 416 12.43 -0.78 -18.12
C TRP A 416 13.46 -0.83 -16.99
N PHE A 417 14.74 -0.71 -17.33
CA PHE A 417 15.78 -0.58 -16.29
C PHE A 417 15.51 0.70 -15.47
N GLU A 418 15.13 1.79 -16.15
CA GLU A 418 14.79 3.05 -15.47
C GLU A 418 13.66 2.87 -14.45
N THR A 419 12.65 2.07 -14.80
CA THR A 419 11.57 1.76 -13.85
C THR A 419 12.07 0.95 -12.64
N CYS A 420 12.90 -0.06 -12.90
CA CYS A 420 13.20 -1.11 -11.91
C CYS A 420 14.42 -0.93 -11.00
N LEU A 421 15.49 -0.35 -11.54
CA LEU A 421 16.77 -0.30 -10.82
C LEU A 421 16.81 0.65 -9.63
N LEU A 422 17.14 0.12 -8.45
CA LEU A 422 17.41 0.98 -7.28
C LEU A 422 18.49 2.00 -7.60
N ASP A 423 19.48 1.57 -8.38
CA ASP A 423 20.62 2.41 -8.69
C ASP A 423 20.47 3.19 -9.99
N TYR A 424 19.25 3.27 -10.54
CA TYR A 424 19.03 4.02 -11.77
C TYR A 424 19.68 5.40 -11.75
N ASP A 425 20.45 5.67 -12.80
CA ASP A 425 21.15 6.93 -13.02
C ASP A 425 21.11 7.15 -14.54
N PRO A 426 20.57 8.28 -15.02
CA PRO A 426 20.43 8.42 -16.47
C PRO A 426 21.76 8.29 -17.24
N CYS A 427 22.83 8.83 -16.66
CA CYS A 427 24.15 8.81 -17.28
C CYS A 427 24.68 7.39 -17.42
N SER A 428 24.71 6.66 -16.31
CA SER A 428 25.18 5.28 -16.34
C SER A 428 24.25 4.34 -17.11
N ASN A 429 22.93 4.54 -16.98
CA ASN A 429 21.97 3.63 -17.63
C ASN A 429 21.99 3.78 -19.13
N TYR A 430 21.73 5.00 -19.60
CA TYR A 430 21.71 5.26 -21.04
C TYR A 430 23.10 5.20 -21.67
N GLY A 431 24.12 5.55 -20.89
CA GLY A 431 25.50 5.34 -21.28
C GLY A 431 25.81 3.89 -21.60
N ASN A 432 25.55 3.00 -20.64
CA ASN A 432 25.82 1.58 -20.83
C ASN A 432 24.92 0.94 -21.88
N TRP A 433 23.68 1.39 -21.99
CA TRP A 433 22.76 0.85 -23.01
C TRP A 433 23.21 1.22 -24.42
N THR A 434 23.59 2.49 -24.64
CA THR A 434 24.09 2.90 -25.95
C THR A 434 25.41 2.18 -26.29
N TYR A 435 26.27 2.02 -25.27
CA TYR A 435 27.53 1.26 -25.41
C TYR A 435 27.25 -0.18 -25.80
N GLY A 436 26.37 -0.83 -25.05
CA GLY A 436 25.99 -2.22 -25.32
C GLY A 436 25.22 -2.43 -26.62
N ALA A 437 24.42 -1.43 -27.02
CA ALA A 437 23.64 -1.50 -28.27
C ALA A 437 24.47 -1.20 -29.51
N GLY A 438 25.68 -0.70 -29.33
CA GLY A 438 26.55 -0.34 -30.46
C GLY A 438 26.16 0.98 -31.12
N VAL A 439 25.54 1.87 -30.35
CA VAL A 439 25.17 3.19 -30.85
C VAL A 439 25.89 4.30 -30.08
N GLY A 440 26.95 3.97 -29.36
CA GLY A 440 27.80 4.99 -28.73
C GLY A 440 28.72 5.60 -29.77
N ASN A 441 29.53 6.59 -29.37
CA ASN A 441 30.51 7.19 -30.28
C ASN A 441 31.85 6.44 -30.28
N ASP A 442 31.97 5.47 -29.38
CA ASP A 442 33.13 4.58 -29.36
C ASP A 442 33.21 3.77 -30.66
N PRO A 443 34.42 3.62 -31.24
CA PRO A 443 34.65 2.88 -32.50
C PRO A 443 33.93 1.53 -32.57
N ARG A 444 33.58 1.14 -33.79
CA ARG A 444 32.70 -0.01 -34.03
C ARG A 444 33.28 -1.34 -33.53
N GLU A 445 32.51 -2.00 -32.66
CA GLU A 445 32.80 -3.37 -32.25
C GLU A 445 31.46 -4.09 -32.14
N ASP A 446 31.38 -5.31 -32.66
CA ASP A 446 30.13 -6.09 -32.62
C ASP A 446 30.06 -6.89 -31.32
N ARG A 447 29.55 -6.25 -30.27
CA ARG A 447 29.57 -6.81 -28.91
C ARG A 447 28.44 -7.81 -28.64
N TYR A 448 28.41 -8.90 -29.40
CA TYR A 448 27.43 -9.96 -29.19
C TYR A 448 27.90 -10.93 -28.10
N PHE A 449 27.05 -11.16 -27.10
CA PHE A 449 27.30 -12.14 -26.04
C PHE A 449 26.64 -13.49 -26.37
N SER A 450 27.40 -14.57 -26.34
CA SER A 450 26.84 -15.91 -26.49
C SER A 450 26.23 -16.37 -25.18
N ILE A 451 24.91 -16.60 -25.17
CA ILE A 451 24.21 -17.03 -23.97
C ILE A 451 24.78 -18.35 -23.41
N PRO A 452 24.96 -19.37 -24.28
CA PRO A 452 25.60 -20.61 -23.82
C PRO A 452 27.00 -20.41 -23.21
N LYS A 453 27.85 -19.61 -23.84
CA LYS A 453 29.19 -19.36 -23.30
C LYS A 453 29.14 -18.61 -21.97
N GLN A 454 28.26 -17.62 -21.87
CA GLN A 454 28.14 -16.84 -20.63
C GLN A 454 27.66 -17.72 -19.47
N ALA A 455 26.69 -18.58 -19.73
CA ALA A 455 26.19 -19.51 -18.72
C ALA A 455 27.29 -20.45 -18.21
N GLN A 456 28.11 -20.96 -19.14
CA GLN A 456 29.18 -21.91 -18.76
C GLN A 456 30.30 -21.22 -17.99
N ASN A 457 30.69 -20.02 -18.42
CA ASN A 457 31.80 -19.31 -17.80
C ASN A 457 31.45 -18.60 -16.50
N TYR A 458 30.22 -18.10 -16.38
CA TYR A 458 29.85 -17.30 -15.20
C TYR A 458 28.75 -17.90 -14.31
N ASP A 459 28.19 -19.04 -14.73
CA ASP A 459 27.29 -19.82 -13.87
C ASP A 459 27.56 -21.32 -14.08
N PRO A 460 28.83 -21.75 -13.89
CA PRO A 460 29.25 -23.07 -14.33
C PRO A 460 28.44 -24.24 -13.72
N GLU A 461 27.97 -24.09 -12.48
CA GLU A 461 27.17 -25.12 -11.84
C GLU A 461 25.66 -24.88 -11.90
N GLY A 462 25.24 -23.81 -12.57
CA GLY A 462 23.82 -23.48 -12.64
C GLY A 462 23.25 -23.00 -11.32
N GLU A 463 24.14 -22.62 -10.41
CA GLU A 463 23.74 -22.16 -9.07
C GLU A 463 22.88 -20.92 -9.12
N TYR A 464 23.22 -19.98 -10.00
CA TYR A 464 22.48 -18.73 -10.13
C TYR A 464 21.06 -18.96 -10.67
N VAL A 465 20.96 -19.68 -11.79
CA VAL A 465 19.64 -19.95 -12.38
C VAL A 465 18.76 -20.80 -11.45
N ALA A 466 19.36 -21.77 -10.77
CA ALA A 466 18.63 -22.62 -9.82
C ALA A 466 18.08 -21.84 -8.62
N PHE A 467 18.82 -20.82 -8.19
CA PHE A 467 18.36 -19.98 -7.11
C PHE A 467 17.09 -19.23 -7.50
N TRP A 468 17.10 -18.59 -8.67
CA TRP A 468 15.97 -17.77 -9.10
C TRP A 468 14.84 -18.60 -9.71
N LEU A 469 15.19 -19.68 -10.39
CA LEU A 469 14.23 -20.56 -11.03
C LEU A 469 14.28 -21.93 -10.31
N GLN A 470 13.57 -22.01 -9.19
CA GLN A 470 13.71 -23.11 -8.24
C GLN A 470 13.31 -24.48 -8.77
N GLN A 471 12.50 -24.51 -9.83
CA GLN A 471 12.16 -25.78 -10.50
C GLN A 471 13.38 -26.43 -11.16
N LEU A 472 14.44 -25.66 -11.38
CA LEU A 472 15.69 -26.20 -11.95
C LEU A 472 16.64 -26.82 -10.90
N ARG A 473 16.35 -26.62 -9.62
CA ARG A 473 17.22 -27.06 -8.53
C ARG A 473 17.60 -28.54 -8.62
N ARG A 474 16.60 -29.38 -8.89
CA ARG A 474 16.81 -30.83 -8.90
C ARG A 474 17.65 -31.32 -10.09
N LEU A 475 17.83 -30.48 -11.11
CA LEU A 475 18.57 -30.86 -12.31
C LEU A 475 20.09 -30.73 -12.12
N PRO A 476 20.86 -31.57 -12.84
CA PRO A 476 22.33 -31.40 -12.88
C PRO A 476 22.76 -30.21 -13.75
N LYS A 477 24.06 -29.89 -13.74
CA LYS A 477 24.64 -28.73 -14.46
C LYS A 477 24.06 -28.49 -15.84
N GLU A 478 24.00 -29.56 -16.62
CA GLU A 478 23.78 -29.46 -18.08
C GLU A 478 22.33 -29.15 -18.40
N LYS A 479 21.40 -29.77 -17.66
CA LYS A 479 19.98 -29.46 -17.82
C LYS A 479 19.64 -28.09 -17.22
N ARG A 480 20.37 -27.66 -16.19
CA ARG A 480 20.16 -26.32 -15.64
C ARG A 480 20.38 -25.25 -16.71
N HIS A 481 21.42 -25.45 -17.53
CA HIS A 481 21.67 -24.56 -18.66
C HIS A 481 20.65 -24.75 -19.79
N TRP A 482 20.34 -26.00 -20.10
CA TRP A 482 19.45 -26.34 -21.22
C TRP A 482 18.41 -27.36 -20.75
N PRO A 483 17.38 -26.89 -20.03
CA PRO A 483 16.42 -27.82 -19.42
C PRO A 483 15.48 -28.54 -20.38
N GLY A 484 15.13 -27.93 -21.51
CA GLY A 484 14.11 -28.52 -22.37
C GLY A 484 12.74 -27.98 -22.00
N ARG A 485 11.82 -28.06 -22.95
CA ARG A 485 10.62 -27.24 -22.91
C ARG A 485 9.61 -27.63 -21.81
N LEU A 486 9.32 -28.92 -21.65
CA LEU A 486 8.29 -29.35 -20.68
C LEU A 486 8.67 -29.01 -19.23
N MET A 487 9.94 -29.18 -18.89
CA MET A 487 10.42 -28.82 -17.55
C MET A 487 10.40 -27.32 -17.34
N TYR A 488 10.76 -26.57 -18.37
CA TYR A 488 10.85 -25.12 -18.25
C TYR A 488 9.79 -24.45 -19.14
N MET A 489 10.17 -23.98 -20.33
CA MET A 489 9.20 -23.38 -21.25
C MET A 489 9.77 -23.23 -22.67
N ASP A 490 8.93 -22.76 -23.59
CA ASP A 490 9.34 -22.51 -24.96
C ASP A 490 10.28 -21.32 -25.05
N THR A 491 11.18 -21.35 -26.03
CA THR A 491 12.03 -20.22 -26.35
C THR A 491 11.26 -19.28 -27.29
N VAL A 492 11.27 -17.99 -27.00
CA VAL A 492 10.49 -17.02 -27.79
C VAL A 492 11.19 -16.61 -29.09
N VAL A 493 12.52 -16.69 -29.10
CA VAL A 493 13.31 -16.48 -30.31
C VAL A 493 14.51 -17.42 -30.29
N PRO A 494 15.04 -17.77 -31.47
CA PRO A 494 16.29 -18.51 -31.50
C PRO A 494 17.47 -17.61 -31.12
N LEU A 495 18.57 -18.22 -30.70
CA LEU A 495 19.81 -17.49 -30.48
C LEU A 495 20.52 -17.23 -31.82
N LYS A 496 21.00 -16.01 -32.01
CA LYS A 496 21.69 -15.61 -33.24
C LYS A 496 22.99 -16.42 -33.46
N HIS A 497 23.77 -16.60 -32.39
CA HIS A 497 25.01 -17.36 -32.46
C HIS A 497 25.19 -18.29 -31.27
N GLY A 498 26.19 -19.17 -31.35
CA GLY A 498 26.47 -20.15 -30.31
C GLY A 498 25.45 -21.27 -30.26
N ASN A 499 25.04 -21.74 -31.43
CA ASN A 499 23.91 -22.67 -31.59
C ASN A 499 22.59 -21.93 -31.34
N GLY A 500 21.58 -22.24 -32.14
CA GLY A 500 20.31 -21.52 -32.09
C GLY A 500 19.57 -21.66 -30.77
N ASP B 3 39.77 55.98 -56.13
CA ASP B 3 40.15 54.61 -55.70
C ASP B 3 38.93 53.70 -55.40
N HIS B 4 37.75 54.32 -55.28
CA HIS B 4 36.51 53.62 -54.97
C HIS B 4 36.59 52.86 -53.65
N ILE B 5 37.22 53.49 -52.66
CA ILE B 5 37.31 52.95 -51.32
C ILE B 5 36.28 53.67 -50.46
N HIS B 6 35.49 52.90 -49.72
CA HIS B 6 34.40 53.45 -48.91
C HIS B 6 34.63 53.13 -47.43
N ARG B 7 34.92 54.15 -46.63
CA ARG B 7 35.08 53.96 -45.19
C ARG B 7 33.74 53.66 -44.57
N VAL B 8 33.71 52.68 -43.67
CA VAL B 8 32.51 52.34 -42.92
C VAL B 8 32.82 52.45 -41.42
N PRO B 9 32.16 53.38 -40.71
CA PRO B 9 31.21 54.37 -41.23
C PRO B 9 31.92 55.41 -42.08
N ALA B 10 31.16 56.17 -42.87
CA ALA B 10 31.73 57.23 -43.71
C ALA B 10 31.83 58.55 -42.93
N LEU B 11 32.27 58.48 -41.68
CA LEU B 11 32.44 59.65 -40.83
C LEU B 11 33.92 59.88 -40.61
N THR B 12 34.34 61.14 -40.48
CA THR B 12 35.73 61.45 -40.12
C THR B 12 36.01 60.97 -38.70
N GLU B 13 37.29 60.83 -38.34
CA GLU B 13 37.68 60.45 -36.98
C GLU B 13 37.08 61.38 -35.93
N GLU B 14 36.97 62.67 -36.25
CA GLU B 14 36.40 63.66 -35.34
C GLU B 14 34.88 63.58 -35.22
N GLU B 15 34.21 63.28 -36.34
CA GLU B 15 32.77 63.00 -36.32
C GLU B 15 32.47 61.75 -35.47
N ILE B 16 33.30 60.73 -35.61
CA ILE B 16 33.17 59.51 -34.80
C ILE B 16 33.25 59.81 -33.31
N ASP B 17 34.21 60.65 -32.93
CA ASP B 17 34.39 61.04 -31.53
C ASP B 17 33.16 61.76 -31.00
N SER B 18 32.65 62.70 -31.79
CA SER B 18 31.48 63.48 -31.42
C SER B 18 30.26 62.58 -31.21
N VAL B 19 30.01 61.67 -32.15
CA VAL B 19 28.87 60.76 -32.07
C VAL B 19 29.00 59.82 -30.86
N ALA B 20 30.20 59.30 -30.62
CA ALA B 20 30.46 58.41 -29.49
C ALA B 20 30.18 59.10 -28.14
N ILE B 21 30.70 60.31 -27.98
CA ILE B 21 30.45 61.11 -26.76
C ILE B 21 28.96 61.23 -26.47
N LYS B 22 28.19 61.58 -27.49
CA LYS B 22 26.75 61.73 -27.36
C LYS B 22 26.05 60.42 -27.00
N THR B 23 26.49 59.33 -27.63
CA THR B 23 25.95 58.00 -27.33
C THR B 23 26.28 57.59 -25.90
N PHE B 24 27.53 57.79 -25.47
CA PHE B 24 27.93 57.45 -24.10
C PHE B 24 27.11 58.23 -23.06
N GLU B 25 26.92 59.52 -23.32
CA GLU B 25 26.16 60.38 -22.40
C GLU B 25 24.68 60.00 -22.33
N ARG B 26 24.08 59.69 -23.48
CA ARG B 26 22.69 59.24 -23.54
C ARG B 26 22.45 58.01 -22.63
N TYR B 27 23.38 57.06 -22.66
CA TYR B 27 23.21 55.79 -21.94
C TYR B 27 23.94 55.72 -20.58
N ALA B 28 24.62 56.79 -20.18
CA ALA B 28 25.38 56.80 -18.93
C ALA B 28 24.48 56.55 -17.72
N LEU B 29 25.00 55.80 -16.74
CA LEU B 29 24.31 55.64 -15.47
C LEU B 29 24.45 56.96 -14.70
N PRO B 30 23.32 57.64 -14.39
CA PRO B 30 23.43 58.93 -13.73
C PRO B 30 23.90 58.78 -12.27
N SER B 31 25.19 59.02 -12.03
CA SER B 31 25.79 58.91 -10.70
C SER B 31 25.62 57.50 -10.12
N SER B 32 26.31 57.25 -8.99
CA SER B 32 26.21 55.97 -8.29
C SER B 32 27.12 55.89 -7.05
N SER B 33 26.89 56.80 -6.10
CA SER B 33 27.48 56.67 -4.77
C SER B 33 26.73 55.58 -3.98
N SER B 34 25.46 55.35 -4.35
CA SER B 34 24.62 54.32 -3.75
C SER B 34 25.36 52.99 -3.65
N VAL B 35 25.77 52.47 -4.80
CA VAL B 35 26.54 51.22 -4.82
C VAL B 35 27.91 51.46 -4.20
N LYS B 36 28.12 50.91 -3.01
CA LYS B 36 29.36 51.11 -2.27
C LYS B 36 30.48 50.27 -2.85
N ARG B 37 31.69 50.82 -2.84
CA ARG B 37 32.87 50.17 -3.40
C ARG B 37 34.01 49.96 -2.38
N LYS B 38 34.14 50.86 -1.42
CA LYS B 38 35.31 50.89 -0.55
C LYS B 38 35.50 49.58 0.22
N GLY B 39 36.76 49.16 0.35
CA GLY B 39 37.11 47.94 1.06
C GLY B 39 37.00 46.66 0.26
N LYS B 40 36.57 46.76 -1.00
CA LYS B 40 36.28 45.58 -1.82
C LYS B 40 37.47 45.07 -2.62
N GLY B 41 38.62 45.75 -2.53
CA GLY B 41 39.88 45.23 -3.08
C GLY B 41 40.04 45.37 -4.58
N VAL B 42 41.10 44.74 -5.10
CA VAL B 42 41.44 44.79 -6.51
C VAL B 42 40.70 43.68 -7.27
N THR B 43 40.27 44.00 -8.48
CA THR B 43 39.73 42.99 -9.41
C THR B 43 40.40 43.16 -10.78
N ILE B 44 40.47 42.08 -11.54
CA ILE B 44 40.99 42.12 -12.90
C ILE B 44 39.82 41.89 -13.86
N LEU B 45 39.76 42.70 -14.91
CA LEU B 45 38.77 42.52 -15.97
C LEU B 45 39.49 42.02 -17.23
N TRP B 46 39.16 40.79 -17.61
CA TRP B 46 39.80 40.11 -18.74
C TRP B 46 38.94 40.23 -20.00
N PHE B 47 39.39 41.05 -20.95
CA PHE B 47 38.69 41.27 -22.22
C PHE B 47 39.04 40.19 -23.23
N ARG B 48 38.04 39.78 -24.03
CA ARG B 48 38.26 38.85 -25.14
C ARG B 48 37.57 39.41 -26.39
N ASN B 49 36.33 38.99 -26.67
CA ASN B 49 35.58 39.57 -27.79
C ASN B 49 34.42 40.42 -27.29
N ASP B 50 34.75 41.31 -26.36
CA ASP B 50 33.78 42.18 -25.70
C ASP B 50 34.39 43.57 -25.54
N LEU B 51 34.96 44.06 -26.63
CA LEU B 51 35.84 45.23 -26.60
C LEU B 51 35.03 46.52 -26.66
N ARG B 52 34.32 46.79 -25.58
CA ARG B 52 33.48 47.97 -25.42
C ARG B 52 33.31 48.32 -23.94
N VAL B 53 32.93 49.55 -23.68
CA VAL B 53 32.48 49.97 -22.36
C VAL B 53 30.96 49.88 -22.23
N LEU B 54 30.20 50.34 -23.24
CA LEU B 54 28.73 50.32 -23.17
C LEU B 54 28.17 48.91 -22.93
N ASP B 55 27.08 48.82 -22.17
CA ASP B 55 26.32 47.58 -22.02
C ASP B 55 27.22 46.36 -21.75
N ASN B 56 28.17 46.52 -20.83
CA ASN B 56 29.13 45.49 -20.51
C ASN B 56 28.91 45.02 -19.07
N ASP B 57 28.28 43.87 -18.92
CA ASP B 57 27.97 43.30 -17.60
C ASP B 57 29.22 42.80 -16.85
N ALA B 58 30.24 42.38 -17.58
CA ALA B 58 31.50 41.97 -16.95
C ALA B 58 32.16 43.19 -16.31
N LEU B 59 32.21 44.30 -17.05
CA LEU B 59 32.74 45.57 -16.54
C LEU B 59 31.95 46.10 -15.35
N TYR B 60 30.62 46.06 -15.44
CA TYR B 60 29.77 46.57 -14.36
C TYR B 60 29.95 45.76 -13.08
N LYS B 61 29.93 44.43 -13.21
CA LYS B 61 30.10 43.55 -12.05
C LYS B 61 31.49 43.70 -11.42
N ALA B 62 32.52 43.79 -12.25
CA ALA B 62 33.88 44.04 -11.75
C ALA B 62 33.96 45.37 -10.96
N TRP B 63 33.34 46.41 -11.50
CA TRP B 63 33.30 47.72 -10.85
C TRP B 63 32.52 47.68 -9.52
N SER B 64 31.33 47.08 -9.52
CA SER B 64 30.49 47.06 -8.32
C SER B 64 31.05 46.19 -7.17
N SER B 65 31.92 45.24 -7.48
CA SER B 65 32.46 44.32 -6.46
C SER B 65 33.89 44.66 -6.03
N SER B 66 34.40 45.83 -6.43
CA SER B 66 35.80 46.19 -6.20
C SER B 66 35.93 47.66 -5.81
N ASP B 67 37.12 48.06 -5.36
CA ASP B 67 37.46 49.49 -5.24
C ASP B 67 38.53 49.93 -6.26
N THR B 68 39.12 48.97 -6.97
CA THR B 68 40.18 49.20 -7.95
C THR B 68 40.10 48.13 -9.06
N ILE B 69 40.21 48.55 -10.32
CA ILE B 69 40.05 47.63 -11.47
C ILE B 69 41.28 47.65 -12.37
N LEU B 70 41.78 46.47 -12.73
CA LEU B 70 42.85 46.31 -13.71
C LEU B 70 42.34 45.61 -14.98
N PRO B 71 41.95 46.40 -15.99
CA PRO B 71 41.55 45.81 -17.27
C PRO B 71 42.74 45.27 -18.06
N VAL B 72 42.59 44.08 -18.63
CA VAL B 72 43.68 43.42 -19.35
C VAL B 72 43.17 42.79 -20.65
N TYR B 73 43.95 42.93 -21.72
CA TYR B 73 43.76 42.14 -22.92
C TYR B 73 45.04 41.38 -23.24
N CYS B 74 44.93 40.07 -23.46
CA CYS B 74 46.06 39.23 -23.83
C CYS B 74 46.01 38.91 -25.32
N LEU B 75 47.06 39.26 -26.04
CA LEU B 75 47.20 38.85 -27.42
C LEU B 75 47.69 37.40 -27.43
N ASP B 76 46.75 36.48 -27.65
CA ASP B 76 46.97 35.04 -27.55
C ASP B 76 47.71 34.58 -28.81
N PRO B 77 48.89 33.95 -28.64
CA PRO B 77 49.64 33.53 -29.83
C PRO B 77 48.91 32.47 -30.68
N ARG B 78 48.02 31.69 -30.07
CA ARG B 78 47.24 30.69 -30.81
C ARG B 78 46.29 31.33 -31.82
N LEU B 79 45.96 32.59 -31.60
CA LEU B 79 45.09 33.35 -32.50
C LEU B 79 45.77 33.63 -33.83
N PHE B 80 47.09 33.46 -33.87
CA PHE B 80 47.85 33.72 -35.10
C PHE B 80 48.69 32.51 -35.53
N HIS B 81 48.20 31.31 -35.25
CA HIS B 81 48.74 30.09 -35.84
C HIS B 81 47.90 29.77 -37.07
N THR B 82 47.36 28.56 -37.19
CA THR B 82 46.63 28.17 -38.40
C THR B 82 45.25 27.57 -38.12
N THR B 83 44.45 27.43 -39.17
CA THR B 83 43.12 26.84 -39.06
C THR B 83 43.21 25.32 -38.84
N HIS B 84 42.12 24.74 -38.36
CA HIS B 84 42.14 23.39 -37.79
C HIS B 84 42.50 22.29 -38.79
N PHE B 85 41.69 22.11 -39.83
CA PHE B 85 41.86 21.00 -40.77
C PHE B 85 42.78 21.34 -41.95
N PHE B 86 42.69 22.56 -42.48
CA PHE B 86 43.40 22.93 -43.73
C PHE B 86 44.51 23.97 -43.59
N ASN B 87 44.79 24.39 -42.34
CA ASN B 87 45.98 25.16 -42.02
C ASN B 87 46.19 26.48 -42.79
N PHE B 88 45.11 27.25 -42.93
CA PHE B 88 45.20 28.63 -43.43
C PHE B 88 45.56 29.51 -42.23
N PRO B 89 45.96 30.76 -42.46
CA PRO B 89 46.19 31.63 -41.29
C PRO B 89 44.97 31.69 -40.37
N LYS B 90 45.20 31.48 -39.07
CA LYS B 90 44.11 31.49 -38.09
C LYS B 90 43.43 32.86 -38.07
N THR B 91 44.23 33.92 -38.24
CA THR B 91 43.71 35.28 -38.35
C THR B 91 44.38 36.02 -39.52
N GLY B 92 43.61 36.32 -40.55
CA GLY B 92 44.12 37.05 -41.72
C GLY B 92 44.51 38.48 -41.39
N ALA B 93 45.27 39.10 -42.31
CA ALA B 93 45.83 40.43 -42.09
C ALA B 93 44.78 41.51 -41.84
N LEU B 94 43.66 41.45 -42.59
CA LEU B 94 42.63 42.49 -42.48
C LEU B 94 41.90 42.45 -41.14
N ARG B 95 41.55 41.26 -40.66
CA ARG B 95 40.92 41.16 -39.34
C ARG B 95 41.92 41.51 -38.24
N GLY B 96 43.17 41.12 -38.42
CA GLY B 96 44.23 41.46 -37.49
C GLY B 96 44.37 42.96 -37.30
N GLY B 97 44.33 43.69 -38.40
CA GLY B 97 44.37 45.16 -38.37
C GLY B 97 43.16 45.74 -37.68
N PHE B 98 41.98 45.19 -37.98
CA PHE B 98 40.73 45.59 -37.34
C PHE B 98 40.82 45.38 -35.81
N LEU B 99 41.33 44.22 -35.40
CA LEU B 99 41.54 43.94 -33.97
C LEU B 99 42.41 45.00 -33.30
N MET B 100 43.53 45.38 -33.92
CA MET B 100 44.44 46.35 -33.31
C MET B 100 43.77 47.71 -33.16
N GLU B 101 42.96 48.10 -34.14
CA GLU B 101 42.18 49.34 -34.05
C GLU B 101 41.15 49.29 -32.92
N CYS B 102 40.51 48.14 -32.73
CA CYS B 102 39.56 47.97 -31.63
C CYS B 102 40.23 48.13 -30.26
N LEU B 103 41.46 47.62 -30.14
CA LEU B 103 42.22 47.69 -28.89
C LEU B 103 42.64 49.12 -28.56
N VAL B 104 43.12 49.85 -29.55
CA VAL B 104 43.49 51.26 -29.38
C VAL B 104 42.28 52.08 -28.95
N ASP B 105 41.12 51.83 -29.57
CA ASP B 105 39.89 52.56 -29.21
C ASP B 105 39.42 52.22 -27.80
N LEU B 106 39.48 50.94 -27.44
CA LEU B 106 39.07 50.50 -26.10
C LEU B 106 39.91 51.13 -24.99
N ARG B 107 41.23 51.15 -25.18
CA ARG B 107 42.14 51.81 -24.24
C ARG B 107 41.76 53.28 -24.08
N LYS B 108 41.54 53.95 -25.21
CA LYS B 108 41.09 55.34 -25.23
C LYS B 108 39.81 55.52 -24.42
N ASN B 109 38.80 54.71 -24.71
CA ASN B 109 37.49 54.85 -24.05
C ASN B 109 37.53 54.48 -22.56
N LEU B 110 38.39 53.53 -22.21
CA LEU B 110 38.62 53.20 -20.80
C LEU B 110 39.35 54.33 -20.07
N MET B 111 40.35 54.92 -20.73
CA MET B 111 41.08 56.05 -20.15
C MET B 111 40.15 57.23 -19.89
N LYS B 112 39.18 57.46 -20.77
CA LYS B 112 38.21 58.55 -20.58
C LYS B 112 37.26 58.31 -19.40
N ARG B 113 37.20 57.07 -18.91
CA ARG B 113 36.42 56.71 -17.70
C ARG B 113 37.30 56.59 -16.44
N GLY B 114 38.56 56.99 -16.52
CA GLY B 114 39.49 56.88 -15.38
C GLY B 114 40.18 55.53 -15.25
N LEU B 115 40.05 54.68 -16.27
CA LEU B 115 40.74 53.39 -16.28
C LEU B 115 41.88 53.38 -17.32
N ASN B 116 42.35 52.20 -17.68
CA ASN B 116 43.31 52.04 -18.77
C ASN B 116 43.21 50.58 -19.24
N LEU B 117 43.95 50.21 -20.28
CA LEU B 117 43.97 48.82 -20.76
C LEU B 117 45.39 48.28 -20.73
N LEU B 118 45.62 47.24 -19.93
CA LEU B 118 46.93 46.58 -19.89
C LEU B 118 47.00 45.57 -21.03
N ILE B 119 47.97 45.74 -21.93
CA ILE B 119 48.11 44.85 -23.08
C ILE B 119 49.39 44.03 -22.97
N ARG B 120 49.26 42.72 -23.08
CA ARG B 120 50.37 41.78 -22.99
C ARG B 120 50.25 40.74 -24.11
N SER B 121 51.39 40.28 -24.63
CA SER B 121 51.41 39.20 -25.62
C SER B 121 51.72 37.92 -24.89
N GLY B 122 50.83 36.94 -25.02
CA GLY B 122 51.02 35.65 -24.35
C GLY B 122 49.69 34.95 -24.08
N LYS B 123 49.78 33.76 -23.49
CA LYS B 123 48.63 32.96 -23.15
C LYS B 123 47.98 33.50 -21.86
N PRO B 124 46.65 33.72 -21.88
CA PRO B 124 45.95 34.20 -20.68
C PRO B 124 46.20 33.36 -19.42
N GLU B 125 46.27 32.04 -19.57
CA GLU B 125 46.50 31.15 -18.42
C GLU B 125 47.89 31.29 -17.79
N GLU B 126 48.83 31.93 -18.50
CA GLU B 126 50.13 32.26 -17.94
C GLU B 126 50.19 33.71 -17.43
N ILE B 127 49.57 34.62 -18.18
CA ILE B 127 49.57 36.04 -17.82
C ILE B 127 48.69 36.33 -16.60
N LEU B 128 47.44 35.86 -16.62
CA LEU B 128 46.45 36.30 -15.62
C LEU B 128 46.78 35.88 -14.18
N PRO B 129 47.15 34.61 -13.95
CA PRO B 129 47.51 34.22 -12.57
C PRO B 129 48.67 35.03 -11.99
N SER B 130 49.65 35.37 -12.82
CA SER B 130 50.78 36.21 -12.39
C SER B 130 50.31 37.61 -11.99
N LEU B 131 49.45 38.21 -12.80
CA LEU B 131 48.87 39.52 -12.47
C LEU B 131 48.01 39.46 -11.21
N ALA B 132 47.20 38.42 -11.09
CA ALA B 132 46.34 38.24 -9.92
C ALA B 132 47.17 38.24 -8.63
N LYS B 133 48.27 37.47 -8.65
CA LYS B 133 49.17 37.33 -7.51
C LYS B 133 49.87 38.65 -7.22
N ASP B 134 50.50 39.22 -8.24
CA ASP B 134 51.25 40.47 -8.08
C ASP B 134 50.39 41.64 -7.59
N PHE B 135 49.14 41.70 -8.05
CA PHE B 135 48.27 42.82 -7.69
C PHE B 135 47.25 42.47 -6.60
N GLY B 136 47.27 41.23 -6.13
CA GLY B 136 46.38 40.78 -5.06
C GLY B 136 44.90 40.84 -5.42
N ALA B 137 44.59 40.43 -6.66
CA ALA B 137 43.22 40.47 -7.16
C ALA B 137 42.39 39.37 -6.50
N ARG B 138 41.19 39.72 -6.05
CA ARG B 138 40.26 38.74 -5.47
C ARG B 138 39.56 37.92 -6.56
N THR B 139 39.39 38.53 -7.73
CA THR B 139 38.57 37.97 -8.79
C THR B 139 39.11 38.37 -10.15
N VAL B 140 38.87 37.51 -11.15
CA VAL B 140 39.05 37.86 -12.55
C VAL B 140 37.68 37.76 -13.20
N PHE B 141 37.18 38.86 -13.75
CA PHE B 141 35.89 38.86 -14.46
C PHE B 141 36.12 38.76 -15.96
N ALA B 142 35.24 38.03 -16.63
CA ALA B 142 35.27 37.88 -18.09
C ALA B 142 33.92 37.42 -18.60
N HIS B 143 33.68 37.59 -19.91
CA HIS B 143 32.49 37.04 -20.55
C HIS B 143 32.69 35.55 -20.86
N LYS B 144 31.63 34.78 -20.66
CA LYS B 144 31.59 33.36 -20.99
C LYS B 144 31.54 33.16 -22.51
N GLU B 145 32.35 32.23 -23.01
CA GLU B 145 32.28 31.83 -24.42
C GLU B 145 31.67 30.44 -24.53
N THR B 146 31.47 29.97 -25.77
CA THR B 146 30.71 28.74 -26.00
C THR B 146 31.46 27.63 -26.72
N CYS B 147 32.44 27.97 -27.56
CA CYS B 147 33.12 26.96 -28.40
C CYS B 147 34.38 26.37 -27.76
N SER B 148 34.75 25.17 -28.24
CA SER B 148 35.85 24.37 -27.69
C SER B 148 37.12 25.14 -27.33
N GLU B 149 37.65 25.91 -28.27
CA GLU B 149 38.94 26.58 -28.07
C GLU B 149 38.86 27.61 -26.95
N GLU B 150 37.78 28.38 -26.93
CA GLU B 150 37.58 29.45 -25.95
C GLU B 150 37.32 28.86 -24.56
N VAL B 151 36.51 27.81 -24.49
CA VAL B 151 36.20 27.17 -23.22
C VAL B 151 37.43 26.45 -22.64
N ASP B 152 38.32 25.96 -23.50
CA ASP B 152 39.59 25.37 -23.05
C ASP B 152 40.48 26.42 -22.37
N VAL B 153 40.51 27.62 -22.92
CA VAL B 153 41.27 28.71 -22.30
C VAL B 153 40.69 29.09 -20.94
N GLU B 154 39.35 29.10 -20.83
CA GLU B 154 38.67 29.30 -19.54
C GLU B 154 39.12 28.27 -18.49
N ARG B 155 39.14 26.99 -18.87
CA ARG B 155 39.63 25.91 -18.01
C ARG B 155 41.06 26.17 -17.53
N LEU B 156 41.94 26.48 -18.48
CA LEU B 156 43.37 26.68 -18.18
C LEU B 156 43.61 27.89 -17.29
N VAL B 157 42.86 28.97 -17.49
CA VAL B 157 42.95 30.13 -16.61
C VAL B 157 42.48 29.79 -15.20
N ASN B 158 41.33 29.13 -15.10
CA ASN B 158 40.79 28.73 -13.79
C ASN B 158 41.78 27.88 -12.99
N GLN B 159 42.36 26.88 -13.65
CA GLN B 159 43.33 25.99 -13.00
C GLN B 159 44.63 26.71 -12.64
N GLY B 160 45.03 27.68 -13.46
CA GLY B 160 46.21 28.50 -13.20
C GLY B 160 46.02 29.37 -11.98
N LEU B 161 44.82 29.91 -11.81
CA LEU B 161 44.48 30.67 -10.60
C LEU B 161 44.47 29.80 -9.35
N LYS B 162 43.94 28.58 -9.46
CA LYS B 162 43.95 27.63 -8.34
C LYS B 162 45.38 27.29 -7.92
N ARG B 163 46.29 27.22 -8.91
CA ARG B 163 47.67 26.82 -8.68
C ARG B 163 48.48 27.84 -7.88
N VAL B 164 48.21 29.12 -8.05
CA VAL B 164 48.85 30.15 -7.21
C VAL B 164 48.30 30.07 -5.78
N GLY B 165 47.04 29.69 -5.65
CA GLY B 165 46.40 29.50 -4.35
C GLY B 165 44.89 29.48 -4.47
N ASN B 166 44.20 29.39 -3.35
CA ASN B 166 42.76 29.60 -3.34
C ASN B 166 42.52 31.11 -3.44
N SER B 167 41.35 31.58 -3.01
CA SER B 167 41.04 33.02 -3.03
C SER B 167 40.71 33.55 -4.43
N THR B 168 41.72 33.74 -5.30
CA THR B 168 41.46 34.30 -6.66
C THR B 168 40.52 33.45 -7.51
N LYS B 169 39.34 33.98 -7.82
CA LYS B 169 38.31 33.24 -8.52
C LYS B 169 38.03 33.82 -9.91
N LEU B 170 37.82 32.93 -10.88
CA LEU B 170 37.39 33.34 -12.21
C LEU B 170 35.87 33.41 -12.21
N GLU B 171 35.34 34.58 -12.55
CA GLU B 171 33.89 34.78 -12.65
C GLU B 171 33.49 35.01 -14.12
N LEU B 172 32.80 34.03 -14.72
CA LEU B 172 32.39 34.12 -16.12
C LEU B 172 30.93 34.53 -16.26
N ILE B 173 30.69 35.59 -17.03
CA ILE B 173 29.39 36.23 -17.15
C ILE B 173 28.81 36.01 -18.54
N TRP B 174 27.55 35.62 -18.62
CA TRP B 174 26.89 35.46 -19.92
C TRP B 174 26.71 36.83 -20.56
N GLY B 175 27.04 36.92 -21.85
CA GLY B 175 26.73 38.11 -22.63
C GLY B 175 26.58 37.75 -24.10
N SER B 176 26.79 38.72 -24.97
CA SER B 176 26.79 38.51 -26.42
C SER B 176 25.40 38.55 -27.04
N THR B 177 24.42 37.88 -26.44
CA THR B 177 23.11 37.66 -27.08
C THR B 177 22.03 38.71 -26.76
N MET B 178 21.04 38.81 -27.65
CA MET B 178 19.91 39.73 -27.42
C MET B 178 18.94 39.19 -26.37
N TYR B 179 18.58 37.92 -26.49
CA TYR B 179 17.86 37.22 -25.43
C TYR B 179 18.87 36.50 -24.52
N HIS B 180 18.73 36.68 -23.21
CA HIS B 180 19.68 36.14 -22.23
C HIS B 180 19.44 34.64 -22.04
N LYS B 181 20.52 33.87 -21.99
CA LYS B 181 20.45 32.43 -21.76
C LYS B 181 19.54 32.03 -20.58
N ASP B 182 19.71 32.75 -19.47
CA ASP B 182 18.95 32.49 -18.24
C ASP B 182 17.45 32.78 -18.35
N ASP B 183 17.04 33.52 -19.38
CA ASP B 183 15.65 33.91 -19.59
C ASP B 183 14.89 33.01 -20.58
N LEU B 184 15.58 32.09 -21.24
CA LEU B 184 14.96 31.28 -22.29
C LEU B 184 13.87 30.37 -21.72
N PRO B 185 12.87 30.01 -22.54
CA PRO B 185 11.80 29.10 -22.13
C PRO B 185 12.20 27.61 -22.23
N PHE B 186 13.49 27.36 -22.40
CA PHE B 186 14.04 25.99 -22.42
C PHE B 186 15.52 26.05 -22.10
N ASP B 187 16.09 24.96 -21.55
CA ASP B 187 17.54 24.86 -21.44
C ASP B 187 18.08 24.61 -22.83
N VAL B 188 19.33 25.02 -23.05
CA VAL B 188 19.93 24.97 -24.38
C VAL B 188 20.08 23.54 -24.91
N PHE B 189 20.15 22.56 -24.02
CA PHE B 189 20.15 21.15 -24.45
C PHE B 189 18.86 20.77 -25.19
N ASP B 190 17.79 21.52 -24.93
CA ASP B 190 16.51 21.31 -25.59
C ASP B 190 16.15 22.45 -26.56
N LEU B 191 17.17 23.15 -27.06
CA LEU B 191 16.95 24.21 -28.05
C LEU B 191 16.25 23.63 -29.28
N PRO B 192 15.17 24.28 -29.76
CA PRO B 192 14.52 23.72 -30.96
C PRO B 192 15.49 23.60 -32.14
N ASP B 193 15.39 22.49 -32.89
CA ASP B 193 16.23 22.28 -34.07
C ASP B 193 15.76 23.05 -35.29
N VAL B 194 14.61 23.73 -35.18
CA VAL B 194 14.10 24.62 -36.23
C VAL B 194 14.07 26.06 -35.71
N TYR B 195 14.74 26.96 -36.42
CA TYR B 195 14.84 28.37 -36.02
C TYR B 195 13.47 29.02 -35.75
N THR B 196 12.50 28.77 -36.62
CA THR B 196 11.18 29.38 -36.51
C THR B 196 10.52 29.05 -35.14
N GLN B 197 10.70 27.82 -34.67
CA GLN B 197 10.14 27.44 -33.36
C GLN B 197 10.89 28.19 -32.23
N PHE B 198 12.22 28.28 -32.36
CA PHE B 198 13.03 29.07 -31.43
C PHE B 198 12.56 30.53 -31.38
N ARG B 199 12.48 31.17 -32.55
CA ARG B 199 12.07 32.57 -32.65
C ARG B 199 10.68 32.81 -32.04
N LYS B 200 9.69 32.03 -32.49
CA LYS B 200 8.33 32.16 -31.98
C LYS B 200 8.27 31.99 -30.46
N SER B 201 9.03 31.04 -29.93
CA SER B 201 9.09 30.82 -28.48
C SER B 201 9.66 32.03 -27.72
N VAL B 202 10.83 32.52 -28.12
CA VAL B 202 11.45 33.66 -27.44
C VAL B 202 10.61 34.95 -27.59
N GLU B 203 10.05 35.20 -28.77
CA GLU B 203 9.21 36.38 -28.98
C GLU B 203 7.94 36.36 -28.12
N ALA B 204 7.36 35.17 -27.94
CA ALA B 204 6.15 35.01 -27.15
C ALA B 204 6.43 35.04 -25.64
N LYS B 205 7.51 34.37 -25.21
CA LYS B 205 7.75 34.10 -23.78
C LYS B 205 8.88 34.87 -23.09
N CYS B 206 9.68 35.63 -23.85
CA CYS B 206 10.82 36.34 -23.26
C CYS B 206 10.76 37.84 -23.47
N SER B 207 11.35 38.57 -22.54
CA SER B 207 11.61 40.00 -22.70
C SER B 207 13.08 40.20 -23.02
N ILE B 208 13.37 41.23 -23.81
CA ILE B 208 14.75 41.64 -24.04
C ILE B 208 15.10 42.59 -22.89
N ARG B 209 16.22 42.34 -22.22
CA ARG B 209 16.60 43.16 -21.08
C ARG B 209 17.04 44.54 -21.57
N SER B 210 16.85 45.54 -20.71
CA SER B 210 17.44 46.86 -20.93
C SER B 210 18.94 46.72 -20.93
N SER B 211 19.64 47.56 -21.70
CA SER B 211 21.10 47.56 -21.68
C SER B 211 21.59 48.02 -20.30
N THR B 212 22.71 47.46 -19.87
CA THR B 212 23.32 47.81 -18.60
C THR B 212 23.98 49.17 -18.72
N ARG B 213 23.62 50.10 -17.83
CA ARG B 213 24.12 51.47 -17.88
C ARG B 213 25.39 51.56 -17.05
N ILE B 214 26.37 52.28 -17.58
CA ILE B 214 27.71 52.33 -17.01
C ILE B 214 27.99 53.75 -16.53
N PRO B 215 28.55 53.92 -15.32
CA PRO B 215 28.93 55.27 -14.87
C PRO B 215 30.04 55.89 -15.72
N LEU B 216 30.10 57.22 -15.73
CA LEU B 216 31.16 57.93 -16.47
C LEU B 216 32.52 57.89 -15.75
N SER B 217 32.49 57.61 -14.45
CA SER B 217 33.71 57.51 -13.65
C SER B 217 33.85 56.09 -13.09
N LEU B 218 34.85 55.36 -13.59
CA LEU B 218 35.09 53.98 -13.19
C LEU B 218 36.41 53.77 -12.44
N GLY B 219 37.25 54.80 -12.35
CA GLY B 219 38.58 54.67 -11.74
C GLY B 219 38.53 54.44 -10.23
N PRO B 220 39.69 54.14 -9.62
CA PRO B 220 41.01 54.08 -10.23
C PRO B 220 41.45 52.67 -10.68
N THR B 221 42.60 52.63 -11.34
CA THR B 221 43.34 51.40 -11.60
C THR B 221 44.41 51.28 -10.52
N PRO B 222 45.10 50.13 -10.44
CA PRO B 222 46.31 50.08 -9.64
C PRO B 222 47.43 50.90 -10.27
N SER B 223 48.52 51.08 -9.55
CA SER B 223 49.71 51.69 -10.12
C SER B 223 50.39 50.64 -10.99
N VAL B 224 50.54 50.94 -12.28
CA VAL B 224 51.12 50.01 -13.25
C VAL B 224 52.32 50.67 -13.93
N ASP B 225 53.44 49.96 -13.96
CA ASP B 225 54.69 50.49 -14.52
C ASP B 225 54.62 50.63 -16.05
N ASP B 226 54.12 49.60 -16.71
CA ASP B 226 54.03 49.59 -18.17
C ASP B 226 52.68 49.04 -18.60
N TRP B 227 51.83 49.92 -19.12
CA TRP B 227 50.51 49.50 -19.62
C TRP B 227 50.60 48.67 -20.90
N GLY B 228 51.75 48.74 -21.57
CA GLY B 228 52.04 47.88 -22.72
C GLY B 228 51.76 48.56 -24.03
N ASP B 229 52.57 48.26 -25.03
CA ASP B 229 52.34 48.80 -26.36
C ASP B 229 51.45 47.86 -27.16
N VAL B 230 50.90 48.40 -28.24
CA VAL B 230 50.08 47.62 -29.16
C VAL B 230 51.03 46.88 -30.08
N PRO B 231 50.94 45.54 -30.09
CA PRO B 231 51.87 44.78 -30.95
C PRO B 231 51.58 45.00 -32.43
N THR B 232 52.63 45.09 -33.23
CA THR B 232 52.48 45.19 -34.68
C THR B 232 52.12 43.82 -35.23
N LEU B 233 51.42 43.80 -36.36
CA LEU B 233 51.12 42.55 -37.07
C LEU B 233 52.38 41.79 -37.47
N GLU B 234 53.45 42.53 -37.75
CA GLU B 234 54.70 41.94 -38.23
C GLU B 234 55.36 41.11 -37.12
N LYS B 235 55.31 41.60 -35.89
CA LYS B 235 55.78 40.82 -34.71
C LYS B 235 55.05 39.49 -34.59
N LEU B 236 53.77 39.47 -34.94
CA LEU B 236 52.94 38.27 -34.84
C LEU B 236 53.02 37.37 -36.07
N GLY B 237 53.85 37.73 -37.05
CA GLY B 237 54.05 36.92 -38.24
C GLY B 237 53.02 37.15 -39.34
N VAL B 238 52.38 38.32 -39.32
CA VAL B 238 51.38 38.69 -40.33
C VAL B 238 51.83 39.94 -41.07
N GLU B 239 51.88 39.87 -42.40
CA GLU B 239 52.21 41.04 -43.20
C GLU B 239 50.99 41.94 -43.29
N PRO B 240 51.12 43.22 -42.87
CA PRO B 240 50.01 44.17 -43.00
C PRO B 240 49.42 44.20 -44.40
N GLN B 241 48.11 44.44 -44.47
CA GLN B 241 47.39 44.50 -45.73
C GLN B 241 46.42 45.66 -45.66
N GLU B 242 46.32 46.44 -46.73
CA GLU B 242 45.38 47.54 -46.80
C GLU B 242 44.26 47.25 -47.79
N VAL B 243 43.11 47.88 -47.58
CA VAL B 243 41.98 47.73 -48.47
C VAL B 243 42.17 48.66 -49.67
N THR B 244 42.31 48.06 -50.85
CA THR B 244 42.59 48.81 -52.08
C THR B 244 41.34 49.17 -52.90
N ARG B 245 40.20 48.58 -52.54
CA ARG B 245 38.93 48.85 -53.23
C ARG B 245 37.77 48.36 -52.35
N GLY B 246 36.62 49.03 -52.44
CA GLY B 246 35.43 48.63 -51.68
C GLY B 246 35.43 49.12 -50.24
N MET B 247 34.74 48.38 -49.37
CA MET B 247 34.47 48.85 -48.01
C MET B 247 35.68 48.71 -47.08
N ARG B 248 35.97 49.79 -46.36
CA ARG B 248 37.07 49.86 -45.40
C ARG B 248 36.49 50.08 -44.00
N PHE B 249 36.28 48.98 -43.27
CA PHE B 249 35.71 49.03 -41.93
C PHE B 249 36.71 49.60 -40.91
N VAL B 250 36.23 50.49 -40.04
CA VAL B 250 37.09 51.14 -39.03
C VAL B 250 36.87 50.50 -37.67
N GLY B 251 37.93 49.95 -37.07
CA GLY B 251 37.82 49.22 -35.82
C GLY B 251 37.46 50.09 -34.62
N GLY B 252 36.73 49.49 -33.68
CA GLY B 252 36.50 50.09 -32.36
C GLY B 252 35.06 50.39 -32.06
N GLU B 253 34.76 50.49 -30.76
CA GLU B 253 33.43 50.86 -30.27
C GLU B 253 32.96 52.21 -30.78
N SER B 254 33.85 53.20 -30.84
CA SER B 254 33.46 54.53 -31.32
C SER B 254 32.93 54.45 -32.75
N ALA B 255 33.70 53.80 -33.63
CA ALA B 255 33.28 53.64 -35.02
C ALA B 255 31.96 52.84 -35.14
N GLY B 256 31.83 51.81 -34.30
CA GLY B 256 30.63 50.95 -34.29
C GLY B 256 29.37 51.72 -33.94
N VAL B 257 29.42 52.51 -32.87
CA VAL B 257 28.27 53.34 -32.49
C VAL B 257 28.03 54.45 -33.52
N GLY B 258 29.10 54.86 -34.20
CA GLY B 258 29.00 55.78 -35.34
C GLY B 258 28.19 55.22 -36.50
N ARG B 259 28.41 53.94 -36.81
CA ARG B 259 27.70 53.27 -37.89
C ARG B 259 26.23 53.05 -37.55
N VAL B 260 25.92 52.74 -36.29
CA VAL B 260 24.52 52.69 -35.86
C VAL B 260 23.86 54.05 -36.11
N PHE B 261 24.54 55.13 -35.71
CA PHE B 261 24.06 56.49 -35.95
C PHE B 261 23.87 56.77 -37.44
N GLU B 262 24.90 56.45 -38.23
CA GLU B 262 24.87 56.67 -39.68
C GLU B 262 23.73 55.93 -40.37
N TYR B 263 23.61 54.63 -40.10
CA TYR B 263 22.63 53.80 -40.80
C TYR B 263 21.19 54.12 -40.40
N PHE B 264 20.94 54.18 -39.08
CA PHE B 264 19.60 54.46 -38.56
C PHE B 264 19.21 55.93 -38.76
N TRP B 265 19.99 56.83 -38.20
CA TRP B 265 19.58 58.22 -38.02
C TRP B 265 20.00 59.15 -39.15
N LYS B 266 21.28 59.20 -39.49
CA LYS B 266 21.75 60.11 -40.54
C LYS B 266 21.05 59.83 -41.87
N LYS B 267 21.06 58.57 -42.28
CA LYS B 267 20.57 58.18 -43.61
C LYS B 267 19.12 57.68 -43.63
N ASP B 268 18.56 57.37 -42.46
CA ASP B 268 17.15 56.96 -42.36
C ASP B 268 16.87 55.67 -43.13
N LEU B 269 17.83 54.75 -43.15
CA LEU B 269 17.73 53.54 -43.97
C LEU B 269 17.12 52.33 -43.26
N LEU B 270 17.04 52.38 -41.94
CA LEU B 270 16.48 51.26 -41.18
C LEU B 270 15.07 50.91 -41.68
N LYS B 271 14.28 51.93 -42.02
CA LYS B 271 12.89 51.70 -42.46
C LYS B 271 12.73 51.02 -43.82
N VAL B 272 13.82 50.84 -44.57
CA VAL B 272 13.80 50.06 -45.82
C VAL B 272 14.73 48.85 -45.78
N TYR B 273 15.28 48.55 -44.61
CA TYR B 273 16.29 47.50 -44.48
C TYR B 273 15.87 46.15 -45.11
N LYS B 274 14.63 45.72 -44.86
CA LYS B 274 14.15 44.45 -45.41
C LYS B 274 14.06 44.46 -46.93
N GLU B 275 13.77 45.62 -47.54
CA GLU B 275 13.70 45.75 -49.00
C GLU B 275 15.08 45.63 -49.67
N THR B 276 16.12 46.10 -48.99
CA THR B 276 17.46 46.26 -49.58
C THR B 276 18.48 45.20 -49.18
N ARG B 277 18.17 44.41 -48.15
CA ARG B 277 19.18 43.57 -47.48
C ARG B 277 19.79 42.43 -48.30
N ASN B 278 19.20 42.11 -49.45
CA ASN B 278 19.76 41.09 -50.36
C ASN B 278 20.66 41.68 -51.45
N GLY B 279 21.02 42.94 -51.32
CA GLY B 279 21.95 43.59 -52.25
C GLY B 279 23.38 43.09 -52.06
N MET B 280 24.27 43.48 -52.96
CA MET B 280 25.69 43.09 -52.86
C MET B 280 26.71 44.23 -53.00
N LEU B 281 26.30 45.35 -53.59
CA LEU B 281 27.21 46.47 -53.87
C LEU B 281 26.98 47.68 -52.95
N GLY B 282 28.03 48.11 -52.25
CA GLY B 282 28.01 49.34 -51.47
C GLY B 282 27.62 49.19 -50.01
N PRO B 283 27.88 50.23 -49.20
CA PRO B 283 27.56 50.18 -47.77
C PRO B 283 26.07 50.28 -47.43
N ASP B 284 25.28 50.96 -48.28
CA ASP B 284 23.90 51.35 -47.97
C ASP B 284 22.87 50.21 -47.79
N TYR B 285 23.09 49.05 -48.42
CA TYR B 285 22.03 48.03 -48.53
C TYR B 285 21.69 47.26 -47.24
N SER B 286 22.55 47.33 -46.23
CA SER B 286 22.32 46.65 -44.96
C SER B 286 23.05 47.38 -43.82
N THR B 287 22.92 46.88 -42.59
CA THR B 287 23.43 47.60 -41.44
C THR B 287 24.95 47.65 -41.41
N LYS B 288 25.57 46.59 -41.93
CA LYS B 288 27.03 46.37 -41.83
C LYS B 288 27.53 46.41 -40.39
N PHE B 289 26.68 46.01 -39.44
CA PHE B 289 27.07 45.97 -38.02
C PHE B 289 28.01 44.80 -37.69
N SER B 290 28.07 43.78 -38.53
CA SER B 290 28.66 42.49 -38.13
C SER B 290 30.09 42.53 -37.58
N PRO B 291 30.99 43.30 -38.21
CA PRO B 291 32.35 43.29 -37.66
C PRO B 291 32.44 43.82 -36.23
N TRP B 292 31.64 44.83 -35.91
CA TRP B 292 31.60 45.38 -34.56
C TRP B 292 30.91 44.43 -33.57
N LEU B 293 29.89 43.72 -34.04
CA LEU B 293 29.21 42.71 -33.21
C LEU B 293 30.15 41.53 -32.89
N ALA B 294 30.91 41.09 -33.89
CA ALA B 294 31.83 39.96 -33.72
C ALA B 294 32.89 40.22 -32.65
N PHE B 295 33.45 41.42 -32.64
CA PHE B 295 34.44 41.81 -31.62
C PHE B 295 33.82 42.34 -30.32
N GLY B 296 32.50 42.43 -30.26
CA GLY B 296 31.80 42.97 -29.10
C GLY B 296 31.97 44.46 -28.90
N CYS B 297 32.29 45.19 -29.98
CA CYS B 297 32.40 46.64 -29.94
C CYS B 297 31.04 47.31 -29.75
N ILE B 298 29.99 46.62 -30.21
CA ILE B 298 28.61 46.97 -29.91
C ILE B 298 27.85 45.71 -29.49
N SER B 299 26.70 45.90 -28.85
CA SER B 299 25.91 44.77 -28.35
C SER B 299 24.48 44.84 -28.87
N PRO B 300 23.82 43.69 -29.02
CA PRO B 300 22.42 43.68 -29.49
C PRO B 300 21.38 44.34 -28.58
N ARG B 301 21.60 44.36 -27.26
CA ARG B 301 20.66 45.06 -26.36
C ARG B 301 20.66 46.57 -26.60
N PHE B 302 21.84 47.12 -26.87
CA PHE B 302 21.97 48.53 -27.26
C PHE B 302 21.32 48.80 -28.61
N ILE B 303 21.54 47.89 -29.57
CA ILE B 303 20.92 48.01 -30.89
C ILE B 303 19.39 47.98 -30.79
N TYR B 304 18.86 47.07 -29.97
CA TYR B 304 17.42 47.02 -29.73
C TYR B 304 16.86 48.33 -29.16
N GLU B 305 17.58 48.92 -28.20
CA GLU B 305 17.18 50.21 -27.62
C GLU B 305 17.18 51.34 -28.65
N GLU B 306 18.13 51.30 -29.58
CA GLU B 306 18.18 52.26 -30.69
C GLU B 306 17.07 52.02 -31.72
N VAL B 307 16.71 50.76 -31.94
CA VAL B 307 15.56 50.41 -32.79
C VAL B 307 14.24 50.90 -32.18
N GLN B 308 14.06 50.70 -30.88
CA GLN B 308 12.89 51.21 -30.16
C GLN B 308 12.77 52.73 -30.34
N ARG B 309 13.87 53.44 -30.16
CA ARG B 309 13.85 54.91 -30.27
C ARG B 309 13.54 55.35 -31.70
N TYR B 310 14.12 54.67 -32.70
CA TYR B 310 13.81 54.92 -34.12
C TYR B 310 12.34 54.68 -34.42
N GLU B 311 11.78 53.61 -33.87
CA GLU B 311 10.37 53.29 -34.08
C GLU B 311 9.44 54.36 -33.48
N LYS B 312 9.95 55.10 -32.50
CA LYS B 312 9.24 56.20 -31.85
C LYS B 312 9.48 57.53 -32.56
N GLU B 313 10.74 57.83 -32.86
CA GLU B 313 11.11 59.13 -33.43
C GLU B 313 11.01 59.22 -34.97
N ARG B 314 10.96 58.06 -35.65
CA ARG B 314 10.94 58.02 -37.13
C ARG B 314 9.75 57.17 -37.65
N VAL B 315 9.94 55.85 -37.75
CA VAL B 315 8.90 54.93 -38.25
C VAL B 315 9.09 53.50 -37.74
N ALA B 316 7.96 52.81 -37.53
CA ALA B 316 7.96 51.38 -37.26
C ALA B 316 7.24 50.65 -38.40
N ASN B 317 7.88 49.62 -38.94
CA ASN B 317 7.28 48.80 -40.00
C ASN B 317 7.95 47.43 -40.05
N ASN B 318 7.81 46.71 -41.17
CA ASN B 318 8.40 45.39 -41.30
C ASN B 318 9.92 45.38 -41.34
N SER B 319 10.52 46.47 -41.83
CA SER B 319 11.98 46.59 -41.89
C SER B 319 12.62 46.83 -40.53
N THR B 320 11.99 47.64 -39.69
CA THR B 320 12.50 47.90 -38.35
C THR B 320 12.43 46.63 -37.51
N TYR B 321 11.35 45.87 -37.66
CA TYR B 321 11.27 44.55 -37.07
C TYR B 321 12.35 43.60 -37.63
N TRP B 322 12.54 43.62 -38.95
CA TRP B 322 13.42 42.62 -39.59
C TRP B 322 14.85 42.64 -39.10
N VAL B 323 15.37 43.81 -38.72
CA VAL B 323 16.72 43.87 -38.14
C VAL B 323 16.78 43.01 -36.85
N LEU B 324 15.70 43.01 -36.07
CA LEU B 324 15.60 42.18 -34.86
C LEU B 324 15.49 40.70 -35.22
N PHE B 325 14.68 40.38 -36.24
CA PHE B 325 14.58 39.03 -36.80
C PHE B 325 15.97 38.45 -37.09
N GLU B 326 16.82 39.25 -37.72
CA GLU B 326 18.17 38.81 -38.09
C GLU B 326 19.09 38.68 -36.88
N LEU B 327 19.01 39.62 -35.94
CA LEU B 327 19.73 39.49 -34.67
C LEU B 327 19.30 38.24 -33.89
N ILE B 328 18.04 37.83 -34.05
CA ILE B 328 17.57 36.58 -33.42
C ILE B 328 18.23 35.35 -34.05
N TRP B 329 18.54 35.42 -35.35
CA TRP B 329 19.34 34.39 -36.01
C TRP B 329 20.73 34.28 -35.38
N ARG B 330 21.34 35.43 -35.09
CA ARG B 330 22.62 35.46 -34.41
C ARG B 330 22.57 34.77 -33.03
N ASP B 331 21.55 35.09 -32.22
CA ASP B 331 21.31 34.38 -30.93
C ASP B 331 21.16 32.88 -31.12
N TYR B 332 20.36 32.49 -32.12
CA TYR B 332 20.08 31.08 -32.37
C TYR B 332 21.34 30.27 -32.63
N PHE B 333 22.21 30.77 -33.50
CA PHE B 333 23.45 30.06 -33.80
C PHE B 333 24.38 30.00 -32.56
N ARG B 334 24.35 31.03 -31.73
CA ARG B 334 25.14 31.04 -30.50
C ARG B 334 24.67 29.92 -29.56
N PHE B 335 23.36 29.85 -29.34
CA PHE B 335 22.80 28.82 -28.46
C PHE B 335 22.96 27.43 -29.07
N LEU B 336 22.83 27.33 -30.40
CA LEU B 336 23.04 26.07 -31.11
C LEU B 336 24.48 25.54 -30.95
N SER B 337 25.46 26.44 -30.83
CA SER B 337 26.85 26.02 -30.63
C SER B 337 27.02 25.24 -29.32
N ILE B 338 26.24 25.60 -28.30
CA ILE B 338 26.25 24.87 -27.04
C ILE B 338 25.59 23.51 -27.18
N LYS B 339 24.44 23.47 -27.85
CA LYS B 339 23.73 22.22 -28.05
C LYS B 339 24.53 21.23 -28.88
N CYS B 340 25.18 21.73 -29.93
CA CYS B 340 25.89 20.87 -30.89
C CYS B 340 27.32 20.51 -30.49
N GLY B 341 27.96 21.36 -29.68
CA GLY B 341 29.37 21.19 -29.35
C GLY B 341 30.21 21.09 -30.61
N ASN B 342 31.16 20.18 -30.62
CA ASN B 342 32.13 20.06 -31.71
C ASN B 342 31.56 19.46 -33.00
N SER B 343 30.35 18.92 -32.94
CA SER B 343 29.66 18.43 -34.14
C SER B 343 29.40 19.57 -35.15
N LEU B 344 29.40 20.80 -34.65
CA LEU B 344 29.35 21.99 -35.49
C LEU B 344 30.51 22.09 -36.47
N PHE B 345 31.65 21.47 -36.13
CA PHE B 345 32.87 21.55 -36.93
C PHE B 345 33.19 20.29 -37.73
N HIS B 346 32.40 19.23 -37.53
CA HIS B 346 32.67 17.96 -38.16
C HIS B 346 32.03 17.89 -39.55
N LEU B 347 32.64 17.11 -40.44
CA LEU B 347 32.19 16.98 -41.83
C LEU B 347 30.70 16.66 -41.92
N GLY B 348 30.24 15.71 -41.11
CA GLY B 348 28.84 15.30 -41.12
C GLY B 348 27.89 16.22 -40.38
N GLY B 349 28.44 17.18 -39.63
CA GLY B 349 27.62 18.15 -38.89
C GLY B 349 26.88 17.53 -37.73
N PRO B 350 25.98 18.31 -37.10
CA PRO B 350 25.12 17.84 -36.00
C PRO B 350 24.40 16.51 -36.26
N ARG B 351 23.98 16.27 -37.50
CA ARG B 351 23.24 15.05 -37.83
C ARG B 351 24.17 13.87 -38.22
N ASN B 352 25.47 14.13 -38.29
CA ASN B 352 26.46 13.12 -38.65
C ASN B 352 26.14 12.43 -40.00
N VAL B 353 26.00 13.25 -41.04
CA VAL B 353 25.71 12.77 -42.39
C VAL B 353 26.96 12.12 -43.01
N ASN B 354 26.76 11.04 -43.78
CA ASN B 354 27.87 10.18 -44.22
C ASN B 354 28.36 10.36 -45.67
N GLY B 355 27.91 11.41 -46.35
CA GLY B 355 28.22 11.63 -47.78
C GLY B 355 29.68 11.58 -48.22
N LYS B 356 29.92 11.88 -49.51
CA LYS B 356 31.27 11.84 -50.10
C LYS B 356 31.71 13.22 -50.56
N TRP B 357 32.93 13.63 -50.17
CA TRP B 357 33.39 15.00 -50.38
C TRP B 357 34.85 15.11 -50.80
N SER B 358 35.08 15.76 -51.95
CA SER B 358 36.43 15.99 -52.46
C SER B 358 37.14 17.11 -51.72
N GLN B 359 38.47 17.01 -51.67
CA GLN B 359 39.31 18.09 -51.15
C GLN B 359 40.34 18.52 -52.21
N ASP B 360 39.91 18.51 -53.47
CA ASP B 360 40.79 18.81 -54.61
C ASP B 360 41.35 20.23 -54.51
N GLN B 361 42.68 20.33 -54.42
CA GLN B 361 43.35 21.60 -54.18
C GLN B 361 43.18 22.57 -55.35
N LYS B 362 43.20 22.06 -56.58
CA LYS B 362 43.02 22.88 -57.77
C LYS B 362 41.65 23.55 -57.81
N LEU B 363 40.60 22.77 -57.56
CA LEU B 363 39.24 23.31 -57.55
C LEU B 363 39.08 24.36 -56.47
N PHE B 364 39.53 24.05 -55.25
CA PHE B 364 39.42 24.98 -54.13
C PHE B 364 40.11 26.32 -54.44
N GLU B 365 41.28 26.28 -55.06
CA GLU B 365 42.04 27.50 -55.36
C GLU B 365 41.36 28.41 -56.38
N SER B 366 40.65 27.85 -57.36
CA SER B 366 39.91 28.66 -58.32
C SER B 366 38.72 29.39 -57.66
N TRP B 367 38.18 28.78 -56.60
CA TRP B 367 37.14 29.41 -55.78
C TRP B 367 37.76 30.50 -54.92
N ARG B 368 38.80 30.14 -54.18
CA ARG B 368 39.54 31.07 -53.32
C ARG B 368 40.05 32.31 -54.07
N ASP B 369 40.66 32.09 -55.23
CA ASP B 369 41.31 33.17 -56.01
C ASP B 369 40.42 33.84 -57.05
N ALA B 370 39.11 33.57 -57.00
CA ALA B 370 38.15 34.22 -57.91
C ALA B 370 38.46 33.94 -59.38
N LYS B 371 38.60 32.66 -59.72
CA LYS B 371 38.86 32.24 -61.09
C LYS B 371 37.99 31.04 -61.48
N THR B 372 36.73 31.08 -61.05
CA THR B 372 35.77 30.01 -61.36
C THR B 372 35.22 30.12 -62.79
N GLY B 373 35.30 31.34 -63.35
CA GLY B 373 34.71 31.62 -64.66
C GLY B 373 33.25 32.06 -64.59
N TYR B 374 32.72 32.16 -63.37
CA TYR B 374 31.36 32.66 -63.13
C TYR B 374 31.46 34.00 -62.41
N PRO B 375 31.23 35.11 -63.14
CA PRO B 375 31.37 36.46 -62.61
C PRO B 375 30.76 36.69 -61.22
N LEU B 376 29.56 36.17 -60.99
CA LEU B 376 28.89 36.35 -59.70
C LEU B 376 29.69 35.74 -58.56
N ILE B 377 30.26 34.56 -58.79
CA ILE B 377 31.06 33.87 -57.79
C ILE B 377 32.40 34.59 -57.59
N ASP B 378 33.08 34.90 -58.68
CA ASP B 378 34.40 35.51 -58.64
C ASP B 378 34.41 36.90 -58.00
N ALA B 379 33.40 37.71 -58.31
CA ALA B 379 33.30 39.05 -57.73
C ALA B 379 33.14 38.99 -56.20
N ASN B 380 32.32 38.05 -55.72
CA ASN B 380 32.13 37.86 -54.28
C ASN B 380 33.39 37.41 -53.56
N MET B 381 34.09 36.44 -54.15
CA MET B 381 35.33 35.94 -53.56
C MET B 381 36.43 37.00 -53.56
N LYS B 382 36.45 37.83 -54.61
CA LYS B 382 37.40 38.94 -54.70
C LYS B 382 37.10 40.00 -53.62
N GLU B 383 35.82 40.34 -53.46
CA GLU B 383 35.40 41.28 -52.40
C GLU B 383 35.87 40.79 -51.02
N LEU B 384 35.65 39.50 -50.74
CA LEU B 384 36.07 38.90 -49.46
C LEU B 384 37.56 39.07 -49.20
N SER B 385 38.40 38.73 -50.19
CA SER B 385 39.84 38.76 -50.00
C SER B 385 40.42 40.18 -49.99
N THR B 386 39.70 41.12 -50.63
CA THR B 386 40.11 42.52 -50.68
C THR B 386 39.63 43.35 -49.48
N THR B 387 38.48 42.98 -48.90
CA THR B 387 37.87 43.79 -47.84
C THR B 387 37.64 43.06 -46.51
N GLY B 388 37.62 41.73 -46.53
CA GLY B 388 37.25 40.95 -45.34
C GLY B 388 35.74 40.95 -45.06
N PHE B 389 34.95 41.34 -46.05
CA PHE B 389 33.50 41.30 -45.96
C PHE B 389 32.88 40.75 -47.25
N MET B 390 31.73 40.10 -47.13
CA MET B 390 30.92 39.67 -48.28
C MET B 390 29.45 39.83 -47.90
N SER B 391 28.61 40.23 -48.85
CA SER B 391 27.17 40.34 -48.60
C SER B 391 26.60 39.01 -48.10
N ASN B 392 25.55 39.07 -47.29
CA ASN B 392 24.80 37.86 -46.89
C ASN B 392 24.32 37.07 -48.11
N ARG B 393 23.81 37.78 -49.11
CA ARG B 393 23.35 37.15 -50.33
C ARG B 393 24.50 36.38 -50.98
N GLY B 394 25.65 37.05 -51.12
CA GLY B 394 26.83 36.41 -51.68
C GLY B 394 27.32 35.20 -50.90
N ARG B 395 27.35 35.29 -49.57
CA ARG B 395 27.84 34.18 -48.75
C ARG B 395 27.02 32.91 -48.97
N GLN B 396 25.71 33.06 -49.09
CA GLN B 396 24.82 31.93 -49.35
C GLN B 396 25.13 31.31 -50.71
N ILE B 397 25.34 32.17 -51.71
CA ILE B 397 25.58 31.73 -53.09
C ILE B 397 26.92 31.00 -53.22
N VAL B 398 28.00 31.58 -52.70
CA VAL B 398 29.32 30.95 -52.81
C VAL B 398 29.41 29.65 -52.01
N CYS B 399 28.67 29.58 -50.90
CA CYS B 399 28.55 28.34 -50.13
C CYS B 399 27.89 27.25 -50.98
N SER B 400 26.72 27.57 -51.53
CA SER B 400 26.01 26.66 -52.43
C SER B 400 26.87 26.19 -53.60
N PHE B 401 27.61 27.13 -54.19
CA PHE B 401 28.47 26.81 -55.33
C PHE B 401 29.60 25.84 -54.96
N LEU B 402 30.26 26.09 -53.84
CA LEU B 402 31.39 25.25 -53.41
C LEU B 402 30.96 23.82 -53.10
N VAL B 403 29.87 23.69 -52.34
CA VAL B 403 29.39 22.38 -51.91
C VAL B 403 28.71 21.61 -53.05
N ARG B 404 27.83 22.27 -53.81
CA ARG B 404 26.97 21.55 -54.76
C ARG B 404 27.48 21.55 -56.21
N ASP B 405 28.02 22.68 -56.67
CA ASP B 405 28.54 22.73 -58.05
C ASP B 405 29.96 22.18 -58.15
N MET B 406 30.81 22.48 -57.17
CA MET B 406 32.20 21.99 -57.17
C MET B 406 32.37 20.66 -56.42
N GLY B 407 31.44 20.33 -55.52
CA GLY B 407 31.48 19.07 -54.78
C GLY B 407 32.58 19.01 -53.72
N LEU B 408 32.96 20.16 -53.18
CA LEU B 408 34.05 20.24 -52.22
C LEU B 408 33.58 20.12 -50.76
N ASP B 409 34.44 19.51 -49.95
CA ASP B 409 34.31 19.49 -48.49
C ASP B 409 34.05 20.91 -47.95
N TRP B 410 32.88 21.11 -47.37
CA TRP B 410 32.44 22.45 -46.96
C TRP B 410 33.38 23.14 -45.96
N ARG B 411 34.15 22.36 -45.21
CA ARG B 411 35.05 22.93 -44.21
C ARG B 411 36.21 23.71 -44.82
N MET B 412 36.54 23.43 -46.08
CA MET B 412 37.54 24.19 -46.81
C MET B 412 37.08 25.64 -46.99
N GLY B 413 35.81 25.80 -47.35
CA GLY B 413 35.20 27.12 -47.48
C GLY B 413 34.97 27.81 -46.16
N ALA B 414 34.54 27.03 -45.15
CA ALA B 414 34.33 27.58 -43.81
C ALA B 414 35.64 28.09 -43.21
N GLU B 415 36.73 27.35 -43.41
CA GLU B 415 38.03 27.78 -42.90
C GLU B 415 38.60 28.99 -43.64
N TRP B 416 38.31 29.09 -44.94
CA TRP B 416 38.73 30.28 -45.70
C TRP B 416 37.97 31.52 -45.25
N PHE B 417 36.69 31.36 -44.95
CA PHE B 417 35.90 32.44 -44.32
C PHE B 417 36.50 32.82 -42.95
N GLU B 418 36.92 31.81 -42.18
CA GLU B 418 37.52 32.05 -40.86
C GLU B 418 38.80 32.89 -40.95
N THR B 419 39.61 32.67 -41.97
CA THR B 419 40.80 33.49 -42.21
C THR B 419 40.43 34.94 -42.57
N CYS B 420 39.46 35.10 -43.48
CA CYS B 420 39.24 36.39 -44.17
C CYS B 420 38.25 37.35 -43.52
N LEU B 421 37.20 36.83 -42.89
CA LEU B 421 36.09 37.67 -42.41
C LEU B 421 36.43 38.54 -41.21
N LEU B 422 36.28 39.85 -41.36
CA LEU B 422 36.36 40.75 -40.22
C LEU B 422 35.38 40.31 -39.13
N ASP B 423 34.18 39.89 -39.56
CA ASP B 423 33.13 39.51 -38.61
C ASP B 423 33.14 38.03 -38.24
N TYR B 424 34.25 37.32 -38.47
CA TYR B 424 34.30 35.90 -38.16
C TYR B 424 33.85 35.62 -36.73
N ASP B 425 32.94 34.67 -36.61
CA ASP B 425 32.39 34.22 -35.34
C ASP B 425 32.16 32.73 -35.53
N PRO B 426 32.71 31.88 -34.63
CA PRO B 426 32.59 30.44 -34.90
C PRO B 426 31.13 29.96 -34.94
N CYS B 427 30.29 30.50 -34.07
CA CYS B 427 28.87 30.12 -34.02
C CYS B 427 28.14 30.46 -35.33
N SER B 428 28.24 31.72 -35.77
CA SER B 428 27.56 32.17 -36.98
C SER B 428 28.17 31.58 -38.25
N ASN B 429 29.50 31.47 -38.30
CA ASN B 429 30.17 30.96 -39.50
C ASN B 429 29.90 29.49 -39.72
N TYR B 430 30.24 28.67 -38.73
CA TYR B 430 30.03 27.23 -38.89
C TYR B 430 28.54 26.86 -38.80
N GLY B 431 27.76 27.65 -38.05
CA GLY B 431 26.31 27.53 -38.08
C GLY B 431 25.72 27.71 -39.47
N ASN B 432 26.08 28.80 -40.13
CA ASN B 432 25.59 29.07 -41.49
C ASN B 432 26.12 28.12 -42.55
N TRP B 433 27.38 27.70 -42.42
CA TRP B 433 27.96 26.74 -43.36
C TRP B 433 27.28 25.38 -43.25
N THR B 434 27.06 24.87 -42.03
CA THR B 434 26.38 23.57 -41.86
C THR B 434 24.94 23.66 -42.39
N TYR B 435 24.28 24.78 -42.12
CA TYR B 435 22.94 25.05 -42.64
C TYR B 435 22.93 25.05 -44.17
N GLY B 436 23.87 25.80 -44.76
CA GLY B 436 23.96 25.91 -46.22
C GLY B 436 24.38 24.64 -46.91
N ALA B 437 25.21 23.84 -46.24
CA ALA B 437 25.72 22.59 -46.82
C ALA B 437 24.74 21.41 -46.65
N GLY B 438 23.66 21.63 -45.91
CA GLY B 438 22.63 20.61 -45.69
C GLY B 438 22.97 19.58 -44.62
N VAL B 439 23.90 19.91 -43.72
CA VAL B 439 24.30 19.01 -42.63
C VAL B 439 23.92 19.62 -41.27
N ASN B 440 22.91 20.48 -41.27
CA ASN B 440 22.39 21.13 -40.07
C ASN B 440 21.39 20.27 -39.30
N ASP B 441 20.82 20.83 -38.23
CA ASP B 441 19.86 20.11 -37.36
C ASP B 441 18.51 19.80 -38.02
N PRO B 442 17.91 20.79 -38.73
CA PRO B 442 16.71 20.49 -39.51
C PRO B 442 17.06 19.95 -40.90
N ARG B 446 18.44 22.69 -51.20
CA ARG B 446 18.78 24.08 -50.93
C ARG B 446 19.80 24.62 -51.94
N TYR B 447 19.54 24.37 -53.21
CA TYR B 447 20.46 24.77 -54.28
C TYR B 447 20.15 26.19 -54.77
N PHE B 448 21.20 26.99 -54.97
CA PHE B 448 21.08 28.35 -55.52
C PHE B 448 21.41 28.35 -57.01
N SER B 449 20.47 28.80 -57.84
CA SER B 449 20.74 28.93 -59.28
C SER B 449 21.55 30.20 -59.52
N ILE B 450 22.80 30.03 -59.94
CA ILE B 450 23.70 31.17 -60.20
C ILE B 450 23.09 32.16 -61.21
N PRO B 451 22.62 31.67 -62.37
CA PRO B 451 21.95 32.56 -63.33
C PRO B 451 20.77 33.35 -62.76
N LYS B 452 19.91 32.69 -61.97
CA LYS B 452 18.75 33.37 -61.37
C LYS B 452 19.20 34.44 -60.38
N GLN B 453 20.15 34.09 -59.53
CA GLN B 453 20.68 35.01 -58.54
C GLN B 453 21.33 36.23 -59.20
N ALA B 454 22.08 35.99 -60.28
CA ALA B 454 22.73 37.06 -61.03
C ALA B 454 21.71 38.05 -61.61
N GLN B 455 20.60 37.51 -62.12
CA GLN B 455 19.56 38.34 -62.73
C GLN B 455 18.74 39.07 -61.67
N ASN B 456 18.41 38.38 -60.59
CA ASN B 456 17.53 38.93 -59.57
C ASN B 456 18.24 39.92 -58.63
N TYR B 457 19.51 39.68 -58.32
CA TYR B 457 20.23 40.50 -57.35
C TYR B 457 21.41 41.29 -57.92
N ASP B 458 21.62 41.21 -59.23
CA ASP B 458 22.58 42.08 -59.91
C ASP B 458 22.10 42.34 -61.35
N PRO B 459 20.87 42.84 -61.50
CA PRO B 459 20.21 42.93 -62.82
C PRO B 459 21.02 43.66 -63.89
N GLU B 460 21.63 44.78 -63.55
CA GLU B 460 22.41 45.56 -64.51
C GLU B 460 23.88 45.13 -64.59
N GLY B 461 24.26 44.11 -63.82
CA GLY B 461 25.65 43.65 -63.78
C GLY B 461 26.61 44.63 -63.11
N GLU B 462 26.07 45.54 -62.31
CA GLU B 462 26.86 46.61 -61.72
C GLU B 462 27.82 46.10 -60.62
N TYR B 463 27.40 45.06 -59.90
CA TYR B 463 28.24 44.48 -58.84
C TYR B 463 29.46 43.76 -59.43
N VAL B 464 29.21 42.88 -60.40
CA VAL B 464 30.30 42.12 -61.01
C VAL B 464 31.24 43.04 -61.78
N ALA B 465 30.69 44.08 -62.41
CA ALA B 465 31.50 45.07 -63.13
C ALA B 465 32.41 45.85 -62.17
N PHE B 466 31.89 46.17 -60.98
CA PHE B 466 32.67 46.93 -59.99
C PHE B 466 33.92 46.15 -59.55
N TRP B 467 33.77 44.85 -59.32
CA TRP B 467 34.89 44.02 -58.88
C TRP B 467 35.72 43.41 -60.01
N LEU B 468 35.08 43.17 -61.15
CA LEU B 468 35.74 42.54 -62.30
C LEU B 468 35.91 43.56 -63.43
N GLN B 469 37.11 44.14 -63.50
CA GLN B 469 37.38 45.32 -64.34
C GLN B 469 37.12 45.03 -65.82
N GLN B 470 37.39 43.80 -66.23
CA GLN B 470 37.26 43.39 -67.63
C GLN B 470 35.81 43.30 -68.14
N LEU B 471 34.84 43.25 -67.22
CA LEU B 471 33.42 43.20 -67.58
C LEU B 471 32.79 44.59 -67.73
N ARG B 472 33.46 45.60 -67.18
CA ARG B 472 32.92 46.96 -67.10
C ARG B 472 32.43 47.54 -68.44
N ARG B 473 33.16 47.24 -69.53
CA ARG B 473 32.81 47.73 -70.86
C ARG B 473 31.59 47.03 -71.47
N LEU B 474 31.25 45.85 -70.96
CA LEU B 474 30.22 44.99 -71.57
C LEU B 474 28.81 45.40 -71.16
N PRO B 475 27.82 45.16 -72.04
CA PRO B 475 26.41 45.38 -71.69
C PRO B 475 25.88 44.27 -70.79
N LYS B 476 24.88 44.60 -69.96
CA LYS B 476 24.36 43.69 -68.93
C LYS B 476 24.12 42.25 -69.41
N GLU B 477 23.78 42.09 -70.69
CA GLU B 477 23.55 40.77 -71.27
C GLU B 477 24.81 39.89 -71.16
N LYS B 478 25.95 40.48 -71.50
CA LYS B 478 27.24 39.77 -71.47
C LYS B 478 27.95 39.91 -70.13
N ARG B 479 27.49 40.81 -69.26
CA ARG B 479 27.97 40.85 -67.88
C ARG B 479 27.45 39.62 -67.12
N HIS B 480 26.26 39.16 -67.47
CA HIS B 480 25.70 37.93 -66.90
C HIS B 480 26.35 36.67 -67.47
N TRP B 481 26.45 36.63 -68.81
CA TRP B 481 27.01 35.48 -69.52
C TRP B 481 28.01 35.95 -70.58
N PRO B 482 29.27 36.19 -70.19
CA PRO B 482 30.26 36.74 -71.11
C PRO B 482 30.86 35.71 -72.10
N GLY B 483 31.57 34.72 -71.59
CA GLY B 483 32.28 33.75 -72.44
C GLY B 483 33.78 33.74 -72.21
N ARG B 484 34.47 32.82 -72.88
CA ARG B 484 35.92 32.61 -72.68
C ARG B 484 36.75 33.83 -73.08
N LEU B 485 36.51 34.34 -74.28
CA LEU B 485 37.32 35.43 -74.86
C LEU B 485 37.17 36.71 -74.05
N MET B 486 35.95 37.04 -73.65
CA MET B 486 35.68 38.27 -72.90
C MET B 486 35.99 38.12 -71.40
N TYR B 487 35.95 36.91 -70.87
CA TYR B 487 36.25 36.68 -69.46
C TYR B 487 37.27 35.54 -69.27
N MET B 488 36.78 34.32 -69.06
CA MET B 488 37.64 33.14 -68.90
C MET B 488 36.77 31.88 -68.92
N ASP B 489 37.40 30.72 -69.07
CA ASP B 489 36.68 29.45 -69.06
C ASP B 489 36.14 29.12 -67.67
N THR B 490 35.09 28.30 -67.62
CA THR B 490 34.48 27.84 -66.37
C THR B 490 35.16 26.55 -65.88
N VAL B 491 35.49 26.49 -64.59
CA VAL B 491 36.22 25.35 -64.03
C VAL B 491 35.33 24.11 -63.83
N VAL B 492 34.04 24.34 -63.66
CA VAL B 492 33.05 23.26 -63.56
C VAL B 492 31.74 23.74 -64.21
N PRO B 493 30.90 22.79 -64.65
CA PRO B 493 29.56 23.18 -65.08
C PRO B 493 28.64 23.41 -63.88
N LEU B 494 27.57 24.15 -64.08
CA LEU B 494 26.54 24.32 -63.06
C LEU B 494 25.71 23.05 -62.98
N LYS B 495 25.35 22.63 -61.76
CA LYS B 495 24.54 21.43 -61.56
C LYS B 495 23.14 21.59 -62.16
N HIS B 496 22.59 22.79 -62.03
CA HIS B 496 21.28 23.13 -62.63
C HIS B 496 21.33 24.51 -63.28
N HIS C 4 -46.96 -36.03 9.50
CA HIS C 4 -47.87 -35.24 10.39
C HIS C 4 -47.74 -33.74 10.04
N ILE C 5 -47.85 -32.87 11.04
CA ILE C 5 -47.80 -31.42 10.85
C ILE C 5 -46.53 -30.88 11.52
N HIS C 6 -45.72 -30.16 10.75
CA HIS C 6 -44.46 -29.61 11.25
C HIS C 6 -44.54 -28.09 11.28
N ARG C 7 -44.47 -27.51 12.48
CA ARG C 7 -44.37 -26.05 12.64
C ARG C 7 -43.02 -25.57 12.10
N VAL C 8 -43.05 -24.52 11.28
CA VAL C 8 -41.82 -23.87 10.80
C VAL C 8 -41.85 -22.41 11.23
N PRO C 9 -40.93 -22.00 12.12
CA PRO C 9 -39.91 -22.80 12.81
C PRO C 9 -40.56 -23.73 13.84
N ALA C 10 -39.84 -24.75 14.31
CA ALA C 10 -40.38 -25.69 15.31
C ALA C 10 -40.25 -25.17 16.75
N LEU C 11 -39.64 -23.99 16.92
CA LEU C 11 -39.36 -23.42 18.24
C LEU C 11 -40.63 -23.17 19.04
N THR C 12 -40.51 -23.30 20.36
CA THR C 12 -41.62 -22.93 21.24
C THR C 12 -41.83 -21.42 21.18
N GLU C 13 -43.03 -20.97 21.55
CA GLU C 13 -43.29 -19.52 21.60
C GLU C 13 -42.29 -18.83 22.54
N GLU C 14 -41.86 -19.55 23.57
CA GLU C 14 -40.85 -19.06 24.51
C GLU C 14 -39.47 -18.94 23.87
N GLU C 15 -39.08 -19.96 23.12
CA GLU C 15 -37.83 -19.91 22.36
C GLU C 15 -37.86 -18.76 21.34
N ILE C 16 -38.99 -18.62 20.65
CA ILE C 16 -39.15 -17.54 19.66
C ILE C 16 -38.95 -16.18 20.30
N ASP C 17 -39.68 -15.91 21.39
CA ASP C 17 -39.59 -14.60 22.04
C ASP C 17 -38.19 -14.29 22.55
N SER C 18 -37.49 -15.30 23.08
CA SER C 18 -36.13 -15.09 23.58
C SER C 18 -35.12 -14.87 22.44
N VAL C 19 -35.25 -15.64 21.37
CA VAL C 19 -34.43 -15.40 20.18
C VAL C 19 -34.68 -14.00 19.60
N ALA C 20 -35.96 -13.61 19.51
CA ALA C 20 -36.32 -12.28 19.01
C ALA C 20 -35.69 -11.15 19.84
N ILE C 21 -35.77 -11.25 21.16
CA ILE C 21 -35.15 -10.27 22.05
C ILE C 21 -33.65 -10.18 21.84
N LYS C 22 -32.97 -11.33 21.81
CA LYS C 22 -31.52 -11.35 21.62
C LYS C 22 -31.12 -10.82 20.24
N THR C 23 -31.85 -11.18 19.20
CA THR C 23 -31.57 -10.68 17.86
C THR C 23 -31.71 -9.15 17.82
N PHE C 24 -32.85 -8.64 18.29
CA PHE C 24 -33.08 -7.19 18.29
C PHE C 24 -32.03 -6.44 19.14
N GLU C 25 -31.65 -7.02 20.28
CA GLU C 25 -30.59 -6.44 21.11
C GLU C 25 -29.29 -6.32 20.32
N ARG C 26 -28.93 -7.39 19.63
CA ARG C 26 -27.70 -7.47 18.84
C ARG C 26 -27.66 -6.46 17.67
N TYR C 27 -28.84 -6.00 17.24
CA TYR C 27 -28.94 -5.01 16.16
C TYR C 27 -29.49 -3.67 16.61
N ALA C 28 -29.80 -3.52 17.90
CA ALA C 28 -30.37 -2.28 18.39
C ALA C 28 -29.37 -1.15 18.17
N LEU C 29 -29.87 0.04 17.86
CA LEU C 29 -29.03 1.23 17.78
C LEU C 29 -28.83 1.63 19.24
N PRO C 30 -27.58 1.52 19.74
CA PRO C 30 -27.36 1.94 21.12
C PRO C 30 -27.62 3.44 21.29
N SER C 31 -28.85 3.75 21.71
CA SER C 31 -29.31 5.14 21.92
C SER C 31 -29.27 6.00 20.65
N SER C 32 -29.83 7.21 20.75
CA SER C 32 -29.88 8.17 19.66
C SER C 32 -29.11 9.43 20.05
N SER C 33 -27.79 9.33 20.04
CA SER C 33 -26.91 10.44 20.42
C SER C 33 -26.92 11.54 19.35
N SER C 34 -26.63 11.14 18.11
CA SER C 34 -26.46 12.09 17.01
C SER C 34 -27.77 12.79 16.61
N VAL C 35 -28.72 12.02 16.11
CA VAL C 35 -29.92 12.59 15.49
C VAL C 35 -30.91 13.19 16.49
N LYS C 36 -31.31 14.44 16.24
CA LYS C 36 -32.34 15.10 17.02
C LYS C 36 -33.68 14.94 16.31
N ARG C 37 -34.76 15.09 17.07
CA ARG C 37 -36.12 14.85 16.57
C ARG C 37 -37.10 16.01 16.84
N LYS C 38 -36.84 16.78 17.91
CA LYS C 38 -37.72 17.87 18.33
C LYS C 38 -38.07 18.81 17.18
N GLY C 39 -39.35 19.14 17.07
CA GLY C 39 -39.84 20.11 16.08
C GLY C 39 -39.99 19.61 14.65
N LYS C 40 -39.75 18.32 14.42
CA LYS C 40 -39.79 17.78 13.06
C LYS C 40 -41.18 17.32 12.61
N GLY C 41 -42.15 17.36 13.52
CA GLY C 41 -43.56 17.13 13.15
C GLY C 41 -43.97 15.67 13.04
N VAL C 42 -45.19 15.45 12.56
CA VAL C 42 -45.75 14.12 12.43
C VAL C 42 -45.46 13.53 11.04
N THR C 43 -45.18 12.23 11.01
CA THR C 43 -44.99 11.51 9.76
C THR C 43 -45.81 10.23 9.81
N ILE C 44 -46.16 9.70 8.63
CA ILE C 44 -46.88 8.44 8.53
C ILE C 44 -45.95 7.40 7.90
N LEU C 45 -45.92 6.20 8.48
CA LEU C 45 -45.18 5.07 7.92
C LEU C 45 -46.18 4.06 7.39
N TRP C 46 -46.21 3.93 6.06
CA TRP C 46 -47.13 3.05 5.37
C TRP C 46 -46.47 1.69 5.06
N PHE C 47 -46.90 0.66 5.78
CA PHE C 47 -46.41 -0.70 5.61
C PHE C 47 -47.11 -1.41 4.45
N ARG C 48 -46.34 -2.21 3.72
CA ARG C 48 -46.88 -3.06 2.67
C ARG C 48 -46.29 -4.46 2.81
N ASN C 49 -45.23 -4.77 2.06
CA ASN C 49 -44.56 -6.07 2.20
C ASN C 49 -43.18 -5.92 2.84
N ASP C 50 -43.19 -5.21 3.96
CA ASP C 50 -42.00 -4.90 4.76
C ASP C 50 -42.36 -4.98 6.25
N LEU C 51 -42.99 -6.09 6.63
CA LEU C 51 -43.61 -6.23 7.95
C LEU C 51 -42.61 -6.64 9.02
N ARG C 52 -41.71 -5.71 9.35
CA ARG C 52 -40.64 -5.93 10.30
C ARG C 52 -40.18 -4.59 10.87
N VAL C 53 -39.51 -4.67 12.02
CA VAL C 53 -38.82 -3.54 12.64
C VAL C 53 -37.31 -3.56 12.31
N LEU C 54 -36.68 -4.73 12.37
CA LEU C 54 -35.24 -4.86 12.06
C LEU C 54 -34.92 -4.43 10.63
N ASP C 55 -33.77 -3.78 10.46
CA ASP C 55 -33.24 -3.45 9.14
C ASP C 55 -34.28 -2.83 8.23
N ASN C 56 -34.97 -1.80 8.72
CA ASN C 56 -36.06 -1.18 7.98
C ASN C 56 -35.75 0.30 7.71
N ASP C 57 -35.26 0.60 6.51
CA ASP C 57 -34.84 1.97 6.16
C ASP C 57 -35.99 2.95 6.10
N ALA C 58 -37.19 2.47 5.75
CA ALA C 58 -38.38 3.32 5.74
C ALA C 58 -38.71 3.79 7.16
N LEU C 59 -38.72 2.83 8.09
CA LEU C 59 -38.91 3.12 9.52
C LEU C 59 -37.83 4.06 10.06
N TYR C 60 -36.57 3.82 9.70
CA TYR C 60 -35.48 4.69 10.19
C TYR C 60 -35.63 6.12 9.66
N LYS C 61 -35.88 6.27 8.37
CA LYS C 61 -36.06 7.61 7.77
C LYS C 61 -37.29 8.33 8.34
N ALA C 62 -38.35 7.60 8.63
CA ALA C 62 -39.55 8.19 9.25
C ALA C 62 -39.24 8.67 10.67
N TRP C 63 -38.54 7.83 11.44
CA TRP C 63 -38.13 8.17 12.79
C TRP C 63 -37.19 9.39 12.81
N SER C 64 -36.15 9.36 11.98
CA SER C 64 -35.15 10.43 12.02
C SER C 64 -35.67 11.79 11.53
N SER C 65 -36.73 11.78 10.73
CA SER C 65 -37.27 13.02 10.15
C SER C 65 -38.58 13.47 10.81
N SER C 66 -38.87 12.98 12.02
CA SER C 66 -40.09 13.35 12.73
C SER C 66 -39.85 13.45 14.23
N ASP C 67 -40.86 13.90 14.97
CA ASP C 67 -40.92 13.71 16.43
C ASP C 67 -42.04 12.75 16.82
N THR C 68 -42.92 12.43 15.87
CA THR C 68 -44.05 11.54 16.12
C THR C 68 -44.35 10.71 14.85
N ILE C 69 -44.54 9.39 15.02
CA ILE C 69 -44.77 8.47 13.90
C ILE C 69 -46.14 7.80 14.01
N LEU C 70 -46.88 7.77 12.91
CA LEU C 70 -48.11 6.98 12.80
C LEU C 70 -47.93 5.84 11.80
N PRO C 71 -47.59 4.63 12.29
CA PRO C 71 -47.51 3.46 11.41
C PRO C 71 -48.89 2.90 11.07
N VAL C 72 -49.06 2.56 9.79
CA VAL C 72 -50.36 2.17 9.25
C VAL C 72 -50.22 1.00 8.29
N TYR C 73 -51.13 0.03 8.41
CA TYR C 73 -51.33 -0.99 7.39
C TYR C 73 -52.77 -0.91 6.87
N CYS C 74 -52.90 -0.83 5.54
CA CYS C 74 -54.19 -0.86 4.86
C CYS C 74 -54.47 -2.24 4.27
N LEU C 75 -55.54 -2.87 4.71
CA LEU C 75 -56.00 -4.10 4.08
C LEU C 75 -56.77 -3.72 2.80
N ASP C 76 -56.05 -3.76 1.69
CA ASP C 76 -56.52 -3.31 0.37
C ASP C 76 -57.52 -4.32 -0.20
N PRO C 77 -58.77 -3.88 -0.48
CA PRO C 77 -59.79 -4.83 -0.97
C PRO C 77 -59.41 -5.53 -2.28
N ARG C 78 -58.57 -4.89 -3.09
CA ARG C 78 -58.15 -5.50 -4.37
C ARG C 78 -57.30 -6.75 -4.17
N LEU C 79 -56.64 -6.85 -3.02
CA LEU C 79 -55.84 -8.02 -2.69
C LEU C 79 -56.71 -9.28 -2.51
N PHE C 80 -58.01 -9.06 -2.31
CA PHE C 80 -58.95 -10.16 -2.12
C PHE C 80 -60.04 -10.21 -3.19
N HIS C 81 -59.71 -9.72 -4.39
CA HIS C 81 -60.56 -9.94 -5.55
C HIS C 81 -60.04 -11.18 -6.30
N THR C 82 -59.79 -11.08 -7.61
CA THR C 82 -59.41 -12.26 -8.39
C THR C 82 -58.14 -12.02 -9.21
N THR C 83 -57.53 -13.12 -9.66
CA THR C 83 -56.35 -13.04 -10.53
C THR C 83 -56.75 -12.53 -11.92
N HIS C 84 -55.74 -12.15 -12.71
CA HIS C 84 -55.96 -11.33 -13.90
C HIS C 84 -56.79 -12.02 -15.00
N PHE C 85 -56.28 -13.13 -15.55
CA PHE C 85 -56.91 -13.77 -16.71
C PHE C 85 -57.87 -14.92 -16.37
N PHE C 86 -57.62 -15.63 -15.27
CA PHE C 86 -58.38 -16.86 -15.00
C PHE C 86 -59.18 -16.84 -13.71
N ASN C 87 -59.23 -15.68 -13.07
CA ASN C 87 -60.14 -15.41 -11.98
C ASN C 87 -60.15 -16.43 -10.83
N PHE C 88 -58.95 -16.79 -10.38
CA PHE C 88 -58.79 -17.50 -9.11
C PHE C 88 -58.81 -16.44 -8.01
N PRO C 89 -58.91 -16.87 -6.73
CA PRO C 89 -58.82 -15.86 -5.66
C PRO C 89 -57.48 -15.13 -5.69
N LYS C 90 -57.51 -13.80 -5.58
CA LYS C 90 -56.29 -13.01 -5.65
C LYS C 90 -55.33 -13.40 -4.53
N THR C 91 -55.88 -13.66 -3.34
CA THR C 91 -55.12 -14.18 -2.22
C THR C 91 -55.85 -15.38 -1.61
N GLY C 92 -55.23 -16.55 -1.65
CA GLY C 92 -55.80 -17.76 -1.09
C GLY C 92 -55.83 -17.71 0.43
N ALA C 93 -56.62 -18.60 1.02
CA ALA C 93 -56.84 -18.62 2.48
C ALA C 93 -55.56 -18.83 3.27
N LEU C 94 -54.67 -19.68 2.77
CA LEU C 94 -53.44 -19.98 3.48
C LEU C 94 -52.52 -18.75 3.58
N ARG C 95 -52.32 -18.03 2.48
CA ARG C 95 -51.51 -16.80 2.55
C ARG C 95 -52.22 -15.73 3.39
N GLY C 96 -53.54 -15.68 3.29
CA GLY C 96 -54.32 -14.75 4.11
C GLY C 96 -54.09 -14.96 5.59
N GLY C 97 -54.07 -16.22 6.01
CA GLY C 97 -53.83 -16.55 7.42
C GLY C 97 -52.43 -16.18 7.88
N PHE C 98 -51.45 -16.39 7.00
CA PHE C 98 -50.05 -16.02 7.26
C PHE C 98 -49.93 -14.51 7.40
N LEU C 99 -50.55 -13.78 6.48
CA LEU C 99 -50.60 -12.32 6.58
C LEU C 99 -51.15 -11.87 7.93
N MET C 100 -52.24 -12.47 8.40
CA MET C 100 -52.84 -12.05 9.66
C MET C 100 -51.88 -12.23 10.84
N GLU C 101 -51.18 -13.35 10.85
CA GLU C 101 -50.15 -13.61 11.86
C GLU C 101 -48.99 -12.59 11.79
N CYS C 102 -48.64 -12.15 10.58
CA CYS C 102 -47.59 -11.13 10.40
C CYS C 102 -47.99 -9.78 11.00
N LEU C 103 -49.26 -9.41 10.84
CA LEU C 103 -49.76 -8.13 11.33
C LEU C 103 -49.83 -8.11 12.86
N VAL C 104 -50.31 -9.21 13.45
CA VAL C 104 -50.37 -9.34 14.91
C VAL C 104 -48.97 -9.20 15.51
N ASP C 105 -48.01 -9.88 14.90
CA ASP C 105 -46.62 -9.82 15.36
C ASP C 105 -45.99 -8.45 15.20
N LEU C 106 -46.25 -7.79 14.07
CA LEU C 106 -45.73 -6.45 13.81
C LEU C 106 -46.25 -5.46 14.86
N ARG C 107 -47.55 -5.50 15.11
CA ARG C 107 -48.15 -4.66 16.17
C ARG C 107 -47.43 -4.89 17.49
N LYS C 108 -47.29 -6.17 17.87
CA LYS C 108 -46.60 -6.56 19.10
C LYS C 108 -45.17 -6.04 19.16
N ASN C 109 -44.42 -6.18 18.06
CA ASN C 109 -43.03 -5.72 18.02
C ASN C 109 -42.88 -4.20 18.03
N LEU C 110 -43.83 -3.50 17.39
CA LEU C 110 -43.88 -2.03 17.46
C LEU C 110 -44.17 -1.52 18.88
N MET C 111 -45.05 -2.22 19.59
CA MET C 111 -45.36 -1.89 20.99
C MET C 111 -44.15 -1.97 21.92
N LYS C 112 -43.25 -2.93 21.66
CA LYS C 112 -42.00 -3.05 22.42
C LYS C 112 -41.11 -1.80 22.29
N ARG C 113 -41.27 -1.06 21.19
CA ARG C 113 -40.44 0.10 20.90
C ARG C 113 -41.19 1.42 21.18
N GLY C 114 -42.37 1.32 21.79
CA GLY C 114 -43.18 2.49 22.12
C GLY C 114 -44.10 3.00 21.01
N LEU C 115 -44.34 2.16 20.01
CA LEU C 115 -45.26 2.49 18.91
C LEU C 115 -46.47 1.56 18.94
N ASN C 116 -47.32 1.68 17.92
CA ASN C 116 -48.39 0.74 17.64
C ASN C 116 -48.62 0.73 16.12
N LEU C 117 -49.47 -0.17 15.62
CA LEU C 117 -49.82 -0.22 14.20
C LEU C 117 -51.30 0.11 13.99
N LEU C 118 -51.60 1.15 13.21
CA LEU C 118 -52.98 1.45 12.84
C LEU C 118 -53.40 0.53 11.70
N ILE C 119 -54.45 -0.26 11.93
CA ILE C 119 -54.98 -1.14 10.90
C ILE C 119 -56.35 -0.67 10.41
N ARG C 120 -56.49 -0.54 9.09
CA ARG C 120 -57.74 -0.11 8.46
C ARG C 120 -58.01 -0.92 7.20
N SER C 121 -59.29 -1.18 6.93
CA SER C 121 -59.68 -1.87 5.70
C SER C 121 -60.13 -0.84 4.67
N GLY C 122 -59.56 -0.91 3.47
CA GLY C 122 -59.81 0.08 2.43
C GLY C 122 -58.62 0.32 1.51
N LYS C 123 -58.81 1.21 0.54
CA LYS C 123 -57.77 1.53 -0.43
C LYS C 123 -56.80 2.53 0.19
N PRO C 124 -55.48 2.27 0.07
CA PRO C 124 -54.48 3.21 0.61
C PRO C 124 -54.64 4.67 0.14
N GLU C 125 -54.97 4.85 -1.14
CA GLU C 125 -55.14 6.20 -1.71
C GLU C 125 -56.35 6.97 -1.15
N GLU C 126 -57.25 6.27 -0.45
CA GLU C 126 -58.35 6.91 0.27
C GLU C 126 -58.00 7.07 1.76
N ILE C 127 -57.45 6.02 2.36
CA ILE C 127 -57.12 6.04 3.79
C ILE C 127 -55.96 6.99 4.12
N LEU C 128 -54.87 6.91 3.35
CA LEU C 128 -53.66 7.66 3.72
C LEU C 128 -53.83 9.19 3.68
N PRO C 129 -54.38 9.74 2.60
CA PRO C 129 -54.57 11.20 2.55
C PRO C 129 -55.49 11.74 3.66
N SER C 130 -56.49 10.96 4.04
CA SER C 130 -57.39 11.34 5.13
C SER C 130 -56.63 11.38 6.47
N LEU C 131 -55.78 10.39 6.72
CA LEU C 131 -54.96 10.37 7.94
C LEU C 131 -53.93 11.50 7.93
N ALA C 132 -53.32 11.76 6.77
CA ALA C 132 -52.36 12.85 6.62
C ALA C 132 -52.98 14.21 7.01
N LYS C 133 -54.21 14.44 6.54
CA LYS C 133 -54.93 15.67 6.83
C LYS C 133 -55.32 15.75 8.31
N ASP C 134 -55.91 14.67 8.82
CA ASP C 134 -56.35 14.62 10.22
C ASP C 134 -55.20 14.92 11.18
N PHE C 135 -54.06 14.28 10.96
CA PHE C 135 -52.95 14.35 11.90
C PHE C 135 -51.87 15.37 11.52
N GLY C 136 -52.08 16.09 10.42
CA GLY C 136 -51.13 17.11 9.97
C GLY C 136 -49.77 16.55 9.56
N ALA C 137 -49.77 15.38 8.94
CA ALA C 137 -48.53 14.69 8.58
C ALA C 137 -47.84 15.33 7.37
N ARG C 138 -46.55 15.62 7.52
CA ARG C 138 -45.75 16.26 6.47
C ARG C 138 -45.43 15.28 5.33
N THR C 139 -45.15 14.03 5.69
CA THR C 139 -44.71 13.04 4.73
C THR C 139 -45.34 11.68 5.02
N VAL C 140 -45.48 10.87 3.97
CA VAL C 140 -45.77 9.44 4.10
C VAL C 140 -44.56 8.67 3.57
N PHE C 141 -43.97 7.83 4.41
CA PHE C 141 -42.84 7.00 4.02
C PHE C 141 -43.33 5.58 3.72
N ALA C 142 -42.72 4.98 2.71
CA ALA C 142 -43.02 3.60 2.35
C ALA C 142 -41.89 3.06 1.48
N HIS C 143 -41.81 1.74 1.39
CA HIS C 143 -40.85 1.09 0.48
C HIS C 143 -41.37 1.11 -0.96
N LYS C 144 -40.44 1.31 -1.90
CA LYS C 144 -40.71 1.29 -3.34
C LYS C 144 -40.98 -0.13 -3.82
N GLU C 145 -42.01 -0.29 -4.64
CA GLU C 145 -42.28 -1.57 -5.30
C GLU C 145 -42.00 -1.45 -6.80
N THR C 146 -42.08 -2.55 -7.53
CA THR C 146 -41.63 -2.57 -8.93
C THR C 146 -42.70 -2.88 -9.96
N CYS C 147 -43.71 -3.67 -9.61
CA CYS C 147 -44.71 -4.12 -10.59
C CYS C 147 -45.95 -3.22 -10.72
N SER C 148 -46.57 -3.32 -11.90
CA SER C 148 -47.74 -2.55 -12.31
C SER C 148 -48.77 -2.23 -11.21
N GLU C 149 -49.31 -3.26 -10.56
CA GLU C 149 -50.39 -3.06 -9.58
C GLU C 149 -49.91 -2.20 -8.40
N GLU C 150 -48.70 -2.47 -7.93
CA GLU C 150 -48.13 -1.81 -6.76
C GLU C 150 -47.74 -0.37 -7.07
N VAL C 151 -47.15 -0.13 -8.25
CA VAL C 151 -46.75 1.24 -8.62
C VAL C 151 -47.94 2.12 -8.96
N ASP C 152 -49.04 1.51 -9.42
CA ASP C 152 -50.29 2.22 -9.64
C ASP C 152 -50.87 2.73 -8.33
N VAL C 153 -50.79 1.91 -7.29
CA VAL C 153 -51.23 2.35 -5.96
C VAL C 153 -50.33 3.48 -5.45
N GLU C 154 -49.02 3.40 -5.70
CA GLU C 154 -48.10 4.50 -5.37
C GLU C 154 -48.53 5.82 -6.03
N ARG C 155 -48.86 5.75 -7.33
CA ARG C 155 -49.36 6.92 -8.07
C ARG C 155 -50.62 7.50 -7.44
N LEU C 156 -51.59 6.64 -7.18
CA LEU C 156 -52.88 7.08 -6.63
C LEU C 156 -52.75 7.68 -5.23
N VAL C 157 -51.89 7.11 -4.39
CA VAL C 157 -51.60 7.67 -3.07
C VAL C 157 -50.94 9.04 -3.20
N ASN C 158 -49.95 9.16 -4.08
CA ASN C 158 -49.22 10.42 -4.26
C ASN C 158 -50.17 11.52 -4.72
N GLN C 159 -51.00 11.19 -5.70
CA GLN C 159 -52.00 12.12 -6.21
C GLN C 159 -53.06 12.47 -5.15
N GLY C 160 -53.48 11.49 -4.35
CA GLY C 160 -54.38 11.72 -3.22
C GLY C 160 -53.83 12.73 -2.21
N LEU C 161 -52.55 12.60 -1.90
CA LEU C 161 -51.86 13.51 -0.98
C LEU C 161 -51.76 14.93 -1.54
N LYS C 162 -51.46 15.04 -2.84
CA LYS C 162 -51.39 16.35 -3.49
C LYS C 162 -52.76 17.04 -3.52
N ARG C 163 -53.81 16.24 -3.69
CA ARG C 163 -55.17 16.75 -3.76
C ARG C 163 -55.64 17.36 -2.43
N VAL C 164 -55.08 16.91 -1.31
CA VAL C 164 -55.40 17.50 0.00
C VAL C 164 -54.52 18.71 0.34
N GLY C 165 -53.58 19.04 -0.55
CA GLY C 165 -52.73 20.22 -0.39
C GLY C 165 -51.32 19.97 -0.88
N ASN C 166 -50.56 21.04 -1.08
CA ASN C 166 -49.13 20.92 -1.31
C ASN C 166 -48.47 20.48 0.00
N SER C 167 -47.14 20.48 0.05
CA SER C 167 -46.41 20.08 1.27
C SER C 167 -46.44 18.57 1.51
N THR C 168 -47.63 17.97 1.57
CA THR C 168 -47.79 16.54 1.92
C THR C 168 -47.26 15.61 0.83
N LYS C 169 -46.21 14.86 1.17
CA LYS C 169 -45.35 14.20 0.17
C LYS C 169 -45.19 12.70 0.43
N LEU C 170 -45.34 11.89 -0.62
CA LEU C 170 -45.01 10.47 -0.55
C LEU C 170 -43.52 10.27 -0.83
N GLU C 171 -42.79 9.69 0.12
CA GLU C 171 -41.36 9.43 -0.04
C GLU C 171 -41.13 7.92 -0.11
N LEU C 172 -40.69 7.44 -1.26
CA LEU C 172 -40.50 6.01 -1.48
C LEU C 172 -39.02 5.61 -1.36
N ILE C 173 -38.76 4.55 -0.58
CA ILE C 173 -37.42 4.12 -0.23
C ILE C 173 -37.13 2.75 -0.86
N TRP C 174 -36.04 2.63 -1.60
CA TRP C 174 -35.67 1.33 -2.17
C TRP C 174 -35.35 0.33 -1.07
N GLY C 175 -35.95 -0.86 -1.15
CA GLY C 175 -35.58 -1.96 -0.26
C GLY C 175 -35.78 -3.29 -0.96
N SER C 176 -35.76 -4.37 -0.19
CA SER C 176 -36.17 -5.69 -0.67
C SER C 176 -35.06 -6.50 -1.31
N THR C 177 -33.99 -5.87 -1.83
CA THR C 177 -32.88 -6.60 -2.44
C THR C 177 -31.63 -6.68 -1.55
N MET C 178 -30.81 -7.71 -1.76
CA MET C 178 -29.57 -7.87 -1.03
C MET C 178 -28.52 -6.86 -1.51
N TYR C 179 -28.39 -6.75 -2.83
CA TYR C 179 -27.63 -5.68 -3.46
C TYR C 179 -28.56 -4.51 -3.75
N HIS C 180 -28.21 -3.33 -3.26
CA HIS C 180 -29.02 -2.13 -3.40
C HIS C 180 -28.98 -1.61 -4.84
N LYS C 181 -30.15 -1.22 -5.37
CA LYS C 181 -30.26 -0.69 -6.73
C LYS C 181 -29.27 0.45 -7.03
N ASP C 182 -29.12 1.37 -6.09
CA ASP C 182 -28.23 2.53 -6.26
C ASP C 182 -26.74 2.16 -6.27
N ASP C 183 -26.41 0.97 -5.80
CA ASP C 183 -25.02 0.51 -5.73
C ASP C 183 -24.58 -0.31 -6.94
N LEU C 184 -25.52 -0.67 -7.84
CA LEU C 184 -25.19 -1.56 -8.96
C LEU C 184 -24.18 -0.90 -9.90
N PRO C 185 -23.42 -1.72 -10.66
CA PRO C 185 -22.49 -1.19 -11.67
C PRO C 185 -23.16 -0.88 -13.03
N PHE C 186 -24.49 -0.76 -13.03
CA PHE C 186 -25.25 -0.37 -14.22
C PHE C 186 -26.63 0.13 -13.76
N ASP C 187 -27.29 0.95 -14.57
CA ASP C 187 -28.72 1.22 -14.35
C ASP C 187 -29.49 -0.03 -14.76
N VAL C 188 -30.65 -0.23 -14.15
CA VAL C 188 -31.45 -1.44 -14.43
C VAL C 188 -31.87 -1.55 -15.90
N PHE C 189 -31.99 -0.43 -16.61
CA PHE C 189 -32.26 -0.48 -18.05
C PHE C 189 -31.16 -1.22 -18.82
N ASP C 190 -29.93 -1.19 -18.28
CA ASP C 190 -28.81 -1.91 -18.86
C ASP C 190 -28.43 -3.16 -18.04
N LEU C 191 -29.39 -3.71 -17.30
CA LEU C 191 -29.18 -4.97 -16.59
C LEU C 191 -28.76 -6.04 -17.58
N PRO C 192 -27.67 -6.78 -17.27
CA PRO C 192 -27.32 -7.89 -18.14
C PRO C 192 -28.48 -8.88 -18.31
N ASP C 193 -28.68 -9.35 -19.54
CA ASP C 193 -29.70 -10.35 -19.85
C ASP C 193 -29.27 -11.78 -19.49
N VAL C 194 -28.03 -11.92 -19.00
CA VAL C 194 -27.51 -13.21 -18.57
C VAL C 194 -27.24 -13.14 -17.06
N TYR C 195 -27.84 -14.05 -16.30
CA TYR C 195 -27.68 -14.04 -14.85
C TYR C 195 -26.22 -14.11 -14.41
N THR C 196 -25.44 -15.00 -15.03
CA THR C 196 -24.05 -15.19 -14.63
C THR C 196 -23.27 -13.87 -14.76
N GLN C 197 -23.55 -13.10 -15.81
CA GLN C 197 -22.89 -11.80 -16.00
C GLN C 197 -23.30 -10.79 -14.92
N PHE C 198 -24.59 -10.74 -14.60
CA PHE C 198 -25.11 -9.95 -13.49
C PHE C 198 -24.42 -10.31 -12.16
N ARG C 199 -24.38 -11.60 -11.84
CA ARG C 199 -23.75 -12.09 -10.60
C ARG C 199 -22.26 -11.73 -10.53
N LYS C 200 -21.51 -12.05 -11.58
CA LYS C 200 -20.08 -11.75 -11.60
C LYS C 200 -19.83 -10.26 -11.41
N SER C 201 -20.65 -9.42 -12.06
CA SER C 201 -20.48 -7.98 -11.96
C SER C 201 -20.72 -7.45 -10.54
N VAL C 202 -21.81 -7.85 -9.90
CA VAL C 202 -22.08 -7.34 -8.55
C VAL C 202 -21.07 -7.91 -7.53
N GLU C 203 -20.67 -9.16 -7.71
CA GLU C 203 -19.70 -9.76 -6.79
C GLU C 203 -18.32 -9.12 -6.94
N ALA C 204 -17.99 -8.68 -8.16
CA ALA C 204 -16.70 -8.01 -8.40
C ALA C 204 -16.70 -6.52 -8.02
N LYS C 205 -17.83 -5.84 -8.20
CA LYS C 205 -17.85 -4.38 -8.13
C LYS C 205 -18.71 -3.76 -7.03
N CYS C 206 -19.54 -4.56 -6.35
CA CYS C 206 -20.44 -4.06 -5.29
C CYS C 206 -20.13 -4.65 -3.94
N SER C 207 -20.61 -3.94 -2.92
CA SER C 207 -20.66 -4.43 -1.56
C SER C 207 -22.12 -4.55 -1.16
N ILE C 208 -22.38 -5.41 -0.18
CA ILE C 208 -23.68 -5.51 0.46
C ILE C 208 -23.65 -4.59 1.69
N ARG C 209 -24.67 -3.75 1.84
CA ARG C 209 -24.72 -2.82 2.97
C ARG C 209 -24.96 -3.56 4.27
N SER C 210 -24.42 -3.02 5.35
CA SER C 210 -24.74 -3.47 6.71
C SER C 210 -26.21 -3.20 6.95
N SER C 211 -26.83 -4.01 7.80
CA SER C 211 -28.24 -3.83 8.10
C SER C 211 -28.44 -2.55 8.90
N THR C 212 -29.56 -1.87 8.67
CA THR C 212 -29.83 -0.62 9.38
C THR C 212 -30.19 -0.94 10.83
N ARG C 213 -29.55 -0.24 11.77
CA ARG C 213 -29.77 -0.45 13.19
C ARG C 213 -30.92 0.45 13.64
N ILE C 214 -31.83 -0.11 14.43
CA ILE C 214 -33.03 0.61 14.86
C ILE C 214 -32.96 0.85 16.37
N PRO C 215 -33.25 2.08 16.82
CA PRO C 215 -33.19 2.31 18.26
C PRO C 215 -34.33 1.62 19.01
N LEU C 216 -34.11 1.38 20.30
CA LEU C 216 -35.11 0.71 21.15
C LEU C 216 -36.30 1.61 21.48
N SER C 217 -36.13 2.93 21.40
CA SER C 217 -37.21 3.87 21.65
C SER C 217 -37.63 4.58 20.36
N LEU C 218 -38.81 4.24 19.84
CA LEU C 218 -39.30 4.78 18.57
C LEU C 218 -40.52 5.67 18.70
N GLY C 219 -41.12 5.71 19.88
CA GLY C 219 -42.32 6.50 20.12
C GLY C 219 -42.00 7.97 20.31
N PRO C 220 -43.04 8.79 20.57
CA PRO C 220 -44.44 8.42 20.70
C PRO C 220 -45.20 8.43 19.36
N THR C 221 -46.44 7.96 19.40
CA THR C 221 -47.39 8.11 18.28
C THR C 221 -48.28 9.31 18.57
N PRO C 222 -49.12 9.72 17.59
CA PRO C 222 -50.19 10.64 17.94
C PRO C 222 -51.26 9.95 18.78
N SER C 223 -52.19 10.74 19.32
CA SER C 223 -53.33 10.19 20.04
C SER C 223 -54.34 9.61 19.03
N VAL C 224 -54.54 8.30 19.10
CA VAL C 224 -55.45 7.61 18.21
C VAL C 224 -56.57 6.97 19.03
N ASP C 225 -57.81 7.21 18.62
CA ASP C 225 -58.99 6.69 19.32
C ASP C 225 -59.18 5.20 19.10
N ASP C 226 -58.98 4.76 17.87
CA ASP C 226 -59.17 3.36 17.50
C ASP C 226 -58.00 2.90 16.62
N TRP C 227 -57.13 2.07 17.18
CA TRP C 227 -56.00 1.52 16.45
C TRP C 227 -56.45 0.44 15.46
N GLY C 228 -57.67 -0.06 15.65
CA GLY C 228 -58.31 -0.96 14.71
C GLY C 228 -58.01 -2.40 15.04
N ASP C 229 -58.96 -3.28 14.75
CA ASP C 229 -58.75 -4.71 14.96
C ASP C 229 -58.02 -5.32 13.78
N VAL C 230 -57.27 -6.38 14.05
CA VAL C 230 -56.78 -7.24 12.99
C VAL C 230 -58.03 -7.92 12.44
N PRO C 231 -58.32 -7.74 11.14
CA PRO C 231 -59.54 -8.30 10.59
C PRO C 231 -59.46 -9.81 10.48
N THR C 232 -60.61 -10.47 10.53
CA THR C 232 -60.66 -11.92 10.35
C THR C 232 -60.83 -12.20 8.88
N LEU C 233 -60.42 -13.40 8.45
CA LEU C 233 -60.55 -13.79 7.05
C LEU C 233 -62.01 -13.80 6.58
N GLU C 234 -62.91 -14.21 7.47
CA GLU C 234 -64.34 -14.28 7.14
C GLU C 234 -64.91 -12.93 6.72
N LYS C 235 -64.55 -11.86 7.45
CA LYS C 235 -64.94 -10.48 7.08
C LYS C 235 -64.49 -10.10 5.67
N LEU C 236 -63.30 -10.59 5.30
CA LEU C 236 -62.70 -10.29 4.00
C LEU C 236 -63.26 -11.17 2.88
N GLY C 237 -64.22 -12.04 3.21
CA GLY C 237 -64.87 -12.89 2.22
C GLY C 237 -64.07 -14.13 1.87
N VAL C 238 -63.16 -14.52 2.77
CA VAL C 238 -62.34 -15.71 2.57
C VAL C 238 -62.63 -16.71 3.67
N GLU C 239 -62.94 -17.95 3.28
CA GLU C 239 -63.17 -19.03 4.24
C GLU C 239 -61.82 -19.44 4.83
N PRO C 240 -61.70 -19.42 6.16
CA PRO C 240 -60.43 -19.82 6.76
C PRO C 240 -60.05 -21.27 6.43
N GLN C 241 -58.77 -21.51 6.23
CA GLN C 241 -58.26 -22.84 5.94
C GLN C 241 -57.06 -23.08 6.85
N GLU C 242 -56.98 -24.26 7.43
CA GLU C 242 -55.83 -24.62 8.24
C GLU C 242 -55.02 -25.71 7.56
N VAL C 243 -53.75 -25.78 7.93
CA VAL C 243 -52.84 -26.77 7.38
C VAL C 243 -53.13 -28.10 8.07
N THR C 244 -53.50 -29.10 7.29
CA THR C 244 -53.93 -30.40 7.80
C THR C 244 -52.78 -31.41 7.83
N ARG C 245 -51.74 -31.17 7.04
CA ARG C 245 -50.58 -32.06 6.93
C ARG C 245 -49.36 -31.27 6.46
N GLY C 246 -48.16 -31.75 6.80
CA GLY C 246 -46.92 -31.16 6.34
C GLY C 246 -46.56 -29.89 7.09
N MET C 247 -45.90 -28.96 6.38
CA MET C 247 -45.30 -27.79 7.02
C MET C 247 -46.33 -26.68 7.30
N ARG C 248 -46.35 -26.23 8.54
CA ARG C 248 -47.18 -25.11 8.95
C ARG C 248 -46.28 -23.92 9.27
N PHE C 249 -46.18 -23.00 8.32
CA PHE C 249 -45.41 -21.78 8.50
C PHE C 249 -46.14 -20.82 9.44
N VAL C 250 -45.38 -20.24 10.38
CA VAL C 250 -45.90 -19.30 11.36
C VAL C 250 -45.53 -17.88 10.95
N GLY C 251 -46.53 -16.99 10.85
CA GLY C 251 -46.30 -15.65 10.33
C GLY C 251 -45.57 -14.76 11.30
N GLY C 252 -44.88 -13.76 10.77
CA GLY C 252 -44.30 -12.69 11.58
C GLY C 252 -42.78 -12.63 11.64
N GLU C 253 -42.26 -11.45 11.96
CA GLU C 253 -40.81 -11.22 12.14
C GLU C 253 -40.20 -12.10 13.23
N SER C 254 -40.91 -12.31 14.34
CA SER C 254 -40.39 -13.12 15.44
C SER C 254 -40.13 -14.55 14.98
N ALA C 255 -41.13 -15.15 14.31
CA ALA C 255 -40.99 -16.50 13.79
C ALA C 255 -39.92 -16.58 12.69
N GLY C 256 -39.83 -15.52 11.89
CA GLY C 256 -38.88 -15.48 10.77
C GLY C 256 -37.44 -15.47 11.23
N VAL C 257 -37.10 -14.54 12.12
CA VAL C 257 -35.76 -14.51 12.70
C VAL C 257 -35.50 -15.78 13.54
N GLY C 258 -36.57 -16.34 14.09
CA GLY C 258 -36.52 -17.64 14.75
C GLY C 258 -36.12 -18.78 13.82
N ARG C 259 -36.60 -18.74 12.58
CA ARG C 259 -36.25 -19.76 11.56
C ARG C 259 -34.79 -19.62 11.09
N VAL C 260 -34.31 -18.38 10.92
CA VAL C 260 -32.90 -18.16 10.60
C VAL C 260 -32.03 -18.76 11.71
N PHE C 261 -32.39 -18.50 12.96
CA PHE C 261 -31.69 -19.10 14.10
C PHE C 261 -31.74 -20.62 14.08
N GLU C 262 -32.94 -21.17 13.84
CA GLU C 262 -33.14 -22.61 13.81
C GLU C 262 -32.29 -23.30 12.73
N TYR C 263 -32.39 -22.84 11.50
CA TYR C 263 -31.72 -23.47 10.36
C TYR C 263 -30.19 -23.29 10.42
N PHE C 264 -29.73 -22.07 10.65
CA PHE C 264 -28.28 -21.78 10.67
C PHE C 264 -27.62 -22.33 11.93
N TRP C 265 -28.11 -21.94 13.10
CA TRP C 265 -27.39 -22.12 14.35
C TRP C 265 -27.83 -23.34 15.17
N LYS C 266 -29.10 -23.44 15.48
CA LYS C 266 -29.57 -24.54 16.35
C LYS C 266 -29.31 -25.90 15.70
N LYS C 267 -29.71 -26.05 14.44
CA LYS C 267 -29.56 -27.33 13.73
C LYS C 267 -28.28 -27.44 12.90
N ASP C 268 -27.57 -26.33 12.74
CA ASP C 268 -26.28 -26.30 12.06
C ASP C 268 -26.35 -26.89 10.64
N LEU C 269 -27.41 -26.54 9.92
CA LEU C 269 -27.68 -27.10 8.60
C LEU C 269 -27.14 -26.28 7.42
N LEU C 270 -26.77 -25.02 7.65
CA LEU C 270 -26.26 -24.21 6.55
C LEU C 270 -25.06 -24.84 5.85
N LYS C 271 -24.16 -25.48 6.61
CA LYS C 271 -22.96 -26.08 6.02
C LYS C 271 -23.23 -27.22 5.02
N VAL C 272 -24.47 -27.72 4.95
CA VAL C 272 -24.83 -28.73 3.93
C VAL C 272 -25.98 -28.30 2.99
N TYR C 273 -26.35 -27.03 3.01
CA TYR C 273 -27.42 -26.50 2.16
C TYR C 273 -27.34 -26.93 0.67
N LYS C 274 -26.17 -26.82 0.05
CA LYS C 274 -26.04 -27.17 -1.38
C LYS C 274 -26.30 -28.67 -1.62
N GLU C 275 -25.92 -29.50 -0.66
CA GLU C 275 -26.17 -30.93 -0.73
C GLU C 275 -27.66 -31.29 -0.76
N THR C 276 -28.46 -30.56 0.01
CA THR C 276 -29.84 -30.96 0.30
C THR C 276 -30.92 -30.12 -0.42
N ARG C 277 -30.53 -28.99 -1.01
CA ARG C 277 -31.51 -28.01 -1.53
C ARG C 277 -32.45 -28.50 -2.65
N ASN C 278 -32.14 -29.63 -3.26
CA ASN C 278 -33.02 -30.23 -4.28
C ASN C 278 -33.98 -31.27 -3.71
N GLY C 279 -34.05 -31.38 -2.39
CA GLY C 279 -35.03 -32.25 -1.71
C GLY C 279 -36.46 -31.72 -1.77
N MET C 280 -37.39 -32.56 -1.31
CA MET C 280 -38.82 -32.24 -1.40
C MET C 280 -39.59 -32.49 -0.09
N LEU C 281 -39.08 -33.35 0.79
CA LEU C 281 -39.79 -33.74 1.99
C LEU C 281 -39.16 -33.15 3.25
N GLY C 282 -39.97 -32.44 4.03
CA GLY C 282 -39.57 -32.01 5.38
C GLY C 282 -38.92 -30.65 5.39
N PRO C 283 -38.86 -30.02 6.58
CA PRO C 283 -38.28 -28.68 6.70
C PRO C 283 -36.75 -28.57 6.58
N ASP C 284 -36.02 -29.63 6.91
CA ASP C 284 -34.55 -29.56 6.99
C ASP C 284 -33.81 -29.30 5.67
N TYR C 285 -34.38 -29.69 4.52
CA TYR C 285 -33.60 -29.70 3.26
C TYR C 285 -33.19 -28.31 2.72
N SER C 286 -33.83 -27.25 3.19
CA SER C 286 -33.51 -25.89 2.71
C SER C 286 -33.87 -24.83 3.75
N THR C 287 -33.59 -23.56 3.47
CA THR C 287 -33.78 -22.50 4.47
C THR C 287 -35.24 -22.34 4.89
N LYS C 288 -36.15 -22.51 3.94
CA LYS C 288 -37.58 -22.19 4.11
C LYS C 288 -37.79 -20.72 4.50
N PHE C 289 -36.88 -19.84 4.08
CA PHE C 289 -36.97 -18.41 4.38
C PHE C 289 -38.02 -17.66 3.51
N SER C 290 -38.43 -18.25 2.38
CA SER C 290 -39.17 -17.49 1.37
C SER C 290 -40.48 -16.80 1.83
N PRO C 291 -41.32 -17.47 2.65
CA PRO C 291 -42.53 -16.74 3.07
C PRO C 291 -42.24 -15.47 3.87
N TRP C 292 -41.22 -15.52 4.72
CA TRP C 292 -40.85 -14.35 5.52
C TRP C 292 -40.19 -13.28 4.67
N LEU C 293 -39.43 -13.69 3.67
CA LEU C 293 -38.85 -12.74 2.73
C LEU C 293 -39.93 -12.06 1.88
N ALA C 294 -40.94 -12.82 1.44
CA ALA C 294 -42.00 -12.27 0.57
C ALA C 294 -42.83 -11.18 1.27
N PHE C 295 -43.12 -11.36 2.54
CA PHE C 295 -43.82 -10.34 3.34
C PHE C 295 -42.87 -9.31 4.00
N GLY C 296 -41.57 -9.48 3.79
CA GLY C 296 -40.57 -8.59 4.36
C GLY C 296 -40.42 -8.70 5.86
N CYS C 297 -40.84 -9.83 6.43
CA CYS C 297 -40.65 -10.11 7.86
C CYS C 297 -39.17 -10.23 8.23
N ILE C 298 -38.36 -10.66 7.26
CA ILE C 298 -36.90 -10.62 7.38
C ILE C 298 -36.31 -10.04 6.10
N SER C 299 -35.06 -9.61 6.17
CA SER C 299 -34.42 -8.94 5.05
C SER C 299 -33.18 -9.70 4.58
N PRO C 300 -32.87 -9.65 3.27
CA PRO C 300 -31.66 -10.31 2.78
C PRO C 300 -30.35 -9.77 3.37
N ARG C 301 -30.30 -8.49 3.73
CA ARG C 301 -29.12 -7.92 4.39
C ARG C 301 -28.86 -8.57 5.76
N PHE C 302 -29.92 -8.78 6.54
CA PHE C 302 -29.82 -9.53 7.80
C PHE C 302 -29.33 -10.96 7.56
N ILE C 303 -29.91 -11.64 6.57
CA ILE C 303 -29.51 -13.02 6.25
C ILE C 303 -28.02 -13.08 5.87
N TYR C 304 -27.58 -12.12 5.06
CA TYR C 304 -26.17 -12.06 4.65
C TYR C 304 -25.24 -11.89 5.84
N GLU C 305 -25.58 -10.97 6.74
CA GLU C 305 -24.81 -10.78 7.97
C GLU C 305 -24.72 -12.05 8.82
N GLU C 306 -25.81 -12.81 8.86
CA GLU C 306 -25.83 -14.07 9.58
C GLU C 306 -24.96 -15.12 8.90
N VAL C 307 -25.00 -15.17 7.57
CA VAL C 307 -24.13 -16.08 6.81
C VAL C 307 -22.65 -15.75 7.08
N GLN C 308 -22.30 -14.45 7.05
CA GLN C 308 -20.94 -13.96 7.33
CA GLN C 308 -20.91 -14.06 7.28
C GLN C 308 -20.45 -14.49 8.67
N ARG C 309 -21.31 -14.31 9.68
CA ARG C 309 -21.02 -14.73 11.05
C ARG C 309 -20.83 -16.25 11.13
N TYR C 310 -21.72 -16.99 10.48
CA TYR C 310 -21.62 -18.44 10.40
C TYR C 310 -20.30 -18.88 9.78
N GLU C 311 -19.91 -18.20 8.69
CA GLU C 311 -18.68 -18.53 7.98
C GLU C 311 -17.42 -18.38 8.86
N LYS C 312 -17.43 -17.45 9.79
CA LYS C 312 -16.26 -17.22 10.65
C LYS C 312 -16.30 -18.04 11.95
N GLU C 313 -17.49 -18.36 12.44
CA GLU C 313 -17.64 -19.11 13.70
C GLU C 313 -17.76 -20.63 13.52
N ARG C 314 -18.19 -21.08 12.34
CA ARG C 314 -18.42 -22.51 12.08
C ARG C 314 -17.59 -23.04 10.90
N VAL C 315 -17.91 -22.58 9.69
CA VAL C 315 -17.21 -22.99 8.47
C VAL C 315 -17.67 -22.17 7.26
N ALA C 316 -16.75 -21.91 6.33
CA ALA C 316 -17.08 -21.32 5.03
C ALA C 316 -16.86 -22.38 3.96
N ASN C 317 -17.90 -22.64 3.16
CA ASN C 317 -17.80 -23.61 2.07
C ASN C 317 -18.78 -23.29 0.94
N ASN C 318 -18.97 -24.23 0.03
CA ASN C 318 -19.85 -23.97 -1.12
C ASN C 318 -21.33 -23.89 -0.77
N SER C 319 -21.72 -24.52 0.33
CA SER C 319 -23.08 -24.46 0.85
C SER C 319 -23.40 -23.11 1.49
N THR C 320 -22.45 -22.56 2.24
CA THR C 320 -22.62 -21.24 2.85
C THR C 320 -22.69 -20.17 1.76
N TYR C 321 -21.90 -20.33 0.71
CA TYR C 321 -21.98 -19.44 -0.45
C TYR C 321 -23.30 -19.62 -1.24
N TRP C 322 -23.76 -20.85 -1.41
CA TRP C 322 -24.89 -21.08 -2.33
C TRP C 322 -26.19 -20.42 -1.88
N VAL C 323 -26.38 -20.24 -0.57
CA VAL C 323 -27.53 -19.48 -0.09
C VAL C 323 -27.52 -18.06 -0.65
N LEU C 324 -26.32 -17.47 -0.75
CA LEU C 324 -26.16 -16.13 -1.30
C LEU C 324 -26.39 -16.16 -2.80
N PHE C 325 -25.89 -17.20 -3.47
CA PHE C 325 -26.11 -17.41 -4.90
C PHE C 325 -27.60 -17.33 -5.23
N GLU C 326 -28.41 -18.01 -4.44
CA GLU C 326 -29.86 -18.05 -4.63
C GLU C 326 -30.54 -16.74 -4.28
N LEU C 327 -30.07 -16.06 -3.23
CA LEU C 327 -30.56 -14.72 -2.92
C LEU C 327 -30.26 -13.72 -4.04
N ILE C 328 -29.14 -13.94 -4.76
CA ILE C 328 -28.81 -13.10 -5.91
C ILE C 328 -29.76 -13.39 -7.09
N TRP C 329 -30.21 -14.63 -7.23
CA TRP C 329 -31.30 -14.91 -8.18
C TRP C 329 -32.57 -14.14 -7.82
N ARG C 330 -32.90 -14.07 -6.53
CA ARG C 330 -34.04 -13.26 -6.07
C ARG C 330 -33.86 -11.79 -6.49
N ASP C 331 -32.69 -11.23 -6.22
CA ASP C 331 -32.37 -9.86 -6.68
C ASP C 331 -32.54 -9.72 -8.18
N TYR C 332 -32.02 -10.70 -8.92
CA TYR C 332 -32.00 -10.61 -10.39
C TYR C 332 -33.42 -10.54 -10.98
N PHE C 333 -34.32 -11.41 -10.53
CA PHE C 333 -35.70 -11.35 -10.98
C PHE C 333 -36.39 -10.03 -10.58
N ARG C 334 -36.05 -9.50 -9.41
CA ARG C 334 -36.60 -8.18 -9.00
C ARG C 334 -36.16 -7.09 -9.98
N PHE C 335 -34.86 -7.05 -10.31
CA PHE C 335 -34.36 -6.05 -11.24
C PHE C 335 -34.89 -6.27 -12.66
N LEU C 336 -34.98 -7.53 -13.09
CA LEU C 336 -35.63 -7.89 -14.35
C LEU C 336 -37.05 -7.36 -14.49
N SER C 337 -37.80 -7.38 -13.39
CA SER C 337 -39.17 -6.85 -13.38
C SER C 337 -39.19 -5.39 -13.80
N ILE C 338 -38.18 -4.62 -13.39
CA ILE C 338 -38.05 -3.22 -13.82
C ILE C 338 -37.65 -3.09 -15.30
N LYS C 339 -36.64 -3.84 -15.72
CA LYS C 339 -36.18 -3.77 -17.10
C LYS C 339 -37.27 -4.20 -18.10
N CYS C 340 -38.02 -5.24 -17.74
CA CYS C 340 -39.01 -5.82 -18.65
C CYS C 340 -40.40 -5.20 -18.56
N GLY C 341 -40.72 -4.62 -17.40
CA GLY C 341 -42.05 -4.04 -17.18
C GLY C 341 -43.14 -5.07 -17.36
N ASN C 342 -44.27 -4.67 -17.96
CA ASN C 342 -45.43 -5.57 -18.10
C ASN C 342 -45.24 -6.76 -19.03
N SER C 343 -44.18 -6.76 -19.87
CA SER C 343 -43.90 -7.94 -20.71
C SER C 343 -43.59 -9.19 -19.88
N LEU C 344 -43.25 -9.01 -18.60
CA LEU C 344 -43.17 -10.10 -17.62
C LEU C 344 -44.43 -10.95 -17.53
N PHE C 345 -45.58 -10.32 -17.78
CA PHE C 345 -46.88 -10.97 -17.60
C PHE C 345 -47.50 -11.41 -18.92
N HIS C 346 -46.87 -11.05 -20.04
CA HIS C 346 -47.43 -11.33 -21.36
C HIS C 346 -47.11 -12.75 -21.83
N LEU C 347 -48.09 -13.37 -22.50
CA LEU C 347 -47.99 -14.76 -22.98
C LEU C 347 -46.67 -15.04 -23.68
N GLY C 348 -46.28 -14.16 -24.60
CA GLY C 348 -45.04 -14.32 -25.36
C GLY C 348 -43.77 -13.79 -24.70
N GLY C 349 -43.90 -13.24 -23.49
CA GLY C 349 -42.74 -12.75 -22.73
C GLY C 349 -42.06 -11.53 -23.33
N PRO C 350 -40.92 -11.10 -22.75
CA PRO C 350 -40.18 -9.91 -23.19
C PRO C 350 -39.90 -9.84 -24.69
N ARG C 351 -39.49 -10.96 -25.28
CA ARG C 351 -39.17 -11.03 -26.71
C ARG C 351 -40.40 -11.18 -27.62
N ASN C 352 -41.59 -11.27 -27.04
CA ASN C 352 -42.84 -11.29 -27.80
C ASN C 352 -42.96 -12.51 -28.72
N VAL C 353 -42.64 -13.67 -28.17
CA VAL C 353 -42.61 -14.93 -28.93
C VAL C 353 -44.03 -15.42 -29.26
N GLN C 354 -44.24 -15.87 -30.50
CA GLN C 354 -45.49 -16.54 -30.88
C GLN C 354 -45.41 -18.04 -30.58
N GLY C 355 -46.56 -18.64 -30.30
CA GLY C 355 -46.64 -20.06 -29.94
C GLY C 355 -48.05 -20.60 -29.89
N LYS C 356 -48.19 -21.89 -29.58
CA LYS C 356 -49.51 -22.53 -29.47
C LYS C 356 -49.74 -23.05 -28.05
N TRP C 357 -50.77 -22.53 -27.40
CA TRP C 357 -51.08 -22.88 -26.00
C TRP C 357 -52.56 -23.20 -25.86
N SER C 358 -52.88 -24.23 -25.08
CA SER C 358 -54.26 -24.59 -24.77
C SER C 358 -54.71 -23.95 -23.45
N GLN C 359 -56.00 -23.68 -23.35
CA GLN C 359 -56.60 -23.26 -22.08
C GLN C 359 -57.66 -24.26 -21.65
N ASP C 360 -57.47 -25.53 -22.03
CA ASP C 360 -58.44 -26.58 -21.75
C ASP C 360 -58.69 -26.73 -20.26
N GLN C 361 -59.94 -26.50 -19.85
CA GLN C 361 -60.31 -26.43 -18.44
C GLN C 361 -60.13 -27.77 -17.74
N LYS C 362 -60.54 -28.85 -18.39
CA LYS C 362 -60.41 -30.19 -17.81
C LYS C 362 -58.96 -30.58 -17.55
N LEU C 363 -58.09 -30.33 -18.53
CA LEU C 363 -56.66 -30.59 -18.37
C LEU C 363 -56.09 -29.82 -17.18
N PHE C 364 -56.38 -28.52 -17.15
CA PHE C 364 -55.87 -27.66 -16.07
C PHE C 364 -56.35 -28.14 -14.69
N GLU C 365 -57.63 -28.50 -14.59
CA GLU C 365 -58.20 -28.95 -13.32
C GLU C 365 -57.52 -30.22 -12.79
N SER C 366 -57.15 -31.13 -13.70
CA SER C 366 -56.42 -32.35 -13.30
C SER C 366 -55.05 -32.01 -12.67
N TRP C 367 -54.42 -30.94 -13.16
CA TRP C 367 -53.15 -30.45 -12.60
C TRP C 367 -53.38 -29.79 -11.22
N ARG C 368 -54.30 -28.83 -11.19
CA ARG C 368 -54.67 -28.12 -9.96
C ARG C 368 -55.08 -29.09 -8.83
N ASP C 369 -55.90 -30.08 -9.18
CA ASP C 369 -56.48 -30.98 -8.19
C ASP C 369 -55.66 -32.25 -7.95
N ALA C 370 -54.44 -32.31 -8.48
CA ALA C 370 -53.54 -33.42 -8.21
C ALA C 370 -54.12 -34.75 -8.66
N LYS C 371 -54.67 -34.77 -9.86
CA LYS C 371 -55.23 -35.99 -10.45
C LYS C 371 -54.67 -36.19 -11.87
N THR C 372 -53.36 -36.02 -12.02
CA THR C 372 -52.71 -36.20 -13.32
C THR C 372 -52.40 -37.68 -13.60
N GLY C 373 -52.26 -38.48 -12.54
CA GLY C 373 -51.84 -39.88 -12.67
C GLY C 373 -50.34 -40.10 -12.51
N TYR C 374 -49.58 -39.02 -12.33
CA TYR C 374 -48.15 -39.09 -12.07
C TYR C 374 -47.92 -38.67 -10.62
N PRO C 375 -47.61 -39.63 -9.73
CA PRO C 375 -47.42 -39.33 -8.31
C PRO C 375 -46.52 -38.13 -8.02
N LEU C 376 -45.40 -38.02 -8.72
CA LEU C 376 -44.46 -36.90 -8.50
C LEU C 376 -45.14 -35.53 -8.67
N ILE C 377 -45.96 -35.41 -9.70
CA ILE C 377 -46.71 -34.18 -9.97
C ILE C 377 -47.80 -34.00 -8.93
N ASP C 378 -48.60 -35.05 -8.73
CA ASP C 378 -49.77 -34.96 -7.86
C ASP C 378 -49.39 -34.68 -6.41
N ALA C 379 -48.31 -35.30 -5.94
CA ALA C 379 -47.83 -35.06 -4.57
C ALA C 379 -47.47 -33.59 -4.38
N ASN C 380 -46.75 -33.03 -5.37
CA ASN C 380 -46.36 -31.62 -5.34
C ASN C 380 -47.55 -30.67 -5.35
N MET C 381 -48.53 -30.94 -6.22
CA MET C 381 -49.70 -30.08 -6.32
C MET C 381 -50.59 -30.16 -5.05
N LYS C 382 -50.64 -31.34 -4.44
CA LYS C 382 -51.33 -31.54 -3.16
C LYS C 382 -50.62 -30.82 -2.01
N GLU C 383 -49.28 -30.88 -1.97
CA GLU C 383 -48.50 -30.11 -1.00
C GLU C 383 -48.85 -28.62 -1.06
N LEU C 384 -48.89 -28.08 -2.28
CA LEU C 384 -49.17 -26.66 -2.50
C LEU C 384 -50.54 -26.22 -1.98
N SER C 385 -51.59 -26.95 -2.34
CA SER C 385 -52.93 -26.59 -1.91
C SER C 385 -53.16 -26.86 -0.41
N THR C 386 -52.37 -27.78 0.18
CA THR C 386 -52.49 -28.10 1.61
C THR C 386 -51.72 -27.13 2.52
N THR C 387 -50.55 -26.68 2.07
CA THR C 387 -49.61 -25.93 2.92
C THR C 387 -49.24 -24.53 2.42
N GLY C 388 -49.50 -24.25 1.14
CA GLY C 388 -49.09 -22.99 0.52
C GLY C 388 -47.60 -22.90 0.19
N PHE C 389 -46.92 -24.05 0.19
CA PHE C 389 -45.50 -24.12 -0.15
C PHE C 389 -45.26 -25.32 -1.07
N MET C 390 -44.20 -25.23 -1.88
CA MET C 390 -43.70 -26.35 -2.69
C MET C 390 -42.19 -26.21 -2.78
N SER C 391 -41.46 -27.32 -2.78
CA SER C 391 -40.00 -27.27 -2.94
C SER C 391 -39.64 -26.63 -4.28
N ASN C 392 -38.46 -26.00 -4.33
CA ASN C 392 -37.91 -25.45 -5.55
C ASN C 392 -37.84 -26.50 -6.67
N ARG C 393 -37.37 -27.69 -6.33
CA ARG C 393 -37.30 -28.79 -7.30
C ARG C 393 -38.71 -29.12 -7.86
N GLY C 394 -39.68 -29.28 -6.97
CA GLY C 394 -41.06 -29.52 -7.37
C GLY C 394 -41.66 -28.42 -8.24
N ARG C 395 -41.42 -27.16 -7.89
CA ARG C 395 -41.94 -26.04 -8.68
C ARG C 395 -41.46 -26.12 -10.13
N GLN C 396 -40.17 -26.41 -10.32
CA GLN C 396 -39.61 -26.50 -11.67
C GLN C 396 -40.26 -27.67 -12.43
N ILE C 397 -40.44 -28.80 -11.74
CA ILE C 397 -41.02 -30.00 -12.37
C ILE C 397 -42.49 -29.80 -12.79
N VAL C 398 -43.31 -29.26 -11.89
CA VAL C 398 -44.74 -29.06 -12.24
C VAL C 398 -44.94 -27.97 -13.32
N CYS C 399 -44.02 -27.00 -13.38
CA CYS C 399 -44.01 -25.99 -14.44
C CYS C 399 -43.72 -26.65 -15.79
N SER C 400 -42.63 -27.41 -15.85
CA SER C 400 -42.27 -28.15 -17.06
C SER C 400 -43.42 -29.04 -17.52
N PHE C 401 -44.05 -29.74 -16.57
CA PHE C 401 -45.15 -30.65 -16.88
C PHE C 401 -46.37 -29.93 -17.46
N LEU C 402 -46.80 -28.84 -16.82
CA LEU C 402 -47.95 -28.08 -17.33
C LEU C 402 -47.69 -27.53 -18.74
N VAL C 403 -46.51 -26.95 -18.95
CA VAL C 403 -46.18 -26.29 -20.21
C VAL C 403 -45.87 -27.29 -21.34
N ARG C 404 -45.02 -28.27 -21.06
CA ARG C 404 -44.46 -29.14 -22.11
C ARG C 404 -45.22 -30.45 -22.31
N ASP C 405 -45.65 -31.09 -21.22
CA ASP C 405 -46.37 -32.35 -21.32
C ASP C 405 -47.86 -32.10 -21.56
N MET C 406 -48.45 -31.16 -20.83
CA MET C 406 -49.87 -30.85 -21.01
C MET C 406 -50.14 -29.82 -22.14
N GLY C 407 -49.15 -29.01 -22.48
CA GLY C 407 -49.30 -28.00 -23.54
C GLY C 407 -50.16 -26.80 -23.15
N LEU C 408 -50.24 -26.51 -21.86
CA LEU C 408 -51.13 -25.45 -21.37
C LEU C 408 -50.47 -24.07 -21.32
N ASP C 409 -51.30 -23.05 -21.54
CA ASP C 409 -50.96 -21.65 -21.32
C ASP C 409 -50.31 -21.51 -19.94
N TRP C 410 -49.05 -21.11 -19.91
CA TRP C 410 -48.27 -21.05 -18.65
C TRP C 410 -48.88 -20.11 -17.60
N ARG C 411 -49.63 -19.10 -18.05
CA ARG C 411 -50.25 -18.13 -17.13
C ARG C 411 -51.32 -18.76 -16.23
N MET C 412 -51.90 -19.90 -16.67
CA MET C 412 -52.84 -20.65 -15.83
C MET C 412 -52.12 -21.22 -14.60
N GLY C 413 -50.95 -21.79 -14.82
CA GLY C 413 -50.09 -22.25 -13.72
C GLY C 413 -49.58 -21.12 -12.84
N ALA C 414 -49.11 -20.04 -13.47
CA ALA C 414 -48.64 -18.87 -12.76
C ALA C 414 -49.71 -18.27 -11.85
N GLU C 415 -50.93 -18.12 -12.36
CA GLU C 415 -52.03 -17.55 -11.55
C GLU C 415 -52.45 -18.49 -10.41
N TRP C 416 -52.36 -19.80 -10.61
CA TRP C 416 -52.67 -20.73 -9.52
C TRP C 416 -51.59 -20.67 -8.42
N PHE C 417 -50.31 -20.59 -8.80
CA PHE C 417 -49.25 -20.32 -7.82
C PHE C 417 -49.51 -18.98 -7.08
N GLU C 418 -49.95 -17.96 -7.82
CA GLU C 418 -50.28 -16.64 -7.20
C GLU C 418 -51.39 -16.78 -6.14
N THR C 419 -52.40 -17.62 -6.38
CA THR C 419 -53.42 -17.87 -5.35
C THR C 419 -52.86 -18.59 -4.12
N CYS C 420 -52.06 -19.63 -4.38
CA CYS C 420 -51.69 -20.62 -3.35
C CYS C 420 -50.46 -20.30 -2.50
N LEU C 421 -49.42 -19.72 -3.11
CA LEU C 421 -48.12 -19.63 -2.44
C LEU C 421 -48.06 -18.63 -1.28
N LEU C 422 -47.66 -19.10 -0.10
CA LEU C 422 -47.38 -18.18 1.00
C LEU C 422 -46.33 -17.15 0.58
N ASP C 423 -45.33 -17.60 -0.19
CA ASP C 423 -44.23 -16.73 -0.60
C ASP C 423 -44.43 -16.03 -1.94
N TYR C 424 -45.67 -15.97 -2.44
CA TYR C 424 -45.95 -15.34 -3.72
C TYR C 424 -45.34 -13.94 -3.82
N ASP C 425 -44.64 -13.72 -4.92
CA ASP C 425 -43.92 -12.47 -5.22
C ASP C 425 -44.01 -12.36 -6.75
N PRO C 426 -44.61 -11.26 -7.29
CA PRO C 426 -44.79 -11.21 -8.75
C PRO C 426 -43.49 -11.38 -9.55
N CYS C 427 -42.41 -10.73 -9.10
CA CYS C 427 -41.12 -10.79 -9.78
C CYS C 427 -40.62 -12.23 -9.88
N SER C 428 -40.59 -12.92 -8.73
CA SER C 428 -40.07 -14.27 -8.64
C SER C 428 -41.00 -15.30 -9.30
N ASN C 429 -42.30 -15.18 -9.07
CA ASN C 429 -43.25 -16.13 -9.65
C ASN C 429 -43.31 -16.03 -11.16
N TYR C 430 -43.57 -14.84 -11.67
CA TYR C 430 -43.70 -14.66 -13.12
C TYR C 430 -42.33 -14.77 -13.81
N GLY C 431 -41.28 -14.35 -13.11
CA GLY C 431 -39.91 -14.55 -13.57
C GLY C 431 -39.56 -16.01 -13.79
N ASN C 432 -39.83 -16.85 -12.78
CA ASN C 432 -39.57 -18.30 -12.85
C ASN C 432 -40.49 -19.07 -13.80
N TRP C 433 -41.76 -18.67 -13.87
CA TRP C 433 -42.70 -19.30 -14.81
C TRP C 433 -42.27 -19.04 -16.26
N THR C 434 -41.93 -17.79 -16.59
CA THR C 434 -41.51 -17.46 -17.96
C THR C 434 -40.18 -18.12 -18.29
N TYR C 435 -39.28 -18.17 -17.31
CA TYR C 435 -38.00 -18.87 -17.44
C TYR C 435 -38.23 -20.33 -17.79
N GLY C 436 -39.04 -21.01 -16.98
CA GLY C 436 -39.36 -22.42 -17.20
C GLY C 436 -40.13 -22.70 -18.48
N ALA C 437 -41.00 -21.77 -18.87
CA ALA C 437 -41.81 -21.92 -20.09
C ALA C 437 -41.00 -21.62 -21.35
N GLY C 438 -39.85 -20.99 -21.20
CA GLY C 438 -38.96 -20.71 -22.32
C GLY C 438 -39.21 -19.39 -23.02
N VAL C 439 -39.97 -18.50 -22.38
CA VAL C 439 -40.30 -17.19 -22.95
C VAL C 439 -39.82 -16.05 -22.05
N GLY C 440 -38.93 -16.35 -21.11
CA GLY C 440 -38.42 -15.34 -20.18
C GLY C 440 -36.92 -15.24 -20.30
N ASN C 441 -36.25 -15.15 -19.15
CA ASN C 441 -34.80 -15.10 -19.11
C ASN C 441 -34.22 -16.40 -19.69
N ASP C 442 -33.09 -16.28 -20.40
CA ASP C 442 -32.39 -17.42 -21.00
C ASP C 442 -33.33 -18.40 -21.74
N PRO C 443 -34.02 -17.89 -22.78
CA PRO C 443 -34.99 -18.73 -23.48
C PRO C 443 -34.37 -19.91 -24.22
N ARG C 444 -35.02 -21.06 -24.17
CA ARG C 444 -34.62 -22.22 -24.96
C ARG C 444 -35.76 -23.25 -24.98
N GLU C 445 -35.82 -24.04 -26.05
CA GLU C 445 -36.91 -24.99 -26.27
C GLU C 445 -36.76 -26.33 -25.54
N ASP C 446 -35.57 -26.60 -25.02
CA ASP C 446 -35.25 -27.91 -24.43
C ASP C 446 -35.11 -27.86 -22.90
N ARG C 447 -35.69 -26.85 -22.27
CA ARG C 447 -35.76 -26.81 -20.81
C ARG C 447 -36.93 -27.71 -20.41
N TYR C 448 -36.64 -29.00 -20.35
CA TYR C 448 -37.64 -30.05 -20.11
C TYR C 448 -37.15 -30.98 -19.01
N PHE C 449 -37.99 -31.20 -18.01
CA PHE C 449 -37.68 -32.12 -16.91
C PHE C 449 -38.30 -33.50 -17.18
N SER C 450 -37.46 -34.53 -17.19
CA SER C 450 -37.94 -35.90 -17.30
C SER C 450 -38.49 -36.38 -15.96
N ILE C 451 -39.80 -36.64 -15.92
CA ILE C 451 -40.48 -37.03 -14.70
C ILE C 451 -39.89 -38.33 -14.14
N PRO C 452 -39.70 -39.37 -14.98
CA PRO C 452 -39.03 -40.58 -14.49
C PRO C 452 -37.66 -40.31 -13.85
N LYS C 453 -36.81 -39.54 -14.53
CA LYS C 453 -35.47 -39.24 -14.01
C LYS C 453 -35.51 -38.43 -12.70
N GLN C 454 -36.43 -37.47 -12.62
CA GLN C 454 -36.54 -36.63 -11.42
C GLN C 454 -37.00 -37.44 -10.22
N ALA C 455 -38.00 -38.30 -10.44
CA ALA C 455 -38.47 -39.24 -9.42
C ALA C 455 -37.34 -40.12 -8.87
N GLN C 456 -36.52 -40.66 -9.77
CA GLN C 456 -35.45 -41.56 -9.37
C GLN C 456 -34.32 -40.84 -8.62
N ASN C 457 -33.97 -39.63 -9.07
CA ASN C 457 -32.87 -38.89 -8.48
C ASN C 457 -33.24 -38.12 -7.21
N TYR C 458 -34.48 -37.62 -7.10
CA TYR C 458 -34.87 -36.79 -5.95
C TYR C 458 -35.93 -37.38 -5.03
N ASP C 459 -36.47 -38.55 -5.39
CA ASP C 459 -37.34 -39.31 -4.49
C ASP C 459 -37.14 -40.83 -4.70
N PRO C 460 -35.90 -41.31 -4.52
CA PRO C 460 -35.54 -42.69 -4.89
C PRO C 460 -36.32 -43.79 -4.16
N GLU C 461 -36.73 -43.54 -2.91
CA GLU C 461 -37.49 -44.51 -2.13
C GLU C 461 -39.00 -44.23 -2.17
N GLY C 462 -39.42 -43.20 -2.92
CA GLY C 462 -40.82 -42.82 -3.00
C GLY C 462 -41.39 -42.27 -1.70
N GLU C 463 -40.51 -41.86 -0.78
CA GLU C 463 -40.93 -41.36 0.52
C GLU C 463 -41.78 -40.09 0.41
N TYR C 464 -41.39 -39.21 -0.51
CA TYR C 464 -42.12 -37.96 -0.71
C TYR C 464 -43.54 -38.23 -1.23
N VAL C 465 -43.63 -38.98 -2.32
CA VAL C 465 -44.95 -39.24 -2.93
C VAL C 465 -45.86 -40.02 -1.97
N ALA C 466 -45.28 -40.98 -1.23
CA ALA C 466 -46.04 -41.76 -0.26
C ALA C 466 -46.53 -40.92 0.93
N PHE C 467 -45.78 -39.90 1.30
CA PHE C 467 -46.19 -38.99 2.37
C PHE C 467 -47.46 -38.26 2.01
N TRP C 468 -47.52 -37.75 0.77
CA TRP C 468 -48.68 -36.96 0.31
C TRP C 468 -49.81 -37.81 -0.28
N LEU C 469 -49.47 -38.96 -0.83
CA LEU C 469 -50.44 -39.84 -1.47
C LEU C 469 -50.46 -41.16 -0.71
N GLN C 470 -51.22 -41.17 0.39
CA GLN C 470 -51.15 -42.24 1.39
C GLN C 470 -51.46 -43.65 0.87
N GLN C 471 -52.24 -43.73 -0.20
CA GLN C 471 -52.51 -45.01 -0.87
C GLN C 471 -51.25 -45.68 -1.42
N LEU C 472 -50.18 -44.91 -1.61
CA LEU C 472 -48.92 -45.44 -2.13
C LEU C 472 -48.00 -46.02 -1.06
N ARG C 473 -48.29 -45.73 0.21
CA ARG C 473 -47.39 -46.12 1.32
C ARG C 473 -47.14 -47.62 1.40
N ARG C 474 -48.14 -48.43 1.10
CA ARG C 474 -48.01 -49.89 1.18
C ARG C 474 -47.24 -50.48 -0.01
N LEU C 475 -46.97 -49.69 -1.04
CA LEU C 475 -46.26 -50.17 -2.23
C LEU C 475 -44.75 -50.11 -2.04
N PRO C 476 -44.01 -51.04 -2.70
CA PRO C 476 -42.54 -50.95 -2.71
C PRO C 476 -42.07 -49.79 -3.58
N LYS C 477 -40.81 -49.39 -3.41
CA LYS C 477 -40.29 -48.16 -4.04
C LYS C 477 -40.58 -48.06 -5.54
N GLU C 478 -40.44 -49.17 -6.25
CA GLU C 478 -40.57 -49.20 -7.71
C GLU C 478 -42.02 -49.01 -8.15
N LYS C 479 -42.95 -49.49 -7.32
CA LYS C 479 -44.37 -49.26 -7.58
C LYS C 479 -44.81 -47.86 -7.13
N ARG C 480 -44.11 -47.27 -6.18
CA ARG C 480 -44.53 -45.96 -5.65
C ARG C 480 -44.48 -44.87 -6.73
N HIS C 481 -43.54 -44.98 -7.67
CA HIS C 481 -43.49 -44.02 -8.77
C HIS C 481 -44.12 -44.52 -10.09
N TRP C 482 -44.36 -45.82 -10.19
CA TRP C 482 -45.11 -46.39 -11.32
C TRP C 482 -46.16 -47.38 -10.80
N PRO C 483 -47.18 -46.88 -10.09
CA PRO C 483 -48.16 -47.73 -9.42
C PRO C 483 -49.19 -48.38 -10.35
N GLY C 484 -49.39 -47.82 -11.53
CA GLY C 484 -50.38 -48.36 -12.47
C GLY C 484 -51.77 -47.79 -12.25
N ARG C 485 -52.65 -48.03 -13.21
CA ARG C 485 -53.95 -47.38 -13.27
C ARG C 485 -54.91 -47.79 -12.15
N LEU C 486 -54.98 -49.10 -11.87
CA LEU C 486 -55.97 -49.63 -10.93
C LEU C 486 -55.60 -49.42 -9.46
N MET C 487 -54.31 -49.39 -9.16
CA MET C 487 -53.87 -49.12 -7.78
C MET C 487 -53.67 -47.62 -7.51
N TYR C 488 -53.69 -46.80 -8.57
CA TYR C 488 -53.64 -45.34 -8.41
C TYR C 488 -54.71 -44.66 -9.28
N MET C 489 -54.37 -44.25 -10.50
CA MET C 489 -55.37 -43.70 -11.42
C MET C 489 -54.83 -43.64 -12.85
N ASP C 490 -55.71 -43.37 -13.80
CA ASP C 490 -55.31 -43.14 -15.20
C ASP C 490 -54.43 -41.90 -15.31
N THR C 491 -53.56 -41.89 -16.33
CA THR C 491 -52.78 -40.71 -16.65
C THR C 491 -53.58 -39.81 -17.59
N VAL C 492 -53.57 -38.51 -17.34
CA VAL C 492 -54.35 -37.56 -18.11
C VAL C 492 -53.71 -37.24 -19.47
N VAL C 493 -52.37 -37.33 -19.53
CA VAL C 493 -51.62 -37.17 -20.78
C VAL C 493 -50.40 -38.09 -20.75
N PRO C 494 -49.86 -38.43 -21.94
CA PRO C 494 -48.59 -39.15 -21.95
C PRO C 494 -47.43 -38.19 -21.70
N LEU C 495 -46.29 -38.71 -21.25
CA LEU C 495 -45.09 -37.90 -21.07
C LEU C 495 -44.50 -37.65 -22.44
N LYS C 496 -44.11 -36.40 -22.71
CA LYS C 496 -43.47 -36.06 -23.98
C LYS C 496 -42.15 -36.79 -24.18
N HIS C 497 -41.36 -36.93 -23.11
CA HIS C 497 -40.11 -37.72 -23.16
C HIS C 497 -39.94 -38.58 -21.91
N GLY C 498 -39.13 -39.63 -22.03
CA GLY C 498 -38.77 -40.49 -20.89
C GLY C 498 -39.48 -41.82 -20.90
N ASP D 3 -25.58 35.42 -47.54
CA ASP D 3 -26.62 35.63 -48.58
C ASP D 3 -27.70 34.55 -48.46
N HIS D 4 -28.96 34.98 -48.39
CA HIS D 4 -30.10 34.09 -48.16
C HIS D 4 -29.96 33.34 -46.84
N ILE D 5 -29.35 34.00 -45.86
CA ILE D 5 -29.20 33.45 -44.52
C ILE D 5 -30.23 34.14 -43.61
N HIS D 6 -30.98 33.35 -42.85
CA HIS D 6 -32.09 33.88 -42.06
C HIS D 6 -31.89 33.58 -40.58
N ARG D 7 -31.59 34.62 -39.80
CA ARG D 7 -31.45 34.47 -38.36
C ARG D 7 -32.79 34.07 -37.75
N VAL D 8 -32.76 33.09 -36.85
CA VAL D 8 -33.93 32.71 -36.07
C VAL D 8 -33.59 32.83 -34.57
N PRO D 9 -34.28 33.74 -33.85
CA PRO D 9 -35.26 34.72 -34.34
C PRO D 9 -34.59 35.81 -35.18
N ALA D 10 -35.38 36.56 -35.94
CA ALA D 10 -34.88 37.67 -36.76
C ALA D 10 -34.89 38.97 -35.96
N LEU D 11 -34.11 38.96 -34.88
CA LEU D 11 -33.98 40.10 -33.97
C LEU D 11 -32.50 40.30 -33.70
N THR D 12 -32.09 41.56 -33.53
CA THR D 12 -30.69 41.85 -33.15
C THR D 12 -30.41 41.35 -31.73
N GLU D 13 -29.14 41.25 -31.37
CA GLU D 13 -28.75 40.87 -30.00
C GLU D 13 -29.44 41.77 -28.98
N GLU D 14 -29.59 43.05 -29.32
CA GLU D 14 -30.16 44.03 -28.40
C GLU D 14 -31.68 43.90 -28.29
N GLU D 15 -32.35 43.67 -29.43
CA GLU D 15 -33.78 43.40 -29.41
C GLU D 15 -34.06 42.12 -28.61
N ILE D 16 -33.24 41.10 -28.82
CA ILE D 16 -33.31 39.86 -28.03
C ILE D 16 -33.21 40.16 -26.52
N ASP D 17 -32.24 41.00 -26.13
CA ASP D 17 -32.07 41.41 -24.74
C ASP D 17 -33.34 42.07 -24.16
N SER D 18 -33.95 43.00 -24.91
CA SER D 18 -35.17 43.68 -24.46
C SER D 18 -36.35 42.77 -24.25
N VAL D 19 -36.59 41.89 -25.21
CA VAL D 19 -37.68 40.91 -25.11
C VAL D 19 -37.46 40.04 -23.89
N ALA D 20 -36.23 39.57 -23.68
CA ALA D 20 -35.90 38.74 -22.54
C ALA D 20 -36.19 39.47 -21.23
N ILE D 21 -35.75 40.72 -21.13
CA ILE D 21 -36.05 41.54 -19.95
C ILE D 21 -37.55 41.54 -19.66
N LYS D 22 -38.37 41.82 -20.67
CA LYS D 22 -39.83 41.90 -20.50
C LYS D 22 -40.46 40.54 -20.17
N THR D 23 -39.93 39.46 -20.74
CA THR D 23 -40.43 38.12 -20.43
C THR D 23 -40.09 37.75 -18.99
N PHE D 24 -38.83 37.96 -18.60
CA PHE D 24 -38.40 37.67 -17.22
C PHE D 24 -39.20 38.49 -16.20
N GLU D 25 -39.47 39.77 -16.53
CA GLU D 25 -40.29 40.64 -15.68
C GLU D 25 -41.72 40.11 -15.52
N ARG D 26 -42.34 39.76 -16.64
CA ARG D 26 -43.71 39.23 -16.64
C ARG D 26 -43.87 38.01 -15.74
N TYR D 27 -42.89 37.10 -15.75
CA TYR D 27 -42.98 35.83 -15.03
C TYR D 27 -42.24 35.77 -13.70
N ALA D 28 -41.68 36.90 -13.27
CA ALA D 28 -40.91 36.97 -12.04
C ALA D 28 -41.76 36.66 -10.81
N LEU D 29 -41.18 35.96 -9.85
CA LEU D 29 -41.81 35.75 -8.55
C LEU D 29 -41.70 37.09 -7.82
N PRO D 30 -42.83 37.69 -7.42
CA PRO D 30 -42.70 38.91 -6.62
C PRO D 30 -42.17 38.60 -5.23
N SER D 31 -40.95 39.06 -4.93
CA SER D 31 -40.28 38.82 -3.65
C SER D 31 -40.39 37.36 -3.18
N SER D 32 -39.71 37.42 -1.89
CA SER D 32 -39.65 36.05 -1.42
C SER D 32 -39.27 35.97 0.06
N SER D 33 -40.14 36.51 0.91
CA SER D 33 -39.88 36.53 2.37
C SER D 33 -40.35 35.24 3.05
N SER D 34 -41.26 34.52 2.39
CA SER D 34 -41.85 33.28 2.94
C SER D 34 -40.85 32.11 2.93
N VAL D 35 -39.84 32.21 2.07
CA VAL D 35 -38.79 31.20 1.98
C VAL D 35 -37.62 31.65 2.82
N LYS D 36 -37.24 30.79 3.77
CA LYS D 36 -36.07 31.05 4.60
C LYS D 36 -34.88 30.27 4.09
N ARG D 37 -34.30 30.91 3.84
CA ARG D 37 -33.05 30.41 3.26
C ARG D 37 -31.96 30.25 4.31
N LYS D 38 -31.57 31.07 5.58
CA LYS D 38 -30.55 31.22 6.62
C LYS D 38 -30.09 29.87 7.19
N GLY D 39 -29.09 29.58 7.12
CA GLY D 39 -28.36 28.46 7.70
C GLY D 39 -28.59 27.13 6.98
N LYS D 40 -29.16 27.21 5.77
CA LYS D 40 -29.46 26.02 4.98
C LYS D 40 -28.26 25.52 4.17
N GLY D 41 -27.14 26.23 4.22
CA GLY D 41 -25.88 25.74 3.66
C GLY D 41 -25.72 25.87 2.14
N VAL D 42 -24.64 25.30 1.63
CA VAL D 42 -24.30 25.38 0.21
C VAL D 42 -24.95 24.24 -0.56
N THR D 43 -25.40 24.53 -1.78
CA THR D 43 -25.90 23.51 -2.70
C THR D 43 -25.28 23.68 -4.10
N ILE D 44 -25.17 22.57 -4.83
CA ILE D 44 -24.72 22.60 -6.22
C ILE D 44 -25.90 22.36 -7.16
N LEU D 45 -26.00 23.15 -8.22
CA LEU D 45 -27.02 22.97 -9.26
C LEU D 45 -26.29 22.55 -10.54
N TRP D 46 -26.55 21.32 -10.95
CA TRP D 46 -25.87 20.68 -12.07
C TRP D 46 -26.78 20.75 -13.31
N PHE D 47 -26.40 21.61 -14.27
CA PHE D 47 -27.12 21.79 -15.52
C PHE D 47 -26.75 20.71 -16.53
N ARG D 48 -27.74 20.25 -17.30
CA ARG D 48 -27.51 19.39 -18.48
C ARG D 48 -28.27 19.94 -19.70
N ASN D 49 -29.51 19.49 -19.90
CA ASN D 49 -30.33 20.00 -21.01
C ASN D 49 -31.53 20.77 -20.49
N ASP D 50 -31.21 21.68 -19.58
CA ASP D 50 -32.17 22.55 -18.92
C ASP D 50 -31.56 23.95 -18.80
N LEU D 51 -31.00 24.42 -19.90
CA LEU D 51 -30.16 25.62 -19.90
C LEU D 51 -30.99 26.90 -19.92
N ARG D 52 -31.66 27.15 -18.79
CA ARG D 52 -32.54 28.30 -18.62
C ARG D 52 -32.68 28.67 -17.15
N VAL D 53 -33.13 29.88 -16.88
CA VAL D 53 -33.56 30.27 -15.54
C VAL D 53 -35.09 30.18 -15.36
N LEU D 54 -35.86 30.52 -16.39
CA LEU D 54 -37.32 30.49 -16.29
C LEU D 54 -37.87 29.08 -16.07
N ASP D 55 -38.93 28.97 -15.28
CA ASP D 55 -39.64 27.71 -15.10
C ASP D 55 -38.70 26.53 -14.87
N ASN D 56 -37.76 26.71 -13.94
CA ASN D 56 -36.75 25.71 -13.66
C ASN D 56 -36.89 25.25 -12.22
N ASP D 57 -37.53 24.08 -12.04
CA ASP D 57 -37.78 23.52 -10.71
C ASP D 57 -36.53 23.09 -9.96
N ALA D 58 -35.53 22.59 -10.70
CA ALA D 58 -34.25 22.24 -10.11
C ALA D 58 -33.58 23.48 -9.49
N LEU D 59 -33.59 24.59 -10.23
CA LEU D 59 -33.08 25.87 -9.72
C LEU D 59 -33.89 26.39 -8.52
N TYR D 60 -35.21 26.38 -8.64
CA TYR D 60 -36.05 26.84 -7.52
C TYR D 60 -35.84 26.00 -6.27
N LYS D 61 -35.80 24.67 -6.44
CA LYS D 61 -35.60 23.76 -5.31
C LYS D 61 -34.22 23.93 -4.67
N ALA D 62 -33.19 24.09 -5.48
CA ALA D 62 -31.84 24.39 -4.97
C ALA D 62 -31.84 25.68 -4.16
N TRP D 63 -32.48 26.72 -4.69
CA TRP D 63 -32.59 28.02 -4.03
C TRP D 63 -33.31 27.93 -2.68
N SER D 64 -34.49 27.32 -2.68
CA SER D 64 -35.31 27.25 -1.46
C SER D 64 -34.73 26.36 -0.34
N SER D 65 -33.81 25.46 -0.67
CA SER D 65 -33.24 24.55 0.34
C SER D 65 -31.79 24.90 0.73
N SER D 66 -31.34 26.11 0.39
CA SER D 66 -29.95 26.51 0.65
C SER D 66 -29.87 27.99 1.03
N ASP D 67 -28.67 28.43 1.42
CA ASP D 67 -28.38 29.87 1.52
C ASP D 67 -27.35 30.32 0.46
N THR D 68 -26.72 29.37 -0.22
CA THR D 68 -25.69 29.64 -1.22
C THR D 68 -25.75 28.58 -2.33
N ILE D 69 -25.72 29.01 -3.59
CA ILE D 69 -25.81 28.08 -4.75
C ILE D 69 -24.58 28.16 -5.65
N LEU D 70 -24.04 27.00 -6.01
CA LEU D 70 -22.96 26.91 -6.99
C LEU D 70 -23.49 26.20 -8.25
N PRO D 71 -23.92 26.97 -9.27
CA PRO D 71 -24.35 26.36 -10.54
C PRO D 71 -23.18 25.88 -11.40
N VAL D 72 -23.31 24.68 -11.97
CA VAL D 72 -22.20 24.06 -12.72
C VAL D 72 -22.67 23.39 -14.01
N TYR D 73 -21.92 23.57 -15.09
CA TYR D 73 -22.10 22.78 -16.32
C TYR D 73 -20.78 22.07 -16.66
N CYS D 74 -20.86 20.75 -16.84
CA CYS D 74 -19.71 19.95 -17.25
C CYS D 74 -19.76 19.63 -18.76
N LEU D 75 -18.73 20.06 -19.48
CA LEU D 75 -18.55 19.64 -20.87
C LEU D 75 -18.04 18.18 -20.88
N ASP D 76 -18.98 17.26 -21.05
CA ASP D 76 -18.74 15.82 -20.94
C ASP D 76 -18.01 15.35 -22.21
N PRO D 77 -16.79 14.79 -22.06
CA PRO D 77 -16.03 14.39 -23.26
C PRO D 77 -16.73 13.31 -24.11
N ARG D 78 -17.60 12.51 -23.47
CA ARG D 78 -18.38 11.49 -24.18
C ARG D 78 -19.37 12.11 -25.17
N LEU D 79 -19.77 13.36 -24.94
CA LEU D 79 -20.69 14.06 -25.83
C LEU D 79 -20.04 14.35 -27.19
N PHE D 80 -18.71 14.32 -27.25
CA PHE D 80 -17.97 14.59 -28.48
C PHE D 80 -17.14 13.41 -28.93
N HIS D 81 -17.62 12.20 -28.63
CA HIS D 81 -17.04 10.99 -29.18
C HIS D 81 -17.81 10.60 -30.46
N THR D 82 -18.35 9.39 -30.54
CA THR D 82 -19.02 8.94 -31.76
C THR D 82 -20.35 8.23 -31.45
N THR D 83 -21.21 8.15 -32.46
CA THR D 83 -22.51 7.50 -32.33
C THR D 83 -22.35 5.97 -32.22
N HIS D 84 -23.42 5.31 -31.76
CA HIS D 84 -23.36 3.93 -31.23
C HIS D 84 -22.91 2.87 -32.24
N PHE D 85 -23.69 2.71 -33.32
CA PHE D 85 -23.45 1.63 -34.28
C PHE D 85 -22.56 2.04 -35.44
N PHE D 86 -22.75 3.25 -35.97
CA PHE D 86 -22.09 3.67 -37.21
C PHE D 86 -21.03 4.78 -37.04
N ASN D 87 -20.76 5.16 -35.79
CA ASN D 87 -19.64 6.01 -35.45
C ASN D 87 -19.49 7.31 -36.26
N PHE D 88 -20.59 8.06 -36.39
CA PHE D 88 -20.53 9.44 -36.86
C PHE D 88 -20.17 10.28 -35.63
N PRO D 89 -19.84 11.57 -35.83
CA PRO D 89 -19.61 12.41 -34.63
C PRO D 89 -20.83 12.45 -33.71
N LYS D 90 -20.60 12.26 -32.41
CA LYS D 90 -21.69 12.24 -31.43
C LYS D 90 -22.43 13.57 -31.40
N THR D 91 -21.67 14.66 -31.53
CA THR D 91 -22.24 16.00 -31.66
C THR D 91 -21.61 16.71 -32.85
N GLY D 92 -22.43 17.00 -33.87
CA GLY D 92 -21.95 17.70 -35.04
C GLY D 92 -21.59 19.14 -34.72
N ALA D 93 -20.83 19.77 -35.60
CA ALA D 93 -20.30 21.11 -35.39
C ALA D 93 -21.39 22.17 -35.21
N LEU D 94 -22.48 22.07 -35.98
CA LEU D 94 -23.57 23.04 -35.86
C LEU D 94 -24.23 23.00 -34.48
N ARG D 95 -24.53 21.80 -33.98
CA ARG D 95 -25.11 21.69 -32.65
C ARG D 95 -24.10 22.10 -31.58
N GLY D 96 -22.84 21.74 -31.78
CA GLY D 96 -21.76 22.17 -30.88
C GLY D 96 -21.74 23.67 -30.70
N GLY D 97 -21.76 24.40 -31.81
CA GLY D 97 -21.82 25.87 -31.78
C GLY D 97 -23.03 26.42 -31.04
N PHE D 98 -24.20 25.81 -31.29
CA PHE D 98 -25.44 26.21 -30.62
C PHE D 98 -25.33 26.02 -29.10
N LEU D 99 -24.81 24.86 -28.67
CA LEU D 99 -24.53 24.61 -27.25
C LEU D 99 -23.66 25.71 -26.63
N MET D 100 -22.54 26.05 -27.27
CA MET D 100 -21.65 27.07 -26.71
C MET D 100 -22.39 28.41 -26.53
N GLU D 101 -23.21 28.78 -27.50
CA GLU D 101 -24.06 29.98 -27.37
C GLU D 101 -25.08 29.90 -26.21
N CYS D 102 -25.68 28.72 -26.03
CA CYS D 102 -26.60 28.49 -24.91
C CYS D 102 -25.92 28.70 -23.57
N LEU D 103 -24.69 28.22 -23.46
CA LEU D 103 -23.92 28.32 -22.21
C LEU D 103 -23.54 29.76 -21.89
N VAL D 104 -23.09 30.50 -22.90
CA VAL D 104 -22.74 31.92 -22.72
C VAL D 104 -23.98 32.71 -22.29
N ASP D 105 -25.13 32.44 -22.91
CA ASP D 105 -26.37 33.13 -22.51
C ASP D 105 -26.81 32.74 -21.10
N LEU D 106 -26.68 31.45 -20.76
CA LEU D 106 -27.05 30.98 -19.42
C LEU D 106 -26.21 31.64 -18.34
N ARG D 107 -24.90 31.72 -18.55
CA ARG D 107 -24.03 32.39 -17.59
C ARG D 107 -24.46 33.84 -17.40
N LYS D 108 -24.74 34.53 -18.49
CA LYS D 108 -25.22 35.92 -18.45
C LYS D 108 -26.50 36.04 -17.62
N ASN D 109 -27.48 35.19 -17.93
CA ASN D 109 -28.78 35.27 -17.25
C ASN D 109 -28.70 34.88 -15.78
N LEU D 110 -27.80 33.95 -15.45
CA LEU D 110 -27.53 33.61 -14.05
C LEU D 110 -26.86 34.78 -13.31
N MET D 111 -25.88 35.42 -13.95
CA MET D 111 -25.22 36.60 -13.37
C MET D 111 -26.22 37.73 -13.10
N LYS D 112 -27.18 37.92 -14.01
CA LYS D 112 -28.21 38.96 -13.81
C LYS D 112 -29.13 38.71 -12.61
N ARG D 113 -29.12 37.47 -12.08
CA ARG D 113 -29.83 37.15 -10.84
C ARG D 113 -28.92 36.97 -9.62
N GLY D 114 -27.66 37.39 -9.72
CA GLY D 114 -26.72 37.31 -8.60
C GLY D 114 -26.00 35.97 -8.45
N LEU D 115 -26.08 35.13 -9.48
CA LEU D 115 -25.35 33.86 -9.51
C LEU D 115 -24.26 33.90 -10.61
N ASN D 116 -23.77 32.73 -11.03
CA ASN D 116 -22.80 32.63 -12.11
C ASN D 116 -22.82 31.17 -12.57
N LEU D 117 -22.07 30.81 -13.60
CA LEU D 117 -21.99 29.42 -14.06
C LEU D 117 -20.54 28.95 -14.08
N LEU D 118 -20.26 27.93 -13.27
CA LEU D 118 -18.95 27.29 -13.29
C LEU D 118 -18.90 26.29 -14.45
N ILE D 119 -18.01 26.54 -15.40
CA ILE D 119 -17.85 25.66 -16.56
C ILE D 119 -16.55 24.88 -16.42
N ARG D 120 -16.66 23.56 -16.50
CA ARG D 120 -15.49 22.68 -16.46
C ARG D 120 -15.62 21.62 -17.55
N SER D 121 -14.47 21.21 -18.08
CA SER D 121 -14.41 20.13 -19.06
C SER D 121 -14.05 18.84 -18.34
N GLY D 122 -14.84 17.80 -18.56
CA GLY D 122 -14.60 16.50 -17.91
C GLY D 122 -15.89 15.80 -17.52
N LYS D 123 -15.75 14.64 -16.90
CA LYS D 123 -16.89 13.79 -16.55
C LYS D 123 -17.58 14.31 -15.28
N PRO D 124 -18.91 14.51 -15.33
CA PRO D 124 -19.61 15.00 -14.13
C PRO D 124 -19.34 14.16 -12.86
N GLU D 125 -19.19 12.85 -13.02
CA GLU D 125 -18.97 11.97 -11.85
C GLU D 125 -17.59 12.15 -11.22
N GLU D 126 -16.67 12.79 -11.94
CA GLU D 126 -15.36 13.15 -11.40
C GLU D 126 -15.37 14.60 -10.89
N ILE D 127 -16.00 15.49 -11.63
CA ILE D 127 -16.05 16.92 -11.30
C ILE D 127 -16.93 17.23 -10.09
N LEU D 128 -18.15 16.69 -10.06
CA LEU D 128 -19.13 17.11 -9.05
C LEU D 128 -18.78 16.68 -7.61
N PRO D 129 -18.34 15.42 -7.40
CA PRO D 129 -17.94 15.02 -6.05
C PRO D 129 -16.79 15.84 -5.46
N SER D 130 -15.85 16.23 -6.31
CA SER D 130 -14.74 17.10 -5.90
C SER D 130 -15.25 18.46 -5.45
N LEU D 131 -16.14 19.06 -6.23
CA LEU D 131 -16.74 20.35 -5.90
C LEU D 131 -17.58 20.28 -4.64
N ALA D 132 -18.35 19.19 -4.51
CA ALA D 132 -19.19 18.96 -3.33
C ALA D 132 -18.35 18.90 -2.06
N LYS D 133 -17.21 18.21 -2.11
CA LYS D 133 -16.29 18.13 -0.97
C LYS D 133 -15.65 19.49 -0.70
N ASP D 134 -15.07 20.10 -1.72
CA ASP D 134 -14.37 21.38 -1.59
C ASP D 134 -15.25 22.50 -1.03
N PHE D 135 -16.50 22.57 -1.49
CA PHE D 135 -17.43 23.63 -1.07
C PHE D 135 -18.39 23.22 0.05
N GLY D 136 -18.29 21.98 0.51
CA GLY D 136 -19.17 21.47 1.58
C GLY D 136 -20.64 21.47 1.21
N ALA D 137 -20.95 21.08 -0.02
CA ALA D 137 -22.33 21.09 -0.51
C ALA D 137 -23.13 19.94 0.11
N ARG D 138 -24.33 20.24 0.60
CA ARG D 138 -25.22 19.25 1.20
C ARG D 138 -25.88 18.37 0.13
N THR D 139 -26.12 18.97 -1.04
CA THR D 139 -26.92 18.36 -2.09
C THR D 139 -26.41 18.80 -3.46
N VAL D 140 -26.63 17.95 -4.45
CA VAL D 140 -26.52 18.33 -5.84
C VAL D 140 -27.92 18.16 -6.43
N PHE D 141 -28.47 19.24 -6.98
CA PHE D 141 -29.76 19.19 -7.68
C PHE D 141 -29.55 19.14 -9.19
N ALA D 142 -30.41 18.36 -9.87
CA ALA D 142 -30.39 18.27 -11.32
C ALA D 142 -31.74 17.76 -11.82
N HIS D 143 -31.99 17.90 -13.12
CA HIS D 143 -33.20 17.33 -13.71
C HIS D 143 -32.96 15.88 -14.06
N LYS D 144 -34.00 15.07 -13.87
CA LYS D 144 -33.99 13.64 -14.20
C LYS D 144 -34.07 13.47 -15.71
N GLU D 145 -33.26 12.56 -16.24
CA GLU D 145 -33.34 12.18 -17.65
C GLU D 145 -33.87 10.75 -17.75
N THR D 146 -34.09 10.28 -18.98
CA THR D 146 -34.81 9.03 -19.18
C THR D 146 -34.02 7.92 -19.86
N CYS D 147 -33.11 8.27 -20.78
CA CYS D 147 -32.40 7.27 -21.60
C CYS D 147 -31.08 6.72 -21.00
N SER D 148 -30.69 5.54 -21.49
CA SER D 148 -29.55 4.78 -20.97
C SER D 148 -28.30 5.61 -20.66
N GLU D 149 -27.83 6.39 -21.63
CA GLU D 149 -26.58 7.12 -21.46
C GLU D 149 -26.67 8.14 -20.32
N GLU D 150 -27.79 8.85 -20.26
CA GLU D 150 -27.98 9.92 -19.28
C GLU D 150 -28.19 9.34 -17.87
N VAL D 151 -28.95 8.25 -17.78
CA VAL D 151 -29.21 7.65 -16.48
C VAL D 151 -27.97 6.96 -15.91
N ASP D 152 -27.09 6.49 -16.81
CA ASP D 152 -25.79 5.95 -16.39
C ASP D 152 -24.92 7.03 -15.74
N VAL D 153 -24.97 8.26 -16.26
CA VAL D 153 -24.21 9.37 -15.66
C VAL D 153 -24.76 9.71 -14.26
N GLU D 154 -26.09 9.71 -14.13
CA GLU D 154 -26.75 9.92 -12.84
C GLU D 154 -26.25 8.92 -11.81
N ARG D 155 -26.23 7.64 -12.19
CA ARG D 155 -25.71 6.59 -11.32
C ARG D 155 -24.26 6.88 -10.93
N LEU D 156 -23.42 7.23 -11.90
CA LEU D 156 -22.00 7.42 -11.62
C LEU D 156 -21.77 8.64 -10.70
N VAL D 157 -22.57 9.67 -10.88
CA VAL D 157 -22.50 10.86 -10.04
C VAL D 157 -22.94 10.54 -8.61
N ASN D 158 -24.05 9.82 -8.47
CA ASN D 158 -24.56 9.45 -7.15
C ASN D 158 -23.55 8.58 -6.39
N GLN D 159 -23.00 7.58 -7.07
CA GLN D 159 -21.97 6.71 -6.46
C GLN D 159 -20.67 7.48 -6.11
N GLY D 160 -20.33 8.48 -6.91
CA GLY D 160 -19.18 9.34 -6.62
C GLY D 160 -19.40 10.17 -5.36
N LEU D 161 -20.60 10.70 -5.21
CA LEU D 161 -20.96 11.47 -4.03
C LEU D 161 -20.90 10.62 -2.74
N LYS D 162 -21.42 9.40 -2.81
CA LYS D 162 -21.35 8.47 -1.67
C LYS D 162 -19.90 8.14 -1.31
N ARG D 163 -19.06 8.01 -2.32
CA ARG D 163 -17.66 7.61 -2.13
C ARG D 163 -16.82 8.66 -1.41
N VAL D 164 -17.27 9.91 -1.42
CA VAL D 164 -16.62 10.98 -0.65
C VAL D 164 -17.30 11.19 0.72
N GLY D 165 -18.24 10.31 1.06
CA GLY D 165 -18.94 10.38 2.33
C GLY D 165 -20.45 10.32 2.16
N ASN D 166 -21.15 9.95 3.24
CA ASN D 166 -22.60 10.03 3.27
C ASN D 166 -23.01 11.50 3.36
N SER D 167 -24.27 11.78 3.71
CA SER D 167 -24.78 13.16 3.74
C SER D 167 -24.99 13.73 2.34
N THR D 168 -23.91 13.97 1.61
CA THR D 168 -23.96 14.61 0.28
C THR D 168 -24.73 13.77 -0.77
N LYS D 169 -25.92 14.23 -1.15
CA LYS D 169 -26.83 13.43 -1.99
C LYS D 169 -27.23 14.10 -3.29
N LEU D 170 -27.52 13.27 -4.29
CA LEU D 170 -28.03 13.72 -5.59
C LEU D 170 -29.55 13.73 -5.56
N GLU D 171 -30.15 14.88 -5.85
CA GLU D 171 -31.60 15.05 -5.88
C GLU D 171 -32.05 15.32 -7.32
N LEU D 172 -32.69 14.32 -7.95
CA LEU D 172 -33.13 14.46 -9.34
C LEU D 172 -34.61 14.85 -9.42
N ILE D 173 -34.88 15.89 -10.20
CA ILE D 173 -36.20 16.52 -10.28
C ILE D 173 -36.79 16.27 -11.66
N TRP D 174 -38.04 15.80 -11.72
CA TRP D 174 -38.68 15.59 -13.00
C TRP D 174 -38.94 16.94 -13.67
N GLY D 175 -38.62 17.04 -14.95
CA GLY D 175 -39.02 18.20 -15.74
C GLY D 175 -39.15 17.83 -17.19
N SER D 176 -39.04 18.80 -18.06
CA SER D 176 -38.96 18.59 -19.51
C SER D 176 -40.32 18.48 -20.20
N THR D 177 -41.33 17.87 -19.56
CA THR D 177 -42.62 17.62 -20.23
C THR D 177 -43.69 18.66 -19.90
N MET D 178 -44.69 18.76 -20.76
CA MET D 178 -45.81 19.68 -20.53
C MET D 178 -46.73 19.13 -19.44
N TYR D 179 -47.08 17.85 -19.55
CA TYR D 179 -47.75 17.12 -18.47
C TYR D 179 -46.70 16.47 -17.56
N HIS D 180 -46.85 16.65 -16.25
CA HIS D 180 -45.91 16.10 -15.27
C HIS D 180 -46.09 14.60 -15.10
N LYS D 181 -44.99 13.85 -15.03
CA LYS D 181 -45.04 12.40 -14.85
C LYS D 181 -45.94 11.97 -13.68
N ASP D 182 -45.78 12.66 -12.55
CA ASP D 182 -46.56 12.37 -11.32
C ASP D 182 -48.06 12.66 -11.44
N ASP D 183 -48.45 13.48 -12.42
CA ASP D 183 -49.86 13.86 -12.63
C ASP D 183 -50.63 12.97 -13.61
N LEU D 184 -49.94 12.05 -14.28
CA LEU D 184 -50.59 11.22 -15.30
C LEU D 184 -51.67 10.29 -14.73
N PRO D 185 -52.62 9.85 -15.59
CA PRO D 185 -53.65 8.91 -15.18
C PRO D 185 -53.22 7.44 -15.18
N PHE D 186 -51.91 7.22 -15.39
CA PHE D 186 -51.30 5.88 -15.37
C PHE D 186 -49.81 6.00 -15.06
N ASP D 187 -49.21 4.95 -14.52
CA ASP D 187 -47.73 4.89 -14.42
C ASP D 187 -47.21 4.68 -15.84
N VAL D 188 -45.99 5.12 -16.09
CA VAL D 188 -45.42 5.03 -17.46
C VAL D 188 -45.28 3.58 -17.94
N PHE D 189 -45.13 2.63 -17.02
CA PHE D 189 -45.13 1.21 -17.42
C PHE D 189 -46.45 0.77 -18.07
N ASP D 190 -47.55 1.48 -17.77
CA ASP D 190 -48.83 1.22 -18.41
C ASP D 190 -49.25 2.34 -19.38
N LEU D 191 -48.27 3.08 -19.91
CA LEU D 191 -48.54 4.09 -20.94
C LEU D 191 -49.23 3.43 -22.13
N PRO D 192 -50.33 4.02 -22.63
CA PRO D 192 -50.96 3.45 -23.83
C PRO D 192 -50.01 3.34 -25.02
N ASP D 193 -50.10 2.25 -25.77
CA ASP D 193 -49.28 2.01 -26.96
C ASP D 193 -49.79 2.75 -28.22
N VAL D 194 -50.92 3.45 -28.10
CA VAL D 194 -51.45 4.27 -29.19
C VAL D 194 -51.51 5.73 -28.73
N TYR D 195 -50.90 6.64 -29.50
CA TYR D 195 -50.82 8.04 -29.10
C TYR D 195 -52.20 8.65 -28.82
N THR D 196 -53.16 8.39 -29.70
CA THR D 196 -54.49 8.99 -29.56
C THR D 196 -55.14 8.63 -28.22
N GLN D 197 -54.92 7.40 -27.76
CA GLN D 197 -55.43 6.98 -26.44
C GLN D 197 -54.73 7.70 -25.30
N PHE D 198 -53.41 7.88 -25.42
CA PHE D 198 -52.67 8.69 -24.46
C PHE D 198 -53.17 10.14 -24.45
N ARG D 199 -53.31 10.74 -25.64
CA ARG D 199 -53.75 12.15 -25.73
C ARG D 199 -55.14 12.35 -25.12
N LYS D 200 -56.08 11.47 -25.47
CA LYS D 200 -57.45 11.59 -24.98
C LYS D 200 -57.52 11.47 -23.46
N SER D 201 -56.71 10.57 -22.88
CA SER D 201 -56.65 10.40 -21.43
C SER D 201 -56.10 11.65 -20.74
N VAL D 202 -54.94 12.12 -21.17
CA VAL D 202 -54.34 13.30 -20.53
C VAL D 202 -55.17 14.58 -20.72
N GLU D 203 -55.75 14.77 -21.90
CA GLU D 203 -56.62 15.94 -22.12
C GLU D 203 -57.85 15.92 -21.19
N ALA D 204 -58.44 14.74 -21.00
CA ALA D 204 -59.63 14.61 -20.15
C ALA D 204 -59.32 14.65 -18.66
N LYS D 205 -58.21 14.03 -18.24
CA LYS D 205 -57.99 13.72 -16.82
C LYS D 205 -56.79 14.42 -16.15
N CYS D 206 -55.99 15.16 -16.91
CA CYS D 206 -54.75 15.73 -16.38
CA CYS D 206 -54.73 15.71 -16.40
C CYS D 206 -54.71 17.25 -16.49
N SER D 207 -54.09 17.87 -15.49
CA SER D 207 -53.86 19.29 -15.46
C SER D 207 -52.47 19.58 -15.99
N ILE D 208 -52.29 20.78 -16.53
CA ILE D 208 -50.95 21.28 -16.82
C ILE D 208 -50.63 22.24 -15.68
N ARG D 209 -49.47 22.08 -15.06
CA ARG D 209 -49.05 22.95 -13.95
C ARG D 209 -48.66 24.31 -14.47
N SER D 210 -48.98 25.35 -13.69
CA SER D 210 -48.45 26.70 -13.93
C SER D 210 -46.93 26.65 -13.94
N SER D 211 -46.29 27.47 -14.78
CA SER D 211 -44.82 27.53 -14.75
C SER D 211 -44.34 28.02 -13.38
N THR D 212 -43.21 27.49 -12.94
CA THR D 212 -42.61 27.88 -11.67
C THR D 212 -42.02 29.28 -11.81
N ARG D 213 -42.42 30.17 -10.90
CA ARG D 213 -41.95 31.55 -10.94
C ARG D 213 -40.68 31.70 -10.10
N ILE D 214 -39.70 32.40 -10.67
CA ILE D 214 -38.37 32.49 -10.09
C ILE D 214 -38.12 33.93 -9.65
N PRO D 215 -37.55 34.12 -8.44
CA PRO D 215 -37.18 35.45 -7.96
C PRO D 215 -36.15 36.14 -8.86
N LEU D 216 -36.17 37.47 -8.90
CA LEU D 216 -35.17 38.22 -9.67
C LEU D 216 -33.80 38.17 -8.99
N SER D 217 -33.78 37.94 -7.68
CA SER D 217 -32.55 37.83 -6.91
C SER D 217 -32.38 36.42 -6.36
N LEU D 218 -31.30 35.74 -6.79
CA LEU D 218 -31.03 34.36 -6.40
C LEU D 218 -29.69 34.14 -5.67
N GLY D 219 -28.88 35.18 -5.55
CA GLY D 219 -27.55 35.07 -4.94
C GLY D 219 -27.56 34.85 -3.44
N PRO D 220 -26.37 34.62 -2.84
CA PRO D 220 -25.06 34.62 -3.47
C PRO D 220 -24.58 33.24 -3.92
N THR D 221 -23.45 33.24 -4.61
CA THR D 221 -22.68 32.02 -4.86
C THR D 221 -21.58 31.94 -3.82
N PRO D 222 -20.88 30.80 -3.74
CA PRO D 222 -19.62 30.77 -2.99
C PRO D 222 -18.56 31.63 -3.66
N SER D 223 -17.46 31.84 -2.96
CA SER D 223 -16.29 32.51 -3.54
C SER D 223 -15.57 31.48 -4.40
N VAL D 224 -15.47 31.76 -5.70
CA VAL D 224 -14.84 30.86 -6.66
C VAL D 224 -13.63 31.57 -7.29
N ASP D 225 -12.49 30.87 -7.33
CA ASP D 225 -11.27 31.44 -7.91
C ASP D 225 -11.37 31.57 -9.44
N ASP D 226 -11.95 30.57 -10.10
CA ASP D 226 -12.05 30.58 -11.56
C ASP D 226 -13.36 29.97 -12.03
N TRP D 227 -14.26 30.81 -12.53
CA TRP D 227 -15.55 30.34 -13.05
C TRP D 227 -15.42 29.55 -14.35
N GLY D 228 -14.31 29.76 -15.05
CA GLY D 228 -13.93 28.94 -16.20
C GLY D 228 -14.27 29.65 -17.49
N ASP D 229 -13.39 29.52 -18.49
CA ASP D 229 -13.69 30.06 -19.80
C ASP D 229 -14.57 29.07 -20.56
N VAL D 230 -15.17 29.57 -21.63
CA VAL D 230 -15.93 28.73 -22.54
C VAL D 230 -14.91 28.08 -23.49
N PRO D 231 -14.80 26.74 -23.45
CA PRO D 231 -13.86 26.10 -24.36
C PRO D 231 -14.30 26.22 -25.82
N THR D 232 -13.32 26.31 -26.73
CA THR D 232 -13.60 26.35 -28.14
C THR D 232 -13.95 24.94 -28.65
N LEU D 233 -14.67 24.89 -29.76
CA LEU D 233 -14.96 23.62 -30.44
C LEU D 233 -13.68 22.87 -30.80
N GLU D 234 -12.63 23.60 -31.15
CA GLU D 234 -11.38 22.99 -31.59
C GLU D 234 -10.69 22.23 -30.45
N LYS D 235 -10.74 22.78 -29.24
CA LYS D 235 -10.25 22.06 -28.05
C LYS D 235 -10.97 20.72 -27.87
N LEU D 236 -12.26 20.70 -28.20
CA LEU D 236 -13.09 19.49 -28.10
C LEU D 236 -12.96 18.55 -29.30
N GLY D 237 -12.08 18.87 -30.25
CA GLY D 237 -11.86 18.04 -31.42
C GLY D 237 -12.90 18.21 -32.52
N VAL D 238 -13.53 19.39 -32.56
CA VAL D 238 -14.56 19.68 -33.55
C VAL D 238 -14.18 20.94 -34.34
N GLU D 239 -14.21 20.85 -35.65
CA GLU D 239 -13.93 22.00 -36.52
C GLU D 239 -15.19 22.86 -36.59
N PRO D 240 -15.08 24.16 -36.26
CA PRO D 240 -16.24 25.05 -36.36
C PRO D 240 -16.83 25.10 -37.77
N GLN D 241 -18.14 25.27 -37.86
CA GLN D 241 -18.85 25.29 -39.14
C GLN D 241 -19.86 26.43 -39.11
N GLU D 242 -19.91 27.19 -40.20
CA GLU D 242 -20.86 28.31 -40.31
C GLU D 242 -22.02 27.93 -41.23
N VAL D 243 -23.19 28.50 -40.95
CA VAL D 243 -24.37 28.33 -41.80
C VAL D 243 -24.24 29.24 -43.01
N THR D 244 -24.12 28.64 -44.19
CA THR D 244 -23.86 29.37 -45.43
C THR D 244 -25.14 29.72 -46.20
N ARG D 245 -26.25 29.05 -45.86
CA ARG D 245 -27.53 29.25 -46.53
C ARG D 245 -28.65 28.78 -45.60
N GLY D 246 -29.81 29.42 -45.68
CA GLY D 246 -30.99 29.02 -44.90
C GLY D 246 -31.01 29.52 -43.46
N MET D 247 -31.72 28.80 -42.59
CA MET D 247 -31.96 29.27 -41.21
C MET D 247 -30.75 29.13 -40.30
N ARG D 248 -30.45 30.22 -39.61
CA ARG D 248 -29.33 30.30 -38.68
C ARG D 248 -29.89 30.53 -37.28
N PHE D 249 -30.05 29.45 -36.52
CA PHE D 249 -30.62 29.49 -35.18
C PHE D 249 -29.62 30.06 -34.19
N VAL D 250 -30.11 30.90 -33.28
CA VAL D 250 -29.26 31.58 -32.30
C VAL D 250 -29.44 30.90 -30.96
N GLY D 251 -28.34 30.46 -30.35
CA GLY D 251 -28.41 29.71 -29.10
C GLY D 251 -28.84 30.53 -27.90
N GLY D 252 -29.51 29.86 -26.96
CA GLY D 252 -29.79 30.43 -25.64
C GLY D 252 -31.24 30.77 -25.32
N GLU D 253 -31.52 30.84 -24.03
CA GLU D 253 -32.83 31.20 -23.50
C GLU D 253 -33.34 32.55 -24.00
N SER D 254 -32.46 33.56 -24.03
CA SER D 254 -32.86 34.90 -24.47
C SER D 254 -33.38 34.83 -25.91
N ALA D 255 -32.64 34.17 -26.79
CA ALA D 255 -33.08 34.01 -28.18
C ALA D 255 -34.34 33.15 -28.27
N GLY D 256 -34.48 32.17 -27.39
CA GLY D 256 -35.62 31.27 -27.39
C GLY D 256 -36.93 31.98 -27.05
N VAL D 257 -36.91 32.75 -25.98
CA VAL D 257 -38.09 33.55 -25.62
C VAL D 257 -38.34 34.67 -26.65
N GLY D 258 -37.28 35.09 -27.33
CA GLY D 258 -37.39 36.00 -28.46
C GLY D 258 -38.18 35.42 -29.62
N ARG D 259 -37.95 34.14 -29.92
CA ARG D 259 -38.68 33.46 -30.99
C ARG D 259 -40.16 33.24 -30.63
N VAL D 260 -40.44 32.92 -29.37
CA VAL D 260 -41.83 32.82 -28.91
C VAL D 260 -42.53 34.17 -29.14
N PHE D 261 -41.86 35.25 -28.77
CA PHE D 261 -42.39 36.61 -29.03
C PHE D 261 -42.59 36.86 -30.52
N GLU D 262 -41.57 36.53 -31.32
CA GLU D 262 -41.59 36.79 -32.76
C GLU D 262 -42.74 36.09 -33.47
N TYR D 263 -42.91 34.79 -33.19
CA TYR D 263 -43.87 33.96 -33.91
C TYR D 263 -45.32 34.17 -33.46
N PHE D 264 -45.53 34.17 -32.13
CA PHE D 264 -46.85 34.41 -31.54
C PHE D 264 -47.31 35.86 -31.71
N TRP D 265 -46.52 36.80 -31.21
CA TRP D 265 -46.99 38.18 -31.01
C TRP D 265 -46.64 39.14 -32.13
N LYS D 266 -45.36 39.24 -32.49
CA LYS D 266 -44.95 40.20 -33.51
C LYS D 266 -45.61 39.89 -34.85
N LYS D 267 -45.53 38.64 -35.27
CA LYS D 267 -46.00 38.21 -36.59
C LYS D 267 -47.44 37.69 -36.60
N ASP D 268 -48.00 37.37 -35.42
CA ASP D 268 -49.40 36.93 -35.29
C ASP D 268 -49.65 35.66 -36.13
N LEU D 269 -48.68 34.76 -36.16
CA LEU D 269 -48.75 33.55 -36.97
C LEU D 269 -49.33 32.32 -36.24
N LEU D 270 -49.39 32.35 -34.91
CA LEU D 270 -49.89 31.19 -34.16
C LEU D 270 -51.28 30.80 -34.66
N LYS D 271 -52.12 31.80 -34.95
CA LYS D 271 -53.48 31.55 -35.42
C LYS D 271 -53.62 30.84 -36.77
N VAL D 272 -52.53 30.67 -37.53
CA VAL D 272 -52.56 29.88 -38.76
C VAL D 272 -51.61 28.67 -38.72
N TYR D 273 -51.02 28.40 -37.56
CA TYR D 273 -50.02 27.35 -37.42
C TYR D 273 -50.46 26.01 -38.06
N LYS D 274 -51.70 25.57 -37.81
CA LYS D 274 -52.17 24.28 -38.32
C LYS D 274 -52.24 24.26 -39.84
N GLU D 275 -52.51 25.42 -40.43
CA GLU D 275 -52.61 25.56 -41.89
C GLU D 275 -51.25 25.51 -42.57
N THR D 276 -50.21 26.00 -41.90
CA THR D 276 -48.89 26.19 -42.53
C THR D 276 -47.82 25.15 -42.14
N ARG D 277 -48.08 24.39 -41.08
CA ARG D 277 -47.06 23.55 -40.44
C ARG D 277 -46.43 22.42 -41.29
N ASN D 278 -47.05 22.08 -42.42
CA ASN D 278 -46.49 21.06 -43.34
C ASN D 278 -45.59 21.68 -44.43
N GLY D 279 -45.30 22.97 -44.31
CA GLY D 279 -44.37 23.65 -45.21
C GLY D 279 -42.93 23.18 -45.03
N MET D 280 -42.07 23.58 -45.96
CA MET D 280 -40.66 23.20 -45.91
C MET D 280 -39.67 24.37 -46.06
N LEU D 281 -40.14 25.52 -46.58
CA LEU D 281 -39.26 26.65 -46.89
C LEU D 281 -39.50 27.85 -45.98
N GLY D 282 -38.46 28.25 -45.25
CA GLY D 282 -38.47 29.52 -44.52
C GLY D 282 -38.87 29.38 -43.07
N PRO D 283 -38.58 30.40 -42.25
CA PRO D 283 -38.92 30.36 -40.84
C PRO D 283 -40.44 30.44 -40.50
N ASP D 284 -41.22 31.11 -41.34
CA ASP D 284 -42.62 31.46 -41.02
C ASP D 284 -43.60 30.29 -40.82
N TYR D 285 -43.37 29.16 -41.48
CA TYR D 285 -44.39 28.09 -41.58
C TYR D 285 -44.66 27.32 -40.28
N SER D 286 -43.78 27.39 -39.29
CA SER D 286 -43.96 26.68 -38.01
C SER D 286 -43.27 27.43 -36.89
N THR D 287 -43.35 26.92 -35.65
CA THR D 287 -42.83 27.63 -34.48
C THR D 287 -41.32 27.75 -34.50
N LYS D 288 -40.66 26.71 -35.02
CA LYS D 288 -39.21 26.57 -34.94
C LYS D 288 -38.70 26.60 -33.49
N PHE D 289 -39.51 26.15 -32.53
CA PHE D 289 -39.10 26.13 -31.13
C PHE D 289 -38.14 24.98 -30.80
N SER D 290 -38.04 23.98 -31.68
CA SER D 290 -37.43 22.71 -31.28
C SER D 290 -35.99 22.76 -30.73
N PRO D 291 -35.09 23.56 -31.35
CA PRO D 291 -33.72 23.57 -30.83
C PRO D 291 -33.63 24.10 -29.38
N TRP D 292 -34.43 25.11 -29.08
CA TRP D 292 -34.49 25.66 -27.73
C TRP D 292 -35.17 24.71 -26.74
N LEU D 293 -36.16 23.95 -27.20
CA LEU D 293 -36.77 22.93 -26.36
C LEU D 293 -35.81 21.76 -26.06
N ALA D 294 -35.01 21.35 -27.06
CA ALA D 294 -34.07 20.25 -26.90
C ALA D 294 -32.99 20.53 -25.84
N PHE D 295 -32.45 21.75 -25.86
CA PHE D 295 -31.47 22.17 -24.85
C PHE D 295 -32.09 22.71 -23.55
N GLY D 296 -33.42 22.74 -23.51
CA GLY D 296 -34.14 23.22 -22.33
C GLY D 296 -34.00 24.71 -22.11
N CYS D 297 -33.69 25.45 -23.17
CA CYS D 297 -33.63 26.91 -23.12
C CYS D 297 -35.01 27.55 -22.90
N ILE D 298 -36.05 26.85 -23.36
CA ILE D 298 -37.44 27.18 -23.05
C ILE D 298 -38.17 25.90 -22.66
N SER D 299 -39.28 26.06 -21.95
CA SER D 299 -40.01 24.91 -21.43
C SER D 299 -41.47 24.91 -21.92
N PRO D 300 -42.08 23.71 -22.05
CA PRO D 300 -43.48 23.60 -22.50
C PRO D 300 -44.53 24.29 -21.64
N ARG D 301 -44.31 24.36 -20.32
CA ARG D 301 -45.26 25.00 -19.41
C ARG D 301 -45.31 26.51 -19.65
N PHE D 302 -44.14 27.09 -19.94
CA PHE D 302 -44.03 28.49 -20.37
C PHE D 302 -44.76 28.71 -21.68
N ILE D 303 -44.50 27.86 -22.67
CA ILE D 303 -45.17 27.97 -23.97
C ILE D 303 -46.69 27.89 -23.81
N TYR D 304 -47.17 26.94 -23.02
CA TYR D 304 -48.62 26.79 -22.74
C TYR D 304 -49.23 28.08 -22.18
N GLU D 305 -48.55 28.67 -21.20
CA GLU D 305 -49.01 29.94 -20.63
C GLU D 305 -49.07 31.05 -21.69
N GLU D 306 -48.09 31.08 -22.59
CA GLU D 306 -48.10 32.07 -23.68
C GLU D 306 -49.22 31.81 -24.69
N VAL D 307 -49.51 30.53 -24.95
CA VAL D 307 -50.64 30.16 -25.80
C VAL D 307 -51.97 30.63 -25.20
N GLN D 308 -52.15 30.39 -23.90
CA GLN D 308 -53.34 30.85 -23.17
C GLN D 308 -53.50 32.36 -23.26
N ARG D 309 -52.40 33.09 -23.10
CA ARG D 309 -52.44 34.55 -23.16
C ARG D 309 -52.78 35.03 -24.58
N TYR D 310 -52.22 34.37 -25.59
CA TYR D 310 -52.55 34.65 -26.98
C TYR D 310 -54.04 34.41 -27.25
N GLU D 311 -54.59 33.30 -26.75
CA GLU D 311 -56.02 33.03 -26.93
C GLU D 311 -56.89 34.12 -26.29
N LYS D 312 -56.42 34.71 -25.19
CA LYS D 312 -57.14 35.78 -24.50
C LYS D 312 -57.00 37.13 -25.24
N GLU D 313 -55.78 37.47 -25.65
CA GLU D 313 -55.50 38.80 -26.24
C GLU D 313 -55.71 38.87 -27.76
N ARG D 314 -55.65 37.73 -28.45
CA ARG D 314 -55.73 37.69 -29.91
C ARG D 314 -56.90 36.83 -30.36
N VAL D 315 -56.71 35.51 -30.47
CA VAL D 315 -57.79 34.62 -30.90
C VAL D 315 -57.49 33.16 -30.54
N ALA D 316 -58.55 32.40 -30.27
CA ALA D 316 -58.46 30.96 -30.04
C ALA D 316 -59.11 30.23 -31.21
N ASN D 317 -58.43 29.22 -31.74
CA ASN D 317 -58.95 28.43 -32.85
C ASN D 317 -58.25 27.06 -32.96
N ASN D 318 -58.43 26.36 -34.07
CA ASN D 318 -57.81 25.04 -34.25
C ASN D 318 -56.29 25.09 -34.21
N SER D 319 -55.72 26.18 -34.74
CA SER D 319 -54.27 26.37 -34.77
C SER D 319 -53.65 26.62 -33.39
N THR D 320 -54.30 27.42 -32.56
CA THR D 320 -53.79 27.70 -31.23
C THR D 320 -53.84 26.42 -30.38
N TYR D 321 -54.83 25.57 -30.62
CA TYR D 321 -54.88 24.24 -30.00
C TYR D 321 -53.79 23.30 -30.60
N TRP D 322 -53.59 23.37 -31.90
CA TRP D 322 -52.75 22.37 -32.56
C TRP D 322 -51.27 22.41 -32.11
N VAL D 323 -50.76 23.58 -31.72
CA VAL D 323 -49.39 23.64 -31.19
C VAL D 323 -49.26 22.81 -29.90
N LEU D 324 -50.32 22.77 -29.11
CA LEU D 324 -50.35 21.96 -27.90
C LEU D 324 -50.43 20.47 -28.23
N PHE D 325 -51.25 20.11 -29.23
CA PHE D 325 -51.35 18.76 -29.78
C PHE D 325 -49.94 18.22 -30.08
N GLU D 326 -49.15 19.04 -30.77
CA GLU D 326 -47.80 18.64 -31.15
C GLU D 326 -46.84 18.53 -29.97
N LEU D 327 -46.97 19.42 -28.99
CA LEU D 327 -46.18 19.32 -27.75
C LEU D 327 -46.55 18.07 -26.93
N ILE D 328 -47.80 17.62 -27.06
CA ILE D 328 -48.21 16.36 -26.43
C ILE D 328 -47.54 15.16 -27.09
N TRP D 329 -47.26 15.26 -28.39
CA TRP D 329 -46.46 14.24 -29.08
C TRP D 329 -45.04 14.16 -28.50
N ARG D 330 -44.46 15.32 -28.19
CA ARG D 330 -43.15 15.38 -27.53
C ARG D 330 -43.19 14.70 -26.16
N ASP D 331 -44.20 15.02 -25.35
CA ASP D 331 -44.44 14.33 -24.08
C ASP D 331 -44.56 12.81 -24.26
N TYR D 332 -45.34 12.39 -25.25
CA TYR D 332 -45.59 10.97 -25.47
C TYR D 332 -44.28 10.22 -25.74
N PHE D 333 -43.45 10.75 -26.61
CA PHE D 333 -42.18 10.08 -26.91
C PHE D 333 -41.25 10.04 -25.69
N ARG D 334 -41.31 11.07 -24.85
CA ARG D 334 -40.52 11.09 -23.61
C ARG D 334 -40.95 9.98 -22.63
N PHE D 335 -42.24 9.87 -22.37
CA PHE D 335 -42.75 8.83 -21.48
C PHE D 335 -42.56 7.45 -22.10
N LEU D 336 -42.71 7.37 -23.42
CA LEU D 336 -42.53 6.12 -24.14
C LEU D 336 -41.09 5.58 -24.01
N SER D 337 -40.11 6.48 -23.98
CA SER D 337 -38.70 6.08 -23.78
C SER D 337 -38.48 5.35 -22.44
N ILE D 338 -39.26 5.72 -21.42
CA ILE D 338 -39.20 5.03 -20.12
C ILE D 338 -39.82 3.64 -20.23
N LYS D 339 -40.99 3.55 -20.86
CA LYS D 339 -41.67 2.26 -21.02
C LYS D 339 -40.88 1.28 -21.91
N CYS D 340 -40.24 1.81 -22.95
CA CYS D 340 -39.51 0.95 -23.91
C CYS D 340 -38.08 0.61 -23.50
N GLY D 341 -37.46 1.48 -22.70
CA GLY D 341 -36.05 1.34 -22.38
C GLY D 341 -35.21 1.27 -23.64
N ASN D 342 -34.21 0.38 -23.64
CA ASN D 342 -33.27 0.29 -24.76
C ASN D 342 -33.84 -0.32 -26.05
N SER D 343 -35.03 -0.91 -25.99
CA SER D 343 -35.69 -1.43 -27.20
C SER D 343 -35.97 -0.28 -28.21
N LEU D 344 -36.05 0.94 -27.70
CA LEU D 344 -36.12 2.16 -28.52
C LEU D 344 -34.98 2.28 -29.55
N PHE D 345 -33.83 1.67 -29.25
CA PHE D 345 -32.63 1.79 -30.07
C PHE D 345 -32.28 0.53 -30.85
N HIS D 346 -33.02 -0.55 -30.64
CA HIS D 346 -32.74 -1.82 -31.29
C HIS D 346 -33.42 -1.91 -32.65
N LEU D 347 -32.81 -2.66 -33.56
CA LEU D 347 -33.29 -2.79 -34.94
C LEU D 347 -34.78 -3.12 -34.97
N GLY D 348 -35.18 -4.16 -34.22
CA GLY D 348 -36.56 -4.61 -34.20
C GLY D 348 -37.52 -3.73 -33.41
N GLY D 349 -36.98 -2.77 -32.67
CA GLY D 349 -37.80 -1.83 -31.93
C GLY D 349 -38.53 -2.47 -30.76
N PRO D 350 -39.42 -1.71 -30.10
CA PRO D 350 -40.28 -2.19 -29.01
C PRO D 350 -40.99 -3.54 -29.25
N ARG D 351 -41.49 -3.75 -30.47
CA ARG D 351 -42.24 -4.98 -30.78
C ARG D 351 -41.35 -6.15 -31.19
N ASN D 352 -40.05 -5.89 -31.35
CA ASN D 352 -39.09 -6.90 -31.78
C ASN D 352 -39.46 -7.50 -33.13
N VAL D 353 -39.54 -6.63 -34.14
CA VAL D 353 -39.84 -7.06 -35.51
C VAL D 353 -38.62 -7.70 -36.15
N GLN D 354 -38.81 -8.85 -36.79
CA GLN D 354 -37.77 -9.49 -37.59
C GLN D 354 -37.83 -8.94 -39.01
N GLY D 355 -36.68 -8.88 -39.67
CA GLY D 355 -36.62 -8.33 -41.03
C GLY D 355 -35.23 -8.35 -41.65
N LYS D 356 -35.20 -8.07 -42.95
CA LYS D 356 -33.94 -7.94 -43.70
C LYS D 356 -33.67 -6.45 -43.93
N TRP D 357 -32.48 -6.00 -43.53
CA TRP D 357 -32.11 -4.58 -43.68
C TRP D 357 -30.65 -4.43 -44.12
N SER D 358 -30.45 -3.74 -45.24
CA SER D 358 -29.12 -3.46 -45.76
C SER D 358 -28.42 -2.39 -44.93
N GLN D 359 -27.08 -2.49 -44.87
CA GLN D 359 -26.24 -1.43 -44.33
C GLN D 359 -25.23 -0.98 -45.38
N ASP D 360 -25.68 -0.95 -46.63
CA ASP D 360 -24.83 -0.61 -47.78
C ASP D 360 -24.32 0.83 -47.67
N GLN D 361 -23.00 0.99 -47.64
CA GLN D 361 -22.38 2.30 -47.46
C GLN D 361 -22.67 3.24 -48.63
N LYS D 362 -22.62 2.70 -49.86
CA LYS D 362 -22.83 3.52 -51.07
C LYS D 362 -24.22 4.16 -51.10
N LEU D 363 -25.27 3.35 -50.90
CA LEU D 363 -26.64 3.88 -50.85
C LEU D 363 -26.78 4.91 -49.74
N PHE D 364 -26.25 4.60 -48.55
CA PHE D 364 -26.36 5.51 -47.42
C PHE D 364 -25.68 6.85 -47.69
N GLU D 365 -24.48 6.82 -48.30
CA GLU D 365 -23.73 8.05 -48.57
C GLU D 365 -24.42 8.95 -49.61
N SER D 366 -25.15 8.35 -50.55
CA SER D 366 -25.94 9.11 -51.52
C SER D 366 -27.10 9.85 -50.85
N TRP D 367 -27.70 9.21 -49.84
CA TRP D 367 -28.75 9.82 -49.03
C TRP D 367 -28.17 10.97 -48.22
N ARG D 368 -27.13 10.66 -47.44
CA ARG D 368 -26.43 11.64 -46.59
C ARG D 368 -25.93 12.88 -47.37
N ASP D 369 -25.30 12.64 -48.52
CA ASP D 369 -24.69 13.72 -49.31
C ASP D 369 -25.65 14.38 -50.32
N ALA D 370 -26.94 14.06 -50.24
CA ALA D 370 -27.96 14.66 -51.11
C ALA D 370 -27.66 14.42 -52.58
N LYS D 371 -27.45 13.16 -52.95
CA LYS D 371 -27.20 12.75 -54.33
C LYS D 371 -28.03 11.53 -54.69
N THR D 372 -29.30 11.53 -54.26
CA THR D 372 -30.21 10.44 -54.55
C THR D 372 -30.76 10.51 -55.97
N GLY D 373 -30.91 11.73 -56.48
CA GLY D 373 -31.49 11.97 -57.80
C GLY D 373 -32.94 12.41 -57.74
N TYR D 374 -33.48 12.53 -56.52
CA TYR D 374 -34.81 13.05 -56.30
C TYR D 374 -34.68 14.40 -55.59
N PRO D 375 -34.97 15.51 -56.31
CA PRO D 375 -34.84 16.86 -55.75
C PRO D 375 -35.47 17.05 -54.36
N LEU D 376 -36.65 16.47 -54.14
CA LEU D 376 -37.34 16.59 -52.85
C LEU D 376 -36.49 16.01 -51.72
N ILE D 377 -35.92 14.83 -51.94
CA ILE D 377 -35.06 14.19 -50.94
C ILE D 377 -33.76 14.97 -50.78
N ASP D 378 -33.12 15.30 -51.89
CA ASP D 378 -31.81 15.94 -51.86
C ASP D 378 -31.85 17.34 -51.24
N ALA D 379 -32.92 18.10 -51.51
CA ALA D 379 -33.09 19.43 -50.92
C ALA D 379 -33.15 19.36 -49.41
N ASN D 380 -33.91 18.39 -48.90
CA ASN D 380 -34.05 18.18 -47.45
C ASN D 380 -32.74 17.77 -46.76
N MET D 381 -32.00 16.86 -47.38
CA MET D 381 -30.73 16.40 -46.82
C MET D 381 -29.67 17.50 -46.88
N LYS D 382 -29.71 18.32 -47.93
CA LYS D 382 -28.83 19.48 -48.04
C LYS D 382 -29.15 20.53 -46.97
N GLU D 383 -30.44 20.77 -46.73
CA GLU D 383 -30.87 21.66 -45.65
C GLU D 383 -30.33 21.18 -44.30
N LEU D 384 -30.43 19.88 -44.04
CA LEU D 384 -29.98 19.32 -42.77
C LEU D 384 -28.48 19.51 -42.53
N SER D 385 -27.66 19.17 -43.52
CA SER D 385 -26.20 19.30 -43.40
C SER D 385 -25.73 20.76 -43.32
N THR D 386 -26.49 21.67 -43.91
CA THR D 386 -26.13 23.08 -43.96
C THR D 386 -26.61 23.88 -42.74
N THR D 387 -27.76 23.49 -42.18
CA THR D 387 -28.38 24.26 -41.10
C THR D 387 -28.56 23.51 -39.78
N GLY D 388 -28.55 22.18 -39.83
CA GLY D 388 -28.88 21.35 -38.66
C GLY D 388 -30.36 21.33 -38.32
N PHE D 389 -31.20 21.68 -39.30
CA PHE D 389 -32.65 21.63 -39.16
C PHE D 389 -33.27 21.08 -40.43
N MET D 390 -34.42 20.42 -40.29
CA MET D 390 -35.23 19.97 -41.40
C MET D 390 -36.69 20.10 -40.98
N SER D 391 -37.56 20.45 -41.92
CA SER D 391 -39.00 20.54 -41.65
C SER D 391 -39.54 19.18 -41.20
N ASN D 392 -40.60 19.21 -40.40
CA ASN D 392 -41.29 17.99 -39.98
C ASN D 392 -41.74 17.17 -41.19
N ARG D 393 -42.33 17.84 -42.18
CA ARG D 393 -42.75 17.20 -43.42
C ARG D 393 -41.58 16.48 -44.09
N GLY D 394 -40.46 17.18 -44.19
CA GLY D 394 -39.24 16.63 -44.77
C GLY D 394 -38.66 15.43 -44.03
N ARG D 395 -38.68 15.50 -42.69
CA ARG D 395 -38.15 14.40 -41.87
C ARG D 395 -38.94 13.12 -42.09
N GLN D 396 -40.27 13.24 -42.15
CA GLN D 396 -41.12 12.09 -42.44
C GLN D 396 -40.80 11.48 -43.80
N ILE D 397 -40.58 12.34 -44.78
CA ILE D 397 -40.38 11.91 -46.16
C ILE D 397 -39.03 11.20 -46.34
N VAL D 398 -37.95 11.77 -45.80
CA VAL D 398 -36.62 11.16 -45.97
C VAL D 398 -36.48 9.87 -45.15
N CYS D 399 -37.21 9.76 -44.04
CA CYS D 399 -37.27 8.50 -43.27
C CYS D 399 -37.94 7.41 -44.08
N SER D 400 -39.09 7.72 -44.68
CA SER D 400 -39.80 6.77 -45.54
C SER D 400 -38.94 6.34 -46.72
N PHE D 401 -38.24 7.31 -47.32
CA PHE D 401 -37.36 7.03 -48.47
C PHE D 401 -36.22 6.07 -48.11
N LEU D 402 -35.53 6.35 -47.00
CA LEU D 402 -34.38 5.55 -46.60
C LEU D 402 -34.78 4.13 -46.24
N VAL D 403 -35.90 3.99 -45.52
CA VAL D 403 -36.34 2.69 -45.04
C VAL D 403 -37.03 1.87 -46.13
N ARG D 404 -37.94 2.50 -46.88
CA ARG D 404 -38.82 1.77 -47.80
C ARG D 404 -38.35 1.74 -49.26
N ASP D 405 -37.79 2.85 -49.75
CA ASP D 405 -37.30 2.90 -51.13
C ASP D 405 -35.86 2.41 -51.24
N MET D 406 -35.02 2.78 -50.27
CA MET D 406 -33.63 2.35 -50.25
C MET D 406 -33.44 1.00 -49.54
N GLY D 407 -34.33 0.67 -48.62
CA GLY D 407 -34.26 -0.60 -47.88
C GLY D 407 -33.19 -0.65 -46.81
N LEU D 408 -32.73 0.51 -46.34
CA LEU D 408 -31.60 0.58 -45.41
C LEU D 408 -32.02 0.44 -43.94
N ASP D 409 -31.10 -0.09 -43.14
CA ASP D 409 -31.22 -0.14 -41.69
C ASP D 409 -31.52 1.26 -41.18
N TRP D 410 -32.67 1.42 -40.51
CA TRP D 410 -33.16 2.75 -40.13
C TRP D 410 -32.26 3.49 -39.14
N ARG D 411 -31.44 2.75 -38.40
CA ARG D 411 -30.54 3.33 -37.40
C ARG D 411 -29.44 4.17 -38.04
N MET D 412 -29.13 3.90 -39.31
CA MET D 412 -28.22 4.73 -40.09
C MET D 412 -28.77 6.15 -40.25
N GLY D 413 -30.06 6.24 -40.61
CA GLY D 413 -30.75 7.52 -40.67
C GLY D 413 -30.86 8.18 -39.32
N ALA D 414 -31.26 7.42 -38.30
CA ALA D 414 -31.43 7.94 -36.94
C ALA D 414 -30.12 8.50 -36.39
N GLU D 415 -29.01 7.78 -36.58
CA GLU D 415 -27.70 8.24 -36.10
C GLU D 415 -27.17 9.44 -36.87
N TRP D 416 -27.49 9.56 -38.16
CA TRP D 416 -27.10 10.75 -38.93
C TRP D 416 -27.88 11.99 -38.44
N PHE D 417 -29.17 11.82 -38.21
CA PHE D 417 -29.98 12.87 -37.57
C PHE D 417 -29.36 13.23 -36.21
N GLU D 418 -28.86 12.22 -35.50
CA GLU D 418 -28.26 12.46 -34.18
C GLU D 418 -27.03 13.37 -34.29
N THR D 419 -26.19 13.17 -35.30
CA THR D 419 -25.05 14.06 -35.53
C THR D 419 -25.46 15.49 -35.91
N CYS D 420 -26.47 15.62 -36.77
CA CYS D 420 -26.76 16.87 -37.48
C CYS D 420 -27.73 17.83 -36.82
N LEU D 421 -28.74 17.30 -36.14
CA LEU D 421 -29.88 18.12 -35.71
C LEU D 421 -29.56 18.96 -34.49
N LEU D 422 -29.75 20.27 -34.61
CA LEU D 422 -29.67 21.17 -33.45
C LEU D 422 -30.63 20.70 -32.38
N ASP D 423 -31.81 20.22 -32.78
CA ASP D 423 -32.85 19.80 -31.84
C ASP D 423 -32.81 18.32 -31.45
N TYR D 424 -31.69 17.63 -31.73
CA TYR D 424 -31.58 16.22 -31.42
C TYR D 424 -32.01 15.95 -29.97
N ASP D 425 -32.93 15.00 -29.83
CA ASP D 425 -33.35 14.49 -28.55
C ASP D 425 -33.56 12.99 -28.77
N PRO D 426 -32.98 12.13 -27.92
CA PRO D 426 -33.10 10.69 -28.17
C PRO D 426 -34.55 10.19 -28.20
N CYS D 427 -35.38 10.69 -27.29
CA CYS D 427 -36.77 10.26 -27.23
C CYS D 427 -37.52 10.60 -28.53
N SER D 428 -37.47 11.87 -28.92
CA SER D 428 -38.16 12.32 -30.13
C SER D 428 -37.54 11.75 -31.40
N ASN D 429 -36.21 11.70 -31.47
CA ASN D 429 -35.56 11.22 -32.69
C ASN D 429 -35.80 9.74 -32.91
N TYR D 430 -35.41 8.92 -31.94
CA TYR D 430 -35.56 7.47 -32.07
C TYR D 430 -37.03 7.05 -31.98
N GLY D 431 -37.84 7.81 -31.24
CA GLY D 431 -39.29 7.61 -31.22
C GLY D 431 -39.92 7.77 -32.60
N ASN D 432 -39.64 8.91 -33.25
CA ASN D 432 -40.18 9.17 -34.60
C ASN D 432 -39.62 8.23 -35.66
N TRP D 433 -38.34 7.87 -35.55
CA TRP D 433 -37.74 6.92 -36.51
C TRP D 433 -38.39 5.53 -36.39
N THR D 434 -38.60 5.04 -35.18
CA THR D 434 -39.25 3.73 -34.99
C THR D 434 -40.71 3.78 -35.49
N TYR D 435 -41.39 4.90 -35.22
CA TYR D 435 -42.75 5.13 -35.70
C TYR D 435 -42.77 5.09 -37.23
N GLY D 436 -41.90 5.88 -37.85
CA GLY D 436 -41.80 5.94 -39.31
C GLY D 436 -41.34 4.66 -39.99
N ALA D 437 -40.43 3.92 -39.35
CA ALA D 437 -39.92 2.67 -39.91
C ALA D 437 -40.86 1.47 -39.70
N GLY D 438 -41.92 1.66 -38.92
CA GLY D 438 -42.91 0.61 -38.70
C GLY D 438 -42.52 -0.38 -37.62
N VAL D 439 -41.61 0.01 -36.74
CA VAL D 439 -41.16 -0.86 -35.64
C VAL D 439 -41.50 -0.26 -34.27
N GLY D 440 -42.49 0.63 -34.22
CA GLY D 440 -43.02 1.14 -32.97
C GLY D 440 -43.94 0.12 -32.32
N ASN D 441 -44.49 0.44 -31.15
CA ASN D 441 -45.37 -0.51 -30.46
C ASN D 441 -46.85 -0.30 -30.79
N ASP D 442 -47.12 0.51 -31.82
CA ASP D 442 -48.45 0.59 -32.41
C ASP D 442 -48.45 -0.16 -33.74
N PRO D 443 -48.66 -1.50 -33.70
CA PRO D 443 -48.74 -2.23 -34.97
C PRO D 443 -49.95 -1.77 -35.77
N ARG D 444 -49.72 -0.85 -36.70
CA ARG D 444 -50.79 -0.27 -37.51
C ARG D 444 -50.23 0.72 -38.53
N GLU D 445 -50.72 0.63 -39.76
CA GLU D 445 -50.38 1.54 -40.88
C GLU D 445 -49.09 1.12 -41.60
N ASP D 446 -49.11 1.23 -42.93
CA ASP D 446 -47.91 1.04 -43.74
C ASP D 446 -46.99 2.23 -43.58
N ARG D 447 -47.55 3.44 -43.78
CA ARG D 447 -46.83 4.72 -43.66
C ARG D 447 -45.84 4.97 -44.80
N TYR D 448 -46.18 4.56 -46.02
CA TYR D 448 -45.34 4.87 -47.16
C TYR D 448 -45.69 6.24 -47.72
N PHE D 449 -44.68 7.07 -47.95
CA PHE D 449 -44.85 8.39 -48.55
C PHE D 449 -44.51 8.34 -50.05
N SER D 450 -45.43 8.84 -50.87
CA SER D 450 -45.18 8.99 -52.31
C SER D 450 -44.44 10.29 -52.57
N ILE D 451 -43.21 10.18 -53.08
CA ILE D 451 -42.36 11.35 -53.32
C ILE D 451 -42.95 12.32 -54.35
N PRO D 452 -43.45 11.80 -55.50
CA PRO D 452 -44.15 12.65 -56.45
C PRO D 452 -45.34 13.38 -55.83
N LYS D 453 -46.19 12.66 -55.09
CA LYS D 453 -47.35 13.27 -54.45
C LYS D 453 -46.96 14.35 -53.41
N GLN D 454 -45.92 14.08 -52.64
CA GLN D 454 -45.47 15.02 -51.61
C GLN D 454 -44.92 16.30 -52.23
N ALA D 455 -44.16 16.14 -53.31
CA ALA D 455 -43.58 17.27 -54.03
C ALA D 455 -44.65 18.20 -54.60
N GLN D 456 -45.70 17.61 -55.16
CA GLN D 456 -46.78 18.38 -55.78
C GLN D 456 -47.62 19.09 -54.72
N ASN D 457 -47.88 18.41 -53.61
CA ASN D 457 -48.77 18.94 -52.58
C ASN D 457 -48.12 19.95 -51.63
N TYR D 458 -46.84 19.75 -51.32
CA TYR D 458 -46.15 20.61 -50.34
C TYR D 458 -45.00 21.45 -50.92
N ASP D 459 -44.72 21.29 -52.21
CA ASP D 459 -43.81 22.16 -52.94
C ASP D 459 -44.38 22.42 -54.35
N PRO D 460 -45.63 22.93 -54.42
CA PRO D 460 -46.36 23.01 -55.69
C PRO D 460 -45.65 23.81 -56.79
N GLU D 461 -45.00 24.90 -56.42
CA GLU D 461 -44.28 25.74 -57.38
C GLU D 461 -42.80 25.37 -57.48
N GLY D 462 -42.37 24.35 -56.74
CA GLY D 462 -40.98 23.91 -56.76
C GLY D 462 -40.00 24.90 -56.13
N GLU D 463 -40.53 25.83 -55.32
CA GLU D 463 -39.69 26.87 -54.72
C GLU D 463 -38.74 26.32 -53.68
N TYR D 464 -39.15 25.29 -52.94
CA TYR D 464 -38.28 24.70 -51.91
C TYR D 464 -37.05 24.05 -52.54
N VAL D 465 -37.27 23.15 -53.49
CA VAL D 465 -36.18 22.43 -54.13
C VAL D 465 -35.27 23.36 -54.94
N ALA D 466 -35.85 24.40 -55.52
CA ALA D 466 -35.09 25.40 -56.28
C ALA D 466 -34.18 26.22 -55.37
N PHE D 467 -34.66 26.52 -54.16
CA PHE D 467 -33.88 27.27 -53.17
C PHE D 467 -32.60 26.53 -52.77
N TRP D 468 -32.72 25.22 -52.52
CA TRP D 468 -31.58 24.43 -52.07
C TRP D 468 -30.74 23.85 -53.19
N LEU D 469 -31.34 23.65 -54.36
CA LEU D 469 -30.65 23.08 -55.52
C LEU D 469 -30.64 24.08 -56.68
N GLN D 470 -29.72 25.03 -56.62
CA GLN D 470 -29.67 26.18 -57.55
C GLN D 470 -29.69 25.85 -59.05
N GLN D 471 -29.28 24.63 -59.41
CA GLN D 471 -29.42 24.14 -60.79
C GLN D 471 -30.88 24.08 -61.28
N LEU D 472 -31.82 23.87 -60.34
CA LEU D 472 -33.25 23.81 -60.65
C LEU D 472 -33.93 25.17 -60.75
N ARG D 473 -33.19 26.24 -60.46
CA ARG D 473 -33.75 27.59 -60.40
C ARG D 473 -34.19 28.14 -61.77
N ARG D 474 -33.65 27.59 -62.85
CA ARG D 474 -33.93 28.06 -64.21
C ARG D 474 -35.18 27.41 -64.83
N LEU D 475 -35.67 26.33 -64.23
CA LEU D 475 -36.74 25.53 -64.82
C LEU D 475 -38.12 26.10 -64.47
N MET D 487 -30.86 17.38 -66.76
CA MET D 487 -30.86 18.68 -66.09
C MET D 487 -30.46 18.61 -64.62
N TYR D 488 -30.35 17.39 -64.07
CA TYR D 488 -30.07 17.22 -62.65
C TYR D 488 -29.03 16.10 -62.43
N MET D 489 -29.49 14.89 -62.11
CA MET D 489 -28.59 13.74 -61.97
C MET D 489 -29.41 12.44 -61.99
N ASP D 490 -28.72 11.31 -62.17
CA ASP D 490 -29.39 10.02 -62.23
C ASP D 490 -29.88 9.59 -60.84
N THR D 491 -30.92 8.76 -60.82
CA THR D 491 -31.50 8.26 -59.57
C THR D 491 -30.76 7.01 -59.08
N VAL D 492 -30.52 6.95 -57.77
CA VAL D 492 -29.74 5.85 -57.18
C VAL D 492 -30.57 4.58 -56.97
N VAL D 493 -31.87 4.75 -56.75
CA VAL D 493 -32.81 3.63 -56.62
C VAL D 493 -34.14 4.03 -57.24
N PRO D 494 -34.98 3.04 -57.61
CA PRO D 494 -36.34 3.38 -58.04
C PRO D 494 -37.27 3.59 -56.85
N LEU D 495 -38.42 4.20 -57.10
CA LEU D 495 -39.45 4.38 -56.07
C LEU D 495 -40.34 3.13 -56.03
N LYS D 496 -40.61 2.62 -54.83
CA LYS D 496 -41.43 1.42 -54.67
C LYS D 496 -42.84 1.56 -55.26
N HIS D 497 -43.42 2.76 -55.11
CA HIS D 497 -44.78 3.02 -55.59
C HIS D 497 -44.87 4.40 -56.24
N ASP E 3 -21.90 5.07 18.71
CA ASP E 3 -22.09 4.94 17.23
C ASP E 3 -22.00 3.44 16.83
N HIS E 4 -21.23 3.11 15.80
CA HIS E 4 -21.17 1.73 15.30
C HIS E 4 -20.35 0.83 16.22
N ILE E 5 -20.60 -0.47 16.12
CA ILE E 5 -19.71 -1.45 16.70
C ILE E 5 -18.42 -1.38 15.88
N HIS E 6 -17.27 -1.46 16.55
CA HIS E 6 -15.96 -1.35 15.88
C HIS E 6 -15.33 -2.74 15.73
N ARG E 7 -15.31 -3.27 14.52
CA ARG E 7 -14.61 -4.53 14.27
C ARG E 7 -13.13 -4.30 14.36
N VAL E 8 -12.42 -5.23 15.00
CA VAL E 8 -10.96 -5.16 15.09
C VAL E 8 -10.36 -6.43 14.50
N PRO E 9 -9.65 -6.30 13.36
CA PRO E 9 -9.39 -5.09 12.58
C PRO E 9 -10.65 -4.67 11.83
N ALA E 10 -10.69 -3.42 11.38
CA ALA E 10 -11.83 -2.89 10.60
C ALA E 10 -11.76 -3.29 9.12
N LEU E 11 -10.66 -3.91 8.69
CA LEU E 11 -10.45 -4.29 7.29
C LEU E 11 -11.58 -5.18 6.73
N THR E 12 -11.82 -5.07 5.43
CA THR E 12 -12.75 -5.97 4.74
C THR E 12 -12.12 -7.36 4.60
N GLU E 13 -12.95 -8.37 4.38
CA GLU E 13 -12.42 -9.71 4.16
C GLU E 13 -11.45 -9.74 2.97
N GLU E 14 -11.73 -8.91 1.97
CA GLU E 14 -10.84 -8.80 0.80
C GLU E 14 -9.46 -8.27 1.18
N GLU E 15 -9.42 -7.25 2.02
CA GLU E 15 -8.15 -6.69 2.49
C GLU E 15 -7.41 -7.70 3.36
N ILE E 16 -8.15 -8.34 4.26
CA ILE E 16 -7.58 -9.35 5.16
C ILE E 16 -6.94 -10.46 4.34
N ASP E 17 -7.67 -10.99 3.36
CA ASP E 17 -7.16 -12.05 2.49
C ASP E 17 -5.91 -11.64 1.72
N SER E 18 -5.88 -10.42 1.19
CA SER E 18 -4.73 -9.98 0.42
C SER E 18 -3.50 -9.75 1.31
N VAL E 19 -3.70 -9.15 2.48
CA VAL E 19 -2.62 -8.98 3.45
C VAL E 19 -2.04 -10.34 3.86
N ALA E 20 -2.92 -11.30 4.17
CA ALA E 20 -2.49 -12.62 4.64
C ALA E 20 -1.67 -13.35 3.58
N ILE E 21 -2.12 -13.28 2.32
CA ILE E 21 -1.42 -13.92 1.21
C ILE E 21 -0.03 -13.32 0.99
N LYS E 22 0.05 -11.99 0.93
CA LYS E 22 1.32 -11.30 0.78
C LYS E 22 2.28 -11.70 1.90
N THR E 23 1.79 -11.66 3.14
CA THR E 23 2.59 -12.00 4.32
C THR E 23 3.10 -13.44 4.27
N PHE E 24 2.18 -14.39 4.03
CA PHE E 24 2.56 -15.79 3.90
C PHE E 24 3.63 -15.96 2.80
N GLU E 25 3.43 -15.29 1.67
CA GLU E 25 4.38 -15.34 0.54
C GLU E 25 5.77 -14.83 0.93
N ARG E 26 5.82 -13.63 1.52
CA ARG E 26 7.08 -13.02 1.97
C ARG E 26 7.92 -13.97 2.83
N TYR E 27 7.25 -14.62 3.79
CA TYR E 27 7.90 -15.46 4.81
C TYR E 27 8.02 -16.95 4.44
N ALA E 28 7.60 -17.32 3.23
CA ALA E 28 7.60 -18.72 2.82
C ALA E 28 9.01 -19.31 2.79
N LEU E 29 9.16 -20.52 3.33
CA LEU E 29 10.42 -21.24 3.23
C LEU E 29 10.65 -21.49 1.74
N PRO E 30 11.77 -20.97 1.19
CA PRO E 30 11.97 -20.97 -0.25
C PRO E 30 12.30 -22.37 -0.74
N SER E 31 11.27 -23.22 -0.79
CA SER E 31 11.43 -24.65 -1.04
C SER E 31 12.51 -25.28 -0.15
N SER E 32 12.60 -26.61 -0.17
CA SER E 32 13.57 -27.34 0.63
C SER E 32 13.68 -28.80 0.21
N SER E 33 14.62 -29.05 -0.71
CA SER E 33 15.10 -30.39 -0.97
C SER E 33 16.35 -30.63 -0.10
N SER E 34 16.78 -29.59 0.62
CA SER E 34 17.75 -29.74 1.71
C SER E 34 17.14 -30.60 2.82
N VAL E 35 15.89 -30.31 3.18
CA VAL E 35 15.16 -31.07 4.18
C VAL E 35 14.59 -32.37 3.60
N LYS E 36 15.15 -33.50 4.02
CA LYS E 36 14.65 -34.80 3.58
C LYS E 36 13.55 -35.30 4.53
N ARG E 37 12.48 -35.83 3.95
CA ARG E 37 11.33 -36.32 4.70
C ARG E 37 11.09 -37.82 4.54
N LYS E 38 11.67 -38.41 3.50
CA LYS E 38 11.39 -39.79 3.12
C LYS E 38 11.60 -40.77 4.28
N GLY E 39 10.60 -41.61 4.54
CA GLY E 39 10.69 -42.66 5.56
C GLY E 39 10.73 -42.20 7.01
N LYS E 40 10.41 -40.94 7.28
CA LYS E 40 10.47 -40.40 8.65
C LYS E 40 9.17 -40.64 9.45
N GLY E 41 8.14 -41.17 8.79
CA GLY E 41 6.93 -41.62 9.50
C GLY E 41 5.93 -40.53 9.86
N VAL E 42 4.93 -40.90 10.66
CA VAL E 42 3.86 -39.99 11.06
C VAL E 42 4.25 -39.21 12.32
N THR E 43 3.86 -37.95 12.37
CA THR E 43 3.99 -37.14 13.57
C THR E 43 2.64 -36.48 13.87
N ILE E 44 2.40 -36.17 15.14
CA ILE E 44 1.23 -35.42 15.55
C ILE E 44 1.69 -34.04 16.02
N LEU E 45 1.02 -33.01 15.53
CA LEU E 45 1.24 -31.65 16.00
C LEU E 45 0.06 -31.24 16.86
N TRP E 46 0.31 -31.11 18.16
CA TRP E 46 -0.73 -30.77 19.16
C TRP E 46 -0.75 -29.26 19.40
N PHE E 47 -1.80 -28.61 18.86
CA PHE E 47 -2.03 -27.19 19.03
C PHE E 47 -2.64 -26.86 20.40
N ARG E 48 -2.17 -25.76 21.00
CA ARG E 48 -2.72 -25.25 22.25
C ARG E 48 -3.00 -23.75 22.10
N ASN E 49 -2.08 -22.88 22.53
CA ASN E 49 -2.22 -21.44 22.34
C ASN E 49 -1.14 -20.93 21.39
N ASP E 50 -1.09 -21.58 20.23
CA ASP E 50 -0.14 -21.29 19.17
C ASP E 50 -0.86 -21.47 17.82
N LEU E 51 -2.04 -20.86 17.71
CA LEU E 51 -2.98 -21.13 16.61
C LEU E 51 -2.65 -20.31 15.36
N ARG E 52 -1.50 -20.64 14.77
CA ARG E 52 -0.98 -19.94 13.58
C ARG E 52 -0.09 -20.89 12.79
N VAL E 53 0.13 -20.54 11.53
CA VAL E 53 1.09 -21.23 10.67
C VAL E 53 2.43 -20.48 10.62
N LEU E 54 2.39 -19.15 10.54
CA LEU E 54 3.61 -18.34 10.48
C LEU E 54 4.47 -18.49 11.74
N ASP E 55 5.78 -18.46 11.56
CA ASP E 55 6.75 -18.44 12.65
C ASP E 55 6.42 -19.45 13.75
N ASN E 56 6.21 -20.70 13.36
CA ASN E 56 5.82 -21.75 14.26
C ASN E 56 6.85 -22.89 14.25
N ASP E 57 7.72 -22.90 15.26
CA ASP E 57 8.79 -23.89 15.38
C ASP E 57 8.30 -25.31 15.61
N ALA E 58 7.16 -25.45 16.29
CA ALA E 58 6.58 -26.77 16.52
C ALA E 58 6.15 -27.38 15.19
N LEU E 59 5.45 -26.59 14.38
CA LEU E 59 5.06 -26.99 13.02
C LEU E 59 6.29 -27.32 12.15
N TYR E 60 7.31 -26.46 12.19
CA TYR E 60 8.51 -26.68 11.40
C TYR E 60 9.18 -28.01 11.78
N LYS E 61 9.39 -28.20 13.08
CA LYS E 61 10.04 -29.40 13.58
C LYS E 61 9.23 -30.67 13.28
N ALA E 62 7.91 -30.56 13.37
CA ALA E 62 7.02 -31.66 12.99
C ALA E 62 7.19 -32.01 11.52
N TRP E 63 7.17 -30.98 10.67
CA TRP E 63 7.31 -31.14 9.24
C TRP E 63 8.66 -31.77 8.88
N SER E 64 9.74 -31.20 9.41
CA SER E 64 11.08 -31.63 9.03
C SER E 64 11.49 -33.01 9.60
N SER E 65 10.73 -33.52 10.56
CA SER E 65 11.06 -34.82 11.17
C SER E 65 10.06 -35.93 10.83
N SER E 66 9.21 -35.71 9.82
CA SER E 66 8.15 -36.66 9.44
C SER E 66 8.02 -36.77 7.92
N ASP E 67 7.27 -37.76 7.45
CA ASP E 67 6.76 -37.73 6.07
C ASP E 67 5.27 -37.32 6.03
N THR E 68 4.59 -37.41 7.17
CA THR E 68 3.16 -37.15 7.26
C THR E 68 2.85 -36.51 8.61
N ILE E 69 2.00 -35.47 8.58
CA ILE E 69 1.65 -34.70 9.78
C ILE E 69 0.16 -34.80 10.05
N LEU E 70 -0.20 -35.09 11.30
CA LEU E 70 -1.59 -35.00 11.76
C LEU E 70 -1.71 -33.86 12.78
N PRO E 71 -2.16 -32.68 12.32
CA PRO E 71 -2.39 -31.58 13.26
C PRO E 71 -3.70 -31.77 14.03
N VAL E 72 -3.67 -31.50 15.33
CA VAL E 72 -4.80 -31.79 16.22
C VAL E 72 -5.00 -30.69 17.25
N TYR E 73 -6.26 -30.29 17.45
CA TYR E 73 -6.63 -29.46 18.58
C TYR E 73 -7.65 -30.21 19.44
N CYS E 74 -7.39 -30.27 20.74
CA CYS E 74 -8.30 -30.91 21.70
C CYS E 74 -9.04 -29.82 22.47
N LEU E 75 -10.37 -29.86 22.42
CA LEU E 75 -11.18 -28.98 23.25
C LEU E 75 -11.30 -29.62 24.64
N ASP E 76 -10.43 -29.16 25.54
CA ASP E 76 -10.28 -29.73 26.90
C ASP E 76 -11.50 -29.34 27.74
N PRO E 77 -12.24 -30.33 28.28
CA PRO E 77 -13.43 -29.97 29.08
C PRO E 77 -13.13 -29.10 30.30
N ARG E 78 -11.92 -29.22 30.84
CA ARG E 78 -11.52 -28.43 32.00
C ARG E 78 -11.45 -26.92 31.73
N LEU E 79 -11.31 -26.55 30.46
CA LEU E 79 -11.30 -25.14 30.07
C LEU E 79 -12.69 -24.49 30.20
N PHE E 80 -13.72 -25.32 30.35
CA PHE E 80 -15.10 -24.84 30.51
C PHE E 80 -15.76 -25.32 31.79
N HIS E 81 -14.95 -25.63 32.79
CA HIS E 81 -15.46 -25.83 34.14
C HIS E 81 -15.45 -24.47 34.84
N THR E 82 -14.83 -24.34 36.02
CA THR E 82 -14.91 -23.09 36.79
C THR E 82 -13.55 -22.60 37.29
N THR E 83 -13.47 -21.32 37.67
CA THR E 83 -12.23 -20.75 38.23
C THR E 83 -11.94 -21.34 39.61
N HIS E 84 -10.69 -21.22 40.04
CA HIS E 84 -10.12 -21.99 41.15
C HIS E 84 -10.75 -21.72 42.53
N PHE E 85 -10.66 -20.48 43.00
CA PHE E 85 -11.10 -20.11 44.35
C PHE E 85 -12.58 -19.72 44.43
N PHE E 86 -13.13 -19.05 43.41
CA PHE E 86 -14.47 -18.48 43.48
C PHE E 86 -15.47 -19.01 42.46
N ASN E 87 -15.07 -20.01 41.67
CA ASN E 87 -15.98 -20.77 40.82
C ASN E 87 -16.81 -19.92 39.83
N PHE E 88 -16.15 -18.96 39.17
CA PHE E 88 -16.73 -18.30 38.00
C PHE E 88 -16.53 -19.21 36.79
N PRO E 89 -17.20 -18.93 35.65
CA PRO E 89 -16.93 -19.75 34.46
C PRO E 89 -15.46 -19.70 34.07
N LYS E 90 -14.84 -20.84 33.82
CA LYS E 90 -13.40 -20.88 33.50
C LYS E 90 -13.09 -20.12 32.21
N THR E 91 -13.99 -20.24 31.23
CA THR E 91 -13.94 -19.48 29.99
C THR E 91 -15.32 -18.88 29.69
N GLY E 92 -15.40 -17.56 29.69
CA GLY E 92 -16.64 -16.86 29.32
C GLY E 92 -16.97 -16.98 27.84
N ALA E 93 -18.23 -16.67 27.52
CA ALA E 93 -18.78 -16.83 26.17
C ALA E 93 -18.00 -16.10 25.07
N LEU E 94 -17.57 -14.87 25.37
CA LEU E 94 -16.85 -14.06 24.40
C LEU E 94 -15.48 -14.64 24.04
N ARG E 95 -14.70 -15.06 25.03
CA ARG E 95 -13.43 -15.71 24.70
C ARG E 95 -13.67 -17.07 24.05
N GLY E 96 -14.70 -17.79 24.50
CA GLY E 96 -15.08 -19.04 23.86
C GLY E 96 -15.31 -18.87 22.36
N GLY E 97 -16.05 -17.82 21.99
CA GLY E 97 -16.34 -17.51 20.59
C GLY E 97 -15.11 -17.12 19.78
N PHE E 98 -14.22 -16.32 20.37
CA PHE E 98 -12.95 -15.93 19.75
C PHE E 98 -12.10 -17.17 19.46
N LEU E 99 -12.02 -18.09 20.42
CA LEU E 99 -11.31 -19.36 20.22
C LEU E 99 -11.85 -20.11 18.99
N MET E 100 -13.18 -20.21 18.90
CA MET E 100 -13.80 -20.96 17.79
C MET E 100 -13.41 -20.34 16.45
N GLU E 101 -13.42 -19.01 16.39
CA GLU E 101 -13.00 -18.29 15.19
C GLU E 101 -11.53 -18.54 14.84
N CYS E 102 -10.67 -18.64 15.87
CA CYS E 102 -9.25 -18.96 15.67
C CYS E 102 -9.06 -20.35 15.04
N LEU E 103 -9.85 -21.31 15.50
CA LEU E 103 -9.79 -22.68 15.00
C LEU E 103 -10.27 -22.79 13.56
N VAL E 104 -11.34 -22.05 13.24
CA VAL E 104 -11.92 -22.03 11.88
C VAL E 104 -10.89 -21.49 10.88
N ASP E 105 -10.26 -20.38 11.24
CA ASP E 105 -9.21 -19.78 10.42
C ASP E 105 -7.96 -20.68 10.28
N LEU E 106 -7.54 -21.31 11.38
CA LEU E 106 -6.40 -22.25 11.36
C LEU E 106 -6.65 -23.43 10.41
N ARG E 107 -7.83 -24.03 10.51
CA ARG E 107 -8.21 -25.12 9.61
C ARG E 107 -8.10 -24.65 8.15
N LYS E 108 -8.66 -23.48 7.88
CA LYS E 108 -8.62 -22.91 6.53
C LYS E 108 -7.17 -22.71 6.05
N ASN E 109 -6.34 -22.10 6.90
CA ASN E 109 -4.95 -21.82 6.53
C ASN E 109 -4.11 -23.08 6.35
N LEU E 110 -4.37 -24.10 7.16
CA LEU E 110 -3.69 -25.39 7.01
C LEU E 110 -4.10 -26.08 5.69
N MET E 111 -5.38 -26.01 5.32
CA MET E 111 -5.87 -26.59 4.07
C MET E 111 -5.20 -25.97 2.85
N LYS E 112 -4.92 -24.66 2.92
CA LYS E 112 -4.18 -23.99 1.85
C LYS E 112 -2.80 -24.59 1.60
N ARG E 113 -2.19 -25.18 2.64
CA ARG E 113 -0.86 -25.78 2.53
C ARG E 113 -0.90 -27.31 2.38
N GLY E 114 -2.08 -27.86 2.13
CA GLY E 114 -2.23 -29.30 1.92
C GLY E 114 -2.37 -30.14 3.18
N LEU E 115 -2.68 -29.50 4.31
CA LEU E 115 -3.04 -30.20 5.54
C LEU E 115 -4.51 -29.96 5.91
N ASN E 116 -4.88 -30.30 7.13
CA ASN E 116 -6.18 -29.98 7.72
C ASN E 116 -5.93 -29.98 9.23
N LEU E 117 -6.95 -29.63 10.00
CA LEU E 117 -6.86 -29.67 11.47
C LEU E 117 -7.89 -30.66 12.02
N LEU E 118 -7.43 -31.66 12.75
CA LEU E 118 -8.33 -32.60 13.43
C LEU E 118 -8.81 -31.97 14.74
N ILE E 119 -10.12 -31.81 14.91
CA ILE E 119 -10.68 -31.25 16.13
C ILE E 119 -11.43 -32.35 16.89
N ARG E 120 -11.11 -32.51 18.18
CA ARG E 120 -11.81 -33.46 19.06
C ARG E 120 -12.11 -32.81 20.41
N SER E 121 -13.23 -33.19 21.01
CA SER E 121 -13.57 -32.73 22.37
C SER E 121 -13.16 -33.81 23.37
N GLY E 122 -12.37 -33.42 24.36
CA GLY E 122 -11.84 -34.37 25.34
C GLY E 122 -10.51 -33.92 25.93
N LYS E 123 -9.99 -34.73 26.85
CA LYS E 123 -8.71 -34.45 27.50
C LYS E 123 -7.57 -34.87 26.57
N PRO E 124 -6.56 -34.00 26.39
CA PRO E 124 -5.42 -34.36 25.52
C PRO E 124 -4.73 -35.67 25.91
N GLU E 125 -4.63 -35.94 27.21
CA GLU E 125 -3.97 -37.16 27.69
C GLU E 125 -4.75 -38.45 27.38
N GLU E 126 -6.01 -38.33 26.97
CA GLU E 126 -6.79 -39.47 26.48
C GLU E 126 -6.81 -39.51 24.95
N ILE E 127 -7.01 -38.35 24.32
CA ILE E 127 -7.09 -38.25 22.86
C ILE E 127 -5.75 -38.54 22.18
N LEU E 128 -4.68 -37.90 22.64
CA LEU E 128 -3.41 -37.96 21.92
C LEU E 128 -2.74 -39.33 21.90
N PRO E 129 -2.69 -40.04 23.05
CA PRO E 129 -2.16 -41.41 23.01
C PRO E 129 -2.96 -42.36 22.11
N SER E 130 -4.27 -42.15 22.05
CA SER E 130 -5.14 -42.96 21.18
C SER E 130 -4.81 -42.73 19.69
N LEU E 131 -4.69 -41.47 19.29
CA LEU E 131 -4.29 -41.12 17.92
C LEU E 131 -2.89 -41.61 17.59
N ALA E 132 -1.97 -41.48 18.55
CA ALA E 132 -0.58 -41.92 18.36
C ALA E 132 -0.52 -43.41 18.05
N LYS E 133 -1.31 -44.19 18.79
CA LYS E 133 -1.38 -45.63 18.58
C LYS E 133 -2.04 -45.96 17.24
N ASP E 134 -3.19 -45.35 16.98
CA ASP E 134 -3.93 -45.61 15.74
C ASP E 134 -3.08 -45.34 14.49
N PHE E 135 -2.35 -44.22 14.47
CA PHE E 135 -1.60 -43.80 13.28
C PHE E 135 -0.11 -44.13 13.29
N GLY E 136 0.36 -44.80 14.35
CA GLY E 136 1.78 -45.13 14.49
C GLY E 136 2.71 -43.93 14.59
N ALA E 137 2.27 -42.90 15.30
CA ALA E 137 3.05 -41.67 15.39
C ALA E 137 4.32 -41.86 16.23
N ARG E 138 5.45 -41.39 15.71
CA ARG E 138 6.72 -41.44 16.42
C ARG E 138 6.84 -40.36 17.50
N THR E 139 6.20 -39.22 17.23
CA THR E 139 6.34 -38.05 18.09
C THR E 139 5.04 -37.26 18.16
N VAL E 140 4.88 -36.53 19.27
CA VAL E 140 3.88 -35.49 19.41
C VAL E 140 4.65 -34.20 19.70
N PHE E 141 4.53 -33.23 18.80
CA PHE E 141 5.15 -31.93 19.00
C PHE E 141 4.13 -30.94 19.53
N ALA E 142 4.57 -30.10 20.45
CA ALA E 142 3.74 -29.05 21.03
C ALA E 142 4.63 -27.95 21.60
N HIS E 143 4.06 -26.78 21.84
CA HIS E 143 4.80 -25.72 22.52
C HIS E 143 4.74 -25.92 24.04
N LYS E 144 5.84 -25.56 24.71
CA LYS E 144 5.96 -25.64 26.16
C LYS E 144 5.21 -24.49 26.83
N GLU E 145 4.46 -24.81 27.89
CA GLU E 145 3.78 -23.78 28.70
C GLU E 145 4.45 -23.70 30.06
N THR E 146 4.00 -22.79 30.92
CA THR E 146 4.71 -22.49 32.17
C THR E 146 3.94 -22.69 33.47
N CYS E 147 2.63 -22.51 33.46
CA CYS E 147 1.85 -22.53 34.69
C CYS E 147 1.32 -23.92 35.05
N SER E 148 0.98 -24.08 36.33
CA SER E 148 0.53 -25.35 36.94
C SER E 148 -0.41 -26.20 36.10
N GLU E 149 -1.53 -25.64 35.65
CA GLU E 149 -2.55 -26.42 34.93
C GLU E 149 -2.01 -26.99 33.61
N GLU E 150 -1.29 -26.14 32.90
CA GLU E 150 -0.76 -26.47 31.58
C GLU E 150 0.34 -27.53 31.68
N VAL E 151 1.23 -27.36 32.66
CA VAL E 151 2.33 -28.30 32.84
C VAL E 151 1.83 -29.64 33.39
N ASP E 152 0.72 -29.62 34.14
CA ASP E 152 0.09 -30.88 34.57
C ASP E 152 -0.47 -31.67 33.38
N VAL E 153 -1.08 -30.99 32.42
CA VAL E 153 -1.55 -31.66 31.20
C VAL E 153 -0.37 -32.25 30.42
N GLU E 154 0.74 -31.51 30.34
CA GLU E 154 1.98 -31.99 29.70
C GLU E 154 2.43 -33.32 30.34
N ARG E 155 2.44 -33.35 31.67
CA ARG E 155 2.80 -34.55 32.41
C ARG E 155 1.85 -35.70 32.07
N LEU E 156 0.55 -35.43 32.11
CA LEU E 156 -0.45 -36.47 31.85
C LEU E 156 -0.35 -37.03 30.42
N VAL E 157 -0.10 -36.15 29.44
CA VAL E 157 0.06 -36.58 28.06
C VAL E 157 1.31 -37.44 27.93
N ASN E 158 2.42 -36.96 28.50
CA ASN E 158 3.67 -37.73 28.50
C ASN E 158 3.51 -39.14 29.10
N GLN E 159 2.87 -39.21 30.26
CA GLN E 159 2.62 -40.50 30.93
C GLN E 159 1.65 -41.39 30.13
N GLY E 160 0.69 -40.77 29.45
CA GLY E 160 -0.24 -41.49 28.58
C GLY E 160 0.45 -42.13 27.38
N LEU E 161 1.39 -41.40 26.77
CA LEU E 161 2.17 -41.93 25.65
C LEU E 161 3.03 -43.10 26.06
N LYS E 162 3.68 -43.00 27.22
CA LYS E 162 4.48 -44.09 27.77
C LYS E 162 3.65 -45.34 28.01
N ARG E 163 2.40 -45.15 28.42
CA ARG E 163 1.52 -46.25 28.80
C ARG E 163 1.01 -47.07 27.61
N VAL E 164 1.04 -46.48 26.42
CA VAL E 164 0.74 -47.22 25.18
C VAL E 164 2.00 -47.87 24.59
N GLY E 165 3.10 -47.79 25.32
CA GLY E 165 4.38 -48.32 24.86
C GLY E 165 5.39 -47.20 24.75
N ASN E 166 6.67 -47.56 24.74
CA ASN E 166 7.72 -46.57 24.52
C ASN E 166 7.73 -46.19 23.04
N SER E 167 8.82 -45.61 22.55
CA SER E 167 8.87 -45.10 21.17
C SER E 167 8.18 -43.73 21.06
N THR E 168 6.85 -43.68 21.17
CA THR E 168 6.12 -42.39 21.02
C THR E 168 6.46 -41.41 22.14
N LYS E 169 7.05 -40.28 21.77
CA LYS E 169 7.51 -39.30 22.77
C LYS E 169 6.95 -37.91 22.53
N LEU E 170 6.77 -37.19 23.63
CA LEU E 170 6.31 -35.81 23.60
C LEU E 170 7.53 -34.90 23.52
N GLU E 171 7.55 -34.03 22.50
CA GLU E 171 8.64 -33.09 22.31
C GLU E 171 8.10 -31.69 22.47
N LEU E 172 8.44 -31.05 23.59
CA LEU E 172 7.97 -29.69 23.88
C LEU E 172 8.97 -28.62 23.42
N ILE E 173 8.48 -27.62 22.70
CA ILE E 173 9.31 -26.59 22.09
C ILE E 173 9.05 -25.25 22.75
N TRP E 174 10.11 -24.53 23.14
CA TRP E 174 9.91 -23.22 23.77
C TRP E 174 9.49 -22.21 22.71
N GLY E 175 8.41 -21.49 23.01
CA GLY E 175 8.01 -20.33 22.22
C GLY E 175 7.28 -19.36 23.13
N SER E 176 6.51 -18.48 22.54
CA SER E 176 5.65 -17.56 23.30
C SER E 176 6.32 -16.21 23.55
N THR E 177 7.63 -16.19 23.82
CA THR E 177 8.33 -14.94 24.17
C THR E 177 9.13 -14.34 23.00
N MET E 178 9.34 -13.02 23.05
CA MET E 178 10.12 -12.31 22.04
C MET E 178 11.59 -12.67 22.17
N TYR E 179 12.10 -12.62 23.40
CA TYR E 179 13.43 -13.14 23.74
C TYR E 179 13.32 -14.61 24.15
N HIS E 180 14.11 -15.48 23.50
CA HIS E 180 14.05 -16.92 23.74
C HIS E 180 14.70 -17.29 25.07
N LYS E 181 14.04 -18.18 25.82
CA LYS E 181 14.54 -18.60 27.14
C LYS E 181 15.99 -19.09 27.11
N ASP E 182 16.35 -19.86 26.09
CA ASP E 182 17.70 -20.42 25.98
C ASP E 182 18.78 -19.39 25.66
N ASP E 183 18.37 -18.21 25.19
CA ASP E 183 19.29 -17.13 24.81
C ASP E 183 19.59 -16.14 25.94
N LEU E 184 18.86 -16.25 27.05
CA LEU E 184 18.95 -15.25 28.11
C LEU E 184 20.33 -15.27 28.76
N PRO E 185 20.74 -14.12 29.36
CA PRO E 185 22.02 -14.03 30.09
C PRO E 185 21.96 -14.58 31.52
N PHE E 186 20.93 -15.37 31.84
CA PHE E 186 20.78 -16.01 33.15
C PHE E 186 19.75 -17.12 33.02
N ASP E 187 19.77 -18.07 33.96
CA ASP E 187 18.65 -19.02 34.09
C ASP E 187 17.50 -18.26 34.72
N VAL E 188 16.28 -18.73 34.46
CA VAL E 188 15.09 -18.05 34.96
C VAL E 188 15.01 -18.10 36.49
N PHE E 189 15.62 -19.09 37.12
CA PHE E 189 15.72 -19.13 38.59
C PHE E 189 16.42 -17.88 39.13
N ASP E 190 17.31 -17.29 38.32
CA ASP E 190 18.02 -16.06 38.68
C ASP E 190 17.56 -14.84 37.86
N LEU E 191 16.32 -14.86 37.41
CA LEU E 191 15.73 -13.70 36.73
C LEU E 191 15.83 -12.50 37.67
N PRO E 192 16.32 -11.35 37.17
CA PRO E 192 16.30 -10.18 38.06
C PRO E 192 14.89 -9.85 38.59
N ASP E 193 14.81 -9.47 39.86
CA ASP E 193 13.53 -9.08 40.47
C ASP E 193 13.12 -7.64 40.13
N VAL E 194 13.95 -6.92 39.38
CA VAL E 194 13.62 -5.59 38.88
C VAL E 194 13.56 -5.62 37.36
N TYR E 195 12.42 -5.21 36.81
CA TYR E 195 12.17 -5.24 35.37
C TYR E 195 13.25 -4.49 34.59
N THR E 196 13.59 -3.28 35.04
CA THR E 196 14.58 -2.45 34.35
C THR E 196 15.93 -3.18 34.19
N GLN E 197 16.32 -3.95 35.20
CA GLN E 197 17.56 -4.75 35.13
C GLN E 197 17.43 -5.89 34.12
N PHE E 198 16.28 -6.56 34.13
CA PHE E 198 15.96 -7.58 33.13
C PHE E 198 16.00 -7.00 31.70
N ARG E 199 15.29 -5.89 31.48
CA ARG E 199 15.25 -5.25 30.15
C ARG E 199 16.64 -4.84 29.66
N LYS E 200 17.38 -4.16 30.52
CA LYS E 200 18.73 -3.71 30.16
C LYS E 200 19.64 -4.88 29.84
N SER E 201 19.55 -5.96 30.64
CA SER E 201 20.37 -7.15 30.41
C SER E 201 20.09 -7.79 29.05
N VAL E 202 18.82 -8.04 28.73
CA VAL E 202 18.49 -8.66 27.43
C VAL E 202 18.79 -7.76 26.23
N GLU E 203 18.53 -6.46 26.36
CA GLU E 203 18.83 -5.51 25.28
C GLU E 203 20.32 -5.38 25.00
N ALA E 204 21.14 -5.48 26.04
CA ALA E 204 22.60 -5.41 25.93
C ALA E 204 23.24 -6.72 25.47
N LYS E 205 22.66 -7.85 25.87
CA LYS E 205 23.32 -9.16 25.72
C LYS E 205 22.62 -10.18 24.83
N CYS E 206 21.39 -9.90 24.38
CA CYS E 206 20.63 -10.85 23.57
C CYS E 206 20.21 -10.31 22.22
N SER E 207 19.99 -11.23 21.29
CA SER E 207 19.37 -10.93 20.02
C SER E 207 17.98 -11.55 19.98
N ILE E 208 17.08 -10.95 19.21
CA ILE E 208 15.78 -11.55 18.94
C ILE E 208 15.93 -12.40 17.68
N ARG E 209 15.49 -13.65 17.75
CA ARG E 209 15.61 -14.59 16.63
C ARG E 209 14.73 -14.16 15.47
N SER E 210 15.20 -14.43 14.25
CA SER E 210 14.42 -14.23 13.03
C SER E 210 13.23 -15.18 13.03
N SER E 211 12.15 -14.77 12.39
CA SER E 211 10.97 -15.62 12.36
C SER E 211 11.27 -16.93 11.61
N THR E 212 10.68 -18.03 12.07
CA THR E 212 10.83 -19.32 11.43
C THR E 212 10.02 -19.34 10.13
N ARG E 213 10.63 -19.80 9.04
CA ARG E 213 9.96 -19.85 7.74
C ARG E 213 9.32 -21.22 7.51
N ILE E 214 8.10 -21.21 6.99
CA ILE E 214 7.33 -22.42 6.77
C ILE E 214 7.05 -22.58 5.26
N PRO E 215 7.23 -23.80 4.71
CA PRO E 215 6.98 -23.97 3.27
C PRO E 215 5.51 -23.82 2.89
N LEU E 216 5.25 -23.46 1.63
CA LEU E 216 3.87 -23.37 1.13
C LEU E 216 3.17 -24.75 1.00
N SER E 217 3.96 -25.81 0.86
CA SER E 217 3.43 -27.18 0.79
C SER E 217 3.85 -27.99 2.02
N LEU E 218 2.87 -28.38 2.83
CA LEU E 218 3.11 -29.10 4.09
C LEU E 218 2.51 -30.50 4.16
N GLY E 219 1.74 -30.90 3.14
CA GLY E 219 1.10 -32.21 3.14
C GLY E 219 2.07 -33.35 2.88
N PRO E 220 1.58 -34.61 2.90
CA PRO E 220 0.21 -35.03 3.18
C PRO E 220 -0.11 -35.28 4.66
N THR E 221 -1.40 -35.49 4.93
CA THR E 221 -1.90 -35.94 6.23
C THR E 221 -2.11 -37.45 6.15
N PRO E 222 -2.38 -38.11 7.29
CA PRO E 222 -2.83 -39.50 7.18
C PRO E 222 -4.25 -39.56 6.64
N SER E 223 -4.72 -40.76 6.33
CA SER E 223 -6.11 -40.95 5.92
C SER E 223 -7.02 -40.80 7.15
N VAL E 224 -7.84 -39.75 7.14
CA VAL E 224 -8.71 -39.45 8.27
C VAL E 224 -10.17 -39.49 7.84
N ASP E 225 -10.96 -40.30 8.54
CA ASP E 225 -12.38 -40.48 8.25
C ASP E 225 -13.23 -39.28 8.68
N ASP E 226 -12.90 -38.67 9.82
CA ASP E 226 -13.68 -37.56 10.37
C ASP E 226 -12.75 -36.51 10.97
N TRP E 227 -12.65 -35.35 10.33
CA TRP E 227 -11.78 -34.27 10.82
C TRP E 227 -12.39 -33.51 12.00
N GLY E 228 -13.71 -33.66 12.19
CA GLY E 228 -14.40 -33.12 13.35
C GLY E 228 -14.99 -31.76 13.09
N ASP E 229 -16.17 -31.50 13.62
CA ASP E 229 -16.80 -30.19 13.52
C ASP E 229 -16.23 -29.26 14.58
N VAL E 230 -16.27 -27.96 14.30
CA VAL E 230 -15.92 -26.96 15.29
C VAL E 230 -16.95 -27.06 16.42
N PRO E 231 -16.48 -27.17 17.67
CA PRO E 231 -17.46 -27.30 18.77
C PRO E 231 -18.32 -26.05 18.93
N THR E 232 -19.55 -26.24 19.41
CA THR E 232 -20.45 -25.13 19.69
C THR E 232 -20.43 -24.86 21.19
N LEU E 233 -20.59 -23.59 21.56
CA LEU E 233 -20.57 -23.20 22.97
C LEU E 233 -21.72 -23.86 23.73
N GLU E 234 -22.88 -23.98 23.08
CA GLU E 234 -24.05 -24.61 23.70
C GLU E 234 -23.71 -26.02 24.19
N LYS E 235 -23.04 -26.80 23.34
CA LYS E 235 -22.59 -28.16 23.72
C LYS E 235 -21.67 -28.16 24.94
N LEU E 236 -20.88 -27.08 25.10
CA LEU E 236 -19.95 -26.95 26.22
C LEU E 236 -20.59 -26.36 27.47
N GLY E 237 -21.89 -26.07 27.43
CA GLY E 237 -22.60 -25.48 28.56
C GLY E 237 -22.41 -23.99 28.68
N VAL E 238 -22.12 -23.33 27.56
CA VAL E 238 -21.94 -21.88 27.54
C VAL E 238 -22.97 -21.24 26.59
N GLU E 239 -23.71 -20.26 27.09
CA GLU E 239 -24.66 -19.50 26.28
C GLU E 239 -23.90 -18.53 25.36
N PRO E 240 -24.05 -18.69 24.03
CA PRO E 240 -23.35 -17.78 23.10
C PRO E 240 -23.70 -16.31 23.35
N GLN E 241 -22.75 -15.44 23.04
CA GLN E 241 -22.87 -14.02 23.33
C GLN E 241 -22.20 -13.24 22.21
N GLU E 242 -22.88 -12.19 21.72
CA GLU E 242 -22.29 -11.34 20.71
C GLU E 242 -22.07 -9.95 21.31
N VAL E 243 -21.15 -9.20 20.71
CA VAL E 243 -20.83 -7.85 21.19
C VAL E 243 -21.88 -6.88 20.68
N THR E 244 -22.50 -6.14 21.61
CA THR E 244 -23.59 -5.22 21.30
C THR E 244 -23.15 -3.77 21.22
N ARG E 245 -21.93 -3.49 21.66
CA ARG E 245 -21.39 -2.14 21.69
C ARG E 245 -19.88 -2.20 21.88
N GLY E 246 -19.17 -1.25 21.27
CA GLY E 246 -17.71 -1.16 21.37
C GLY E 246 -16.98 -2.06 20.38
N MET E 247 -15.82 -2.57 20.79
CA MET E 247 -14.94 -3.31 19.89
C MET E 247 -15.32 -4.79 19.79
N ARG E 248 -15.33 -5.27 18.55
CA ARG E 248 -15.66 -6.66 18.24
C ARG E 248 -14.43 -7.29 17.59
N PHE E 249 -13.66 -8.00 18.41
CA PHE E 249 -12.42 -8.62 17.92
C PHE E 249 -12.75 -9.84 17.06
N VAL E 250 -11.98 -10.03 16.00
CA VAL E 250 -12.22 -11.08 15.01
C VAL E 250 -11.13 -12.13 15.15
N GLY E 251 -11.50 -13.37 15.46
CA GLY E 251 -10.50 -14.39 15.75
C GLY E 251 -9.66 -14.84 14.56
N GLY E 252 -8.46 -15.33 14.86
CA GLY E 252 -7.63 -16.04 13.87
C GLY E 252 -6.41 -15.31 13.39
N GLU E 253 -5.46 -16.08 12.85
CA GLU E 253 -4.21 -15.57 12.31
C GLU E 253 -4.41 -14.53 11.21
N SER E 254 -5.31 -14.79 10.28
CA SER E 254 -5.56 -13.85 9.16
C SER E 254 -5.96 -12.46 9.67
N ALA E 255 -6.95 -12.42 10.57
CA ALA E 255 -7.35 -11.16 11.19
C ALA E 255 -6.22 -10.54 12.01
N GLY E 256 -5.47 -11.39 12.72
CA GLY E 256 -4.34 -10.94 13.54
C GLY E 256 -3.27 -10.19 12.76
N VAL E 257 -2.76 -10.81 11.69
CA VAL E 257 -1.76 -10.13 10.85
C VAL E 257 -2.39 -8.92 10.15
N GLY E 258 -3.70 -9.00 9.90
CA GLY E 258 -4.47 -7.89 9.36
C GLY E 258 -4.43 -6.68 10.27
N ARG E 259 -4.61 -6.90 11.57
CA ARG E 259 -4.55 -5.84 12.57
C ARG E 259 -3.14 -5.21 12.68
N VAL E 260 -2.10 -6.04 12.58
CA VAL E 260 -0.73 -5.52 12.54
C VAL E 260 -0.56 -4.58 11.32
N PHE E 261 -1.05 -5.01 10.16
CA PHE E 261 -1.04 -4.15 8.95
C PHE E 261 -1.85 -2.86 9.16
N GLU E 262 -3.05 -3.00 9.71
CA GLU E 262 -3.95 -1.87 9.92
C GLU E 262 -3.36 -0.80 10.83
N TYR E 263 -2.85 -1.23 12.00
CA TYR E 263 -2.35 -0.30 13.02
C TYR E 263 -1.04 0.37 12.62
N PHE E 264 -0.08 -0.44 12.16
CA PHE E 264 1.23 0.07 11.76
C PHE E 264 1.18 0.84 10.45
N TRP E 265 0.61 0.23 9.41
CA TRP E 265 0.83 0.70 8.04
C TRP E 265 -0.34 1.49 7.46
N LYS E 266 -1.52 0.90 7.41
CA LYS E 266 -2.68 1.56 6.79
C LYS E 266 -3.01 2.86 7.52
N LYS E 267 -3.13 2.79 8.85
CA LYS E 267 -3.48 3.96 9.65
C LYS E 267 -2.27 4.73 10.17
N ASP E 268 -1.08 4.13 10.08
CA ASP E 268 0.19 4.82 10.38
C ASP E 268 0.20 5.36 11.81
N LEU E 269 -0.28 4.54 12.76
CA LEU E 269 -0.46 4.96 14.14
C LEU E 269 0.71 4.60 15.08
N LEU E 270 1.62 3.73 14.64
CA LEU E 270 2.72 3.29 15.49
C LEU E 270 3.57 4.47 15.98
N LYS E 271 3.78 5.46 15.12
CA LYS E 271 4.62 6.62 15.46
C LYS E 271 4.10 7.51 16.60
N VAL E 272 2.84 7.31 17.00
CA VAL E 272 2.26 8.05 18.14
C VAL E 272 1.81 7.14 19.29
N TYR E 273 2.12 5.84 19.21
CA TYR E 273 1.67 4.86 20.20
C TYR E 273 1.92 5.29 21.66
N LYS E 274 3.12 5.76 21.95
CA LYS E 274 3.45 6.15 23.34
C LYS E 274 2.62 7.35 23.79
N GLU E 275 2.21 8.19 22.84
CA GLU E 275 1.36 9.36 23.14
C GLU E 275 -0.06 8.95 23.54
N THR E 276 -0.59 7.89 22.92
CA THR E 276 -2.00 7.54 23.03
C THR E 276 -2.29 6.29 23.90
N ARG E 277 -1.26 5.54 24.26
CA ARG E 277 -1.42 4.22 24.91
C ARG E 277 -2.19 4.21 26.24
N ASN E 278 -2.35 5.36 26.90
CA ASN E 278 -3.13 5.43 28.15
C ASN E 278 -4.61 5.79 27.94
N GLY E 279 -5.04 5.90 26.70
CA GLY E 279 -6.45 6.13 26.37
C GLY E 279 -7.35 4.95 26.71
N MET E 280 -8.65 5.14 26.57
CA MET E 280 -9.63 4.13 26.96
C MET E 280 -10.73 3.89 25.92
N LEU E 281 -10.90 4.83 24.98
CA LEU E 281 -12.00 4.80 24.02
C LEU E 281 -11.52 4.54 22.60
N GLY E 282 -12.03 3.46 22.00
CA GLY E 282 -11.85 3.22 20.57
C GLY E 282 -10.63 2.38 20.25
N PRO E 283 -10.56 1.87 19.00
CA PRO E 283 -9.45 1.00 18.58
C PRO E 283 -8.10 1.68 18.35
N ASP E 284 -8.09 2.99 18.04
CA ASP E 284 -6.87 3.67 17.60
C ASP E 284 -5.79 3.87 18.68
N TYR E 285 -6.16 3.93 19.95
CA TYR E 285 -5.22 4.41 21.00
C TYR E 285 -4.06 3.45 21.29
N SER E 286 -4.16 2.17 20.89
CA SER E 286 -3.10 1.19 21.12
C SER E 286 -3.16 0.08 20.07
N THR E 287 -2.23 -0.88 20.14
CA THR E 287 -2.12 -1.90 19.09
C THR E 287 -3.34 -2.81 19.01
N LYS E 288 -3.94 -3.09 20.17
CA LYS E 288 -4.99 -4.10 20.31
C LYS E 288 -4.54 -5.50 19.86
N PHE E 289 -3.23 -5.79 19.96
CA PHE E 289 -2.68 -7.10 19.56
C PHE E 289 -2.95 -8.21 20.58
N SER E 290 -3.32 -7.87 21.81
CA SER E 290 -3.30 -8.83 22.92
C SER E 290 -4.11 -10.13 22.70
N PRO E 291 -5.34 -10.04 22.15
CA PRO E 291 -6.07 -11.31 22.00
C PRO E 291 -5.39 -12.32 21.05
N TRP E 292 -4.80 -11.81 19.96
CA TRP E 292 -4.11 -12.66 19.00
C TRP E 292 -2.78 -13.20 19.58
N LEU E 293 -2.11 -12.39 20.39
CA LEU E 293 -0.92 -12.84 21.10
C LEU E 293 -1.25 -13.93 22.14
N ALA E 294 -2.35 -13.76 22.87
CA ALA E 294 -2.75 -14.74 23.89
C ALA E 294 -3.04 -16.13 23.29
N PHE E 295 -3.69 -16.15 22.13
CA PHE E 295 -4.00 -17.41 21.45
C PHE E 295 -2.90 -17.87 20.49
N GLY E 296 -1.81 -17.10 20.43
CA GLY E 296 -0.69 -17.40 19.54
C GLY E 296 -1.01 -17.31 18.06
N CYS E 297 -2.02 -16.50 17.71
CA CYS E 297 -2.39 -16.26 16.31
C CYS E 297 -1.34 -15.42 15.59
N ILE E 298 -0.63 -14.59 16.36
CA ILE E 298 0.54 -13.87 15.88
C ILE E 298 1.66 -14.03 16.91
N SER E 299 2.89 -13.81 16.47
CA SER E 299 4.06 -13.99 17.32
C SER E 299 4.77 -12.65 17.57
N PRO E 300 5.40 -12.50 18.75
CA PRO E 300 6.11 -11.25 19.03
C PRO E 300 7.35 -11.03 18.15
N ARG E 301 7.93 -12.10 17.60
CA ARG E 301 9.05 -11.98 16.65
C ARG E 301 8.61 -11.33 15.34
N PHE E 302 7.45 -11.72 14.83
CA PHE E 302 6.84 -11.08 13.65
C PHE E 302 6.59 -9.60 13.93
N ILE E 303 6.02 -9.29 15.09
CA ILE E 303 5.76 -7.90 15.46
C ILE E 303 7.07 -7.09 15.47
N TYR E 304 8.12 -7.64 16.09
CA TYR E 304 9.43 -7.00 16.14
C TYR E 304 9.98 -6.69 14.74
N GLU E 305 9.93 -7.68 13.85
CA GLU E 305 10.35 -7.49 12.46
C GLU E 305 9.56 -6.36 11.78
N GLU E 306 8.27 -6.28 12.05
CA GLU E 306 7.42 -5.21 11.48
C GLU E 306 7.75 -3.84 12.07
N VAL E 307 8.07 -3.78 13.36
CA VAL E 307 8.53 -2.55 13.98
C VAL E 307 9.84 -2.05 13.33
N GLN E 308 10.79 -2.95 13.12
CA GLN E 308 12.06 -2.59 12.50
C GLN E 308 11.85 -2.04 11.09
N ARG E 309 10.99 -2.72 10.32
CA ARG E 309 10.63 -2.28 8.96
C ARG E 309 10.00 -0.87 8.97
N TYR E 310 9.07 -0.66 9.89
CA TYR E 310 8.44 0.65 10.07
C TYR E 310 9.47 1.71 10.41
N GLU E 311 10.40 1.37 11.30
CA GLU E 311 11.42 2.32 11.73
C GLU E 311 12.32 2.81 10.58
N LYS E 312 12.58 1.94 9.61
CA LYS E 312 13.37 2.31 8.44
C LYS E 312 12.53 3.07 7.37
N GLU E 313 11.29 2.64 7.16
CA GLU E 313 10.47 3.18 6.06
C GLU E 313 9.71 4.47 6.42
N ARG E 314 9.42 4.67 7.70
CA ARG E 314 8.59 5.79 8.15
C ARG E 314 9.31 6.69 9.17
N VAL E 315 9.59 6.16 10.36
CA VAL E 315 10.27 6.90 11.44
C VAL E 315 10.61 5.98 12.61
N ALA E 316 11.72 6.28 13.29
CA ALA E 316 12.06 5.64 14.57
C ALA E 316 11.97 6.69 15.66
N ASN E 317 11.16 6.45 16.68
CA ASN E 317 11.07 7.36 17.81
C ASN E 317 10.76 6.60 19.10
N ASN E 318 10.40 7.32 20.16
CA ASN E 318 10.01 6.66 21.42
C ASN E 318 8.77 5.79 21.32
N SER E 319 7.84 6.14 20.44
CA SER E 319 6.61 5.36 20.25
C SER E 319 6.86 4.04 19.54
N THR E 320 7.70 4.04 18.52
CA THR E 320 8.04 2.79 17.84
C THR E 320 8.77 1.86 18.80
N TYR E 321 9.66 2.41 19.63
CA TYR E 321 10.36 1.62 20.64
C TYR E 321 9.42 1.10 21.73
N TRP E 322 8.45 1.91 22.15
CA TRP E 322 7.64 1.56 23.32
C TRP E 322 6.81 0.28 23.15
N VAL E 323 6.39 -0.02 21.92
CA VAL E 323 5.69 -1.29 21.68
C VAL E 323 6.58 -2.47 22.08
N LEU E 324 7.87 -2.37 21.79
CA LEU E 324 8.85 -3.40 22.18
C LEU E 324 9.04 -3.44 23.70
N PHE E 325 9.13 -2.26 24.32
CA PHE E 325 9.18 -2.13 25.78
C PHE E 325 8.04 -2.89 26.46
N GLU E 326 6.85 -2.77 25.89
CA GLU E 326 5.67 -3.43 26.42
C GLU E 326 5.67 -4.94 26.15
N LEU E 327 6.15 -5.34 24.98
CA LEU E 327 6.33 -6.77 24.69
C LEU E 327 7.38 -7.39 25.60
N ILE E 328 8.35 -6.61 26.05
CA ILE E 328 9.36 -7.11 27.00
C ILE E 328 8.75 -7.32 28.40
N TRP E 329 7.79 -6.47 28.79
CA TRP E 329 6.97 -6.73 29.98
C TRP E 329 6.21 -8.06 29.86
N ARG E 330 5.63 -8.31 28.70
CA ARG E 330 5.00 -9.60 28.43
C ARG E 330 5.98 -10.77 28.67
N ASP E 331 7.16 -10.69 28.08
CA ASP E 331 8.23 -11.70 28.30
C ASP E 331 8.54 -11.86 29.78
N TYR E 332 8.70 -10.74 30.47
CA TYR E 332 9.11 -10.71 31.89
C TYR E 332 8.11 -11.41 32.80
N PHE E 333 6.81 -11.12 32.63
CA PHE E 333 5.80 -11.83 33.40
C PHE E 333 5.75 -13.34 33.06
N ARG E 334 6.06 -13.71 31.83
CA ARG E 334 6.15 -15.15 31.47
C ARG E 334 7.30 -15.84 32.23
N PHE E 335 8.47 -15.21 32.23
CA PHE E 335 9.63 -15.77 32.93
C PHE E 335 9.46 -15.77 34.45
N LEU E 336 8.84 -14.70 34.98
CA LEU E 336 8.46 -14.63 36.40
C LEU E 336 7.52 -15.77 36.82
N SER E 337 6.65 -16.22 35.91
CA SER E 337 5.76 -17.37 36.19
C SER E 337 6.55 -18.65 36.48
N ILE E 338 7.71 -18.81 35.83
CA ILE E 338 8.60 -19.95 36.11
C ILE E 338 9.33 -19.76 37.43
N LYS E 339 9.88 -18.56 37.65
CA LYS E 339 10.62 -18.29 38.87
C LYS E 339 9.75 -18.40 40.12
N CYS E 340 8.52 -17.90 40.06
CA CYS E 340 7.64 -17.81 41.22
C CYS E 340 6.74 -19.02 41.43
N GLY E 341 6.48 -19.78 40.37
CA GLY E 341 5.59 -20.92 40.43
C GLY E 341 4.20 -20.54 40.93
N ASN E 342 3.65 -21.37 41.82
CA ASN E 342 2.27 -21.20 42.26
C ASN E 342 2.05 -20.02 43.21
N SER E 343 3.11 -19.43 43.74
CA SER E 343 2.99 -18.23 44.57
C SER E 343 2.39 -17.04 43.79
N LEU E 344 2.44 -17.11 42.47
CA LEU E 344 1.72 -16.20 41.58
C LEU E 344 0.20 -16.16 41.84
N PHE E 345 -0.36 -17.26 42.34
CA PHE E 345 -1.81 -17.38 42.55
C PHE E 345 -2.22 -17.30 44.03
N HIS E 346 -1.25 -17.17 44.93
CA HIS E 346 -1.55 -17.17 46.36
C HIS E 346 -1.86 -15.78 46.88
N LEU E 347 -2.73 -15.70 47.89
CA LEU E 347 -3.18 -14.42 48.44
C LEU E 347 -2.01 -13.50 48.79
N GLY E 348 -1.01 -14.06 49.47
CA GLY E 348 0.17 -13.31 49.88
C GLY E 348 1.18 -13.04 48.77
N GLY E 349 0.99 -13.68 47.61
CA GLY E 349 1.85 -13.44 46.46
C GLY E 349 3.25 -14.03 46.59
N PRO E 350 4.10 -13.83 45.58
CA PRO E 350 5.50 -14.27 45.55
C PRO E 350 6.34 -14.05 46.81
N ARG E 351 5.98 -13.08 47.63
CA ARG E 351 6.72 -12.81 48.87
C ARG E 351 6.04 -13.31 50.13
N ASN E 352 4.85 -13.90 49.95
CA ASN E 352 4.07 -14.41 51.07
C ASN E 352 3.77 -13.33 52.10
N VAL E 353 3.21 -12.21 51.63
CA VAL E 353 2.82 -11.09 52.50
C VAL E 353 1.55 -11.44 53.27
N GLN E 354 1.49 -11.01 54.53
CA GLN E 354 0.29 -11.19 55.36
C GLN E 354 -0.60 -9.97 55.28
N GLY E 355 -1.92 -10.17 55.23
CA GLY E 355 -2.87 -9.07 55.07
C GLY E 355 -4.27 -9.37 55.57
N LYS E 356 -5.16 -8.38 55.44
CA LYS E 356 -6.56 -8.50 55.82
C LYS E 356 -7.44 -8.18 54.63
N TRP E 357 -8.13 -9.20 54.08
CA TRP E 357 -8.93 -9.03 52.86
C TRP E 357 -10.32 -9.65 52.98
N SER E 358 -11.33 -8.86 52.61
CA SER E 358 -12.72 -9.29 52.63
C SER E 358 -13.05 -10.06 51.36
N GLN E 359 -13.95 -11.04 51.48
CA GLN E 359 -14.54 -11.71 50.32
C GLN E 359 -16.04 -11.44 50.27
N ASP E 360 -16.46 -10.26 50.71
CA ASP E 360 -17.89 -9.90 50.77
C ASP E 360 -18.51 -9.95 49.37
N GLN E 361 -19.53 -10.81 49.21
CA GLN E 361 -20.16 -11.05 47.91
C GLN E 361 -20.89 -9.81 47.38
N LYS E 362 -21.55 -9.07 48.28
CA LYS E 362 -22.25 -7.83 47.89
C LYS E 362 -21.31 -6.78 47.29
N LEU E 363 -20.20 -6.48 47.96
CA LEU E 363 -19.21 -5.56 47.41
C LEU E 363 -18.69 -6.06 46.07
N PHE E 364 -18.24 -7.31 46.02
CA PHE E 364 -17.68 -7.85 44.79
C PHE E 364 -18.66 -7.72 43.63
N GLU E 365 -19.93 -8.05 43.86
CA GLU E 365 -20.95 -7.99 42.83
C GLU E 365 -21.19 -6.58 42.31
N SER E 366 -21.03 -5.57 43.18
CA SER E 366 -21.17 -4.16 42.74
C SER E 366 -20.06 -3.78 41.74
N TRP E 367 -18.87 -4.31 41.96
CA TRP E 367 -17.73 -4.12 41.05
C TRP E 367 -17.97 -4.88 39.75
N ARG E 368 -18.22 -6.18 39.87
CA ARG E 368 -18.51 -7.04 38.72
C ARG E 368 -19.61 -6.47 37.82
N ASP E 369 -20.70 -6.00 38.42
CA ASP E 369 -21.88 -5.56 37.67
C ASP E 369 -21.92 -4.05 37.37
N ALA E 370 -20.78 -3.39 37.48
CA ALA E 370 -20.66 -1.98 37.13
C ALA E 370 -21.68 -1.12 37.87
N LYS E 371 -21.81 -1.36 39.18
CA LYS E 371 -22.73 -0.59 40.03
C LYS E 371 -22.02 -0.07 41.29
N THR E 372 -20.80 0.44 41.09
CA THR E 372 -20.01 1.00 42.19
C THR E 372 -20.43 2.42 42.54
N GLY E 373 -21.02 3.12 41.59
CA GLY E 373 -21.34 4.55 41.76
C GLY E 373 -20.28 5.50 41.25
N TYR E 374 -19.14 4.97 40.81
CA TYR E 374 -18.07 5.77 40.21
C TYR E 374 -18.02 5.49 38.71
N PRO E 375 -18.46 6.45 37.88
CA PRO E 375 -18.54 6.23 36.43
C PRO E 375 -17.25 5.65 35.79
N LEU E 376 -16.09 6.15 36.19
CA LEU E 376 -14.82 5.65 35.64
C LEU E 376 -14.67 4.13 35.84
N ILE E 377 -15.05 3.66 37.02
CA ILE E 377 -14.95 2.25 37.36
C ILE E 377 -16.01 1.45 36.62
N ASP E 378 -17.26 1.91 36.70
CA ASP E 378 -18.40 1.19 36.12
C ASP E 378 -18.33 1.08 34.59
N ALA E 379 -17.89 2.15 33.93
CA ALA E 379 -17.71 2.10 32.47
C ALA E 379 -16.70 1.03 32.04
N ASN E 380 -15.58 0.95 32.76
CA ASN E 380 -14.56 -0.06 32.47
C ASN E 380 -15.07 -1.48 32.68
N MET E 381 -15.78 -1.69 33.79
CA MET E 381 -16.31 -3.03 34.10
C MET E 381 -17.39 -3.43 33.09
N LYS E 382 -18.18 -2.46 32.65
CA LYS E 382 -19.18 -2.70 31.60
C LYS E 382 -18.51 -3.02 30.26
N GLU E 383 -17.46 -2.28 29.90
CA GLU E 383 -16.70 -2.58 28.68
C GLU E 383 -16.19 -4.02 28.70
N LEU E 384 -15.69 -4.45 29.86
CA LEU E 384 -15.15 -5.81 30.03
C LEU E 384 -16.20 -6.89 29.78
N SER E 385 -17.35 -6.77 30.43
CA SER E 385 -18.39 -7.81 30.30
C SER E 385 -19.08 -7.78 28.93
N THR E 386 -19.06 -6.62 28.27
CA THR E 386 -19.70 -6.47 26.93
C THR E 386 -18.79 -6.92 25.77
N THR E 387 -17.48 -6.70 25.90
CA THR E 387 -16.54 -6.90 24.79
C THR E 387 -15.43 -7.92 25.02
N GLY E 388 -15.16 -8.28 26.28
CA GLY E 388 -14.00 -9.11 26.62
C GLY E 388 -12.65 -8.40 26.56
N PHE E 389 -12.68 -7.07 26.55
CA PHE E 389 -11.47 -6.25 26.54
C PHE E 389 -11.63 -5.06 27.47
N MET E 390 -10.52 -4.62 28.05
CA MET E 390 -10.44 -3.37 28.81
C MET E 390 -9.09 -2.71 28.50
N SER E 391 -9.05 -1.37 28.46
CA SER E 391 -7.79 -0.66 28.24
C SER E 391 -6.79 -0.96 29.36
N ASN E 392 -5.51 -0.88 29.05
CA ASN E 392 -4.45 -1.02 30.06
C ASN E 392 -4.63 -0.06 31.25
N ARG E 393 -4.92 1.20 30.95
CA ARG E 393 -5.14 2.21 31.99
C ARG E 393 -6.32 1.79 32.88
N GLY E 394 -7.43 1.41 32.24
CA GLY E 394 -8.61 0.90 32.95
C GLY E 394 -8.32 -0.26 33.88
N ARG E 395 -7.61 -1.28 33.36
CA ARG E 395 -7.26 -2.47 34.16
C ARG E 395 -6.51 -2.07 35.44
N GLN E 396 -5.52 -1.20 35.30
CA GLN E 396 -4.78 -0.72 36.46
C GLN E 396 -5.71 -0.05 37.47
N ILE E 397 -6.63 0.77 36.97
CA ILE E 397 -7.51 1.56 37.83
C ILE E 397 -8.53 0.68 38.59
N VAL E 398 -9.16 -0.27 37.90
CA VAL E 398 -10.18 -1.12 38.54
C VAL E 398 -9.55 -2.11 39.53
N CYS E 399 -8.29 -2.48 39.28
CA CYS E 399 -7.52 -3.27 40.22
C CYS E 399 -7.27 -2.47 41.51
N SER E 400 -6.73 -1.26 41.36
CA SER E 400 -6.49 -0.38 42.50
C SER E 400 -7.77 -0.19 43.33
N PHE E 401 -8.86 0.08 42.64
CA PHE E 401 -10.16 0.29 43.29
C PHE E 401 -10.63 -0.93 44.10
N LEU E 402 -10.54 -2.12 43.51
CA LEU E 402 -11.03 -3.33 44.16
C LEU E 402 -10.17 -3.66 45.40
N VAL E 403 -8.86 -3.52 45.27
CA VAL E 403 -7.93 -3.84 46.37
C VAL E 403 -7.90 -2.74 47.44
N ARG E 404 -7.68 -1.50 47.01
CA ARG E 404 -7.39 -0.38 47.93
C ARG E 404 -8.65 0.28 48.49
N ASP E 405 -9.61 0.56 47.61
CA ASP E 405 -10.82 1.27 48.00
C ASP E 405 -11.91 0.34 48.55
N MET E 406 -12.07 -0.82 47.94
CA MET E 406 -13.07 -1.78 48.40
C MET E 406 -12.52 -2.74 49.47
N GLY E 407 -11.21 -2.95 49.49
CA GLY E 407 -10.58 -3.82 50.47
C GLY E 407 -10.79 -5.31 50.20
N LEU E 408 -11.04 -5.65 48.94
CA LEU E 408 -11.38 -7.02 48.58
C LEU E 408 -10.15 -7.87 48.24
N ASP E 409 -10.26 -9.16 48.57
CA ASP E 409 -9.34 -10.19 48.15
C ASP E 409 -9.09 -10.07 46.63
N TRP E 410 -7.85 -9.75 46.25
CA TRP E 410 -7.52 -9.46 44.86
C TRP E 410 -7.82 -10.60 43.87
N ARG E 411 -7.79 -11.83 44.36
CA ARG E 411 -8.01 -13.01 43.52
C ARG E 411 -9.44 -13.05 42.96
N MET E 412 -10.37 -12.37 43.64
CA MET E 412 -11.75 -12.24 43.13
C MET E 412 -11.76 -11.47 41.81
N GLY E 413 -11.03 -10.37 41.76
CA GLY E 413 -10.88 -9.59 40.53
C GLY E 413 -10.10 -10.32 39.46
N ALA E 414 -9.01 -10.97 39.85
CA ALA E 414 -8.18 -11.75 38.92
C ALA E 414 -8.97 -12.87 38.26
N GLU E 415 -9.81 -13.57 39.03
CA GLU E 415 -10.61 -14.68 38.48
C GLU E 415 -11.73 -14.15 37.56
N TRP E 416 -12.30 -12.99 37.87
CA TRP E 416 -13.30 -12.39 36.98
C TRP E 416 -12.67 -11.95 35.65
N PHE E 417 -11.49 -11.32 35.71
CA PHE E 417 -10.71 -11.05 34.49
C PHE E 417 -10.46 -12.35 33.74
N GLU E 418 -10.14 -13.42 34.46
CA GLU E 418 -9.90 -14.74 33.83
C GLU E 418 -11.13 -15.24 33.07
N THR E 419 -12.33 -15.03 33.61
CA THR E 419 -13.56 -15.38 32.91
C THR E 419 -13.76 -14.56 31.62
N CYS E 420 -13.58 -13.25 31.74
CA CYS E 420 -14.03 -12.30 30.72
C CYS E 420 -13.06 -11.94 29.59
N LEU E 421 -11.76 -11.91 29.85
CA LEU E 421 -10.79 -11.32 28.91
C LEU E 421 -10.50 -12.20 27.71
N LEU E 422 -10.65 -11.65 26.49
CA LEU E 422 -10.27 -12.37 25.28
C LEU E 422 -8.79 -12.71 25.33
N ASP E 423 -8.00 -11.78 25.87
CA ASP E 423 -6.55 -11.93 25.94
C ASP E 423 -6.04 -12.58 27.24
N TYR E 424 -6.93 -13.21 28.02
CA TYR E 424 -6.51 -13.85 29.27
C TYR E 424 -5.27 -14.73 29.11
N ASP E 425 -4.29 -14.48 29.96
CA ASP E 425 -3.03 -15.18 30.01
C ASP E 425 -2.69 -15.26 31.50
N PRO E 426 -2.49 -16.48 32.05
CA PRO E 426 -2.23 -16.56 33.50
C PRO E 426 -1.01 -15.75 33.95
N CYS E 427 0.07 -15.77 33.16
CA CYS E 427 1.30 -15.04 33.51
C CYS E 427 1.05 -13.54 33.59
N SER E 428 0.47 -12.97 32.54
CA SER E 428 0.19 -11.53 32.48
C SER E 428 -0.94 -11.13 33.44
N ASN E 429 -2.01 -11.92 33.52
CA ASN E 429 -3.14 -11.57 34.37
C ASN E 429 -2.76 -11.59 35.86
N TYR E 430 -2.26 -12.72 36.34
CA TYR E 430 -1.90 -12.85 37.75
C TYR E 430 -0.63 -12.05 38.08
N GLY E 431 0.27 -11.91 37.10
CA GLY E 431 1.42 -11.02 37.24
C GLY E 431 1.01 -9.57 37.47
N ASN E 432 0.13 -9.05 36.62
CA ASN E 432 -0.33 -7.66 36.76
C ASN E 432 -1.21 -7.46 38.01
N TRP E 433 -2.05 -8.45 38.34
CA TRP E 433 -2.90 -8.36 39.53
C TRP E 433 -2.08 -8.29 40.82
N THR E 434 -1.10 -9.18 40.96
CA THR E 434 -0.21 -9.17 42.14
C THR E 434 0.66 -7.90 42.19
N TYR E 435 1.11 -7.44 41.02
CA TYR E 435 1.85 -6.17 40.92
C TYR E 435 0.99 -5.02 41.47
N GLY E 436 -0.23 -4.92 40.96
CA GLY E 436 -1.17 -3.87 41.37
C GLY E 436 -1.61 -3.95 42.82
N ALA E 437 -1.73 -5.18 43.33
CA ALA E 437 -2.10 -5.40 44.73
C ALA E 437 -0.93 -5.16 45.70
N GLY E 438 0.26 -4.92 45.17
CA GLY E 438 1.44 -4.69 45.99
C GLY E 438 2.10 -5.93 46.57
N VAL E 439 1.65 -7.12 46.13
CA VAL E 439 2.20 -8.39 46.63
C VAL E 439 2.98 -9.19 45.58
N GLY E 440 3.29 -8.56 44.46
CA GLY E 440 3.95 -9.24 43.36
C GLY E 440 5.27 -8.57 43.07
N ASN E 441 5.54 -8.35 41.78
CA ASN E 441 6.77 -7.68 41.38
C ASN E 441 6.76 -6.23 41.91
N ASP E 442 7.95 -5.72 42.25
CA ASP E 442 8.12 -4.36 42.79
C ASP E 442 7.06 -4.02 43.86
N PRO E 443 7.07 -4.73 45.00
CA PRO E 443 6.07 -4.52 46.04
C PRO E 443 6.16 -3.15 46.70
N ARG E 444 5.03 -2.49 46.84
CA ARG E 444 4.92 -1.20 47.56
C ARG E 444 3.50 -1.08 48.11
N GLU E 445 3.38 -0.43 49.28
CA GLU E 445 2.06 -0.19 49.90
C GLU E 445 1.34 1.02 49.34
N ASP E 446 2.04 1.85 48.55
CA ASP E 446 1.50 3.13 48.09
C ASP E 446 1.21 3.19 46.57
N ARG E 447 1.03 2.02 45.94
CA ARG E 447 0.60 1.97 44.55
C ARG E 447 -0.92 2.13 44.55
N TYR E 448 -1.36 3.39 44.53
CA TYR E 448 -2.77 3.76 44.60
C TYR E 448 -3.10 4.73 43.48
N PHE E 449 -4.17 4.43 42.72
CA PHE E 449 -4.64 5.31 41.65
C PHE E 449 -5.77 6.20 42.16
N SER E 450 -5.59 7.52 42.11
CA SER E 450 -6.68 8.44 42.46
C SER E 450 -7.71 8.51 41.34
N ILE E 451 -8.94 8.09 41.63
CA ILE E 451 -10.00 8.06 40.62
C ILE E 451 -10.27 9.45 40.01
N PRO E 452 -10.43 10.50 40.85
CA PRO E 452 -10.59 11.86 40.33
C PRO E 452 -9.50 12.30 39.36
N LYS E 453 -8.24 12.10 39.73
CA LYS E 453 -7.11 12.45 38.88
C LYS E 453 -7.10 11.65 37.58
N GLN E 454 -7.34 10.34 37.69
CA GLN E 454 -7.35 9.48 36.51
C GLN E 454 -8.43 9.92 35.53
N ALA E 455 -9.62 10.19 36.05
CA ALA E 455 -10.74 10.65 35.23
C ALA E 455 -10.40 11.97 34.53
N GLN E 456 -9.81 12.90 35.26
CA GLN E 456 -9.43 14.19 34.70
C GLN E 456 -8.36 14.06 33.61
N ASN E 457 -7.34 13.23 33.87
CA ASN E 457 -6.17 13.11 33.00
C ASN E 457 -6.38 12.25 31.75
N TYR E 458 -7.18 11.17 31.87
CA TYR E 458 -7.35 10.23 30.76
C TYR E 458 -8.78 10.16 30.20
N ASP E 459 -9.71 10.87 30.82
CA ASP E 459 -11.06 11.05 30.25
C ASP E 459 -11.54 12.48 30.49
N PRO E 460 -10.76 13.48 30.00
CA PRO E 460 -11.00 14.88 30.35
C PRO E 460 -12.40 15.42 30.03
N GLU E 461 -12.98 14.98 28.92
CA GLU E 461 -14.30 15.44 28.51
C GLU E 461 -15.44 14.51 28.93
N GLY E 462 -15.10 13.42 29.63
CA GLY E 462 -16.10 12.44 30.03
C GLY E 462 -16.65 11.63 28.86
N GLU E 463 -15.87 11.59 27.77
CA GLU E 463 -16.30 10.95 26.53
C GLU E 463 -16.34 9.42 26.66
N TYR E 464 -15.42 8.87 27.43
CA TYR E 464 -15.36 7.42 27.63
C TYR E 464 -16.53 6.95 28.48
N VAL E 465 -16.75 7.62 29.62
CA VAL E 465 -17.82 7.23 30.55
C VAL E 465 -19.21 7.46 29.94
N ALA E 466 -19.35 8.51 29.13
CA ALA E 466 -20.62 8.79 28.44
C ALA E 466 -20.95 7.75 27.36
N PHE E 467 -19.91 7.21 26.73
CA PHE E 467 -20.07 6.17 25.71
C PHE E 467 -20.67 4.90 26.32
N TRP E 468 -20.12 4.49 27.46
CA TRP E 468 -20.54 3.24 28.11
C TRP E 468 -21.75 3.43 29.02
N LEU E 469 -21.90 4.62 29.59
CA LEU E 469 -23.00 4.91 30.52
C LEU E 469 -23.88 6.00 29.90
N GLN E 470 -24.74 5.58 28.98
CA GLN E 470 -25.51 6.50 28.13
C GLN E 470 -26.34 7.54 28.87
N GLN E 471 -26.72 7.27 30.12
CA GLN E 471 -27.45 8.24 30.93
C GLN E 471 -26.59 9.46 31.32
N LEU E 472 -25.27 9.35 31.14
CA LEU E 472 -24.35 10.46 31.42
C LEU E 472 -24.09 11.37 30.22
N ARG E 473 -24.55 10.98 29.03
CA ARG E 473 -24.21 11.69 27.79
C ARG E 473 -24.78 13.10 27.75
N ARG E 474 -25.99 13.25 28.27
CA ARG E 474 -26.63 14.54 28.46
C ARG E 474 -25.72 15.58 29.13
N LEU E 475 -24.99 15.12 30.13
CA LEU E 475 -24.34 16.00 31.09
C LEU E 475 -23.09 16.64 30.50
N PRO E 476 -22.68 17.81 31.03
CA PRO E 476 -21.39 18.38 30.67
C PRO E 476 -20.28 17.68 31.45
N LYS E 477 -19.02 17.89 31.08
CA LYS E 477 -17.92 17.43 31.91
C LYS E 477 -18.10 18.03 33.31
N GLU E 478 -17.27 17.63 34.28
CA GLU E 478 -17.52 17.92 35.70
C GLU E 478 -18.67 17.05 36.21
N LYS E 479 -19.82 17.10 35.53
CA LYS E 479 -20.95 16.24 35.86
C LYS E 479 -20.78 14.81 35.35
N ARG E 480 -20.13 14.63 34.20
CA ARG E 480 -19.99 13.28 33.62
C ARG E 480 -19.20 12.32 34.53
N HIS E 481 -18.30 12.86 35.34
CA HIS E 481 -17.56 12.03 36.30
C HIS E 481 -18.06 12.16 37.75
N TRP E 482 -18.88 13.19 38.02
CA TRP E 482 -19.55 13.34 39.31
C TRP E 482 -21.02 13.67 39.09
N PRO E 483 -21.83 12.66 38.69
CA PRO E 483 -23.22 12.92 38.29
C PRO E 483 -24.19 13.15 39.45
N GLY E 484 -23.79 12.78 40.67
CA GLY E 484 -24.68 12.88 41.83
C GLY E 484 -25.46 11.59 42.01
N ARG E 485 -26.06 11.42 43.18
CA ARG E 485 -26.66 10.15 43.57
C ARG E 485 -28.00 9.87 42.88
N LEU E 486 -28.70 10.92 42.48
CA LEU E 486 -30.01 10.78 41.84
C LEU E 486 -29.90 10.54 40.33
N MET E 487 -29.03 11.29 39.67
CA MET E 487 -28.83 11.13 38.22
C MET E 487 -27.93 9.93 37.85
N TYR E 488 -27.31 9.29 38.85
CA TYR E 488 -26.57 8.05 38.61
C TYR E 488 -26.92 7.01 39.68
N MET E 489 -26.11 6.87 40.72
CA MET E 489 -26.43 5.96 41.82
C MET E 489 -25.55 6.24 43.04
N ASP E 490 -25.84 5.55 44.14
CA ASP E 490 -25.05 5.66 45.36
C ASP E 490 -23.65 5.09 45.14
N THR E 491 -22.69 5.60 45.89
CA THR E 491 -21.34 5.07 45.92
C THR E 491 -21.30 3.94 46.95
N VAL E 492 -20.73 2.80 46.56
CA VAL E 492 -20.75 1.60 47.41
C VAL E 492 -19.73 1.69 48.53
N VAL E 493 -18.63 2.40 48.29
CA VAL E 493 -17.65 2.72 49.31
C VAL E 493 -17.14 4.13 49.06
N PRO E 494 -16.59 4.78 50.09
CA PRO E 494 -15.88 6.05 49.86
C PRO E 494 -14.51 5.81 49.22
N LEU E 495 -14.01 6.79 48.49
CA LEU E 495 -12.65 6.75 47.98
C LEU E 495 -11.70 6.90 49.17
N LYS E 496 -10.63 6.12 49.20
CA LYS E 496 -9.74 6.15 50.37
C LYS E 496 -8.80 7.37 50.33
N HIS E 497 -8.46 7.86 49.14
CA HIS E 497 -7.65 9.09 49.01
C HIS E 497 -8.17 10.12 47.99
N GLY E 498 -8.95 9.70 47.01
CA GLY E 498 -9.52 10.62 46.01
C GLY E 498 -9.63 12.07 46.48
N HIS F 4 42.32 -45.28 66.53
CA HIS F 4 40.84 -45.43 66.48
C HIS F 4 40.27 -44.88 65.17
N ILE F 5 40.83 -45.35 64.06
CA ILE F 5 40.41 -44.95 62.72
C ILE F 5 39.75 -46.13 62.01
N HIS F 6 38.50 -45.94 61.58
CA HIS F 6 37.70 -47.00 60.96
C HIS F 6 37.41 -46.65 59.50
N ARG F 7 37.96 -47.44 58.57
CA ARG F 7 37.70 -47.23 57.15
C ARG F 7 36.27 -47.62 56.84
N VAL F 8 35.62 -46.84 55.98
CA VAL F 8 34.28 -47.16 55.50
C VAL F 8 34.28 -47.25 53.97
N PRO F 9 34.03 -48.45 53.42
CA PRO F 9 33.77 -49.70 54.11
C PRO F 9 35.06 -50.24 54.73
N ALA F 10 34.92 -51.21 55.63
CA ALA F 10 36.07 -51.81 56.31
C ALA F 10 36.73 -52.90 55.47
N LEU F 11 36.17 -53.19 54.30
CA LEU F 11 36.68 -54.25 53.43
C LEU F 11 38.09 -53.90 52.95
N THR F 12 38.92 -54.92 52.73
CA THR F 12 40.23 -54.72 52.11
C THR F 12 40.04 -54.34 50.65
N GLU F 13 41.01 -53.65 50.07
CA GLU F 13 40.94 -53.26 48.65
C GLU F 13 40.75 -54.48 47.74
N GLU F 14 41.25 -55.62 48.20
CA GLU F 14 41.08 -56.89 47.50
C GLU F 14 39.62 -57.36 47.54
N GLU F 15 39.00 -57.28 48.72
CA GLU F 15 37.57 -57.61 48.89
C GLU F 15 36.68 -56.64 48.11
N ILE F 16 37.07 -55.38 48.11
CA ILE F 16 36.35 -54.35 47.35
C ILE F 16 36.33 -54.68 45.86
N ASP F 17 37.47 -55.07 45.30
CA ASP F 17 37.57 -55.39 43.88
C ASP F 17 36.71 -56.57 43.47
N SER F 18 36.68 -57.62 44.31
CA SER F 18 35.90 -58.82 44.00
C SER F 18 34.40 -58.53 44.10
N VAL F 19 33.98 -57.89 45.19
CA VAL F 19 32.57 -57.50 45.36
C VAL F 19 32.08 -56.67 44.17
N ALA F 20 32.91 -55.71 43.74
CA ALA F 20 32.59 -54.83 42.62
C ALA F 20 32.43 -55.61 41.31
N ILE F 21 33.33 -56.56 41.06
CA ILE F 21 33.24 -57.41 39.87
C ILE F 21 31.94 -58.23 39.89
N LYS F 22 31.62 -58.81 41.04
CA LYS F 22 30.40 -59.62 41.17
C LYS F 22 29.12 -58.77 41.04
N THR F 23 29.20 -57.51 41.47
CA THR F 23 28.07 -56.57 41.34
C THR F 23 27.87 -56.20 39.87
N PHE F 24 28.94 -55.79 39.21
CA PHE F 24 28.89 -55.43 37.78
C PHE F 24 28.38 -56.56 36.89
N GLU F 25 28.82 -57.78 37.17
CA GLU F 25 28.40 -58.95 36.37
C GLU F 25 26.94 -59.32 36.62
N ARG F 26 26.49 -59.17 37.86
CA ARG F 26 25.08 -59.41 38.22
C ARG F 26 24.13 -58.51 37.44
N TYR F 27 24.48 -57.22 37.32
CA TYR F 27 23.61 -56.22 36.68
C TYR F 27 23.97 -55.92 35.22
N ALA F 28 24.97 -56.61 34.68
CA ALA F 28 25.41 -56.35 33.30
C ALA F 28 24.28 -56.63 32.29
N LEU F 29 24.24 -55.84 31.22
CA LEU F 29 23.26 -56.07 30.16
C LEU F 29 23.75 -57.27 29.36
N PRO F 30 22.96 -58.36 29.34
CA PRO F 30 23.44 -59.57 28.67
C PRO F 30 23.60 -59.36 27.17
N SER F 31 24.85 -59.17 26.73
CA SER F 31 25.17 -58.89 25.32
C SER F 31 24.50 -57.60 24.83
N SER F 32 24.70 -57.30 23.55
CA SER F 32 24.06 -56.14 22.91
C SER F 32 24.41 -56.05 21.43
N SER F 33 23.88 -56.99 20.64
CA SER F 33 23.95 -56.93 19.18
C SER F 33 22.60 -56.47 18.61
N SER F 34 21.69 -56.07 19.49
CA SER F 34 20.37 -55.61 19.11
C SER F 34 20.41 -54.12 18.77
N VAL F 35 20.83 -53.31 19.74
CA VAL F 35 20.92 -51.85 19.56
C VAL F 35 22.04 -51.50 18.58
N LYS F 36 21.64 -50.98 17.41
CA LYS F 36 22.58 -50.64 16.33
C LYS F 36 23.42 -49.41 16.70
N ARG F 37 24.71 -49.47 16.39
CA ARG F 37 25.66 -48.40 16.74
C ARG F 37 26.40 -47.80 15.55
N LYS F 38 26.53 -48.56 14.46
CA LYS F 38 27.33 -48.16 13.30
C LYS F 38 26.86 -46.85 12.67
N GLY F 39 27.82 -46.00 12.32
CA GLY F 39 27.54 -44.74 11.62
C GLY F 39 26.90 -43.65 12.47
N LYS F 40 26.78 -43.88 13.77
CA LYS F 40 26.08 -42.95 14.66
C LYS F 40 26.97 -41.81 15.15
N GLY F 41 28.27 -41.90 14.91
CA GLY F 41 29.21 -40.80 15.18
C GLY F 41 29.76 -40.75 16.60
N VAL F 42 30.45 -39.65 16.89
CA VAL F 42 31.09 -39.46 18.19
C VAL F 42 30.15 -38.72 19.15
N THR F 43 30.18 -39.11 20.42
CA THR F 43 29.46 -38.40 21.47
C THR F 43 30.38 -38.15 22.67
N ILE F 44 30.09 -37.09 23.42
CA ILE F 44 30.81 -36.79 24.66
C ILE F 44 29.91 -37.05 25.85
N LEU F 45 30.42 -37.78 26.84
CA LEU F 45 29.70 -37.99 28.10
C LEU F 45 30.33 -37.09 29.17
N TRP F 46 29.59 -36.09 29.60
CA TRP F 46 30.08 -35.11 30.58
C TRP F 46 29.64 -35.51 32.00
N PHE F 47 30.61 -35.99 32.79
CA PHE F 47 30.37 -36.42 34.18
C PHE F 47 30.38 -35.23 35.14
N ARG F 48 29.47 -35.23 36.10
CA ARG F 48 29.44 -34.22 37.16
C ARG F 48 29.39 -34.89 38.54
N ASN F 49 28.18 -35.11 39.08
CA ASN F 49 28.01 -35.82 40.34
C ASN F 49 27.26 -37.13 40.10
N ASP F 50 27.75 -37.86 39.10
CA ASP F 50 27.17 -39.12 38.66
C ASP F 50 28.32 -40.07 38.34
N LEU F 51 29.28 -40.13 39.25
CA LEU F 51 30.58 -40.77 39.02
C LEU F 51 30.50 -42.29 39.19
N ARG F 52 29.79 -42.92 38.26
CA ARG F 52 29.57 -44.36 38.28
C ARG F 52 29.30 -44.86 36.87
N VAL F 53 29.51 -46.17 36.68
CA VAL F 53 29.09 -46.84 35.46
C VAL F 53 27.70 -47.48 35.64
N LEU F 54 27.47 -48.12 36.79
CA LEU F 54 26.19 -48.81 37.01
C LEU F 54 25.01 -47.85 36.95
N ASP F 55 23.89 -48.33 36.41
CA ASP F 55 22.61 -47.62 36.47
C ASP F 55 22.74 -46.15 36.09
N ASN F 56 23.44 -45.90 34.97
CA ASN F 56 23.70 -44.55 34.49
C ASN F 56 23.03 -44.36 33.12
N ASP F 57 21.89 -43.67 33.13
CA ASP F 57 21.12 -43.41 31.91
C ASP F 57 21.82 -42.46 30.94
N ALA F 58 22.64 -41.56 31.46
CA ALA F 58 23.44 -40.67 30.63
C ALA F 58 24.41 -41.50 29.79
N LEU F 59 25.10 -42.42 30.45
CA LEU F 59 26.03 -43.34 29.79
C LEU F 59 25.33 -44.27 28.79
N TYR F 60 24.20 -44.85 29.17
CA TYR F 60 23.45 -45.71 28.24
C TYR F 60 23.03 -44.98 26.98
N LYS F 61 22.42 -43.80 27.16
CA LYS F 61 21.93 -43.01 26.04
C LYS F 61 23.07 -42.56 25.12
N ALA F 62 24.16 -42.09 25.73
CA ALA F 62 25.37 -41.75 24.99
C ALA F 62 25.88 -42.94 24.17
N TRP F 63 25.89 -44.10 24.80
CA TRP F 63 26.36 -45.32 24.16
C TRP F 63 25.43 -45.75 23.03
N SER F 64 24.13 -45.77 23.27
CA SER F 64 23.18 -46.25 22.27
C SER F 64 22.97 -45.29 21.08
N SER F 65 23.45 -44.05 21.19
CA SER F 65 23.29 -43.06 20.12
C SER F 65 24.59 -42.77 19.36
N SER F 66 25.62 -43.59 19.56
CA SER F 66 26.94 -43.31 18.99
C SER F 66 27.64 -44.60 18.57
N ASP F 67 28.76 -44.46 17.86
CA ASP F 67 29.68 -45.58 17.62
C ASP F 67 31.00 -45.39 18.40
N THR F 68 31.23 -44.19 18.95
CA THR F 68 32.41 -43.89 19.75
C THR F 68 32.07 -42.88 20.85
N ILE F 69 32.59 -43.10 22.06
CA ILE F 69 32.28 -42.25 23.22
C ILE F 69 33.54 -41.63 23.84
N LEU F 70 33.48 -40.34 24.12
CA LEU F 70 34.53 -39.62 24.85
C LEU F 70 34.02 -39.18 26.23
N PRO F 71 34.26 -40.00 27.28
CA PRO F 71 33.84 -39.59 28.62
C PRO F 71 34.78 -38.54 29.23
N VAL F 72 34.20 -37.46 29.75
CA VAL F 72 34.97 -36.32 30.26
C VAL F 72 34.54 -35.85 31.66
N TYR F 73 35.51 -35.48 32.48
CA TYR F 73 35.26 -34.73 33.71
C TYR F 73 36.06 -33.43 33.71
N CYS F 74 35.37 -32.33 34.01
CA CYS F 74 35.99 -31.01 34.13
C CYS F 74 36.15 -30.65 35.61
N LEU F 75 37.39 -30.48 36.07
CA LEU F 75 37.64 -29.95 37.40
C LEU F 75 37.39 -28.44 37.35
N ASP F 76 36.19 -28.05 37.75
CA ASP F 76 35.73 -26.67 37.67
C ASP F 76 36.39 -25.84 38.77
N PRO F 77 37.13 -24.76 38.39
CA PRO F 77 37.83 -23.95 39.40
C PRO F 77 36.90 -23.27 40.41
N ARG F 78 35.65 -23.03 40.03
CA ARG F 78 34.67 -22.42 40.93
C ARG F 78 34.32 -23.33 42.11
N LEU F 79 34.56 -24.63 41.94
CA LEU F 79 34.32 -25.63 42.99
C LEU F 79 35.29 -25.49 44.15
N PHE F 80 36.41 -24.81 43.90
CA PHE F 80 37.44 -24.63 44.93
C PHE F 80 37.70 -23.16 45.26
N HIS F 81 36.67 -22.32 45.05
CA HIS F 81 36.71 -20.93 45.50
C HIS F 81 36.09 -20.87 46.91
N THR F 82 35.08 -20.01 47.14
CA THR F 82 34.54 -19.84 48.50
C THR F 82 33.02 -19.93 48.55
N THR F 83 32.47 -20.06 49.76
CA THR F 83 31.02 -20.15 49.96
C THR F 83 30.36 -18.78 49.79
N HIS F 84 29.05 -18.78 49.56
CA HIS F 84 28.32 -17.60 49.06
C HIS F 84 28.33 -16.41 50.01
N PHE F 85 27.72 -16.58 51.18
CA PHE F 85 27.51 -15.46 52.11
C PHE F 85 28.66 -15.22 53.08
N PHE F 86 29.41 -16.26 53.43
CA PHE F 86 30.44 -16.16 54.48
C PHE F 86 31.85 -16.60 54.08
N ASN F 87 32.03 -16.94 52.80
CA ASN F 87 33.36 -17.15 52.21
C ASN F 87 34.26 -18.14 52.96
N PHE F 88 33.71 -19.31 53.28
CA PHE F 88 34.51 -20.45 53.73
C PHE F 88 35.00 -21.15 52.46
N PRO F 89 35.91 -22.14 52.60
CA PRO F 89 36.28 -22.88 51.40
C PRO F 89 35.08 -23.56 50.75
N LYS F 90 34.91 -23.40 49.44
CA LYS F 90 33.75 -23.96 48.73
C LYS F 90 33.79 -25.48 48.80
N THR F 91 34.99 -26.06 48.73
CA THR F 91 35.18 -27.49 48.96
C THR F 91 36.32 -27.68 49.95
N GLY F 92 36.02 -28.31 51.09
CA GLY F 92 37.03 -28.60 52.10
C GLY F 92 37.96 -29.71 51.65
N ALA F 93 39.11 -29.80 52.31
CA ALA F 93 40.16 -30.75 51.95
C ALA F 93 39.68 -32.20 51.98
N LEU F 94 38.89 -32.54 52.98
CA LEU F 94 38.40 -33.91 53.14
C LEU F 94 37.47 -34.35 52.00
N ARG F 95 36.54 -33.50 51.59
CA ARG F 95 35.68 -33.82 50.44
C ARG F 95 36.49 -33.82 49.15
N GLY F 96 37.40 -32.86 49.01
CA GLY F 96 38.30 -32.79 47.86
C GLY F 96 39.07 -34.09 47.68
N GLY F 97 39.57 -34.63 48.79
CA GLY F 97 40.25 -35.92 48.79
C GLY F 97 39.34 -37.06 48.37
N PHE F 98 38.10 -37.03 48.84
CA PHE F 98 37.11 -38.05 48.47
C PHE F 98 36.84 -37.99 46.97
N LEU F 99 36.64 -36.77 46.45
CA LEU F 99 36.44 -36.58 45.00
C LEU F 99 37.55 -37.21 44.17
N MET F 100 38.81 -36.90 44.49
CA MET F 100 39.94 -37.41 43.71
C MET F 100 39.92 -38.94 43.66
N GLU F 101 39.61 -39.57 44.78
CA GLU F 101 39.45 -41.03 44.85
C GLU F 101 38.31 -41.54 43.97
N CYS F 102 37.18 -40.82 43.94
CA CYS F 102 36.06 -41.15 43.07
C CYS F 102 36.47 -41.12 41.59
N LEU F 103 37.28 -40.14 41.22
CA LEU F 103 37.76 -39.98 39.84
C LEU F 103 38.71 -41.09 39.44
N VAL F 104 39.64 -41.44 40.33
CA VAL F 104 40.57 -42.55 40.10
C VAL F 104 39.80 -43.86 39.89
N ASP F 105 38.82 -44.12 40.75
CA ASP F 105 38.01 -45.35 40.64
C ASP F 105 37.16 -45.40 39.36
N LEU F 106 36.57 -44.26 38.99
CA LEU F 106 35.75 -44.15 37.78
C LEU F 106 36.56 -44.45 36.52
N ARG F 107 37.76 -43.90 36.45
CA ARG F 107 38.69 -44.18 35.36
C ARG F 107 38.99 -45.68 35.27
N LYS F 108 39.25 -46.30 36.42
CA LYS F 108 39.50 -47.74 36.48
C LYS F 108 38.31 -48.53 35.94
N ASN F 109 37.10 -48.16 36.36
CA ASN F 109 35.89 -48.90 35.98
C ASN F 109 35.50 -48.68 34.51
N LEU F 110 35.73 -47.48 33.98
CA LEU F 110 35.52 -47.22 32.56
C LEU F 110 36.52 -47.98 31.68
N MET F 111 37.76 -48.07 32.15
CA MET F 111 38.79 -48.85 31.45
C MET F 111 38.44 -50.33 31.36
N LYS F 112 37.77 -50.86 32.38
CA LYS F 112 37.31 -52.24 32.38
C LYS F 112 36.27 -52.54 31.29
N ARG F 113 35.58 -51.50 30.81
CA ARG F 113 34.60 -51.66 29.74
C ARG F 113 35.06 -51.07 28.40
N GLY F 114 36.36 -50.81 28.27
CA GLY F 114 36.95 -50.33 27.02
C GLY F 114 36.81 -48.84 26.76
N LEU F 115 36.58 -48.08 27.83
CA LEU F 115 36.54 -46.63 27.73
C LEU F 115 37.67 -46.04 28.59
N ASN F 116 37.67 -44.73 28.78
CA ASN F 116 38.59 -44.06 29.71
C ASN F 116 37.97 -42.72 30.10
N LEU F 117 38.52 -42.08 31.12
CA LEU F 117 38.01 -40.79 31.55
C LEU F 117 39.01 -39.70 31.20
N LEU F 118 38.59 -38.75 30.37
CA LEU F 118 39.39 -37.56 30.11
C LEU F 118 39.21 -36.58 31.27
N ILE F 119 40.31 -36.19 31.90
CA ILE F 119 40.24 -35.22 32.99
C ILE F 119 40.94 -33.94 32.55
N ARG F 120 40.23 -32.82 32.70
CA ARG F 120 40.76 -31.49 32.36
C ARG F 120 40.40 -30.50 33.45
N SER F 121 41.28 -29.54 33.69
CA SER F 121 41.03 -28.46 34.65
C SER F 121 40.53 -27.22 33.92
N GLY F 122 39.39 -26.70 34.36
CA GLY F 122 38.78 -25.53 33.73
C GLY F 122 37.28 -25.54 33.76
N LYS F 123 36.67 -24.54 33.14
CA LYS F 123 35.21 -24.42 33.12
C LYS F 123 34.60 -25.28 32.00
N PRO F 124 33.53 -26.03 32.32
CA PRO F 124 32.88 -26.86 31.31
C PRO F 124 32.46 -26.10 30.04
N GLU F 125 31.98 -24.87 30.20
CA GLU F 125 31.53 -24.07 29.04
C GLU F 125 32.67 -23.63 28.12
N GLU F 126 33.91 -23.74 28.60
CA GLU F 126 35.09 -23.47 27.78
C GLU F 126 35.68 -24.76 27.21
N ILE F 127 35.79 -25.78 28.06
CA ILE F 127 36.38 -27.06 27.66
C ILE F 127 35.50 -27.83 26.67
N LEU F 128 34.21 -27.97 26.99
CA LEU F 128 33.33 -28.87 26.24
C LEU F 128 33.11 -28.48 24.77
N PRO F 129 32.86 -27.19 24.48
CA PRO F 129 32.75 -26.76 23.07
C PRO F 129 34.01 -27.00 22.23
N SER F 130 35.18 -26.87 22.86
CA SER F 130 36.45 -27.12 22.16
C SER F 130 36.57 -28.61 21.82
N LEU F 131 36.33 -29.46 22.81
CA LEU F 131 36.34 -30.90 22.59
C LEU F 131 35.28 -31.34 21.57
N ALA F 132 34.13 -30.67 21.57
CA ALA F 132 33.05 -30.95 20.62
C ALA F 132 33.51 -30.72 19.18
N LYS F 133 34.10 -29.56 18.93
CA LYS F 133 34.61 -29.21 17.59
C LYS F 133 35.78 -30.10 17.19
N ASP F 134 36.73 -30.28 18.10
CA ASP F 134 37.95 -31.06 17.82
C ASP F 134 37.66 -32.52 17.45
N PHE F 135 36.74 -33.14 18.17
CA PHE F 135 36.40 -34.56 17.92
C PHE F 135 35.14 -34.73 17.07
N GLY F 136 34.52 -33.61 16.67
CA GLY F 136 33.33 -33.65 15.82
C GLY F 136 32.12 -34.32 16.47
N ALA F 137 31.91 -34.02 17.76
CA ALA F 137 30.83 -34.65 18.52
C ALA F 137 29.47 -34.12 18.11
N ARG F 138 28.53 -35.04 17.86
CA ARG F 138 27.15 -34.67 17.56
C ARG F 138 26.44 -34.21 18.83
N THR F 139 26.82 -34.78 19.97
CA THR F 139 26.09 -34.58 21.21
C THR F 139 27.00 -34.57 22.44
N VAL F 140 26.57 -33.82 23.46
CA VAL F 140 27.11 -33.92 24.79
C VAL F 140 25.98 -34.39 25.71
N PHE F 141 26.14 -35.56 26.33
CA PHE F 141 25.19 -36.07 27.32
C PHE F 141 25.68 -35.77 28.73
N ALA F 142 24.74 -35.36 29.59
CA ALA F 142 25.02 -35.04 30.99
C ALA F 142 23.75 -35.23 31.80
N HIS F 143 23.90 -35.44 33.11
CA HIS F 143 22.73 -35.49 34.01
C HIS F 143 22.26 -34.07 34.33
N LYS F 144 20.94 -33.90 34.38
CA LYS F 144 20.31 -32.64 34.73
C LYS F 144 20.48 -32.34 36.22
N GLU F 145 20.90 -31.11 36.56
CA GLU F 145 20.94 -30.66 37.95
C GLU F 145 19.78 -29.70 38.24
N THR F 146 19.66 -29.24 39.49
CA THR F 146 18.45 -28.50 39.91
C THR F 146 18.69 -27.09 40.47
N CYS F 147 19.84 -26.84 41.09
CA CYS F 147 20.10 -25.57 41.78
C CYS F 147 20.81 -24.52 40.89
N SER F 148 20.67 -23.27 41.30
CA SER F 148 21.15 -22.08 40.54
C SER F 148 22.52 -22.22 39.89
N GLU F 149 23.54 -22.56 40.68
CA GLU F 149 24.91 -22.62 40.18
C GLU F 149 25.09 -23.67 39.08
N GLU F 150 24.50 -24.84 39.28
CA GLU F 150 24.62 -25.95 38.34
C GLU F 150 23.83 -25.71 37.05
N VAL F 151 22.64 -25.13 37.17
CA VAL F 151 21.84 -24.82 35.98
C VAL F 151 22.42 -23.64 35.19
N ASP F 152 23.15 -22.75 35.87
CA ASP F 152 23.86 -21.67 35.16
C ASP F 152 24.96 -22.24 34.27
N VAL F 153 25.69 -23.25 34.77
CA VAL F 153 26.72 -23.91 33.97
C VAL F 153 26.08 -24.65 32.77
N GLU F 154 24.91 -25.26 32.97
CA GLU F 154 24.19 -25.89 31.87
C GLU F 154 23.88 -24.88 30.76
N ARG F 155 23.42 -23.70 31.16
CA ARG F 155 23.13 -22.62 30.22
C ARG F 155 24.39 -22.20 29.45
N LEU F 156 25.48 -21.96 30.19
CA LEU F 156 26.74 -21.51 29.58
C LEU F 156 27.32 -22.54 28.61
N VAL F 157 27.19 -23.83 28.94
CA VAL F 157 27.63 -24.91 28.05
C VAL F 157 26.76 -24.96 26.79
N ASN F 158 25.45 -24.89 26.96
CA ASN F 158 24.53 -24.90 25.83
C ASN F 158 24.83 -23.74 24.88
N GLN F 159 24.94 -22.53 25.44
CA GLN F 159 25.23 -21.33 24.63
C GLN F 159 26.63 -21.36 23.99
N GLY F 160 27.59 -21.97 24.69
CA GLY F 160 28.94 -22.17 24.16
C GLY F 160 28.96 -23.10 22.96
N LEU F 161 28.22 -24.21 23.05
CA LEU F 161 28.11 -25.16 21.94
C LEU F 161 27.43 -24.55 20.72
N LYS F 162 26.44 -23.69 20.96
CA LYS F 162 25.73 -23.00 19.87
C LYS F 162 26.64 -21.99 19.15
N ARG F 163 27.47 -21.30 19.92
CA ARG F 163 28.37 -20.28 19.38
C ARG F 163 29.46 -20.84 18.45
N VAL F 164 29.83 -22.10 18.66
CA VAL F 164 30.78 -22.79 17.76
C VAL F 164 30.05 -23.50 16.61
N GLY F 165 28.79 -23.14 16.37
CA GLY F 165 27.99 -23.69 15.27
C GLY F 165 26.83 -24.52 15.78
N ASN F 166 25.84 -24.74 14.92
CA ASN F 166 24.73 -25.65 15.22
C ASN F 166 25.20 -27.10 15.15
N SER F 167 24.25 -28.05 15.15
CA SER F 167 24.54 -29.49 15.08
C SER F 167 24.82 -30.07 16.47
N THR F 168 25.93 -29.65 17.10
CA THR F 168 26.30 -30.15 18.42
C THR F 168 25.36 -29.62 19.52
N LYS F 169 24.64 -30.53 20.17
CA LYS F 169 23.65 -30.13 21.18
C LYS F 169 23.86 -30.82 22.54
N LEU F 170 23.48 -30.09 23.60
CA LEU F 170 23.52 -30.59 24.96
C LEU F 170 22.23 -31.36 25.23
N GLU F 171 22.37 -32.60 25.68
CA GLU F 171 21.24 -33.45 26.03
C GLU F 171 21.29 -33.77 27.52
N LEU F 172 20.41 -33.13 28.30
CA LEU F 172 20.38 -33.31 29.74
C LEU F 172 19.37 -34.38 30.14
N ILE F 173 19.82 -35.33 30.93
CA ILE F 173 19.03 -36.50 31.31
C ILE F 173 18.72 -36.46 32.80
N TRP F 174 17.46 -36.69 33.16
CA TRP F 174 17.08 -36.69 34.58
C TRP F 174 17.63 -37.94 35.25
N GLY F 175 18.22 -37.76 36.43
CA GLY F 175 18.61 -38.90 37.27
C GLY F 175 18.66 -38.53 38.74
N SER F 176 19.47 -39.24 39.50
CA SER F 176 19.72 -38.92 40.91
C SER F 176 18.66 -39.45 41.86
N THR F 177 17.39 -39.51 41.45
CA THR F 177 16.30 -39.84 42.37
C THR F 177 15.84 -41.30 42.27
N MET F 178 15.21 -41.78 43.34
CA MET F 178 14.65 -43.12 43.37
C MET F 178 13.39 -43.16 42.50
N TYR F 179 12.51 -42.19 42.70
CA TYR F 179 11.34 -41.97 41.84
C TYR F 179 11.73 -40.98 40.73
N HIS F 180 11.46 -41.35 39.48
CA HIS F 180 11.79 -40.49 38.35
C HIS F 180 10.83 -39.31 38.27
N LYS F 181 11.37 -38.13 38.01
CA LYS F 181 10.56 -36.90 37.90
C LYS F 181 9.36 -37.05 36.96
N ASP F 182 9.58 -37.71 35.82
CA ASP F 182 8.54 -37.89 34.79
C ASP F 182 7.42 -38.87 35.21
N ASP F 183 7.68 -39.69 36.23
CA ASP F 183 6.71 -40.68 36.70
C ASP F 183 5.84 -40.18 37.87
N LEU F 184 6.15 -38.99 38.40
CA LEU F 184 5.47 -38.50 39.60
C LEU F 184 3.97 -38.25 39.34
N PRO F 185 3.16 -38.28 40.41
CA PRO F 185 1.71 -38.04 40.26
C PRO F 185 1.36 -36.56 40.23
N PHE F 186 2.36 -35.71 40.08
CA PHE F 186 2.20 -34.25 39.99
C PHE F 186 3.45 -33.65 39.33
N ASP F 187 3.33 -32.43 38.79
CA ASP F 187 4.52 -31.68 38.38
C ASP F 187 5.17 -31.15 39.65
N VAL F 188 6.49 -30.96 39.61
CA VAL F 188 7.22 -30.52 40.79
C VAL F 188 6.75 -29.15 41.32
N PHE F 189 6.20 -28.31 40.44
CA PHE F 189 5.63 -27.04 40.88
C PHE F 189 4.47 -27.24 41.88
N ASP F 190 3.82 -28.41 41.81
CA ASP F 190 2.74 -28.77 42.72
C ASP F 190 3.17 -29.86 43.72
N LEU F 191 4.46 -29.94 44.00
CA LEU F 191 4.96 -30.86 45.02
C LEU F 191 4.29 -30.49 46.35
N PRO F 192 3.71 -31.48 47.07
CA PRO F 192 3.14 -31.18 48.39
C PRO F 192 4.16 -30.53 49.33
N ASP F 193 3.71 -29.57 50.14
CA ASP F 193 4.59 -28.90 51.09
C ASP F 193 4.78 -29.70 52.39
N VAL F 194 4.07 -30.82 52.52
CA VAL F 194 4.27 -31.74 53.65
C VAL F 194 4.81 -33.08 53.14
N TYR F 195 5.97 -33.48 53.66
CA TYR F 195 6.61 -34.73 53.22
C TYR F 195 5.66 -35.93 53.23
N THR F 196 4.92 -36.10 54.31
CA THR F 196 4.00 -37.24 54.47
C THR F 196 3.02 -37.36 53.30
N GLN F 197 2.49 -36.23 52.83
CA GLN F 197 1.62 -36.20 51.65
C GLN F 197 2.36 -36.68 50.40
N PHE F 198 3.59 -36.18 50.23
CA PHE F 198 4.46 -36.60 49.14
C PHE F 198 4.74 -38.11 49.21
N ARG F 199 5.22 -38.57 50.37
CA ARG F 199 5.58 -39.99 50.55
C ARG F 199 4.40 -40.89 50.23
N LYS F 200 3.24 -40.58 50.81
CA LYS F 200 2.03 -41.38 50.60
C LYS F 200 1.61 -41.46 49.14
N SER F 201 1.71 -40.33 48.43
CA SER F 201 1.33 -40.27 47.02
C SER F 201 2.22 -41.14 46.14
N VAL F 202 3.53 -41.00 46.30
CA VAL F 202 4.49 -41.75 45.47
C VAL F 202 4.45 -43.25 45.77
N GLU F 203 4.36 -43.64 47.05
CA GLU F 203 4.27 -45.05 47.40
C GLU F 203 3.08 -45.76 46.77
N ALA F 204 1.94 -45.07 46.72
CA ALA F 204 0.69 -45.65 46.21
C ALA F 204 0.53 -45.53 44.70
N LYS F 205 1.01 -44.43 44.12
CA LYS F 205 0.71 -44.09 42.73
C LYS F 205 1.89 -44.21 41.76
N CYS F 206 3.11 -44.36 42.29
CA CYS F 206 4.31 -44.33 41.45
CA CYS F 206 4.31 -44.30 41.47
C CYS F 206 5.09 -45.62 41.52
N SER F 207 5.82 -45.90 40.44
CA SER F 207 6.68 -47.06 40.32
C SER F 207 8.13 -46.60 40.41
N ILE F 208 8.98 -47.43 41.01
CA ILE F 208 10.41 -47.24 40.95
C ILE F 208 10.90 -48.07 39.76
N ARG F 209 11.66 -47.44 38.88
CA ARG F 209 12.15 -48.11 37.68
C ARG F 209 13.24 -49.10 38.04
N SER F 210 13.32 -50.17 37.26
CA SER F 210 14.45 -51.07 37.32
C SER F 210 15.70 -50.29 36.95
N SER F 211 16.83 -50.67 37.55
CA SER F 211 18.09 -50.02 37.21
C SER F 211 18.43 -50.30 35.75
N THR F 212 19.02 -49.30 35.10
CA THR F 212 19.45 -49.42 33.71
C THR F 212 20.66 -50.33 33.64
N ARG F 213 20.58 -51.35 32.79
CA ARG F 213 21.66 -52.32 32.63
C ARG F 213 22.61 -51.81 31.55
N ILE F 214 23.90 -51.90 31.87
CA ILE F 214 24.96 -51.41 31.00
C ILE F 214 25.78 -52.61 30.54
N PRO F 215 26.07 -52.72 29.24
CA PRO F 215 26.89 -53.83 28.78
C PRO F 215 28.35 -53.74 29.25
N LEU F 216 29.02 -54.88 29.34
CA LEU F 216 30.40 -54.94 29.79
C LEU F 216 31.40 -54.37 28.78
N SER F 217 30.96 -54.16 27.54
CA SER F 217 31.81 -53.59 26.50
C SER F 217 31.18 -52.32 25.93
N LEU F 218 31.77 -51.17 26.23
CA LEU F 218 31.24 -49.88 25.79
C LEU F 218 32.17 -49.13 24.82
N GLY F 219 33.33 -49.70 24.53
CA GLY F 219 34.29 -49.08 23.61
C GLY F 219 33.79 -49.03 22.17
N PRO F 220 34.52 -48.34 21.29
CA PRO F 220 35.81 -47.69 21.50
C PRO F 220 35.70 -46.21 21.88
N THR F 221 36.83 -45.63 22.27
CA THR F 221 36.97 -44.19 22.46
C THR F 221 37.69 -43.58 21.26
N PRO F 222 37.63 -42.24 21.11
CA PRO F 222 38.46 -41.59 20.10
C PRO F 222 39.94 -41.66 20.44
N SER F 223 40.79 -41.36 19.45
CA SER F 223 42.22 -41.32 19.66
C SER F 223 42.59 -40.11 20.51
N VAL F 224 43.05 -40.37 21.74
CA VAL F 224 43.41 -39.32 22.69
C VAL F 224 44.86 -39.51 23.12
N ASP F 225 45.66 -38.46 23.00
CA ASP F 225 47.08 -38.52 23.36
C ASP F 225 47.28 -38.56 24.87
N ASP F 226 46.66 -37.62 25.57
CA ASP F 226 46.80 -37.50 27.02
C ASP F 226 45.42 -37.52 27.67
N TRP F 227 45.14 -38.58 28.43
CA TRP F 227 43.89 -38.69 29.19
C TRP F 227 43.88 -37.73 30.39
N GLY F 228 45.05 -37.23 30.78
CA GLY F 228 45.17 -36.19 31.80
C GLY F 228 45.38 -36.78 33.18
N ASP F 229 46.26 -36.17 33.97
CA ASP F 229 46.48 -36.61 35.34
C ASP F 229 45.32 -36.20 36.24
N VAL F 230 45.09 -36.99 37.29
CA VAL F 230 44.17 -36.58 38.35
C VAL F 230 44.89 -35.46 39.12
N PRO F 231 44.26 -34.27 39.20
CA PRO F 231 44.93 -33.14 39.83
C PRO F 231 45.12 -33.32 41.33
N THR F 232 46.19 -32.74 41.86
CA THR F 232 46.44 -32.78 43.30
C THR F 232 45.72 -31.62 43.96
N LEU F 233 45.37 -31.79 45.24
CA LEU F 233 44.71 -30.73 45.99
C LEU F 233 45.58 -29.49 46.10
N GLU F 234 46.90 -29.69 46.18
CA GLU F 234 47.86 -28.60 46.31
C GLU F 234 47.78 -27.63 45.12
N LYS F 235 47.69 -28.19 43.91
CA LYS F 235 47.51 -27.39 42.70
C LYS F 235 46.24 -26.54 42.73
N LEU F 236 45.20 -27.06 43.39
CA LEU F 236 43.92 -26.36 43.50
C LEU F 236 43.88 -25.35 44.68
N GLY F 237 44.99 -25.24 45.41
CA GLY F 237 45.09 -24.28 46.52
C GLY F 237 44.69 -24.85 47.87
N VAL F 238 44.36 -26.15 47.90
CA VAL F 238 43.90 -26.81 49.12
C VAL F 238 45.02 -27.65 49.72
N GLU F 239 45.20 -27.55 51.04
CA GLU F 239 46.20 -28.35 51.75
C GLU F 239 45.57 -29.69 52.13
N PRO F 240 46.19 -30.82 51.72
CA PRO F 240 45.61 -32.13 52.05
C PRO F 240 45.49 -32.37 53.56
N GLN F 241 44.42 -33.07 53.94
CA GLN F 241 44.13 -33.35 55.34
C GLN F 241 43.87 -34.84 55.51
N GLU F 242 44.47 -35.44 56.54
CA GLU F 242 44.25 -36.85 56.85
C GLU F 242 43.21 -37.00 57.96
N VAL F 243 42.43 -38.09 57.90
CA VAL F 243 41.52 -38.43 58.99
C VAL F 243 42.35 -39.07 60.11
N THR F 244 42.45 -38.36 61.23
CA THR F 244 43.29 -38.78 62.35
C THR F 244 42.52 -39.61 63.38
N ARG F 245 41.19 -39.61 63.26
CA ARG F 245 40.32 -40.35 64.19
C ARG F 245 38.92 -40.50 63.60
N GLY F 246 38.25 -41.59 63.97
CA GLY F 246 36.88 -41.84 63.53
C GLY F 246 36.81 -42.47 62.14
N MET F 247 35.69 -42.26 61.47
CA MET F 247 35.42 -42.91 60.19
C MET F 247 36.20 -42.29 59.04
N ARG F 248 36.81 -43.15 58.24
CA ARG F 248 37.62 -42.76 57.10
C ARG F 248 36.96 -43.32 55.84
N PHE F 249 36.11 -42.50 55.21
CA PHE F 249 35.35 -42.93 54.03
C PHE F 249 36.26 -43.05 52.81
N VAL F 250 36.06 -44.11 52.03
CA VAL F 250 36.88 -44.37 50.84
C VAL F 250 36.10 -44.08 49.57
N GLY F 251 36.60 -43.15 48.75
CA GLY F 251 35.90 -42.70 47.55
C GLY F 251 35.83 -43.70 46.40
N GLY F 252 34.72 -43.64 45.66
CA GLY F 252 34.57 -44.41 44.41
C GLY F 252 33.40 -45.38 44.41
N GLU F 253 32.91 -45.67 43.21
CA GLU F 253 31.83 -46.64 43.00
C GLU F 253 32.16 -48.02 43.58
N SER F 254 33.39 -48.51 43.37
CA SER F 254 33.79 -49.82 43.90
C SER F 254 33.59 -49.87 45.40
N ALA F 255 34.13 -48.88 46.10
CA ALA F 255 33.99 -48.79 47.55
C ALA F 255 32.52 -48.61 47.96
N GLY F 256 31.78 -47.83 47.19
CA GLY F 256 30.36 -47.57 47.46
C GLY F 256 29.51 -48.82 47.40
N VAL F 257 29.65 -49.60 46.33
CA VAL F 257 28.94 -50.87 46.22
C VAL F 257 29.47 -51.88 47.25
N GLY F 258 30.74 -51.74 47.62
CA GLY F 258 31.32 -52.51 48.73
C GLY F 258 30.60 -52.27 50.04
N ARG F 259 30.26 -51.01 50.32
CA ARG F 259 29.56 -50.66 51.54
C ARG F 259 28.11 -51.19 51.56
N VAL F 260 27.43 -51.12 50.42
CA VAL F 260 26.09 -51.71 50.30
C VAL F 260 26.16 -53.21 50.60
N PHE F 261 27.14 -53.89 50.01
CA PHE F 261 27.36 -55.30 50.30
C PHE F 261 27.67 -55.51 51.78
N GLU F 262 28.58 -54.67 52.32
CA GLU F 262 29.02 -54.79 53.70
C GLU F 262 27.87 -54.63 54.70
N TYR F 263 27.11 -53.55 54.55
CA TYR F 263 26.04 -53.24 55.50
C TYR F 263 24.86 -54.22 55.44
N PHE F 264 24.39 -54.51 54.23
CA PHE F 264 23.26 -55.44 54.01
C PHE F 264 23.63 -56.89 54.24
N TRP F 265 24.56 -57.42 53.44
CA TRP F 265 24.78 -58.86 53.35
C TRP F 265 25.83 -59.37 54.33
N LYS F 266 27.02 -58.80 54.30
CA LYS F 266 28.11 -59.28 55.14
C LYS F 266 27.75 -59.17 56.61
N LYS F 267 27.23 -58.01 57.03
CA LYS F 267 26.95 -57.74 58.44
C LYS F 267 25.50 -58.01 58.86
N ASP F 268 24.59 -58.13 57.88
CA ASP F 268 23.19 -58.46 58.13
C ASP F 268 22.48 -57.39 58.99
N LEU F 269 22.89 -56.14 58.81
CA LEU F 269 22.40 -55.03 59.67
C LEU F 269 21.15 -54.32 59.15
N LEU F 270 20.81 -54.48 57.86
CA LEU F 270 19.65 -53.81 57.29
C LEU F 270 18.38 -54.12 58.09
N LYS F 271 18.28 -55.35 58.60
CA LYS F 271 17.11 -55.78 59.38
C LYS F 271 16.97 -55.14 60.76
N VAL F 272 18.00 -54.42 61.22
CA VAL F 272 17.92 -53.68 62.49
C VAL F 272 18.10 -52.16 62.29
N TYR F 273 18.14 -51.72 61.04
CA TYR F 273 18.43 -50.31 60.70
C TYR F 273 17.55 -49.29 61.46
N LYS F 274 16.24 -49.50 61.49
CA LYS F 274 15.32 -48.59 62.18
C LYS F 274 15.62 -48.49 63.68
N GLU F 275 16.07 -49.59 64.28
CA GLU F 275 16.35 -49.64 65.73
C GLU F 275 17.60 -48.84 66.11
N THR F 276 18.56 -48.73 65.19
CA THR F 276 19.87 -48.17 65.49
C THR F 276 20.15 -46.80 64.84
N ARG F 277 19.33 -46.40 63.87
CA ARG F 277 19.63 -45.24 63.01
C ARG F 277 19.82 -43.88 63.73
N ASN F 278 19.39 -43.77 64.98
CA ASN F 278 19.61 -42.57 65.78
C ASN F 278 20.89 -42.62 66.62
N GLY F 279 21.76 -43.59 66.34
CA GLY F 279 23.07 -43.67 66.99
C GLY F 279 24.01 -42.57 66.52
N MET F 280 25.13 -42.41 67.21
CA MET F 280 26.12 -41.39 66.86
C MET F 280 27.55 -41.92 66.74
N LEU F 281 27.85 -43.04 67.41
CA LEU F 281 29.21 -43.59 67.42
C LEU F 281 29.36 -44.80 66.50
N GLY F 282 30.34 -44.74 65.60
CA GLY F 282 30.78 -45.91 64.83
C GLY F 282 30.08 -46.06 63.50
N PRO F 283 30.62 -46.94 62.64
CA PRO F 283 30.02 -47.16 61.32
C PRO F 283 28.74 -48.02 61.30
N ASP F 284 28.53 -48.86 62.31
CA ASP F 284 27.47 -49.88 62.28
C ASP F 284 26.01 -49.38 62.37
N TYR F 285 25.78 -48.22 63.00
CA TYR F 285 24.40 -47.80 63.34
C TYR F 285 23.52 -47.40 62.15
N SER F 286 24.13 -47.13 60.99
CA SER F 286 23.37 -46.71 59.80
C SER F 286 24.10 -47.09 58.51
N THR F 287 23.46 -46.87 57.38
CA THR F 287 24.00 -47.32 56.08
C THR F 287 25.33 -46.66 55.74
N LYS F 288 25.48 -45.39 56.12
CA LYS F 288 26.59 -44.55 55.72
C LYS F 288 26.75 -44.47 54.19
N PHE F 289 25.63 -44.56 53.45
CA PHE F 289 25.68 -44.47 51.98
C PHE F 289 25.85 -43.03 51.47
N SER F 290 25.66 -42.03 52.32
CA SER F 290 25.46 -40.65 51.86
C SER F 290 26.59 -40.04 51.00
N PRO F 291 27.87 -40.23 51.39
CA PRO F 291 28.92 -39.64 50.55
C PRO F 291 28.93 -40.19 49.12
N TRP F 292 28.67 -41.49 48.98
CA TRP F 292 28.60 -42.13 47.67
C TRP F 292 27.36 -41.71 46.87
N LEU F 293 26.23 -41.52 47.55
CA LEU F 293 25.04 -41.00 46.89
C LEU F 293 25.25 -39.56 46.41
N ALA F 294 25.96 -38.75 47.18
CA ALA F 294 26.17 -37.33 46.85
C ALA F 294 27.02 -37.13 45.58
N PHE F 295 28.06 -37.96 45.42
CA PHE F 295 28.90 -37.94 44.21
C PHE F 295 28.36 -38.85 43.09
N GLY F 296 27.27 -39.55 43.36
CA GLY F 296 26.63 -40.42 42.37
C GLY F 296 27.42 -41.67 42.09
N CYS F 297 28.24 -42.09 43.04
CA CYS F 297 28.98 -43.36 42.94
C CYS F 297 28.07 -44.56 43.04
N ILE F 298 26.92 -44.39 43.69
CA ILE F 298 25.86 -45.39 43.71
C ILE F 298 24.53 -44.67 43.55
N SER F 299 23.51 -45.40 43.10
CA SER F 299 22.21 -44.81 42.81
C SER F 299 21.13 -45.47 43.68
N PRO F 300 20.07 -44.70 43.97
CA PRO F 300 18.95 -45.25 44.75
C PRO F 300 18.19 -46.41 44.08
N ARG F 301 18.10 -46.43 42.75
CA ARG F 301 17.44 -47.54 42.05
C ARG F 301 18.18 -48.87 42.28
N PHE F 302 19.50 -48.83 42.27
CA PHE F 302 20.33 -49.97 42.65
C PHE F 302 20.10 -50.38 44.11
N ILE F 303 20.07 -49.41 45.01
CA ILE F 303 19.87 -49.69 46.44
C ILE F 303 18.53 -50.39 46.65
N TYR F 304 17.49 -49.87 46.00
CA TYR F 304 16.14 -50.44 46.08
C TYR F 304 16.13 -51.91 45.67
N GLU F 305 16.80 -52.23 44.57
CA GLU F 305 16.88 -53.61 44.08
C GLU F 305 17.60 -54.53 45.07
N GLU F 306 18.65 -54.02 45.72
CA GLU F 306 19.37 -54.77 46.73
C GLU F 306 18.51 -54.99 47.98
N VAL F 307 17.73 -53.97 48.35
CA VAL F 307 16.77 -54.10 49.46
C VAL F 307 15.71 -55.17 49.14
N GLN F 308 15.19 -55.16 47.92
CA GLN F 308 14.21 -56.17 47.47
C GLN F 308 14.73 -57.59 47.61
N ARG F 309 15.96 -57.79 47.15
CA ARG F 309 16.60 -59.09 47.19
C ARG F 309 16.87 -59.52 48.64
N TYR F 310 17.28 -58.58 49.49
CA TYR F 310 17.49 -58.84 50.91
C TYR F 310 16.18 -59.28 51.59
N GLU F 311 15.08 -58.62 51.23
CA GLU F 311 13.76 -59.02 51.73
C GLU F 311 13.37 -60.43 51.26
N LYS F 312 13.92 -60.86 50.12
CA LYS F 312 13.68 -62.20 49.60
C LYS F 312 14.51 -63.24 50.34
N GLU F 313 15.82 -62.99 50.39
CA GLU F 313 16.80 -63.97 50.82
C GLU F 313 17.08 -63.97 52.33
N ARG F 314 16.81 -62.86 53.01
CA ARG F 314 17.10 -62.75 54.44
C ARG F 314 15.81 -62.52 55.25
N VAL F 315 15.34 -61.29 55.29
CA VAL F 315 14.18 -60.93 56.11
C VAL F 315 13.53 -59.66 55.61
N ALA F 316 12.20 -59.60 55.66
CA ALA F 316 11.45 -58.38 55.37
C ALA F 316 10.77 -57.89 56.64
N ASN F 317 11.05 -56.65 57.02
CA ASN F 317 10.48 -56.05 58.23
C ASN F 317 10.44 -54.51 58.19
N ASN F 318 10.10 -53.89 59.31
CA ASN F 318 10.03 -52.43 59.41
C ASN F 318 11.33 -51.73 59.02
N SER F 319 12.46 -52.34 59.42
CA SER F 319 13.78 -51.77 59.17
C SER F 319 14.16 -51.80 57.70
N THR F 320 13.83 -52.88 57.01
CA THR F 320 14.11 -52.98 55.57
C THR F 320 13.31 -51.93 54.79
N TYR F 321 12.07 -51.68 55.22
CA TYR F 321 11.26 -50.61 54.63
C TYR F 321 11.85 -49.23 54.94
N TRP F 322 12.32 -49.05 56.17
CA TRP F 322 12.71 -47.71 56.63
C TRP F 322 13.87 -47.09 55.85
N VAL F 323 14.79 -47.90 55.34
CA VAL F 323 15.86 -47.37 54.47
C VAL F 323 15.26 -46.71 53.21
N LEU F 324 14.19 -47.28 52.67
CA LEU F 324 13.52 -46.70 51.51
C LEU F 324 12.80 -45.41 51.89
N PHE F 325 12.14 -45.41 53.06
CA PHE F 325 11.51 -44.22 53.65
C PHE F 325 12.50 -43.06 53.72
N GLU F 326 13.74 -43.36 54.12
CA GLU F 326 14.77 -42.34 54.25
C GLU F 326 15.30 -41.87 52.90
N LEU F 327 15.42 -42.78 51.94
CA LEU F 327 15.76 -42.40 50.56
C LEU F 327 14.69 -41.54 49.92
N ILE F 328 13.44 -41.68 50.37
CA ILE F 328 12.35 -40.84 49.85
C ILE F 328 12.47 -39.40 50.38
N TRP F 329 13.03 -39.23 51.58
CA TRP F 329 13.38 -37.88 52.07
C TRP F 329 14.39 -37.23 51.13
N ARG F 330 15.38 -37.99 50.69
CA ARG F 330 16.35 -37.47 49.72
C ARG F 330 15.69 -37.03 48.41
N ASP F 331 14.80 -37.86 47.87
CA ASP F 331 13.98 -37.49 46.70
C ASP F 331 13.20 -36.20 46.97
N TYR F 332 12.54 -36.14 48.12
CA TYR F 332 11.72 -35.00 48.46
C TYR F 332 12.48 -33.68 48.40
N PHE F 333 13.62 -33.60 49.09
CA PHE F 333 14.43 -32.36 49.06
C PHE F 333 14.98 -32.01 47.68
N ARG F 334 15.26 -33.03 46.86
CA ARG F 334 15.69 -32.80 45.47
C ARG F 334 14.58 -32.12 44.67
N PHE F 335 13.38 -32.68 44.70
CA PHE F 335 12.24 -32.08 44.00
C PHE F 335 11.87 -30.73 44.60
N LEU F 336 11.97 -30.61 45.92
CA LEU F 336 11.67 -29.36 46.62
C LEU F 336 12.59 -28.21 46.14
N SER F 337 13.84 -28.53 45.77
CA SER F 337 14.78 -27.51 45.28
C SER F 337 14.29 -26.85 43.98
N ILE F 338 13.60 -27.62 43.13
CA ILE F 338 13.01 -27.09 41.89
C ILE F 338 11.81 -26.21 42.22
N LYS F 339 10.97 -26.65 43.16
CA LYS F 339 9.81 -25.87 43.55
C LYS F 339 10.21 -24.54 44.22
N CYS F 340 11.17 -24.58 45.12
CA CYS F 340 11.56 -23.40 45.92
C CYS F 340 12.55 -22.46 45.22
N GLY F 341 13.34 -22.98 44.29
CA GLY F 341 14.42 -22.21 43.67
C GLY F 341 15.35 -21.60 44.71
N ASN F 342 15.76 -20.35 44.49
CA ASN F 342 16.74 -19.70 45.38
C ASN F 342 16.22 -19.32 46.77
N SER F 343 14.92 -19.45 47.02
CA SER F 343 14.37 -19.23 48.37
C SER F 343 14.92 -20.27 49.36
N LEU F 344 15.41 -21.40 48.84
CA LEU F 344 16.12 -22.41 49.62
C LEU F 344 17.37 -21.87 50.32
N PHE F 345 17.95 -20.80 49.77
CA PHE F 345 19.20 -20.23 50.27
C PHE F 345 19.03 -18.89 50.98
N HIS F 346 17.82 -18.34 50.98
CA HIS F 346 17.56 -17.05 51.59
C HIS F 346 17.25 -17.18 53.07
N LEU F 347 17.56 -16.13 53.83
CA LEU F 347 17.41 -16.13 55.29
C LEU F 347 15.99 -16.51 55.72
N GLY F 348 14.99 -15.91 55.08
CA GLY F 348 13.58 -16.19 55.38
C GLY F 348 13.08 -17.53 54.88
N GLY F 349 13.87 -18.19 54.03
CA GLY F 349 13.50 -19.52 53.51
C GLY F 349 12.34 -19.47 52.53
N PRO F 350 11.85 -20.65 52.11
CA PRO F 350 10.66 -20.75 51.24
C PRO F 350 9.44 -19.98 51.74
N ARG F 351 9.29 -19.90 53.06
CA ARG F 351 8.16 -19.20 53.68
C ARG F 351 8.38 -17.69 53.80
N ASN F 352 9.61 -17.24 53.55
CA ASN F 352 10.00 -15.84 53.69
C ASN F 352 9.63 -15.29 55.07
N VAL F 353 10.13 -15.94 56.11
CA VAL F 353 9.89 -15.54 57.50
C VAL F 353 10.76 -14.33 57.87
N GLN F 354 10.19 -13.40 58.63
CA GLN F 354 10.92 -12.21 59.09
C GLN F 354 11.65 -12.49 60.40
N GLY F 355 12.62 -11.64 60.71
CA GLY F 355 13.43 -11.79 61.93
C GLY F 355 14.66 -10.90 61.95
N LYS F 356 15.54 -11.16 62.92
CA LYS F 356 16.80 -10.41 63.05
C LYS F 356 17.99 -11.32 62.77
N TRP F 357 18.31 -12.19 63.74
CA TRP F 357 19.41 -13.18 63.64
C TRP F 357 20.80 -12.55 63.69
N SER F 358 21.60 -13.01 64.64
CA SER F 358 22.97 -12.52 64.83
C SER F 358 23.96 -13.21 63.90
N GLN F 359 25.05 -12.52 63.60
CA GLN F 359 26.19 -13.09 62.87
C GLN F 359 27.48 -12.92 63.68
N ASP F 360 27.36 -13.01 65.00
CA ASP F 360 28.50 -12.84 65.91
C ASP F 360 29.59 -13.86 65.60
N GLN F 361 30.76 -13.36 65.19
CA GLN F 361 31.86 -14.21 64.74
C GLN F 361 32.43 -15.04 65.88
N LYS F 362 32.46 -14.48 67.08
CA LYS F 362 33.01 -15.17 68.25
C LYS F 362 32.15 -16.38 68.63
N LEU F 363 30.83 -16.18 68.66
CA LEU F 363 29.90 -17.27 68.94
C LEU F 363 30.01 -18.37 67.90
N PHE F 364 30.00 -17.98 66.62
CA PHE F 364 30.08 -18.96 65.54
C PHE F 364 31.36 -19.80 65.61
N GLU F 365 32.48 -19.14 65.88
CA GLU F 365 33.76 -19.84 65.98
C GLU F 365 33.76 -20.90 67.09
N SER F 366 33.08 -20.63 68.20
CA SER F 366 33.00 -21.60 69.30
C SER F 366 32.22 -22.85 68.91
N TRP F 367 31.15 -22.66 68.16
CA TRP F 367 30.38 -23.75 67.56
C TRP F 367 31.25 -24.49 66.55
N ARG F 368 31.84 -23.73 65.63
CA ARG F 368 32.74 -24.26 64.60
C ARG F 368 33.90 -25.08 65.18
N ASP F 369 34.59 -24.53 66.17
CA ASP F 369 35.78 -25.16 66.75
C ASP F 369 35.51 -26.12 67.92
N ALA F 370 34.24 -26.45 68.17
CA ALA F 370 33.88 -27.37 69.25
C ALA F 370 34.34 -26.87 70.62
N LYS F 371 34.00 -25.63 70.93
CA LYS F 371 34.32 -25.02 72.24
C LYS F 371 33.09 -24.29 72.79
N THR F 372 31.94 -24.96 72.72
CA THR F 372 30.69 -24.40 73.24
C THR F 372 30.54 -24.66 74.74
N GLY F 373 31.25 -25.67 75.25
CA GLY F 373 31.12 -26.09 76.64
C GLY F 373 30.13 -27.23 76.84
N TYR F 374 29.43 -27.61 75.77
CA TYR F 374 28.47 -28.71 75.79
C TYR F 374 29.07 -29.92 75.08
N PRO F 375 29.40 -30.98 75.85
CA PRO F 375 30.03 -32.18 75.28
C PRO F 375 29.31 -32.75 74.06
N LEU F 376 27.99 -32.88 74.14
CA LEU F 376 27.21 -33.41 73.03
C LEU F 376 27.41 -32.58 71.75
N ILE F 377 27.38 -31.26 71.89
CA ILE F 377 27.56 -30.36 70.76
C ILE F 377 29.02 -30.41 70.28
N ASP F 378 29.95 -30.21 71.20
CA ASP F 378 31.37 -30.19 70.85
C ASP F 378 31.84 -31.49 70.19
N ALA F 379 31.37 -32.63 70.70
CA ALA F 379 31.73 -33.93 70.13
C ALA F 379 31.32 -34.07 68.66
N ASN F 380 30.10 -33.62 68.35
CA ASN F 380 29.59 -33.67 66.98
C ASN F 380 30.34 -32.77 66.02
N MET F 381 30.68 -31.56 66.49
CA MET F 381 31.40 -30.60 65.65
C MET F 381 32.84 -31.02 65.41
N LYS F 382 33.45 -31.66 66.40
CA LYS F 382 34.79 -32.22 66.23
C LYS F 382 34.79 -33.38 65.23
N GLU F 383 33.78 -34.24 65.32
CA GLU F 383 33.61 -35.33 64.35
C GLU F 383 33.52 -34.79 62.92
N LEU F 384 32.73 -33.74 62.74
CA LEU F 384 32.55 -33.12 61.42
C LEU F 384 33.87 -32.59 60.86
N SER F 385 34.60 -31.82 61.66
CA SER F 385 35.87 -31.25 61.19
C SER F 385 36.96 -32.30 61.00
N THR F 386 36.91 -33.37 61.79
CA THR F 386 37.90 -34.46 61.70
C THR F 386 37.64 -35.44 60.56
N THR F 387 36.35 -35.74 60.31
CA THR F 387 35.99 -36.81 59.36
C THR F 387 35.18 -36.33 58.15
N GLY F 388 34.52 -35.19 58.26
CA GLY F 388 33.61 -34.72 57.20
C GLY F 388 32.28 -35.47 57.19
N PHE F 389 31.95 -36.09 58.31
CA PHE F 389 30.67 -36.76 58.48
C PHE F 389 30.15 -36.43 59.87
N MET F 390 28.83 -36.44 60.02
CA MET F 390 28.17 -36.36 61.32
C MET F 390 26.91 -37.20 61.22
N SER F 391 26.51 -37.82 62.32
CA SER F 391 25.25 -38.58 62.35
C SER F 391 24.05 -37.68 62.07
N ASN F 392 22.99 -38.26 61.52
CA ASN F 392 21.73 -37.54 61.32
C ASN F 392 21.20 -36.96 62.64
N ARG F 393 21.28 -37.76 63.68
CA ARG F 393 20.88 -37.34 65.02
C ARG F 393 21.67 -36.09 65.44
N GLY F 394 23.00 -36.14 65.31
CA GLY F 394 23.86 -35.00 65.62
C GLY F 394 23.59 -33.75 64.80
N ARG F 395 23.32 -33.92 63.51
CA ARG F 395 23.06 -32.79 62.62
C ARG F 395 21.82 -32.01 63.06
N GLN F 396 20.76 -32.72 63.42
CA GLN F 396 19.53 -32.08 63.88
C GLN F 396 19.78 -31.29 65.15
N ILE F 397 20.57 -31.87 66.06
CA ILE F 397 20.84 -31.26 67.37
C ILE F 397 21.71 -30.01 67.26
N VAL F 398 22.78 -30.07 66.46
CA VAL F 398 23.69 -28.93 66.33
C VAL F 398 23.04 -27.80 65.54
N CYS F 399 22.15 -28.16 64.61
CA CYS F 399 21.33 -27.17 63.91
C CYS F 399 20.45 -26.42 64.90
N SER F 400 19.67 -27.16 65.68
CA SER F 400 18.79 -26.59 66.69
C SER F 400 19.55 -25.70 67.68
N PHE F 401 20.74 -26.16 68.08
CA PHE F 401 21.59 -25.43 69.02
C PHE F 401 22.05 -24.08 68.45
N LEU F 402 22.56 -24.09 67.23
CA LEU F 402 23.07 -22.88 66.58
C LEU F 402 21.97 -21.85 66.34
N VAL F 403 20.80 -22.34 65.95
CA VAL F 403 19.68 -21.47 65.64
C VAL F 403 18.95 -20.99 66.88
N ARG F 404 18.58 -21.92 67.77
CA ARG F 404 17.68 -21.61 68.88
C ARG F 404 18.39 -21.26 70.19
N ASP F 405 19.53 -21.89 70.46
CA ASP F 405 20.27 -21.61 71.69
C ASP F 405 21.26 -20.47 71.50
N MET F 406 21.96 -20.44 70.36
CA MET F 406 22.93 -19.36 70.10
C MET F 406 22.29 -18.15 69.41
N GLY F 407 21.21 -18.37 68.68
CA GLY F 407 20.51 -17.29 67.98
C GLY F 407 21.22 -16.78 66.74
N LEU F 408 21.99 -17.66 66.09
CA LEU F 408 22.80 -17.28 64.94
C LEU F 408 22.07 -17.47 63.61
N ASP F 409 22.46 -16.67 62.63
CA ASP F 409 22.02 -16.80 61.25
C ASP F 409 22.28 -18.23 60.78
N TRP F 410 21.22 -18.96 60.45
CA TRP F 410 21.31 -20.39 60.12
C TRP F 410 22.19 -20.70 58.90
N ARG F 411 22.40 -19.72 58.04
CA ARG F 411 23.21 -19.92 56.85
C ARG F 411 24.69 -20.06 57.18
N MET F 412 25.13 -19.51 58.31
CA MET F 412 26.51 -19.70 58.79
C MET F 412 26.77 -21.18 59.04
N GLY F 413 25.85 -21.84 59.73
CA GLY F 413 25.92 -23.28 59.96
C GLY F 413 25.83 -24.08 58.66
N ALA F 414 24.88 -23.69 57.81
CA ALA F 414 24.69 -24.36 56.54
C ALA F 414 25.93 -24.28 55.66
N GLU F 415 26.55 -23.11 55.59
CA GLU F 415 27.76 -22.94 54.77
C GLU F 415 28.96 -23.70 55.34
N TRP F 416 29.01 -23.83 56.67
CA TRP F 416 30.07 -24.61 57.31
C TRP F 416 29.90 -26.09 57.00
N PHE F 417 28.66 -26.58 57.04
CA PHE F 417 28.35 -27.94 56.59
C PHE F 417 28.74 -28.10 55.12
N GLU F 418 28.51 -27.06 54.32
CA GLU F 418 28.87 -27.10 52.90
C GLU F 418 30.38 -27.30 52.71
N THR F 419 31.19 -26.63 53.52
CA THR F 419 32.64 -26.82 53.47
C THR F 419 33.05 -28.24 53.87
N CYS F 420 32.46 -28.73 54.97
CA CYS F 420 32.97 -29.92 55.66
C CYS F 420 32.43 -31.28 55.21
N LEU F 421 31.15 -31.35 54.82
CA LEU F 421 30.51 -32.65 54.62
C LEU F 421 30.99 -33.36 53.36
N LEU F 422 31.46 -34.60 53.50
CA LEU F 422 31.75 -35.41 52.32
C LEU F 422 30.49 -35.57 51.48
N ASP F 423 29.34 -35.69 52.14
CA ASP F 423 28.07 -35.93 51.45
C ASP F 423 27.32 -34.64 51.11
N TYR F 424 27.98 -33.49 51.16
CA TYR F 424 27.32 -32.22 50.87
C TYR F 424 26.51 -32.29 49.57
N ASP F 425 25.26 -31.87 49.67
CA ASP F 425 24.30 -31.83 48.58
C ASP F 425 23.48 -30.57 48.86
N PRO F 426 23.44 -29.62 47.91
CA PRO F 426 22.72 -28.38 48.22
C PRO F 426 21.24 -28.61 48.58
N CYS F 427 20.60 -29.55 47.88
CA CYS F 427 19.18 -29.85 48.12
C CYS F 427 18.95 -30.37 49.54
N SER F 428 19.70 -31.40 49.92
CA SER F 428 19.58 -32.00 51.25
C SER F 428 20.12 -31.08 52.36
N ASN F 429 21.25 -30.43 52.13
CA ASN F 429 21.84 -29.60 53.17
C ASN F 429 20.94 -28.41 53.48
N TYR F 430 20.64 -27.62 52.47
CA TYR F 430 19.81 -26.43 52.69
C TYR F 430 18.35 -26.78 52.98
N GLY F 431 17.85 -27.88 52.40
CA GLY F 431 16.52 -28.38 52.74
C GLY F 431 16.36 -28.71 54.23
N ASN F 432 17.31 -29.47 54.75
CA ASN F 432 17.28 -29.86 56.17
C ASN F 432 17.54 -28.67 57.09
N TRP F 433 18.44 -27.77 56.69
CA TRP F 433 18.72 -26.56 57.47
C TRP F 433 17.50 -25.63 57.56
N THR F 434 16.79 -25.43 56.44
CA THR F 434 15.58 -24.59 56.46
C THR F 434 14.47 -25.23 57.31
N TYR F 435 14.36 -26.55 57.24
CA TYR F 435 13.46 -27.31 58.11
C TYR F 435 13.82 -27.15 59.58
N GLY F 436 15.06 -27.46 59.91
CA GLY F 436 15.56 -27.36 61.27
C GLY F 436 15.46 -25.95 61.83
N ALA F 437 15.74 -24.96 60.99
CA ALA F 437 15.69 -23.55 61.40
C ALA F 437 14.27 -23.00 61.48
N GLY F 438 13.30 -23.78 61.01
CA GLY F 438 11.89 -23.41 61.10
C GLY F 438 11.46 -22.40 60.05
N VAL F 439 12.18 -22.35 58.93
CA VAL F 439 11.83 -21.44 57.83
C VAL F 439 11.47 -22.21 56.56
N GLY F 440 11.12 -23.49 56.71
CA GLY F 440 10.67 -24.31 55.59
C GLY F 440 9.19 -24.16 55.30
N ASN F 441 8.74 -24.86 54.27
CA ASN F 441 7.35 -24.80 53.81
C ASN F 441 6.32 -25.49 54.72
N ASP F 442 6.80 -26.37 55.60
CA ASP F 442 5.91 -27.10 56.52
C ASP F 442 6.11 -26.70 57.98
N PRO F 443 5.29 -25.76 58.48
CA PRO F 443 5.17 -25.58 59.94
C PRO F 443 4.47 -26.76 60.62
N ARG F 447 10.60 -26.35 66.98
CA ARG F 447 11.19 -27.68 66.84
C ARG F 447 12.49 -27.77 67.63
N TYR F 448 12.38 -27.52 68.93
CA TYR F 448 13.53 -27.42 69.82
C TYR F 448 14.04 -28.78 70.27
N PHE F 449 15.36 -28.95 70.25
CA PHE F 449 16.01 -30.17 70.75
C PHE F 449 16.62 -29.90 72.14
N SER F 450 16.18 -30.67 73.13
CA SER F 450 16.72 -30.56 74.49
C SER F 450 18.06 -31.29 74.58
N ILE F 451 19.13 -30.54 74.83
CA ILE F 451 20.49 -31.09 74.87
C ILE F 451 20.68 -32.15 75.97
N PRO F 452 20.17 -31.88 77.19
CA PRO F 452 20.23 -32.91 78.25
C PRO F 452 19.46 -34.18 77.91
N LYS F 453 18.25 -34.02 77.37
CA LYS F 453 17.40 -35.15 77.01
C LYS F 453 17.99 -35.97 75.86
N GLN F 454 18.51 -35.28 74.84
CA GLN F 454 19.16 -35.96 73.70
C GLN F 454 20.39 -36.75 74.15
N ALA F 455 21.19 -36.15 75.03
CA ALA F 455 22.38 -36.80 75.58
C ALA F 455 22.01 -38.08 76.34
N GLN F 456 20.97 -38.00 77.16
CA GLN F 456 20.55 -39.14 77.97
C GLN F 456 19.96 -40.27 77.12
N ASN F 457 19.18 -39.91 76.10
CA ASN F 457 18.46 -40.88 75.29
C ASN F 457 19.31 -41.55 74.21
N TYR F 458 20.28 -40.82 73.66
CA TYR F 458 21.08 -41.34 72.55
C TYR F 458 22.57 -41.45 72.83
N ASP F 459 22.99 -41.06 74.04
CA ASP F 459 24.34 -41.33 74.53
C ASP F 459 24.29 -41.62 76.04
N PRO F 460 23.54 -42.66 76.43
CA PRO F 460 23.28 -42.96 77.84
C PRO F 460 24.54 -43.19 78.69
N GLU F 461 25.55 -43.85 78.11
CA GLU F 461 26.80 -44.11 78.83
C GLU F 461 27.87 -43.05 78.59
N GLY F 462 27.58 -42.07 77.74
CA GLY F 462 28.55 -41.04 77.39
C GLY F 462 29.72 -41.58 76.59
N GLU F 463 29.48 -42.66 75.85
CA GLU F 463 30.53 -43.34 75.10
C GLU F 463 30.93 -42.55 73.85
N TYR F 464 29.96 -41.87 73.25
CA TYR F 464 30.22 -41.03 72.08
C TYR F 464 31.05 -39.81 72.43
N VAL F 465 30.58 -39.01 73.40
CA VAL F 465 31.27 -37.79 73.78
C VAL F 465 32.66 -38.08 74.34
N ALA F 466 32.79 -39.18 75.08
CA ALA F 466 34.08 -39.63 75.60
C ALA F 466 35.04 -40.02 74.48
N PHE F 467 34.51 -40.62 73.41
CA PHE F 467 35.32 -40.99 72.26
C PHE F 467 35.96 -39.76 71.60
N TRP F 468 35.18 -38.69 71.45
CA TRP F 468 35.67 -37.49 70.76
C TRP F 468 36.34 -36.48 71.68
N LEU F 469 35.91 -36.43 72.95
CA LEU F 469 36.48 -35.52 73.95
C LEU F 469 37.31 -36.31 74.96
N GLN F 470 38.62 -36.39 74.69
CA GLN F 470 39.56 -37.23 75.46
C GLN F 470 39.62 -36.93 76.97
N GLN F 471 39.32 -35.70 77.36
CA GLN F 471 39.29 -35.35 78.78
C GLN F 471 38.11 -35.97 79.55
N LEU F 472 37.09 -36.44 78.84
CA LEU F 472 35.90 -36.99 79.49
C LEU F 472 35.95 -38.50 79.76
N ARG F 473 36.95 -39.19 79.19
CA ARG F 473 37.05 -40.65 79.30
C ARG F 473 37.15 -41.19 80.73
N ARG F 474 37.85 -40.46 81.60
CA ARG F 474 38.11 -40.93 82.96
C ARG F 474 36.87 -40.90 83.87
N LEU F 475 35.84 -40.15 83.46
CA LEU F 475 34.61 -40.06 84.25
C LEU F 475 33.75 -41.31 84.07
N MET F 487 36.16 -29.62 84.97
CA MET F 487 36.75 -30.78 84.31
C MET F 487 36.61 -30.76 82.78
N TYR F 488 36.02 -29.70 82.22
CA TYR F 488 35.87 -29.58 80.76
C TYR F 488 36.14 -28.14 80.27
N MET F 489 35.13 -27.27 80.37
CA MET F 489 35.29 -25.82 80.07
C MET F 489 33.97 -25.11 80.36
N ASP F 490 34.00 -23.79 80.40
CA ASP F 490 32.79 -22.99 80.62
C ASP F 490 31.90 -23.05 79.39
N THR F 491 30.61 -22.78 79.58
CA THR F 491 29.63 -22.76 78.49
C THR F 491 29.50 -21.36 77.87
N VAL F 492 29.47 -21.32 76.54
CA VAL F 492 29.45 -20.04 75.80
C VAL F 492 28.09 -19.32 75.92
N VAL F 493 27.01 -20.10 76.01
CA VAL F 493 25.66 -19.55 76.15
C VAL F 493 24.82 -20.52 76.99
N PRO F 494 23.73 -20.03 77.60
CA PRO F 494 22.82 -20.91 78.32
C PRO F 494 21.80 -21.56 77.38
N LEU F 495 21.27 -22.71 77.78
CA LEU F 495 20.21 -23.37 77.01
C LEU F 495 18.89 -22.62 77.18
N LYS F 496 18.07 -22.59 76.13
CA LYS F 496 16.84 -21.81 76.13
C LYS F 496 15.66 -22.58 76.73
N HIS F 497 15.23 -23.63 76.04
CA HIS F 497 14.00 -24.37 76.35
C HIS F 497 12.76 -23.47 76.27
CP TCP G 3 36.95 -4.94 -23.62
O5' TCP G 3 36.02 -5.80 -22.64
C5' TCP G 3 36.62 -6.58 -21.64
C4' TCP G 3 35.51 -7.11 -20.75
O4' TCP G 3 34.96 -5.99 -20.00
C3' TCP G 3 34.33 -7.73 -21.52
O3' TCP G 3 33.95 -8.99 -20.99
C2' TCP G 3 33.22 -6.73 -21.28
C1' TCP G 3 33.60 -6.30 -19.86
N1 TCP G 3 32.63 -5.28 -19.33
C2 TCP G 3 32.32 -5.38 -18.00
O2 TCP G 3 32.85 -6.18 -17.25
N3 TCP G 3 31.38 -4.48 -17.56
C4 TCP G 3 30.72 -3.56 -18.33
O4 TCP G 3 29.89 -2.80 -17.85
C5 TCP G 3 31.08 -3.52 -19.73
C5M TCP G 3 30.43 -2.54 -20.67
C6 TCP G 3 32.01 -4.38 -20.16
CP TCP H 3 13.20 30.17 -46.40
O5' TCP H 3 14.20 31.20 -47.10
C5' TCP H 3 13.75 32.51 -47.40
C4' TCP H 3 14.94 33.31 -47.92
O4' TCP H 3 15.84 33.60 -46.80
C3' TCP H 3 15.77 32.57 -48.98
O3' TCP H 3 16.09 33.39 -50.10
C2' TCP H 3 17.03 32.24 -48.21
C1' TCP H 3 17.12 33.51 -47.36
N1 TCP H 3 18.33 33.54 -46.45
C2 TCP H 3 18.91 34.77 -46.23
O2 TCP H 3 18.47 35.80 -46.70
N3 TCP H 3 20.03 34.75 -45.44
C4 TCP H 3 20.63 33.65 -44.89
O4 TCP H 3 21.64 33.74 -44.20
C5 TCP H 3 19.98 32.38 -45.15
C5M TCP H 3 20.51 31.13 -44.52
C6 TCP H 3 18.88 32.38 -45.92
CP TCP I 3 -28.21 -24.57 -15.67
O5' TCP I 3 -29.13 -25.35 -14.63
C5' TCP I 3 -28.45 -26.06 -13.61
C4' TCP I 3 -29.45 -26.54 -12.60
O4' TCP I 3 -29.95 -25.39 -11.87
C3' TCP I 3 -30.67 -27.26 -13.22
O3' TCP I 3 -30.97 -28.47 -12.56
C2' TCP I 3 -31.77 -26.26 -12.95
C1' TCP I 3 -31.29 -25.73 -11.59
N1 TCP I 3 -32.27 -24.71 -11.07
C2 TCP I 3 -32.62 -24.79 -9.73
O2 TCP I 3 -32.10 -25.56 -8.94
N3 TCP I 3 -33.58 -23.90 -9.33
C4 TCP I 3 -34.26 -23.01 -10.14
O4 TCP I 3 -35.13 -22.28 -9.69
C5 TCP I 3 -33.90 -22.99 -11.53
C5M TCP I 3 -34.62 -22.09 -12.49
C6 TCP I 3 -32.92 -23.84 -11.93
CP TCP J 3 -52.59 9.90 -39.45
O5' TCP J 3 -51.60 10.94 -40.14
C5' TCP J 3 -52.15 12.20 -40.53
C4' TCP J 3 -51.01 13.09 -40.97
O4' TCP J 3 -50.16 13.39 -39.82
C3' TCP J 3 -50.10 12.42 -42.03
O3' TCP J 3 -49.87 13.28 -43.14
C2' TCP J 3 -48.83 12.20 -41.24
C1' TCP J 3 -48.86 13.45 -40.36
N1 TCP J 3 -47.67 13.54 -39.45
C2 TCP J 3 -47.12 14.80 -39.27
O2 TCP J 3 -47.60 15.80 -39.74
N3 TCP J 3 -46.00 14.83 -38.48
C4 TCP J 3 -45.37 13.74 -37.91
O4 TCP J 3 -44.36 13.87 -37.23
C5 TCP J 3 -45.98 12.45 -38.14
C5M TCP J 3 -45.33 11.20 -37.61
C6 TCP J 3 -47.08 12.41 -38.91
CP TCP K 3 6.65 3.48 37.40
O5' TCP K 3 5.27 3.68 36.67
C5' TCP K 3 5.17 4.62 35.63
C4' TCP K 3 3.84 4.43 34.93
O4' TCP K 3 3.84 3.13 34.26
C3' TCP K 3 2.64 4.47 35.89
O3' TCP K 3 1.60 5.35 35.45
C2' TCP K 3 2.15 3.04 35.83
C1' TCP K 3 2.49 2.75 34.36
N1 TCP K 3 2.04 1.37 34.02
C2 TCP K 3 1.35 1.24 32.84
O2 TCP K 3 1.19 2.17 32.05
N3 TCP K 3 0.87 -0.01 32.56
C4 TCP K 3 0.98 -1.13 33.38
O4 TCP K 3 0.50 -2.20 33.03
C5 TCP K 3 1.69 -0.94 34.62
C5M TCP K 3 1.67 -2.02 35.66
C6 TCP K 3 2.18 0.29 34.89
CP TCP L 3 8.06 -36.46 63.91
O5' TCP L 3 9.55 -36.70 64.42
C5' TCP L 3 10.03 -38.03 64.57
C4' TCP L 3 11.53 -38.04 64.79
O4' TCP L 3 12.22 -37.97 63.50
C3' TCP L 3 12.07 -36.87 65.62
O3' TCP L 3 12.95 -37.35 66.62
C2' TCP L 3 12.82 -36.05 64.60
C1' TCP L 3 13.38 -37.20 63.77
N1 TCP L 3 14.19 -36.79 62.56
C2 TCP L 3 15.20 -37.64 62.16
O2 TCP L 3 15.44 -38.69 62.70
N3 TCP L 3 15.94 -37.19 61.08
C4 TCP L 3 15.77 -35.99 60.40
O4 TCP L 3 16.46 -35.69 59.45
C5 TCP L 3 14.69 -35.16 60.88
C5M TCP L 3 14.41 -33.84 60.20
C6 TCP L 3 13.97 -35.57 61.92
PA FAD M . 30.87 -2.89 -8.65
O1A FAD M . 31.20 -3.20 -7.21
O2A FAD M . 31.35 -3.94 -9.64
O5B FAD M . 31.46 -1.46 -9.09
C5B FAD M . 31.70 -0.43 -8.17
C4B FAD M . 31.06 0.86 -8.66
O4B FAD M . 31.59 1.28 -9.91
C3B FAD M . 29.56 0.74 -8.87
O3B FAD M . 28.82 0.88 -7.67
C2B FAD M . 29.31 1.86 -9.86
O2B FAD M . 29.20 3.10 -9.19
C1B FAD M . 30.58 1.84 -10.70
N9A FAD M . 30.44 1.03 -11.93
C8A FAD M . 30.76 -0.30 -12.08
N7A FAD M . 30.53 -0.66 -13.36
C5A FAD M . 30.07 0.43 -14.02
C6A FAD M . 29.67 0.62 -15.35
N6A FAD M . 29.60 -0.42 -16.20
N1A FAD M . 29.22 1.86 -15.73
C2A FAD M . 29.17 2.90 -14.83
N3A FAD M . 29.57 2.71 -13.52
C4A FAD M . 30.01 1.48 -13.13
N1 FAD M . 25.02 1.49 -13.07
C2 FAD M . 24.35 2.42 -12.32
O2 FAD M . 24.91 2.89 -11.32
N3 FAD M . 23.09 2.85 -12.67
C4 FAD M . 22.48 2.32 -13.79
O4 FAD M . 21.34 2.72 -14.07
C4X FAD M . 23.15 1.35 -14.57
N5 FAD M . 22.56 0.79 -15.69
C5X FAD M . 23.27 -0.14 -16.44
C6 FAD M . 22.70 -0.69 -17.58
C7 FAD M . 23.38 -1.63 -18.35
C7M FAD M . 22.74 -2.20 -19.59
C8 FAD M . 24.67 -2.04 -17.97
C8M FAD M . 25.45 -3.06 -18.77
C9 FAD M . 25.24 -1.49 -16.84
C9A FAD M . 24.56 -0.54 -16.07
N10 FAD M . 25.13 0.00 -14.92
C10 FAD M . 24.43 0.95 -14.19
C1' FAD M . 26.57 -0.30 -14.54
C2' FAD M . 26.81 -1.49 -13.58
O2' FAD M . 26.20 -2.68 -14.03
C3' FAD M . 26.38 -1.24 -12.14
O3' FAD M . 26.92 -0.01 -11.69
C4' FAD M . 26.85 -2.36 -11.19
O4' FAD M . 26.28 -3.59 -11.58
C5' FAD M . 26.47 -2.05 -9.74
O5' FAD M . 26.85 -3.08 -8.85
P FAD M . 28.08 -2.89 -7.81
O1P FAD M . 27.88 -1.62 -7.01
O2P FAD M . 28.24 -4.14 -6.97
O3P FAD M . 29.30 -2.65 -8.86
N1 MHF N . 15.98 10.41 -16.79
C2 MHF N . 16.47 11.48 -16.15
NA2 MHF N . 16.70 11.37 -14.83
N3 MHF N . 16.75 12.65 -16.78
C4 MHF N . 16.54 12.83 -18.11
O4 MHF N . 16.78 13.91 -18.69
C4A MHF N . 15.96 11.69 -18.85
N5 MHF N . 15.71 11.65 -20.22
C6 MHF N . 14.58 10.78 -20.55
C7 MHF N . 14.99 9.36 -20.17
N8 MHF N . 15.22 9.35 -18.73
C8A MHF N . 15.72 10.43 -18.09
C9 MHF N . 14.34 11.05 -22.03
N10 MHF N . 15.18 12.23 -22.29
C11 MHF N . 15.47 12.87 -21.00
C12 MHF N . 14.72 14.67 -25.72
C13 MHF N . 15.01 15.24 -24.48
C14 MHF N . 15.15 14.46 -23.34
C15 MHF N . 14.98 13.06 -23.42
C16 MHF N . 14.72 12.48 -24.66
C17 MHF N . 14.59 13.27 -25.81
C MHF N . 14.60 15.52 -26.95
O MHF N . 14.68 14.95 -28.03
N MHF N . 14.50 16.85 -26.90
CA MHF N . 14.57 17.68 -28.11
CB MHF N . 14.01 19.08 -27.85
CG MHF N . 12.58 19.10 -27.32
CD MHF N . 11.64 18.31 -28.19
OE1 MHF N . 11.14 17.26 -27.71
OE2 MHF N . 11.41 18.71 -29.35
CT MHF N . 15.97 17.83 -28.64
O1 MHF N . 16.11 18.31 -29.78
O2 MHF N . 16.97 17.50 -27.93
CL CL O . 30.06 17.25 -3.11
PA FAD P . 22.44 42.60 -41.75
O1A FAD P . 22.40 44.11 -41.63
O2A FAD P . 21.61 42.08 -42.91
O5B FAD P . 21.91 41.93 -40.39
C5B FAD P . 22.10 42.54 -39.11
C4B FAD P . 22.80 41.58 -38.16
O4B FAD P . 22.07 40.38 -37.99
C3B FAD P . 24.18 41.16 -38.65
O3B FAD P . 25.16 42.12 -38.32
C2B FAD P . 24.36 39.85 -37.91
O2B FAD P . 24.83 40.09 -36.61
C1B FAD P . 22.96 39.28 -37.87
N9A FAD P . 22.73 38.35 -38.98
C8A FAD P . 22.19 38.62 -40.22
N7A FAD P . 22.16 37.47 -40.91
C5A FAD P . 22.64 36.47 -40.14
C6A FAD P . 22.83 35.11 -40.37
N6A FAD P . 22.48 34.56 -41.53
N1A FAD P . 23.37 34.34 -39.36
C2A FAD P . 23.72 34.90 -38.14
N3A FAD P . 23.55 36.25 -37.94
C4A FAD P . 23.01 37.02 -38.93
N1 FAD P . 27.89 36.36 -39.80
C2 FAD P . 28.84 36.70 -38.85
O2 FAD P . 28.60 37.59 -38.05
N3 FAD P . 30.05 36.05 -38.82
C4 FAD P . 30.31 35.04 -39.73
O4 FAD P . 31.40 34.47 -39.64
C4X FAD P . 29.36 34.68 -40.68
N5 FAD P . 29.61 33.68 -41.61
C5X FAD P . 28.64 33.33 -42.54
C6 FAD P . 28.90 32.30 -43.46
C7 FAD P . 27.95 31.94 -44.41
C7M FAD P . 28.21 30.84 -45.41
C8 FAD P . 26.73 32.62 -44.45
C8M FAD P . 25.68 32.25 -45.45
C9 FAD P . 26.48 33.63 -43.54
C9A FAD P . 27.43 34.00 -42.58
N10 FAD P . 27.17 35.03 -41.66
C10 FAD P . 28.13 35.35 -40.71
C1' FAD P . 25.81 35.67 -41.55
C2' FAD P . 25.59 36.92 -42.40
O2' FAD P . 25.89 36.68 -43.75
C3' FAD P . 26.38 38.14 -41.93
O3' FAD P . 26.16 38.31 -40.54
C4' FAD P . 25.95 39.42 -42.66
O4' FAD P . 26.26 39.36 -44.03
C5' FAD P . 26.65 40.64 -42.08
O5' FAD P . 26.24 41.79 -42.77
P FAD P . 25.30 42.90 -42.08
O1P FAD P . 25.78 43.25 -40.69
O2P FAD P . 25.19 44.09 -42.98
O3P FAD P . 23.94 42.04 -41.92
N1 MHF Q . 37.17 28.90 -33.99
C2 MHF Q . 36.93 29.28 -32.72
NA2 MHF Q . 36.93 30.59 -32.44
N3 MHF Q . 36.72 28.38 -31.71
C4 MHF Q . 36.71 27.05 -31.91
O4 MHF Q . 36.52 26.26 -30.97
C4A MHF Q . 36.98 26.58 -33.29
N5 MHF Q . 36.98 25.25 -33.72
C6 MHF Q . 37.87 24.99 -34.85
C7 MHF Q . 37.37 25.81 -36.02
N8 MHF Q . 37.40 27.21 -35.62
C8A MHF Q . 37.19 27.60 -34.34
C9 MHF Q . 37.79 23.47 -35.01
N10 MHF Q . 37.07 23.05 -33.79
C11 MHF Q . 37.22 24.14 -32.80
C12 MHF Q . 37.20 19.05 -32.40
C13 MHF Q . 37.24 20.11 -31.50
C14 MHF Q . 37.21 21.43 -31.95
C15 MHF Q . 37.17 21.71 -33.32
C16 MHF Q . 37.09 20.66 -34.23
C17 MHF Q . 37.12 19.33 -33.78
C MHF Q . 37.20 17.62 -31.92
O MHF Q . 36.80 16.77 -32.71
N MHF Q . 37.51 17.29 -30.66
CA MHF Q . 37.35 15.92 -30.15
CB MHF Q . 38.15 15.73 -28.85
CG MHF Q . 39.63 16.01 -29.01
CD MHF Q . 40.21 15.17 -30.12
OE1 MHF Q . 40.75 15.77 -31.07
OE2 MHF Q . 40.10 13.91 -30.06
CT MHF Q . 35.93 15.52 -29.87
O1 MHF Q . 35.68 14.30 -29.73
O2 MHF Q . 35.04 16.40 -29.78
CL CL R . 27.09 41.95 -21.26
CL CL S . 31.34 48.11 -52.02
C ACT T . 53.63 46.11 -14.29
O ACT T . 53.99 46.77 -15.30
OXT ACT T . 53.33 44.91 -14.47
CH3 ACT T . 53.54 46.73 -12.92
PA FAD U . -33.87 -21.90 -0.64
O1A FAD U . -33.46 -22.12 0.79
O2A FAD U . -33.41 -23.00 -1.55
O5B FAD U . -33.27 -20.50 -1.18
C5B FAD U . -33.02 -19.41 -0.32
C4B FAD U . -33.73 -18.17 -0.85
O4B FAD U . -33.25 -17.82 -2.13
C3B FAD U . -35.24 -18.33 -1.01
O3B FAD U . -35.94 -18.15 0.19
C2B FAD U . -35.53 -17.28 -2.04
O2B FAD U . -35.61 -16.01 -1.41
C1B FAD U . -34.31 -17.36 -2.94
N9A FAD U . -34.48 -18.26 -4.12
C8A FAD U . -34.15 -19.59 -4.24
N7A FAD U . -34.45 -20.03 -5.48
C5A FAD U . -34.96 -18.97 -6.17
C6A FAD U . -35.44 -18.85 -7.47
N6A FAD U . -35.49 -19.90 -8.31
N1A FAD U . -35.92 -17.63 -7.87
C2A FAD U . -35.93 -16.54 -7.02
N3A FAD U . -35.47 -16.66 -5.72
C4A FAD U . -34.99 -17.87 -5.32
N1 FAD U . -40.01 -17.85 -5.02
C2 FAD U . -40.69 -16.87 -4.33
O2 FAD U . -40.17 -16.30 -3.38
N3 FAD U . -41.96 -16.51 -4.71
C4 FAD U . -42.58 -17.12 -5.76
O4 FAD U . -43.73 -16.74 -6.05
C4X FAD U . -41.91 -18.12 -6.46
N5 FAD U . -42.52 -18.77 -7.54
C5X FAD U . -41.82 -19.75 -8.23
C6 FAD U . -42.45 -20.37 -9.31
C7 FAD U . -41.80 -21.36 -10.05
C7M FAD U . -42.52 -22.01 -11.22
C8 FAD U . -40.51 -21.74 -9.67
C8M FAD U . -39.76 -22.80 -10.42
C9 FAD U . -39.89 -21.11 -8.59
C9A FAD U . -40.53 -20.12 -7.86
N10 FAD U . -39.92 -19.48 -6.77
C10 FAD U . -40.61 -18.49 -6.09
C1' FAD U . -38.45 -19.64 -6.43
C2' FAD U . -38.10 -20.75 -5.41
O2' FAD U . -38.67 -21.99 -5.78
C3' FAD U . -38.49 -20.44 -3.96
O3' FAD U . -37.97 -19.19 -3.56
C4' FAD U . -37.97 -21.52 -3.01
O4' FAD U . -38.55 -22.77 -3.32
C5' FAD U . -38.29 -21.16 -1.56
O5' FAD U . -37.87 -22.17 -0.66
P FAD U . -36.62 -21.90 0.32
O1P FAD U . -36.84 -20.59 1.04
O2P FAD U . -36.46 -23.08 1.25
O3P FAD U . -35.47 -21.72 -0.80
N1 MHF V . -49.34 -9.37 -9.06
C2 MHF V . -48.81 -8.28 -8.49
NA2 MHF V . -48.56 -8.33 -7.16
N3 MHF V . -48.53 -7.13 -9.17
C4 MHF V . -48.77 -7.01 -10.50
O4 MHF V . -48.50 -5.95 -11.11
C4A MHF V . -49.37 -8.18 -11.19
N5 MHF V . -49.66 -8.27 -12.56
C6 MHF V . -50.79 -9.17 -12.86
C7 MHF V . -50.37 -10.56 -12.41
N8 MHF V . -50.14 -10.50 -10.96
C8A MHF V . -49.63 -9.39 -10.37
C9 MHF V . -51.02 -8.95 -14.35
N10 MHF V . -50.18 -7.78 -14.65
C11 MHF V . -49.89 -7.09 -13.38
C12 MHF V . -50.52 -5.48 -18.21
C13 MHF V . -50.68 -6.87 -18.22
C14 MHF V . -50.57 -7.61 -17.04
C15 MHF V . -50.35 -6.98 -15.82
C16 MHF V . -50.16 -5.60 -15.82
C17 MHF V . -50.26 -4.85 -16.99
C MHF V . -50.62 -4.71 -19.50
O MHF V . -50.47 -5.33 -20.55
N MHF V . -50.78 -3.38 -19.54
CA MHF V . -50.77 -2.62 -20.77
CB MHF V . -51.46 -1.28 -20.53
CG MHF V . -52.90 -1.40 -20.03
CD MHF V . -53.76 -2.18 -20.98
OE1 MHF V . -54.37 -3.19 -20.53
OE2 MHF V . -53.84 -1.82 -22.18
CT MHF V . -49.40 -2.35 -21.35
O1 MHF V . -49.32 -1.82 -22.48
O2 MHF V . -48.37 -2.64 -20.70
CL CL W . -34.92 -1.35 4.00
CL CL X . -43.05 -31.76 4.80
PA FAD Y . -43.64 22.62 -34.80
O1A FAD Y . -43.73 24.12 -34.71
O2A FAD Y . -44.51 22.06 -35.91
O5B FAD Y . -44.06 21.91 -33.42
C5B FAD Y . -43.94 22.55 -32.18
C4B FAD Y . -43.20 21.64 -31.19
O4B FAD Y . -43.90 20.41 -31.01
C3B FAD Y . -41.80 21.26 -31.65
O3B FAD Y . -40.84 22.24 -31.33
C2B FAD Y . -41.60 19.95 -30.94
O2B FAD Y . -41.15 20.22 -29.63
C1B FAD Y . -42.98 19.33 -30.93
N9A FAD Y . -43.22 18.39 -32.05
C8A FAD Y . -43.79 18.65 -33.27
N7A FAD Y . -43.83 17.51 -34.00
C5A FAD Y . -43.30 16.52 -33.25
C6A FAD Y . -43.08 15.16 -33.49
N6A FAD Y . -43.39 14.61 -34.68
N1A FAD Y . -42.49 14.41 -32.50
C2A FAD Y . -42.12 14.97 -31.30
N3A FAD Y . -42.34 16.30 -31.06
C4A FAD Y . -42.92 17.06 -32.03
N1 FAD Y . -38.01 16.49 -32.90
C2 FAD Y . -37.09 16.85 -31.96
O2 FAD Y . -37.38 17.74 -31.16
N3 FAD Y . -35.87 16.23 -31.91
C4 FAD Y . -35.57 15.23 -32.82
O4 FAD Y . -34.46 14.72 -32.73
C4X FAD Y . -36.49 14.85 -33.79
N5 FAD Y . -36.21 13.86 -34.73
C5X FAD Y . -37.18 13.51 -35.65
C6 FAD Y . -36.92 12.50 -36.58
C7 FAD Y . -37.89 12.14 -37.54
C7M FAD Y . -37.59 11.05 -38.53
C8 FAD Y . -39.12 12.79 -37.56
C8M FAD Y . -40.17 12.43 -38.57
C9 FAD Y . -39.39 13.79 -36.64
C9A FAD Y . -38.43 14.16 -35.68
N10 FAD Y . -38.70 15.18 -34.77
C10 FAD Y . -37.73 15.49 -33.82
C1' FAD Y . -40.07 15.77 -34.62
C2' FAD Y . -40.38 17.04 -35.46
O2' FAD Y . -40.07 16.84 -36.83
C3' FAD Y . -39.63 18.28 -34.98
O3' FAD Y . -39.85 18.47 -33.59
C4' FAD Y . -40.09 19.53 -35.75
O4' FAD Y . -39.72 19.44 -37.11
C5' FAD Y . -39.44 20.76 -35.15
O5' FAD Y . -39.80 21.90 -35.89
P FAD Y . -40.78 22.98 -35.22
O1P FAD Y . -40.26 23.42 -33.87
O2P FAD Y . -40.95 24.15 -36.16
O3P FAD Y . -42.12 22.11 -35.04
N1 MHF Z . -28.44 9.32 -27.24
C2 MHF Z . -28.65 9.70 -25.97
NA2 MHF Z . -28.67 11.02 -25.69
N3 MHF Z . -28.86 8.81 -24.96
C4 MHF Z . -28.85 7.48 -25.17
O4 MHF Z . -29.03 6.67 -24.25
C4A MHF Z . -28.61 7.00 -26.55
N5 MHF Z . -28.60 5.66 -26.96
C6 MHF Z . -27.69 5.41 -28.07
C7 MHF Z . -28.23 6.22 -29.24
N8 MHF Z . -28.20 7.63 -28.87
C8A MHF Z . -28.40 8.03 -27.59
C9 MHF Z . -27.71 3.89 -28.21
N10 MHF Z . -28.41 3.46 -26.98
C11 MHF Z . -28.32 4.57 -26.02
C12 MHF Z . -28.23 -0.54 -25.56
C13 MHF Z . -28.32 -0.27 -26.93
C14 MHF Z . -28.36 1.05 -27.40
C15 MHF Z . -28.30 2.12 -26.50
C16 MHF Z . -28.23 1.84 -25.14
C17 MHF Z . -28.19 0.54 -24.68
C MHF Z . -28.20 -1.96 -25.07
O MHF Z . -28.59 -2.84 -25.84
N MHF Z . -27.85 -2.28 -23.82
CA MHF Z . -27.94 -3.64 -23.28
CB MHF Z . -27.06 -3.79 -22.04
CG MHF Z . -25.58 -3.47 -22.27
CD MHF Z . -24.96 -4.40 -23.29
OE1 MHF Z . -24.52 -3.90 -24.34
OE2 MHF Z . -24.89 -5.62 -23.04
CT MHF Z . -29.33 -4.06 -22.92
O1 MHF Z . -29.54 -5.27 -22.67
O2 MHF Z . -30.24 -3.19 -22.84
CL CL AA . -38.66 22.13 -14.39
PA FAD BA . -0.56 -2.32 23.95
O1A FAD BA . -0.74 -2.00 22.49
O2A FAD BA . -0.45 -1.09 24.82
O5B FAD BA . 0.76 -3.22 24.18
C5B FAD BA . 1.25 -4.11 23.19
C4B FAD BA . 1.45 -5.50 23.78
O4B FAD BA . 2.36 -5.50 24.88
C3B FAD BA . 0.15 -6.08 24.33
O3B FAD BA . -0.67 -6.63 23.31
C2B FAD BA . 0.66 -7.09 25.32
O2B FAD BA . 1.03 -8.30 24.68
C1B FAD BA . 1.89 -6.40 25.88
N9A FAD BA . 1.60 -5.66 27.14
C8A FAD BA . 1.24 -4.34 27.25
N7A FAD BA . 1.11 -4.04 28.56
C5A FAD BA . 1.39 -5.15 29.29
C6A FAD BA . 1.38 -5.39 30.67
N6A FAD BA . 1.05 -4.43 31.54
N1A FAD BA . 1.71 -6.64 31.12
C2A FAD BA . 2.02 -7.65 30.23
N3A FAD BA . 2.02 -7.40 28.86
C4A FAD BA . 1.71 -6.17 28.40
N1 FAD BA . -2.46 -8.69 29.33
C2 FAD BA . -2.71 -9.90 28.71
O2 FAD BA . -2.21 -10.14 27.62
N3 FAD BA . -3.51 -10.84 29.31
C4 FAD BA . -4.08 -10.59 30.54
O4 FAD BA . -4.78 -11.47 31.05
C4X FAD BA . -3.84 -9.37 31.17
N5 FAD BA . -4.39 -9.08 32.41
C5X FAD BA . -4.14 -7.85 33.03
C6 FAD BA . -4.70 -7.58 34.28
C7 FAD BA . -4.46 -6.35 34.91
C7M FAD BA . -5.05 -6.05 36.25
C8 FAD BA . -3.65 -5.40 34.28
C8M FAD BA . -3.36 -4.07 34.92
C9 FAD BA . -3.10 -5.68 33.05
C9A FAD BA . -3.33 -6.91 32.41
N10 FAD BA . -2.79 -7.19 31.15
C10 FAD BA . -3.03 -8.42 30.56
C1' FAD BA . -1.76 -6.27 30.51
C2' FAD BA . -2.29 -5.18 29.55
O2' FAD BA . -3.26 -4.39 30.21
C3' FAD BA . -2.85 -5.71 28.22
O3' FAD BA . -1.89 -6.55 27.61
C4' FAD BA . -3.22 -4.58 27.26
O4' FAD BA . -4.22 -3.75 27.81
C5' FAD BA . -3.70 -5.11 25.91
O5' FAD BA . -4.04 -4.07 25.01
P FAD BA . -3.12 -3.75 23.73
O1P FAD BA . -2.79 -5.02 22.96
O2P FAD BA . -3.77 -2.70 22.87
O3P FAD BA . -1.77 -3.26 24.48
N1 MHF CA . -4.98 -20.46 34.67
C2 MHF CA . -4.12 -21.16 33.90
NA2 MHF CA . -4.26 -21.05 32.55
N3 MHF CA . -3.16 -21.98 34.41
C4 MHF CA . -2.99 -22.13 35.75
O4 MHF CA . -2.11 -22.89 36.21
C4A MHF CA . -3.91 -21.40 36.64
N5 MHF CA . -3.85 -21.40 38.05
C6 MHF CA . -5.16 -21.13 38.67
C7 MHF CA . -5.60 -19.74 38.23
N8 MHF CA . -5.75 -19.79 36.78
C8A MHF CA . -4.92 -20.52 36.01
C9 MHF CA . -4.90 -21.34 40.16
N10 MHF CA . -3.57 -21.98 40.16
C11 MHF CA . -3.30 -22.51 38.81
C12 MHF CA . -1.99 -24.01 43.53
C13 MHF CA . -1.69 -24.45 42.23
C14 MHF CA . -2.23 -23.80 41.13
C15 MHF CA . -3.08 -22.70 41.28
C16 MHF CA . -3.35 -22.23 42.58
C17 MHF CA . -2.81 -22.89 43.68
C MHF CA . -1.40 -24.68 44.73
O MHF CA . -1.41 -24.05 45.79
N MHF CA . -0.79 -25.86 44.65
CA MHF CA . -0.11 -26.45 45.79
CB MHF CA . 0.02 -27.95 45.61
CG MHF CA . -1.33 -28.67 45.46
CD MHF CA . -2.27 -28.40 46.62
OE1 MHF CA . -3.32 -27.72 46.41
OE2 MHF CA . -1.99 -28.84 47.75
CT MHF CA . 1.26 -25.84 46.04
O1 MHF CA . 1.79 -26.03 47.16
O2 MHF CA . 1.81 -25.17 45.13
CL CL DA . 7.68 -20.82 17.80
PA FAD EA . 20.91 -43.27 56.79
O1A FAD EA . 21.49 -44.66 56.63
O2A FAD EA . 20.19 -43.13 58.10
O5B FAD EA . 19.88 -43.00 55.58
C5B FAD EA . 20.04 -43.60 54.32
C4B FAD EA . 20.01 -42.55 53.22
O4B FAD EA . 18.78 -41.83 53.23
C3B FAD EA . 21.10 -41.51 53.35
O3B FAD EA . 22.32 -41.95 52.78
C2B FAD EA . 20.49 -40.33 52.63
O2B FAD EA . 20.72 -40.43 51.24
C1B FAD EA . 19.02 -40.46 52.94
N9A FAD EA . 18.61 -39.64 54.09
C8A FAD EA . 18.50 -40.02 55.41
N7A FAD EA . 18.06 -38.95 56.13
C5A FAD EA . 17.90 -37.90 55.29
C6A FAD EA . 17.48 -36.59 55.48
N6A FAD EA . 17.10 -36.16 56.70
N1A FAD EA . 17.43 -35.74 54.40
C2A FAD EA . 17.77 -36.18 53.15
N3A FAD EA . 18.18 -37.49 52.95
C4A FAD EA . 18.24 -38.33 54.01
N1 FAD EA . 22.29 -35.40 53.80
C2 FAD EA . 23.06 -35.35 52.66
O2 FAD EA . 23.09 -36.32 51.91
N3 FAD EA . 23.78 -34.22 52.34
C4 FAD EA . 23.75 -33.12 53.18
O4 FAD EA . 24.41 -32.13 52.84
C4X FAD EA . 22.97 -33.17 54.35
N5 FAD EA . 22.93 -32.09 55.22
C5X FAD EA . 22.14 -32.15 56.36
C6 FAD EA . 22.10 -31.06 57.21
C7 FAD EA . 21.32 -31.10 58.37
C7M FAD EA . 21.28 -29.90 59.29
C8 FAD EA . 20.59 -32.24 58.69
C8M FAD EA . 19.76 -32.31 59.94
C9 FAD EA . 20.65 -33.34 57.85
C9A FAD EA . 21.41 -33.31 56.66
N10 FAD EA . 21.46 -34.41 55.81
C10 FAD EA . 22.24 -34.32 54.66
C1' FAD EA . 20.55 -35.60 55.97
C2' FAD EA . 21.13 -36.74 56.81
O2' FAD EA . 21.65 -36.26 58.02
C3' FAD EA . 22.24 -37.55 56.13
O3' FAD EA . 21.82 -37.91 54.84
C4' FAD EA . 22.60 -38.80 56.93
O4' FAD EA . 23.10 -38.46 58.21
C5' FAD EA . 23.66 -39.63 56.19
O5' FAD EA . 24.03 -40.76 56.94
P FAD EA . 23.59 -42.24 56.50
O1P FAD EA . 23.96 -42.48 55.05
O2P FAD EA . 24.21 -43.25 57.43
O3P FAD EA . 22.00 -42.11 56.66
N1 MHF FA . 25.71 -25.03 46.24
C2 MHF FA . 25.43 -25.58 45.04
NA2 MHF FA . 25.99 -26.78 44.73
N3 MHF FA . 24.61 -24.98 44.13
C4 MHF FA . 24.02 -23.80 44.38
O4 MHF FA . 23.27 -23.28 43.52
C4A MHF FA . 24.30 -23.14 45.68
N5 MHF FA . 23.76 -21.93 46.13
C6 MHF FA . 24.67 -21.19 47.02
C7 MHF FA . 24.85 -22.07 48.26
N8 MHF FA . 25.48 -23.31 47.83
C8A MHF FA . 25.19 -23.86 46.62
C9 MHF FA . 23.97 -19.85 47.23
N10 MHF FA . 22.89 -19.91 46.22
C11 MHF FA . 23.28 -20.90 45.21
C12 MHF FA . 20.78 -16.46 44.95
C13 MHF FA . 21.14 -17.46 44.03
C14 MHF FA . 21.85 -18.59 44.44
C15 MHF FA . 22.23 -18.73 45.78
C16 MHF FA . 21.85 -17.77 46.71
C17 MHF FA . 21.13 -16.64 46.29
C MHF FA . 19.99 -15.26 44.54
O MHF FA . 19.42 -14.64 45.43
N MHF FA . 19.83 -14.94 43.26
CA MHF FA . 18.98 -13.84 42.81
CB MHF FA . 19.38 -13.39 41.41
CG MHF FA . 20.83 -12.93 41.32
CD MHF FA . 21.03 -11.70 42.17
OE1 MHF FA . 21.71 -11.78 43.21
OE2 MHF FA . 20.48 -10.64 41.80
CT MHF FA . 17.52 -14.19 42.81
O1 MHF FA . 16.69 -13.27 42.65
O2 MHF FA . 17.16 -15.38 42.98
CL CL GA . 33.60 -43.48 64.53
#